data_2K74
#
_entry.id   2K74
#
loop_
_entity.id
_entity.type
_entity.pdbx_description
1 polymer 'Disulfide bond formation protein B'
2 non-polymer UBIQUINONE-2
#
_entity_poly.entity_id   1
_entity_poly.type   'polypeptide(L)'
_entity_poly.pdbx_seq_one_letter_code
;MLRFLNQASQGRGAWLLMAFTALALELTALWFQHVMLLKPCVLSIYERAALFGVLGAALIGAIAPKTPLRYVAMVIWLYS
AFRGVQLTYEHTMLQLYPSPFATSDFMVRFPEWLPLDKWVPQVFVASGDCAERQWDFLGLEMPQWLLGIFIAYLIVAVLV
VISQPFKAKKRDLFGRGHHHHHH
;
_entity_poly.pdbx_strand_id   A
#
loop_
_chem_comp.id
_chem_comp.type
_chem_comp.name
_chem_comp.formula
UQ2 non-polymer UBIQUINONE-2 'C19 H26 O4'
#
# COMPACT_ATOMS: atom_id res chain seq x y z
N MET A 1 -13.63 -20.45 10.42
CA MET A 1 -13.27 -19.75 9.15
C MET A 1 -12.17 -18.74 9.42
N LEU A 2 -12.40 -17.88 10.43
CA LEU A 2 -11.42 -16.87 10.78
C LEU A 2 -10.14 -17.52 11.29
N ARG A 3 -10.30 -18.59 12.06
CA ARG A 3 -9.15 -19.31 12.61
C ARG A 3 -8.20 -19.72 11.49
N PHE A 4 -8.75 -20.08 10.34
CA PHE A 4 -7.92 -20.49 9.21
C PHE A 4 -7.20 -19.29 8.61
N LEU A 5 -7.93 -18.19 8.43
CA LEU A 5 -7.35 -16.98 7.87
C LEU A 5 -5.99 -16.70 8.52
N ASN A 6 -5.93 -16.84 9.83
CA ASN A 6 -4.69 -16.61 10.57
C ASN A 6 -3.67 -17.68 10.22
N GLN A 7 -4.15 -18.84 9.80
CA GLN A 7 -3.28 -19.94 9.43
C GLN A 7 -2.70 -19.72 8.04
N ALA A 8 -3.58 -19.41 7.09
CA ALA A 8 -3.14 -19.17 5.72
C ALA A 8 -2.19 -17.97 5.65
N SER A 9 -2.39 -17.02 6.57
CA SER A 9 -1.54 -15.84 6.60
C SER A 9 -0.19 -16.17 7.22
N GLN A 10 -0.21 -16.97 8.27
CA GLN A 10 1.02 -17.35 8.95
C GLN A 10 1.84 -18.28 8.05
N GLY A 11 1.38 -18.44 6.81
CA GLY A 11 2.09 -19.28 5.85
C GLY A 11 2.89 -18.38 4.90
N ARG A 12 4.10 -18.84 4.56
CA ARG A 12 4.96 -18.08 3.68
C ARG A 12 4.40 -18.04 2.26
N GLY A 13 4.03 -19.21 1.73
CA GLY A 13 3.47 -19.30 0.39
C GLY A 13 2.48 -18.18 0.14
N ALA A 14 1.59 -17.96 1.10
CA ALA A 14 0.59 -16.92 0.99
C ALA A 14 1.25 -15.56 0.90
N TRP A 15 2.21 -15.31 1.79
CA TRP A 15 2.92 -14.04 1.79
C TRP A 15 3.56 -13.80 0.43
N LEU A 16 4.24 -14.81 -0.10
CA LEU A 16 4.89 -14.69 -1.40
C LEU A 16 3.85 -14.41 -2.48
N LEU A 17 2.63 -14.88 -2.24
CA LEU A 17 1.55 -14.68 -3.20
C LEU A 17 1.13 -13.22 -3.27
N MET A 18 1.16 -12.54 -2.12
CA MET A 18 0.80 -11.14 -2.06
C MET A 18 1.83 -10.30 -2.80
N ALA A 19 3.09 -10.71 -2.73
CA ALA A 19 4.17 -9.98 -3.38
C ALA A 19 4.01 -10.01 -4.89
N PHE A 20 3.77 -11.20 -5.44
CA PHE A 20 3.60 -11.35 -6.88
C PHE A 20 2.43 -10.51 -7.38
N THR A 21 1.40 -10.39 -6.57
CA THR A 21 0.21 -9.61 -6.95
C THR A 21 0.59 -8.17 -7.23
N ALA A 22 1.16 -7.50 -6.24
CA ALA A 22 1.56 -6.11 -6.39
C ALA A 22 2.59 -5.98 -7.51
N LEU A 23 3.32 -7.06 -7.76
CA LEU A 23 4.34 -7.05 -8.82
C LEU A 23 3.67 -7.17 -10.19
N ALA A 24 2.68 -8.05 -10.28
CA ALA A 24 1.97 -8.25 -11.54
C ALA A 24 1.30 -6.96 -11.99
N LEU A 25 1.02 -6.09 -11.04
CA LEU A 25 0.37 -4.81 -11.34
C LEU A 25 1.42 -3.74 -11.67
N GLU A 26 2.46 -3.69 -10.86
CA GLU A 26 3.53 -2.70 -11.08
C GLU A 26 4.22 -2.95 -12.42
N LEU A 27 4.39 -4.22 -12.77
CA LEU A 27 5.06 -4.57 -14.03
C LEU A 27 4.12 -4.35 -15.21
N THR A 28 2.92 -4.91 -15.12
CA THR A 28 1.94 -4.77 -16.20
C THR A 28 1.84 -3.33 -16.67
N ALA A 29 1.93 -2.39 -15.73
CA ALA A 29 1.84 -0.98 -16.06
C ALA A 29 3.16 -0.47 -16.64
N LEU A 30 4.28 -0.87 -16.04
CA LEU A 30 5.59 -0.45 -16.50
C LEU A 30 5.78 -0.78 -17.98
N TRP A 31 4.93 -1.66 -18.50
CA TRP A 31 5.02 -2.06 -19.91
C TRP A 31 4.10 -1.20 -20.77
N PHE A 32 2.96 -0.80 -20.20
CA PHE A 32 2.00 0.02 -20.93
C PHE A 32 2.65 1.33 -21.38
N GLN A 33 3.49 1.88 -20.52
CA GLN A 33 4.18 3.13 -20.83
C GLN A 33 5.26 2.90 -21.90
N HIS A 34 5.95 1.77 -21.78
CA HIS A 34 7.01 1.44 -22.72
C HIS A 34 6.41 1.04 -24.07
N VAL A 35 5.09 0.89 -24.11
CA VAL A 35 4.40 0.49 -25.34
C VAL A 35 3.60 1.66 -25.91
N MET A 36 2.85 2.35 -25.04
CA MET A 36 2.04 3.48 -25.48
C MET A 36 2.79 4.81 -25.24
N LEU A 37 4.08 4.71 -24.99
CA LEU A 37 4.89 5.89 -24.74
C LEU A 37 4.16 6.88 -23.84
N LEU A 38 3.52 6.35 -22.80
CA LEU A 38 2.78 7.20 -21.86
C LEU A 38 3.77 8.03 -21.03
N LYS A 39 3.30 9.18 -20.54
CA LYS A 39 4.14 10.06 -19.74
C LYS A 39 3.69 10.09 -18.28
N PRO A 40 4.38 9.41 -17.39
CA PRO A 40 4.03 9.40 -15.94
C PRO A 40 3.87 10.82 -15.39
N CYS A 41 3.32 10.91 -14.18
CA CYS A 41 3.11 12.20 -13.54
C CYS A 41 3.62 12.18 -12.10
N VAL A 42 3.57 13.33 -11.44
CA VAL A 42 4.03 13.43 -10.06
C VAL A 42 3.21 12.53 -9.14
N LEU A 43 1.89 12.62 -9.26
CA LEU A 43 0.99 11.83 -8.42
C LEU A 43 1.22 10.33 -8.65
N SER A 44 1.31 9.93 -9.91
CA SER A 44 1.53 8.52 -10.24
C SER A 44 2.68 7.95 -9.42
N ILE A 45 3.76 8.71 -9.33
CA ILE A 45 4.92 8.26 -8.56
C ILE A 45 4.54 8.07 -7.09
N TYR A 46 3.79 9.04 -6.57
CA TYR A 46 3.35 8.97 -5.18
C TYR A 46 2.64 7.64 -4.94
N GLU A 47 1.73 7.29 -5.85
CA GLU A 47 0.97 6.05 -5.73
C GLU A 47 1.92 4.86 -5.79
N ARG A 48 2.89 4.91 -6.71
CA ARG A 48 3.85 3.83 -6.86
C ARG A 48 4.66 3.65 -5.59
N ALA A 49 4.99 4.76 -4.94
CA ALA A 49 5.78 4.72 -3.72
C ALA A 49 4.96 4.14 -2.57
N ALA A 50 3.68 4.47 -2.53
CA ALA A 50 2.80 3.97 -1.48
C ALA A 50 2.76 2.45 -1.50
N LEU A 51 2.55 1.87 -2.68
CA LEU A 51 2.49 0.42 -2.81
C LEU A 51 3.89 -0.17 -2.83
N PHE A 52 4.77 0.38 -3.66
CA PHE A 52 6.14 -0.13 -3.73
C PHE A 52 6.70 -0.29 -2.32
N GLY A 53 6.40 0.68 -1.47
CA GLY A 53 6.86 0.65 -0.08
C GLY A 53 6.20 -0.50 0.68
N VAL A 54 4.89 -0.65 0.48
CA VAL A 54 4.15 -1.70 1.14
C VAL A 54 4.67 -3.06 0.69
N LEU A 55 4.84 -3.21 -0.61
CA LEU A 55 5.34 -4.46 -1.17
C LEU A 55 6.54 -4.93 -0.35
N GLY A 56 7.46 -4.01 -0.10
CA GLY A 56 8.65 -4.34 0.70
C GLY A 56 8.24 -4.77 2.10
N ALA A 57 7.36 -3.99 2.70
CA ALA A 57 6.87 -4.29 4.04
C ALA A 57 6.33 -5.72 4.11
N ALA A 58 5.68 -6.15 3.03
CA ALA A 58 5.12 -7.49 2.97
C ALA A 58 6.24 -8.53 3.01
N LEU A 59 7.37 -8.20 2.40
CA LEU A 59 8.51 -9.11 2.37
C LEU A 59 9.23 -9.11 3.72
N ILE A 60 9.12 -8.00 4.44
CA ILE A 60 9.77 -7.89 5.75
C ILE A 60 8.91 -8.55 6.83
N GLY A 61 7.60 -8.29 6.76
CA GLY A 61 6.67 -8.86 7.74
C GLY A 61 6.57 -10.38 7.57
N ALA A 62 6.69 -10.85 6.34
CA ALA A 62 6.61 -12.27 6.06
C ALA A 62 7.79 -13.02 6.65
N ILE A 63 8.64 -12.30 7.37
CA ILE A 63 9.82 -12.91 7.99
C ILE A 63 9.45 -13.57 9.31
N ALA A 64 8.40 -13.07 9.94
CA ALA A 64 7.97 -13.64 11.23
C ALA A 64 6.65 -13.00 11.66
N PRO A 65 5.59 -13.23 10.92
CA PRO A 65 4.25 -12.67 11.23
C PRO A 65 3.61 -13.35 12.43
N LYS A 66 4.41 -14.13 13.15
CA LYS A 66 3.92 -14.84 14.34
C LYS A 66 4.56 -14.25 15.60
N THR A 67 5.51 -13.34 15.39
CA THR A 67 6.19 -12.70 16.50
C THR A 67 5.83 -11.22 16.54
N PRO A 68 6.05 -10.56 17.66
CA PRO A 68 5.74 -9.11 17.81
C PRO A 68 6.05 -8.31 16.54
N LEU A 69 6.84 -8.91 15.65
CA LEU A 69 7.20 -8.25 14.41
C LEU A 69 5.98 -7.57 13.79
N ARG A 70 4.80 -8.15 14.01
CA ARG A 70 3.57 -7.59 13.47
C ARG A 70 3.57 -6.07 13.59
N TYR A 71 3.55 -5.53 14.80
CA TYR A 71 3.55 -4.08 14.97
C TYR A 71 4.74 -3.46 14.25
N VAL A 72 5.85 -4.20 14.15
CA VAL A 72 7.04 -3.65 13.50
C VAL A 72 6.82 -3.44 12.00
N ALA A 73 6.19 -4.40 11.32
CA ALA A 73 5.93 -4.25 9.90
C ALA A 73 4.67 -3.42 9.68
N MET A 74 3.75 -3.48 10.63
CA MET A 74 2.51 -2.73 10.54
C MET A 74 2.78 -1.22 10.59
N VAL A 75 4.00 -0.85 10.97
CA VAL A 75 4.36 0.57 11.04
C VAL A 75 4.19 1.23 9.67
N ILE A 76 4.53 0.47 8.64
CA ILE A 76 4.43 0.96 7.27
C ILE A 76 3.05 0.64 6.70
N TRP A 77 2.44 -0.44 7.17
CA TRP A 77 1.11 -0.81 6.70
C TRP A 77 0.08 0.21 7.18
N LEU A 78 0.10 0.50 8.48
CA LEU A 78 -0.83 1.46 9.06
C LEU A 78 -0.54 2.86 8.52
N TYR A 79 0.72 3.28 8.59
CA TYR A 79 1.11 4.59 8.10
C TYR A 79 0.44 4.89 6.76
N SER A 80 0.37 3.88 5.90
CA SER A 80 -0.25 4.05 4.59
C SER A 80 -1.77 3.98 4.70
N ALA A 81 -2.26 3.32 5.75
CA ALA A 81 -3.70 3.19 5.94
C ALA A 81 -4.37 4.55 6.06
N PHE A 82 -3.98 5.31 7.08
CA PHE A 82 -4.56 6.63 7.31
C PHE A 82 -4.01 7.65 6.30
N ARG A 83 -2.69 7.73 6.19
CA ARG A 83 -2.07 8.69 5.28
C ARG A 83 -2.32 8.34 3.82
N GLY A 84 -2.11 7.08 3.44
CA GLY A 84 -2.34 6.66 2.05
C GLY A 84 -3.77 6.95 1.62
N VAL A 85 -4.73 6.58 2.47
CA VAL A 85 -6.14 6.78 2.15
C VAL A 85 -6.53 8.25 2.27
N GLN A 86 -5.98 8.94 3.27
CA GLN A 86 -6.31 10.34 3.48
C GLN A 86 -5.76 11.21 2.36
N LEU A 87 -4.71 10.73 1.69
CA LEU A 87 -4.10 11.49 0.60
C LEU A 87 -4.74 11.13 -0.73
N THR A 88 -5.11 9.87 -0.89
CA THR A 88 -5.73 9.41 -2.13
C THR A 88 -6.99 10.22 -2.44
N TYR A 89 -7.90 10.30 -1.47
CA TYR A 89 -9.13 11.05 -1.67
C TYR A 89 -8.83 12.43 -2.23
N GLU A 90 -7.90 13.13 -1.60
CA GLU A 90 -7.53 14.47 -2.04
C GLU A 90 -7.20 14.47 -3.53
N HIS A 91 -6.46 13.46 -3.96
CA HIS A 91 -6.08 13.35 -5.37
C HIS A 91 -7.29 13.10 -6.25
N THR A 92 -8.27 12.35 -5.73
CA THR A 92 -9.47 12.04 -6.47
C THR A 92 -10.39 13.27 -6.54
N MET A 93 -10.32 14.10 -5.51
CA MET A 93 -11.14 15.30 -5.46
C MET A 93 -10.76 16.26 -6.58
N LEU A 94 -9.45 16.38 -6.83
CA LEU A 94 -8.96 17.26 -7.88
C LEU A 94 -9.40 16.75 -9.25
N GLN A 95 -9.14 15.47 -9.51
CA GLN A 95 -9.52 14.87 -10.79
C GLN A 95 -11.01 15.02 -11.03
N LEU A 96 -11.80 14.69 -10.01
CA LEU A 96 -13.26 14.80 -10.11
C LEU A 96 -13.69 16.26 -10.03
N TYR A 97 -12.83 17.09 -9.44
CA TYR A 97 -13.13 18.51 -9.30
C TYR A 97 -11.89 19.35 -9.59
N PRO A 98 -11.47 19.39 -10.83
CA PRO A 98 -10.26 20.17 -11.25
C PRO A 98 -10.33 21.62 -10.82
N SER A 99 -9.55 22.47 -11.47
CA SER A 99 -9.52 23.89 -11.17
C SER A 99 -8.44 24.60 -11.98
N PRO A 100 -8.62 25.86 -12.26
CA PRO A 100 -7.64 26.66 -13.05
C PRO A 100 -6.20 26.28 -12.74
N PHE A 101 -5.31 26.51 -13.70
CA PHE A 101 -3.90 26.19 -13.52
C PHE A 101 -3.21 27.27 -12.67
N ALA A 102 -3.92 27.78 -11.68
CA ALA A 102 -3.37 28.82 -10.80
C ALA A 102 -2.40 28.20 -9.80
N THR A 103 -2.81 27.10 -9.19
CA THR A 103 -1.97 26.42 -8.20
C THR A 103 -0.55 26.24 -8.73
N SER A 104 -0.41 26.29 -10.05
CA SER A 104 0.90 26.15 -10.68
C SER A 104 1.53 24.80 -10.31
N ASP A 105 1.99 24.07 -11.32
CA ASP A 105 2.60 22.76 -11.09
C ASP A 105 3.55 22.41 -12.24
N PHE A 106 4.66 21.77 -11.90
CA PHE A 106 5.64 21.37 -12.90
C PHE A 106 6.53 20.26 -12.37
N MET A 107 7.81 20.30 -12.72
CA MET A 107 8.76 19.29 -12.28
C MET A 107 8.75 19.20 -10.75
N VAL A 108 8.71 17.97 -10.23
CA VAL A 108 8.70 17.75 -8.79
C VAL A 108 10.06 18.12 -8.19
N ARG A 109 10.03 18.90 -7.11
CA ARG A 109 11.26 19.31 -6.44
C ARG A 109 11.69 18.24 -5.44
N PHE A 110 12.65 17.41 -5.83
CA PHE A 110 13.14 16.36 -4.95
C PHE A 110 13.82 16.95 -3.72
N PRO A 111 13.78 16.25 -2.61
CA PRO A 111 14.41 16.72 -1.35
C PRO A 111 15.94 16.69 -1.43
N GLU A 112 16.59 17.45 -0.54
CA GLU A 112 18.05 17.50 -0.52
C GLU A 112 18.60 16.76 0.69
N TRP A 113 17.72 16.06 1.41
CA TRP A 113 18.14 15.31 2.59
C TRP A 113 17.74 13.85 2.49
N LEU A 114 16.99 13.51 1.43
CA LEU A 114 16.55 12.14 1.23
C LEU A 114 17.01 11.65 -0.14
N PRO A 115 18.25 11.21 -0.23
CA PRO A 115 18.84 10.71 -1.51
C PRO A 115 18.04 9.55 -2.12
N LEU A 116 16.81 9.37 -1.66
CA LEU A 116 15.97 8.30 -2.16
C LEU A 116 15.42 8.67 -3.54
N ASP A 117 15.19 9.97 -3.74
CA ASP A 117 14.68 10.47 -5.02
C ASP A 117 15.82 11.01 -5.86
N LYS A 118 16.75 11.70 -5.22
CA LYS A 118 17.89 12.28 -5.93
C LYS A 118 18.87 11.20 -6.38
N TRP A 119 19.17 10.26 -5.49
CA TRP A 119 20.09 9.19 -5.83
C TRP A 119 19.40 8.14 -6.70
N VAL A 120 18.09 8.26 -6.82
CA VAL A 120 17.31 7.33 -7.64
C VAL A 120 16.22 8.05 -8.43
N PRO A 121 16.61 8.85 -9.39
CA PRO A 121 15.64 9.61 -10.24
C PRO A 121 15.04 8.73 -11.33
N GLN A 122 15.66 7.58 -11.56
CA GLN A 122 15.19 6.66 -12.58
C GLN A 122 13.71 6.33 -12.36
N VAL A 123 13.29 6.33 -11.11
CA VAL A 123 11.90 6.03 -10.79
C VAL A 123 11.34 7.07 -9.82
N PHE A 124 11.63 8.34 -10.10
CA PHE A 124 11.15 9.43 -9.25
C PHE A 124 10.90 10.69 -10.08
N VAL A 125 11.75 10.92 -11.08
CA VAL A 125 11.60 12.09 -11.94
C VAL A 125 10.24 12.09 -12.62
N ALA A 126 9.52 13.21 -12.50
CA ALA A 126 8.20 13.32 -13.11
C ALA A 126 8.31 13.96 -14.49
N SER A 127 7.36 13.66 -15.37
CA SER A 127 7.36 14.21 -16.71
C SER A 127 5.95 14.22 -17.29
N GLY A 128 5.32 15.39 -17.29
CA GLY A 128 3.97 15.54 -17.81
C GLY A 128 3.06 16.21 -16.79
N ASP A 129 1.75 16.18 -17.04
CA ASP A 129 0.79 16.78 -16.13
C ASP A 129 0.13 15.70 -15.28
N CYS A 130 -0.34 16.07 -14.10
CA CYS A 130 -0.98 15.12 -13.20
C CYS A 130 -2.49 15.20 -13.29
N ALA A 131 -3.12 14.03 -13.28
CA ALA A 131 -4.58 13.91 -13.37
C ALA A 131 -5.01 13.53 -14.78
N GLU A 132 -4.05 13.49 -15.70
CA GLU A 132 -4.35 13.13 -17.09
C GLU A 132 -4.76 11.66 -17.15
N ARG A 133 -5.63 11.33 -18.10
CA ARG A 133 -6.09 9.96 -18.26
C ARG A 133 -5.32 9.25 -19.37
N GLN A 134 -4.69 8.14 -19.01
CA GLN A 134 -3.91 7.36 -19.97
C GLN A 134 -4.66 6.08 -20.36
N TRP A 135 -5.46 5.57 -19.43
CA TRP A 135 -6.22 4.35 -19.67
C TRP A 135 -7.17 4.06 -18.51
N ASP A 136 -8.32 3.49 -18.81
CA ASP A 136 -9.31 3.20 -17.78
C ASP A 136 -9.99 1.85 -17.99
N PHE A 137 -10.53 1.31 -16.90
CA PHE A 137 -11.24 0.03 -16.93
C PHE A 137 -12.72 0.27 -16.65
N LEU A 138 -13.58 -0.41 -17.40
CA LEU A 138 -15.02 -0.25 -17.22
C LEU A 138 -15.39 1.24 -17.18
N GLY A 139 -14.49 2.09 -17.65
CA GLY A 139 -14.75 3.54 -17.67
C GLY A 139 -14.22 4.23 -16.42
N LEU A 140 -13.25 3.60 -15.75
CA LEU A 140 -12.67 4.17 -14.53
C LEU A 140 -11.15 4.28 -14.69
N GLU A 141 -10.58 5.37 -14.19
CA GLU A 141 -9.14 5.57 -14.28
C GLU A 141 -8.41 4.64 -13.32
N MET A 142 -7.21 4.21 -13.73
CA MET A 142 -6.42 3.32 -12.89
C MET A 142 -6.35 3.83 -11.45
N PRO A 143 -5.90 5.04 -11.24
CA PRO A 143 -5.81 5.64 -9.87
C PRO A 143 -7.02 5.31 -8.99
N GLN A 144 -8.20 5.30 -9.60
CA GLN A 144 -9.41 5.00 -8.86
C GLN A 144 -9.44 3.52 -8.46
N TRP A 145 -9.24 2.66 -9.45
CA TRP A 145 -9.24 1.22 -9.20
C TRP A 145 -8.17 0.87 -8.17
N LEU A 146 -6.93 1.23 -8.47
CA LEU A 146 -5.82 0.96 -7.56
C LEU A 146 -6.25 1.28 -6.13
N LEU A 147 -7.01 2.36 -5.98
CA LEU A 147 -7.49 2.76 -4.65
C LEU A 147 -8.33 1.62 -4.07
N GLY A 148 -9.08 0.97 -4.96
CA GLY A 148 -9.93 -0.14 -4.54
C GLY A 148 -9.09 -1.27 -3.94
N ILE A 149 -8.00 -1.60 -4.63
CA ILE A 149 -7.10 -2.65 -4.17
C ILE A 149 -6.25 -2.14 -3.00
N PHE A 150 -6.06 -0.83 -2.97
CA PHE A 150 -5.27 -0.21 -1.92
C PHE A 150 -5.91 -0.42 -0.55
N ILE A 151 -7.23 -0.23 -0.49
CA ILE A 151 -7.96 -0.39 0.76
C ILE A 151 -8.01 -1.86 1.17
N ALA A 152 -8.14 -2.73 0.18
CA ALA A 152 -8.19 -4.16 0.46
C ALA A 152 -6.95 -4.59 1.25
N TYR A 153 -5.79 -4.19 0.76
CA TYR A 153 -4.53 -4.54 1.42
C TYR A 153 -4.49 -3.97 2.84
N LEU A 154 -4.97 -2.74 2.99
CA LEU A 154 -4.99 -2.08 4.29
C LEU A 154 -5.90 -2.82 5.26
N ILE A 155 -6.96 -3.42 4.74
CA ILE A 155 -7.91 -4.14 5.56
C ILE A 155 -7.37 -5.52 5.93
N VAL A 156 -6.55 -6.09 5.05
CA VAL A 156 -5.97 -7.40 5.30
C VAL A 156 -5.06 -7.36 6.53
N ALA A 157 -4.30 -6.28 6.67
CA ALA A 157 -3.41 -6.13 7.81
C ALA A 157 -4.19 -5.91 9.10
N VAL A 158 -5.13 -4.96 9.07
CA VAL A 158 -5.93 -4.66 10.24
C VAL A 158 -6.57 -5.92 10.82
N LEU A 159 -7.02 -6.81 9.93
CA LEU A 159 -7.64 -8.05 10.37
C LEU A 159 -6.60 -9.10 10.77
N VAL A 160 -5.50 -9.14 10.01
CA VAL A 160 -4.45 -10.10 10.28
C VAL A 160 -3.70 -9.75 11.57
N VAL A 161 -3.77 -8.47 11.96
CA VAL A 161 -3.10 -8.03 13.18
C VAL A 161 -3.97 -8.32 14.40
N ILE A 162 -5.25 -7.95 14.30
CA ILE A 162 -6.18 -8.17 15.39
C ILE A 162 -6.47 -9.66 15.57
N SER A 163 -6.09 -10.45 14.57
CA SER A 163 -6.31 -11.89 14.64
C SER A 163 -5.74 -12.46 15.94
N GLN A 164 -4.91 -11.66 16.61
CA GLN A 164 -4.30 -12.09 17.86
C GLN A 164 -5.29 -12.86 18.73
N PRO A 165 -5.18 -14.17 18.79
CA PRO A 165 -6.11 -15.01 19.62
C PRO A 165 -6.22 -14.51 21.06
N PHE A 166 -5.54 -13.40 21.35
CA PHE A 166 -5.58 -12.84 22.70
C PHE A 166 -5.11 -13.87 23.72
N LYS A 167 -6.06 -14.57 24.31
CA LYS A 167 -5.74 -15.58 25.31
C LYS A 167 -6.92 -16.51 25.56
N ALA A 168 -8.09 -16.11 25.03
CA ALA A 168 -9.30 -16.92 25.20
C ALA A 168 -9.38 -17.97 24.10
N LYS A 169 -8.46 -18.92 24.12
CA LYS A 169 -8.44 -19.99 23.12
C LYS A 169 -9.53 -21.02 23.41
N LYS A 170 -9.22 -22.29 23.17
CA LYS A 170 -10.17 -23.36 23.40
C LYS A 170 -9.46 -24.70 23.55
N ARG A 171 -8.13 -24.67 23.41
CA ARG A 171 -7.33 -25.88 23.54
C ARG A 171 -7.67 -26.85 22.40
N ASP A 172 -8.87 -27.41 22.45
CA ASP A 172 -9.29 -28.35 21.42
C ASP A 172 -10.81 -28.43 21.36
N LEU A 173 -11.33 -29.07 20.32
CA LEU A 173 -12.77 -29.21 20.15
C LEU A 173 -13.32 -30.25 21.11
N PHE A 174 -14.63 -30.17 21.38
CA PHE A 174 -15.27 -31.11 22.29
C PHE A 174 -15.65 -32.39 21.55
N GLY A 175 -15.43 -33.52 22.20
CA GLY A 175 -15.76 -34.81 21.59
C GLY A 175 -14.82 -35.12 20.43
N ARG A 176 -13.62 -35.58 20.74
CA ARG A 176 -12.64 -35.91 19.71
C ARG A 176 -12.75 -37.38 19.32
N GLY A 177 -12.24 -38.26 20.18
CA GLY A 177 -12.29 -39.69 19.91
C GLY A 177 -13.44 -40.34 20.67
N HIS A 178 -13.50 -40.09 21.97
CA HIS A 178 -14.56 -40.65 22.81
C HIS A 178 -14.52 -42.18 22.76
N HIS A 179 -15.69 -42.79 22.64
CA HIS A 179 -15.78 -44.24 22.59
C HIS A 179 -15.47 -44.76 21.18
N HIS A 180 -14.24 -45.20 20.97
CA HIS A 180 -13.84 -45.71 19.66
C HIS A 180 -12.57 -46.56 19.80
N HIS A 181 -12.76 -47.87 19.98
CA HIS A 181 -11.64 -48.78 20.12
C HIS A 181 -10.75 -48.72 18.88
N HIS A 182 -9.72 -49.57 18.85
CA HIS A 182 -8.81 -49.60 17.71
C HIS A 182 -8.23 -48.22 17.44
N HIS A 183 -7.20 -47.86 18.19
CA HIS A 183 -6.56 -46.56 18.03
C HIS A 183 -5.54 -46.60 16.90
C1 UQ2 B . 3.20 4.05 -13.94
C2 UQ2 B . 3.17 4.45 -15.36
C3 UQ2 B . 2.01 4.81 -15.92
C4 UQ2 B . 0.76 4.79 -15.13
C5 UQ2 B . 0.79 4.37 -13.72
C6 UQ2 B . 1.96 4.02 -13.15
CM2 UQ2 B . 4.74 3.12 -16.26
CM3 UQ2 B . 2.25 6.61 -17.27
CM5 UQ2 B . -0.48 4.35 -12.92
C7 UQ2 B . 2.01 3.60 -11.70
C8 UQ2 B . 1.56 2.16 -11.59
C9 UQ2 B . 0.85 1.75 -10.56
C10 UQ2 B . 0.48 2.71 -9.45
C11 UQ2 B . 0.42 0.31 -10.47
C12 UQ2 B . -0.19 -0.14 -11.81
C13 UQ2 B . -1.48 -0.87 -11.56
C14 UQ2 B . -2.59 -0.20 -11.32
C15 UQ2 B . -3.88 -0.93 -11.07
C16 UQ2 B . -2.57 1.32 -11.31
O1 UQ2 B . 4.26 3.73 -13.42
O2 UQ2 B . 4.32 4.48 -16.09
O3 UQ2 B . 1.97 5.20 -17.24
O4 UQ2 B . -0.29 5.11 -15.65
H2M1 UQ2 B . 3.95 2.55 -16.76
H2M2 UQ2 B . 4.96 2.67 -15.30
H2M3 UQ2 B . 5.63 3.09 -16.88
H3M1 UQ2 B . 1.50 7.13 -16.68
H3M2 UQ2 B . 2.22 6.96 -18.29
H3M3 UQ2 B . 3.21 6.80 -16.84
H5M1 UQ2 B . -0.55 3.42 -12.38
H5M2 UQ2 B . -1.33 4.44 -13.59
H5M3 UQ2 B . -0.49 5.18 -12.22
H71 UQ2 B . 1.35 4.24 -11.13
H72 UQ2 B . 3.01 3.70 -11.33
H8 UQ2 B . 1.81 1.47 -12.37
H101 UQ2 B . 0.19 2.16 -8.58
H102 UQ2 B . -0.33 3.34 -9.77
H103 UQ2 B . 1.34 3.33 -9.20
H111 UQ2 B . -0.32 0.20 -9.69
H112 UQ2 B . 1.28 -0.31 -10.24
H121 UQ2 B . 0.50 -0.81 -12.31
H122 UQ2 B . -0.38 0.72 -12.44
H13 UQ2 B . -1.50 -1.95 -11.56
H151 UQ2 B . -4.71 -0.34 -11.42
H152 UQ2 B . -3.99 -1.11 -10.01
H153 UQ2 B . -3.87 -1.88 -11.60
H161 UQ2 B . -2.17 1.68 -12.25
H162 UQ2 B . -1.94 1.66 -10.50
H163 UQ2 B . -3.57 1.69 -11.18
N MET A 1 -14.14 -21.31 9.22
CA MET A 1 -13.62 -20.68 7.98
C MET A 1 -12.68 -19.52 8.34
N LEU A 2 -13.06 -18.77 9.37
CA LEU A 2 -12.25 -17.65 9.83
C LEU A 2 -10.88 -18.14 10.29
N ARG A 3 -10.89 -19.17 11.13
CA ARG A 3 -9.65 -19.72 11.65
C ARG A 3 -8.66 -19.98 10.52
N PHE A 4 -9.14 -20.64 9.47
CA PHE A 4 -8.29 -20.94 8.32
C PHE A 4 -7.62 -19.67 7.80
N LEU A 5 -8.41 -18.60 7.69
CA LEU A 5 -7.88 -17.33 7.22
C LEU A 5 -6.60 -16.98 7.97
N ASN A 6 -6.64 -17.17 9.29
CA ASN A 6 -5.47 -16.88 10.12
C ASN A 6 -4.36 -17.88 9.84
N GLN A 7 -4.75 -19.07 9.39
CA GLN A 7 -3.79 -20.11 9.08
C GLN A 7 -3.09 -19.81 7.76
N ALA A 8 -3.89 -19.52 6.73
CA ALA A 8 -3.34 -19.22 5.41
C ALA A 8 -2.47 -17.96 5.49
N SER A 9 -2.81 -17.07 6.41
CA SER A 9 -2.07 -15.83 6.57
C SER A 9 -0.76 -16.09 7.31
N GLN A 10 -0.83 -16.93 8.34
CA GLN A 10 0.36 -17.26 9.12
C GLN A 10 1.33 -18.09 8.28
N GLY A 11 1.01 -18.25 7.00
CA GLY A 11 1.86 -19.00 6.08
C GLY A 11 2.66 -18.02 5.21
N ARG A 12 3.91 -18.36 4.96
CA ARG A 12 4.77 -17.51 4.15
C ARG A 12 4.33 -17.54 2.69
N GLY A 13 4.15 -18.74 2.15
CA GLY A 13 3.71 -18.89 0.76
C GLY A 13 2.63 -17.89 0.42
N ALA A 14 1.64 -17.80 1.32
CA ALA A 14 0.53 -16.88 1.12
C ALA A 14 1.04 -15.45 1.04
N TRP A 15 1.92 -15.09 1.96
CA TRP A 15 2.48 -13.74 1.97
C TRP A 15 3.25 -13.49 0.68
N LEU A 16 3.93 -14.52 0.19
CA LEU A 16 4.70 -14.39 -1.05
C LEU A 16 3.75 -14.17 -2.22
N LEU A 17 2.55 -14.73 -2.12
CA LEU A 17 1.56 -14.59 -3.18
C LEU A 17 1.03 -13.15 -3.24
N MET A 18 1.01 -12.49 -2.09
CA MET A 18 0.53 -11.11 -2.04
C MET A 18 1.55 -10.17 -2.67
N ALA A 19 2.83 -10.50 -2.52
CA ALA A 19 3.89 -9.67 -3.06
C ALA A 19 3.91 -9.78 -4.59
N PHE A 20 4.02 -11.01 -5.09
CA PHE A 20 4.06 -11.23 -6.53
C PHE A 20 2.96 -10.44 -7.22
N THR A 21 1.75 -10.54 -6.69
CA THR A 21 0.62 -9.82 -7.28
C THR A 21 0.94 -8.34 -7.41
N ALA A 22 1.26 -7.71 -6.29
CA ALA A 22 1.59 -6.28 -6.30
C ALA A 22 2.59 -5.97 -7.40
N LEU A 23 3.49 -6.92 -7.66
CA LEU A 23 4.50 -6.73 -8.69
C LEU A 23 3.89 -6.93 -10.07
N ALA A 24 3.03 -7.93 -10.20
CA ALA A 24 2.38 -8.22 -11.48
C ALA A 24 1.72 -6.96 -12.01
N LEU A 25 1.24 -6.12 -11.11
CA LEU A 25 0.59 -4.88 -11.50
C LEU A 25 1.63 -3.83 -11.89
N GLU A 26 2.74 -3.82 -11.17
CA GLU A 26 3.82 -2.87 -11.44
C GLU A 26 4.38 -3.07 -12.84
N LEU A 27 4.77 -4.31 -13.14
CA LEU A 27 5.33 -4.62 -14.45
C LEU A 27 4.32 -4.31 -15.57
N THR A 28 3.10 -4.82 -15.40
CA THR A 28 2.06 -4.59 -16.40
C THR A 28 1.97 -3.11 -16.78
N ALA A 29 2.03 -2.24 -15.78
CA ALA A 29 1.95 -0.80 -16.03
C ALA A 29 3.27 -0.28 -16.59
N LEU A 30 4.38 -0.68 -15.98
CA LEU A 30 5.69 -0.23 -16.44
C LEU A 30 5.87 -0.51 -17.92
N TRP A 31 5.06 -1.42 -18.46
CA TRP A 31 5.14 -1.77 -19.88
C TRP A 31 4.18 -0.90 -20.69
N PHE A 32 3.00 -0.67 -20.14
CA PHE A 32 2.00 0.14 -20.82
C PHE A 32 2.61 1.46 -21.28
N GLN A 33 3.60 1.94 -20.52
CA GLN A 33 4.28 3.19 -20.86
C GLN A 33 5.37 2.97 -21.89
N HIS A 34 6.15 1.89 -21.72
CA HIS A 34 7.23 1.58 -22.65
C HIS A 34 6.68 1.17 -24.01
N VAL A 35 5.39 0.86 -24.07
CA VAL A 35 4.77 0.44 -25.33
C VAL A 35 3.83 1.53 -25.86
N MET A 36 3.11 2.18 -24.94
CA MET A 36 2.18 3.23 -25.33
C MET A 36 2.81 4.61 -25.17
N LEU A 37 4.12 4.64 -24.94
CA LEU A 37 4.83 5.91 -24.78
C LEU A 37 4.03 6.83 -23.86
N LEU A 38 3.53 6.28 -22.76
CA LEU A 38 2.75 7.06 -21.82
C LEU A 38 3.66 7.92 -20.95
N LYS A 39 3.13 9.04 -20.47
CA LYS A 39 3.91 9.95 -19.63
C LYS A 39 3.43 9.89 -18.18
N PRO A 40 4.33 9.73 -17.23
CA PRO A 40 3.97 9.67 -15.78
C PRO A 40 3.68 11.05 -15.20
N CYS A 41 3.14 11.06 -13.98
CA CYS A 41 2.81 12.31 -13.29
C CYS A 41 3.35 12.25 -11.86
N VAL A 42 3.51 13.42 -11.25
CA VAL A 42 4.03 13.47 -9.88
C VAL A 42 3.23 12.53 -8.99
N LEU A 43 1.91 12.53 -9.17
CA LEU A 43 1.03 11.68 -8.37
C LEU A 43 1.29 10.20 -8.64
N SER A 44 1.42 9.86 -9.91
CA SER A 44 1.66 8.47 -10.30
C SER A 44 2.84 7.90 -9.53
N ILE A 45 3.90 8.70 -9.39
CA ILE A 45 5.08 8.26 -8.67
C ILE A 45 4.74 8.06 -7.19
N TYR A 46 4.00 9.02 -6.64
CA TYR A 46 3.61 8.94 -5.23
C TYR A 46 2.82 7.66 -4.99
N GLU A 47 1.89 7.36 -5.88
CA GLU A 47 1.08 6.15 -5.75
C GLU A 47 1.96 4.91 -5.75
N ARG A 48 2.87 4.81 -6.71
CA ARG A 48 3.76 3.67 -6.79
C ARG A 48 4.59 3.56 -5.52
N ALA A 49 4.85 4.70 -4.88
CA ALA A 49 5.62 4.72 -3.66
C ALA A 49 4.83 4.08 -2.52
N ALA A 50 3.53 4.33 -2.50
CA ALA A 50 2.67 3.77 -1.47
C ALA A 50 2.75 2.26 -1.47
N LEU A 51 2.61 1.65 -2.65
CA LEU A 51 2.66 0.21 -2.76
C LEU A 51 4.10 -0.28 -2.71
N PHE A 52 4.97 0.34 -3.51
CA PHE A 52 6.38 -0.06 -3.51
C PHE A 52 6.88 -0.20 -2.06
N GLY A 53 6.46 0.73 -1.22
CA GLY A 53 6.84 0.71 0.19
C GLY A 53 6.22 -0.49 0.89
N VAL A 54 4.95 -0.75 0.59
CA VAL A 54 4.25 -1.88 1.19
C VAL A 54 4.90 -3.19 0.75
N LEU A 55 5.13 -3.31 -0.55
CA LEU A 55 5.75 -4.51 -1.10
C LEU A 55 6.94 -4.90 -0.23
N GLY A 56 7.75 -3.91 0.13
CA GLY A 56 8.91 -4.16 0.96
C GLY A 56 8.47 -4.65 2.34
N ALA A 57 7.36 -4.08 2.80
CA ALA A 57 6.81 -4.45 4.09
C ALA A 57 6.38 -5.92 4.09
N ALA A 58 5.81 -6.35 2.96
CA ALA A 58 5.37 -7.73 2.83
C ALA A 58 6.54 -8.68 2.96
N LEU A 59 7.70 -8.25 2.47
CA LEU A 59 8.90 -9.08 2.53
C LEU A 59 9.46 -9.08 3.95
N ILE A 60 9.20 -8.01 4.69
CA ILE A 60 9.68 -7.89 6.07
C ILE A 60 8.78 -8.67 7.02
N GLY A 61 7.47 -8.59 6.78
CA GLY A 61 6.51 -9.30 7.63
C GLY A 61 6.59 -10.80 7.40
N ALA A 62 7.02 -11.19 6.20
CA ALA A 62 7.13 -12.61 5.86
C ALA A 62 8.32 -13.23 6.58
N ILE A 63 8.92 -12.49 7.50
CA ILE A 63 10.07 -12.98 8.25
C ILE A 63 9.61 -13.86 9.41
N ALA A 64 8.54 -13.46 10.08
CA ALA A 64 8.01 -14.23 11.21
C ALA A 64 6.82 -13.51 11.83
N PRO A 65 5.69 -13.54 11.18
CA PRO A 65 4.45 -12.88 11.67
C PRO A 65 3.78 -13.66 12.79
N LYS A 66 4.57 -14.44 13.50
CA LYS A 66 4.05 -15.26 14.60
C LYS A 66 4.49 -14.69 15.95
N THR A 67 5.38 -13.70 15.89
CA THR A 67 5.88 -13.06 17.11
C THR A 67 5.42 -11.60 17.14
N PRO A 68 5.71 -10.89 18.19
CA PRO A 68 5.31 -9.46 18.32
C PRO A 68 5.66 -8.64 17.08
N LEU A 69 6.34 -9.28 16.13
CA LEU A 69 6.72 -8.62 14.90
C LEU A 69 5.54 -7.87 14.30
N ARG A 70 4.34 -8.44 14.44
CA ARG A 70 3.15 -7.80 13.89
C ARG A 70 3.19 -6.29 14.14
N TYR A 71 3.05 -5.87 15.38
CA TYR A 71 3.07 -4.44 15.69
C TYR A 71 4.28 -3.76 15.06
N VAL A 72 5.31 -4.53 14.71
CA VAL A 72 6.50 -3.95 14.11
C VAL A 72 6.34 -3.73 12.60
N ALA A 73 5.85 -4.73 11.89
CA ALA A 73 5.66 -4.60 10.45
C ALA A 73 4.46 -3.70 10.13
N MET A 74 3.40 -3.82 10.93
CA MET A 74 2.21 -3.02 10.70
C MET A 74 2.53 -1.53 10.84
N VAL A 75 3.73 -1.22 11.32
CA VAL A 75 4.13 0.18 11.47
C VAL A 75 4.04 0.91 10.14
N ILE A 76 4.49 0.21 9.09
CA ILE A 76 4.47 0.77 7.75
C ILE A 76 3.13 0.48 7.07
N TRP A 77 2.53 -0.65 7.40
CA TRP A 77 1.25 -1.02 6.82
C TRP A 77 0.17 -0.03 7.26
N LEU A 78 0.07 0.19 8.57
CA LEU A 78 -0.93 1.10 9.13
C LEU A 78 -0.63 2.53 8.69
N TYR A 79 0.62 2.96 8.82
CA TYR A 79 1.01 4.31 8.43
C TYR A 79 0.38 4.67 7.10
N SER A 80 0.43 3.74 6.15
CA SER A 80 -0.14 3.98 4.83
C SER A 80 -1.66 3.82 4.85
N ALA A 81 -2.17 3.11 5.86
CA ALA A 81 -3.61 2.90 5.96
C ALA A 81 -4.34 4.24 6.08
N PHE A 82 -4.04 4.98 7.15
CA PHE A 82 -4.68 6.27 7.37
C PHE A 82 -4.14 7.32 6.41
N ARG A 83 -2.83 7.51 6.39
CA ARG A 83 -2.22 8.52 5.52
C ARG A 83 -2.40 8.20 4.04
N GLY A 84 -2.18 6.96 3.66
CA GLY A 84 -2.33 6.58 2.26
C GLY A 84 -3.76 6.79 1.78
N VAL A 85 -4.73 6.37 2.60
CA VAL A 85 -6.13 6.50 2.23
C VAL A 85 -6.61 7.95 2.34
N GLN A 86 -6.23 8.63 3.42
CA GLN A 86 -6.63 10.01 3.62
C GLN A 86 -6.11 10.91 2.51
N LEU A 87 -4.86 10.70 2.10
CA LEU A 87 -4.25 11.51 1.06
C LEU A 87 -4.81 11.15 -0.32
N THR A 88 -4.92 9.85 -0.60
CA THR A 88 -5.44 9.39 -1.88
C THR A 88 -6.74 10.11 -2.22
N TYR A 89 -7.66 10.13 -1.26
CA TYR A 89 -8.94 10.79 -1.47
C TYR A 89 -8.73 12.22 -1.96
N GLU A 90 -7.71 12.89 -1.42
CA GLU A 90 -7.41 14.25 -1.82
C GLU A 90 -7.18 14.31 -3.32
N HIS A 91 -6.45 13.34 -3.85
CA HIS A 91 -6.17 13.28 -5.27
C HIS A 91 -7.45 13.01 -6.07
N THR A 92 -8.31 12.16 -5.51
CA THR A 92 -9.56 11.82 -6.18
C THR A 92 -10.48 13.03 -6.22
N MET A 93 -10.53 13.79 -5.12
CA MET A 93 -11.37 14.96 -5.06
C MET A 93 -11.07 15.90 -6.22
N LEU A 94 -9.79 16.16 -6.45
CA LEU A 94 -9.38 17.03 -7.54
C LEU A 94 -9.95 16.53 -8.86
N GLN A 95 -9.80 15.22 -9.10
CA GLN A 95 -10.32 14.62 -10.32
C GLN A 95 -11.78 15.03 -10.53
N LEU A 96 -12.55 15.03 -9.45
CA LEU A 96 -13.95 15.41 -9.54
C LEU A 96 -14.11 16.91 -9.28
N TYR A 97 -13.05 17.53 -8.76
CA TYR A 97 -13.07 18.97 -8.48
C TYR A 97 -11.96 19.68 -9.26
N PRO A 98 -12.22 20.04 -10.49
CA PRO A 98 -11.22 20.75 -11.35
C PRO A 98 -10.64 21.99 -10.67
N SER A 99 -10.45 23.05 -11.44
CA SER A 99 -9.90 24.28 -10.91
C SER A 99 -8.50 24.05 -10.35
N PRO A 100 -7.60 23.57 -11.16
CA PRO A 100 -6.19 23.30 -10.74
C PRO A 100 -5.39 24.58 -10.55
N PHE A 101 -4.76 25.04 -11.63
CA PHE A 101 -3.96 26.26 -11.58
C PHE A 101 -2.65 26.00 -10.83
N ALA A 102 -1.58 25.79 -11.58
CA ALA A 102 -0.27 25.52 -10.99
C ALA A 102 0.30 26.81 -10.40
N THR A 103 0.46 26.83 -9.08
CA THR A 103 1.01 28.00 -8.40
C THR A 103 2.49 27.83 -8.15
N SER A 104 2.84 26.79 -7.38
CA SER A 104 4.24 26.52 -7.07
C SER A 104 4.65 25.14 -7.57
N ASP A 105 4.05 24.10 -6.99
CA ASP A 105 4.36 22.73 -7.39
C ASP A 105 5.84 22.43 -7.15
N PHE A 106 6.28 21.27 -7.62
CA PHE A 106 7.67 20.87 -7.44
C PHE A 106 8.15 20.03 -8.64
N MET A 107 8.41 20.70 -9.75
CA MET A 107 8.88 20.02 -10.96
C MET A 107 10.39 19.85 -10.92
N VAL A 108 10.84 18.61 -11.14
CA VAL A 108 12.27 18.31 -11.15
C VAL A 108 12.88 18.62 -9.78
N ARG A 109 12.08 19.19 -8.89
CA ARG A 109 12.56 19.53 -7.55
C ARG A 109 12.16 18.44 -6.55
N PHE A 110 13.12 17.56 -6.24
CA PHE A 110 12.86 16.48 -5.30
C PHE A 110 13.63 16.71 -3.99
N PRO A 111 13.27 16.02 -2.95
CA PRO A 111 13.94 16.16 -1.62
C PRO A 111 15.46 16.29 -1.75
N GLU A 112 16.08 16.97 -0.78
CA GLU A 112 17.52 17.15 -0.79
C GLU A 112 18.16 16.34 0.32
N TRP A 113 17.34 15.79 1.21
CA TRP A 113 17.83 14.99 2.32
C TRP A 113 17.49 13.52 2.14
N LEU A 114 16.81 13.22 1.03
CA LEU A 114 16.42 11.84 0.74
C LEU A 114 16.90 11.45 -0.67
N PRO A 115 18.16 11.15 -0.79
CA PRO A 115 18.77 10.76 -2.11
C PRO A 115 18.02 9.61 -2.77
N LEU A 116 16.92 9.19 -2.17
CA LEU A 116 16.12 8.11 -2.72
C LEU A 116 15.62 8.49 -4.10
N ASP A 117 15.33 9.78 -4.28
CA ASP A 117 14.85 10.29 -5.55
C ASP A 117 15.99 10.89 -6.36
N LYS A 118 16.86 11.65 -5.68
CA LYS A 118 18.00 12.28 -6.36
C LYS A 118 18.99 11.23 -6.82
N TRP A 119 19.29 10.27 -5.96
CA TRP A 119 20.23 9.21 -6.31
C TRP A 119 19.54 8.21 -7.24
N VAL A 120 18.23 8.33 -7.35
CA VAL A 120 17.45 7.44 -8.21
C VAL A 120 16.39 8.23 -8.98
N PRO A 121 16.80 9.04 -9.93
CA PRO A 121 15.87 9.86 -10.76
C PRO A 121 15.22 9.04 -11.87
N GLN A 122 15.83 7.89 -12.17
CA GLN A 122 15.34 7.02 -13.23
C GLN A 122 13.89 6.62 -12.96
N VAL A 123 13.55 6.42 -11.69
CA VAL A 123 12.21 6.01 -11.32
C VAL A 123 11.61 7.00 -10.31
N PHE A 124 11.68 8.28 -10.64
CA PHE A 124 11.13 9.31 -9.75
C PHE A 124 10.87 10.60 -10.54
N VAL A 125 11.73 10.89 -11.51
CA VAL A 125 11.57 12.10 -12.32
C VAL A 125 10.17 12.15 -12.94
N ALA A 126 9.48 13.26 -12.75
CA ALA A 126 8.13 13.42 -13.28
C ALA A 126 8.17 14.15 -14.63
N SER A 127 7.21 13.83 -15.50
CA SER A 127 7.15 14.46 -16.81
C SER A 127 5.78 14.23 -17.46
N GLY A 128 5.05 15.31 -17.71
CA GLY A 128 3.73 15.23 -18.32
C GLY A 128 2.69 15.94 -17.46
N ASP A 129 1.41 15.75 -17.79
CA ASP A 129 0.33 16.37 -17.04
C ASP A 129 -0.17 15.42 -15.97
N CYS A 130 -0.90 15.97 -15.00
CA CYS A 130 -1.44 15.17 -13.90
C CYS A 130 -2.96 15.14 -13.94
N ALA A 131 -3.52 13.94 -13.90
CA ALA A 131 -4.96 13.75 -13.91
C ALA A 131 -5.48 13.59 -15.34
N GLU A 132 -4.60 13.73 -16.33
CA GLU A 132 -5.01 13.58 -17.71
C GLU A 132 -5.40 12.14 -17.98
N ARG A 133 -6.59 11.95 -18.55
CA ARG A 133 -7.07 10.61 -18.87
C ARG A 133 -6.15 9.94 -19.88
N GLN A 134 -5.44 8.91 -19.43
CA GLN A 134 -4.52 8.18 -20.29
C GLN A 134 -5.02 6.77 -20.57
N TRP A 135 -5.73 6.21 -19.60
CA TRP A 135 -6.27 4.85 -19.76
C TRP A 135 -7.19 4.48 -18.62
N ASP A 136 -8.27 3.78 -18.93
CA ASP A 136 -9.25 3.39 -17.91
C ASP A 136 -9.88 2.03 -18.20
N PHE A 137 -10.45 1.44 -17.16
CA PHE A 137 -11.13 0.16 -17.28
C PHE A 137 -12.57 0.30 -16.81
N LEU A 138 -13.51 -0.33 -17.51
CA LEU A 138 -14.91 -0.23 -17.14
C LEU A 138 -15.32 1.25 -17.05
N GLY A 139 -14.51 2.11 -17.64
CA GLY A 139 -14.81 3.55 -17.62
C GLY A 139 -14.28 4.20 -16.35
N LEU A 140 -13.28 3.58 -15.73
CA LEU A 140 -12.69 4.12 -14.51
C LEU A 140 -11.17 4.26 -14.68
N GLU A 141 -10.65 5.41 -14.24
CA GLU A 141 -9.21 5.66 -14.35
C GLU A 141 -8.44 4.75 -13.40
N MET A 142 -7.23 4.38 -13.79
CA MET A 142 -6.40 3.52 -12.95
C MET A 142 -6.43 4.00 -11.51
N PRO A 143 -5.99 5.21 -11.25
CA PRO A 143 -5.98 5.79 -9.88
C PRO A 143 -7.18 5.35 -9.05
N GLN A 144 -8.34 5.24 -9.69
CA GLN A 144 -9.55 4.83 -9.00
C GLN A 144 -9.46 3.35 -8.64
N TRP A 145 -9.13 2.53 -9.63
CA TRP A 145 -9.01 1.09 -9.40
C TRP A 145 -7.91 0.84 -8.36
N LEU A 146 -6.71 1.31 -8.64
CA LEU A 146 -5.59 1.14 -7.71
C LEU A 146 -6.05 1.40 -6.28
N LEU A 147 -6.96 2.36 -6.11
CA LEU A 147 -7.47 2.68 -4.78
C LEU A 147 -8.27 1.48 -4.25
N GLY A 148 -8.92 0.79 -5.18
CA GLY A 148 -9.71 -0.39 -4.81
C GLY A 148 -8.81 -1.44 -4.18
N ILE A 149 -7.67 -1.70 -4.82
CA ILE A 149 -6.71 -2.67 -4.30
C ILE A 149 -6.01 -2.10 -3.08
N PHE A 150 -5.70 -0.81 -3.14
CA PHE A 150 -5.02 -0.14 -2.04
C PHE A 150 -5.74 -0.41 -0.72
N ILE A 151 -7.06 -0.32 -0.75
CA ILE A 151 -7.87 -0.54 0.45
C ILE A 151 -7.82 -2.01 0.87
N ALA A 152 -7.89 -2.91 -0.11
CA ALA A 152 -7.86 -4.33 0.20
C ALA A 152 -6.61 -4.69 1.00
N TYR A 153 -5.45 -4.21 0.57
CA TYR A 153 -4.21 -4.52 1.27
C TYR A 153 -4.23 -3.93 2.69
N LEU A 154 -4.65 -2.68 2.80
CA LEU A 154 -4.69 -2.01 4.10
C LEU A 154 -5.64 -2.73 5.05
N ILE A 155 -6.78 -3.17 4.53
CA ILE A 155 -7.77 -3.86 5.35
C ILE A 155 -7.25 -5.23 5.79
N VAL A 156 -6.56 -5.92 4.88
CA VAL A 156 -6.01 -7.24 5.19
C VAL A 156 -5.17 -7.17 6.47
N ALA A 157 -4.36 -6.13 6.59
CA ALA A 157 -3.51 -5.97 7.76
C ALA A 157 -4.36 -5.74 9.01
N VAL A 158 -5.35 -4.86 8.90
CA VAL A 158 -6.22 -4.55 10.03
C VAL A 158 -6.72 -5.83 10.70
N LEU A 159 -7.00 -6.84 9.89
CA LEU A 159 -7.50 -8.11 10.42
C LEU A 159 -6.36 -8.97 10.95
N VAL A 160 -5.19 -8.87 10.31
CA VAL A 160 -4.03 -9.65 10.72
C VAL A 160 -3.41 -9.07 11.99
N VAL A 161 -3.59 -7.77 12.20
CA VAL A 161 -3.05 -7.11 13.38
C VAL A 161 -3.87 -7.46 14.61
N ILE A 162 -5.19 -7.30 14.50
CA ILE A 162 -6.09 -7.60 15.60
C ILE A 162 -6.08 -9.10 15.91
N SER A 163 -5.68 -9.90 14.92
CA SER A 163 -5.64 -11.34 15.11
C SER A 163 -4.79 -11.72 16.32
N GLN A 164 -4.17 -10.71 16.94
CA GLN A 164 -3.34 -10.95 18.11
C GLN A 164 -3.90 -10.23 19.34
N PRO A 165 -3.72 -10.77 20.51
CA PRO A 165 -4.24 -10.16 21.77
C PRO A 165 -3.47 -8.90 22.15
N PHE A 166 -3.37 -7.97 21.19
CA PHE A 166 -2.66 -6.72 21.43
C PHE A 166 -1.37 -6.96 22.22
N LYS A 167 -1.36 -6.52 23.47
CA LYS A 167 -0.18 -6.70 24.31
C LYS A 167 -0.49 -6.34 25.76
N ALA A 168 -0.78 -7.35 26.57
CA ALA A 168 -1.10 -7.13 27.98
C ALA A 168 0.14 -6.69 28.75
N LYS A 169 1.19 -7.51 28.69
CA LYS A 169 2.43 -7.21 29.38
C LYS A 169 3.47 -8.29 29.13
N LYS A 170 3.32 -9.01 28.03
CA LYS A 170 4.24 -10.09 27.69
C LYS A 170 5.48 -9.52 27.01
N ARG A 171 6.47 -9.14 27.81
CA ARG A 171 7.71 -8.58 27.28
C ARG A 171 8.76 -9.68 27.12
N ASP A 172 9.34 -9.76 25.93
CA ASP A 172 10.36 -10.77 25.65
C ASP A 172 11.60 -10.51 26.49
N LEU A 173 12.40 -11.56 26.69
CA LEU A 173 13.62 -11.44 27.48
C LEU A 173 14.59 -10.47 26.82
N PHE A 174 15.83 -10.45 27.31
CA PHE A 174 16.84 -9.56 26.76
C PHE A 174 18.06 -10.35 26.30
N GLY A 175 18.67 -9.91 25.21
CA GLY A 175 19.85 -10.59 24.67
C GLY A 175 21.12 -10.10 25.36
N ARG A 176 22.05 -9.59 24.57
CA ARG A 176 23.31 -9.08 25.12
C ARG A 176 24.00 -10.15 25.96
N GLY A 177 25.24 -9.90 26.34
CA GLY A 177 25.99 -10.84 27.15
C GLY A 177 26.44 -12.04 26.31
N HIS A 178 26.23 -11.95 25.01
CA HIS A 178 26.63 -13.03 24.11
C HIS A 178 25.92 -14.33 24.49
N HIS A 179 24.65 -14.23 24.82
CA HIS A 179 23.87 -15.40 25.21
C HIS A 179 23.86 -16.44 24.09
N HIS A 180 24.12 -17.68 24.46
CA HIS A 180 24.15 -18.76 23.48
C HIS A 180 22.73 -19.27 23.20
N HIS A 181 22.05 -19.68 24.26
CA HIS A 181 20.68 -20.18 24.13
C HIS A 181 20.65 -21.45 23.27
N HIS A 182 19.69 -22.32 23.54
CA HIS A 182 19.56 -23.56 22.77
C HIS A 182 20.89 -24.30 22.74
N HIS A 183 21.34 -24.76 23.90
CA HIS A 183 22.60 -25.49 23.99
C HIS A 183 22.44 -26.90 23.41
C1 UQ2 B . 3.63 4.35 -13.73
C2 UQ2 B . 3.67 4.75 -15.15
C3 UQ2 B . 2.53 4.98 -15.81
C4 UQ2 B . 1.22 4.83 -15.13
C5 UQ2 B . 1.18 4.43 -13.71
C6 UQ2 B . 2.33 4.20 -13.04
CM2 UQ2 B . 5.31 3.56 -16.13
CM3 UQ2 B . 2.79 6.77 -17.14
CM5 UQ2 B . -0.15 4.28 -13.01
C7 UQ2 B . 2.30 3.79 -11.59
C8 UQ2 B . 2.04 2.31 -11.51
C9 UQ2 B . 1.35 1.80 -10.50
C10 UQ2 B . 0.80 2.70 -9.42
C11 UQ2 B . 1.10 0.31 -10.45
C12 UQ2 B . 0.19 -0.11 -11.60
C13 UQ2 B . -1.19 -0.39 -11.07
C14 UQ2 B . -2.18 -0.62 -11.89
C15 UQ2 B . -3.57 -0.89 -11.35
C16 UQ2 B . -1.94 -0.60 -13.38
O1 UQ2 B . 4.66 4.14 -13.13
O2 UQ2 B . 4.87 4.88 -15.78
O3 UQ2 B . 2.57 5.36 -17.12
O4 UQ2 B . 0.19 5.04 -15.73
H2M1 UQ2 B . 6.25 3.63 -16.65
H2M2 UQ2 B . 4.58 3.09 -16.76
H2M3 UQ2 B . 5.45 2.97 -15.23
H3M1 UQ2 B . 2.84 7.11 -18.17
H3M2 UQ2 B . 3.72 7.00 -16.64
H3M3 UQ2 B . 1.97 7.28 -16.65
H5M1 UQ2 B . -0.14 3.38 -12.41
H5M2 UQ2 B . -0.94 4.21 -13.74
H5M3 UQ2 B . -0.32 5.13 -12.37
H71 UQ2 B . 1.51 4.32 -11.09
H72 UQ2 B . 3.25 4.02 -11.13
H8 UQ2 B . 2.42 1.65 -12.27
H101 UQ2 B . 1.54 3.44 -9.16
H102 UQ2 B . 0.55 2.12 -8.55
H103 UQ2 B . -0.09 3.20 -9.77
H111 UQ2 B . 0.63 0.06 -9.51
H112 UQ2 B . 2.05 -0.21 -10.52
H121 UQ2 B . 0.59 -1.01 -12.06
H122 UQ2 B . 0.15 0.67 -12.34
H13 UQ2 B . -1.37 -0.41 -10.00
H151 UQ2 B . -3.48 -1.42 -10.42
H152 UQ2 B . -4.11 -1.49 -12.06
H153 UQ2 B . -4.08 0.04 -11.20
H161 UQ2 B . -1.31 -1.43 -13.66
H162 UQ2 B . -1.47 0.33 -13.66
H163 UQ2 B . -2.89 -0.69 -13.90
N MET A 1 -14.84 -19.59 10.57
CA MET A 1 -13.88 -19.57 9.43
C MET A 1 -12.81 -18.52 9.68
N LEU A 2 -13.02 -17.70 10.70
CA LEU A 2 -12.06 -16.65 11.04
C LEU A 2 -10.75 -17.28 11.53
N ARG A 3 -10.87 -18.36 12.30
CA ARG A 3 -9.68 -19.04 12.82
C ARG A 3 -8.78 -19.49 11.68
N PHE A 4 -9.40 -19.95 10.60
CA PHE A 4 -8.63 -20.41 9.44
C PHE A 4 -7.95 -19.24 8.75
N LEU A 5 -8.72 -18.18 8.51
CA LEU A 5 -8.18 -17.00 7.85
C LEU A 5 -6.84 -16.61 8.46
N ASN A 6 -6.74 -16.72 9.78
CA ASN A 6 -5.50 -16.38 10.48
C ASN A 6 -4.42 -17.41 10.15
N GLN A 7 -4.84 -18.58 9.72
CA GLN A 7 -3.92 -19.64 9.38
C GLN A 7 -3.34 -19.43 7.98
N ALA A 8 -4.23 -19.14 7.03
CA ALA A 8 -3.81 -18.90 5.65
C ALA A 8 -2.87 -17.70 5.57
N SER A 9 -3.17 -16.67 6.36
CA SER A 9 -2.35 -15.47 6.37
C SER A 9 -1.06 -15.69 7.15
N GLN A 10 -1.17 -16.43 8.25
CA GLN A 10 -0.01 -16.72 9.08
C GLN A 10 0.99 -17.58 8.32
N GLY A 11 0.67 -17.87 7.06
CA GLY A 11 1.56 -18.67 6.22
C GLY A 11 2.37 -17.75 5.32
N ARG A 12 3.61 -18.16 5.04
CA ARG A 12 4.48 -17.37 4.19
C ARG A 12 3.97 -17.34 2.75
N GLY A 13 3.63 -18.51 2.22
CA GLY A 13 3.12 -18.61 0.85
C GLY A 13 2.12 -17.49 0.58
N ALA A 14 1.21 -17.29 1.52
CA ALA A 14 0.19 -16.26 1.38
C ALA A 14 0.85 -14.89 1.30
N TRP A 15 1.78 -14.63 2.21
CA TRP A 15 2.49 -13.35 2.22
C TRP A 15 3.21 -13.14 0.89
N LEU A 16 3.80 -14.22 0.37
CA LEU A 16 4.53 -14.15 -0.90
C LEU A 16 3.55 -13.87 -2.04
N LEU A 17 2.32 -14.35 -1.89
CA LEU A 17 1.31 -14.16 -2.92
C LEU A 17 0.87 -12.70 -2.98
N MET A 18 0.87 -12.02 -1.82
CA MET A 18 0.47 -10.63 -1.77
C MET A 18 1.53 -9.75 -2.43
N ALA A 19 2.79 -10.14 -2.30
CA ALA A 19 3.88 -9.38 -2.88
C ALA A 19 3.84 -9.45 -4.40
N PHE A 20 3.76 -10.68 -4.93
CA PHE A 20 3.72 -10.87 -6.37
C PHE A 20 2.58 -10.09 -7.00
N THR A 21 1.48 -9.96 -6.26
CA THR A 21 0.32 -9.22 -6.77
C THR A 21 0.67 -7.75 -6.98
N ALA A 22 1.13 -7.10 -5.93
CA ALA A 22 1.50 -5.69 -6.01
C ALA A 22 2.60 -5.47 -7.04
N LEU A 23 3.36 -6.53 -7.32
CA LEU A 23 4.44 -6.45 -8.29
C LEU A 23 3.91 -6.64 -9.71
N ALA A 24 3.00 -7.60 -9.87
CA ALA A 24 2.41 -7.87 -11.17
C ALA A 24 1.87 -6.59 -11.82
N LEU A 25 1.23 -5.76 -11.01
CA LEU A 25 0.69 -4.50 -11.50
C LEU A 25 1.80 -3.50 -11.82
N GLU A 26 2.86 -3.55 -11.03
CA GLU A 26 3.99 -2.65 -11.23
C GLU A 26 4.62 -2.88 -12.60
N LEU A 27 4.77 -4.15 -12.97
CA LEU A 27 5.37 -4.49 -14.26
C LEU A 27 4.35 -4.27 -15.38
N THR A 28 3.10 -4.64 -15.14
CA THR A 28 2.05 -4.48 -16.13
C THR A 28 1.98 -3.03 -16.61
N ALA A 29 2.02 -2.10 -15.66
CA ALA A 29 1.95 -0.69 -16.00
C ALA A 29 3.26 -0.24 -16.64
N LEU A 30 4.35 -0.87 -16.25
CA LEU A 30 5.67 -0.53 -16.79
C LEU A 30 5.75 -0.84 -18.28
N TRP A 31 4.86 -1.71 -18.76
CA TRP A 31 4.84 -2.08 -20.16
C TRP A 31 3.91 -1.16 -20.95
N PHE A 32 2.75 -0.84 -20.37
CA PHE A 32 1.80 0.04 -21.03
C PHE A 32 2.50 1.32 -21.48
N GLN A 33 3.41 1.80 -20.65
CA GLN A 33 4.16 3.02 -20.98
C GLN A 33 5.15 2.75 -22.10
N HIS A 34 5.77 1.57 -22.06
CA HIS A 34 6.74 1.19 -23.07
C HIS A 34 6.05 0.79 -24.37
N VAL A 35 4.72 0.71 -24.33
CA VAL A 35 3.95 0.34 -25.51
C VAL A 35 3.18 1.54 -26.06
N MET A 36 2.51 2.27 -25.17
CA MET A 36 1.73 3.43 -25.58
C MET A 36 2.52 4.72 -25.38
N LEU A 37 3.81 4.59 -25.10
CA LEU A 37 4.67 5.75 -24.88
C LEU A 37 3.99 6.75 -23.95
N LEU A 38 3.48 6.24 -22.83
CA LEU A 38 2.81 7.09 -21.85
C LEU A 38 3.83 7.72 -20.91
N LYS A 39 3.48 8.89 -20.37
CA LYS A 39 4.37 9.59 -19.45
C LYS A 39 3.71 9.72 -18.08
N PRO A 40 4.43 9.42 -17.02
CA PRO A 40 3.88 9.51 -15.63
C PRO A 40 3.85 10.95 -15.13
N CYS A 41 3.30 11.13 -13.93
CA CYS A 41 3.22 12.47 -13.33
C CYS A 41 3.72 12.45 -11.90
N VAL A 42 3.73 13.61 -11.27
CA VAL A 42 4.20 13.73 -9.89
C VAL A 42 3.37 12.83 -8.98
N LEU A 43 2.06 12.89 -9.14
CA LEU A 43 1.15 12.10 -8.32
C LEU A 43 1.34 10.60 -8.57
N SER A 44 1.36 10.22 -9.84
CA SER A 44 1.53 8.82 -10.22
C SER A 44 2.71 8.21 -9.46
N ILE A 45 3.84 8.90 -9.46
CA ILE A 45 5.02 8.41 -8.78
C ILE A 45 4.74 8.28 -7.28
N TYR A 46 4.04 9.27 -6.74
CA TYR A 46 3.70 9.25 -5.32
C TYR A 46 2.97 7.96 -4.97
N GLU A 47 1.97 7.62 -5.78
CA GLU A 47 1.20 6.41 -5.55
C GLU A 47 2.09 5.18 -5.67
N ARG A 48 3.01 5.21 -6.62
CA ARG A 48 3.92 4.09 -6.83
C ARG A 48 4.81 3.88 -5.60
N ALA A 49 5.20 5.00 -4.97
CA ALA A 49 6.04 4.92 -3.79
C ALA A 49 5.28 4.36 -2.61
N ALA A 50 4.02 4.75 -2.47
CA ALA A 50 3.19 4.28 -1.38
C ALA A 50 3.08 2.76 -1.41
N LEU A 51 2.74 2.22 -2.58
CA LEU A 51 2.62 0.77 -2.73
C LEU A 51 4.00 0.13 -2.74
N PHE A 52 4.89 0.61 -3.61
CA PHE A 52 6.23 0.06 -3.68
C PHE A 52 6.79 -0.12 -2.27
N GLY A 53 6.49 0.84 -1.40
CA GLY A 53 6.94 0.80 -0.02
C GLY A 53 6.30 -0.37 0.71
N VAL A 54 5.00 -0.57 0.48
CA VAL A 54 4.29 -1.66 1.12
C VAL A 54 4.92 -2.98 0.70
N LEU A 55 5.16 -3.12 -0.61
CA LEU A 55 5.77 -4.32 -1.14
C LEU A 55 6.96 -4.72 -0.27
N GLY A 56 7.79 -3.73 0.05
CA GLY A 56 8.97 -3.98 0.89
C GLY A 56 8.52 -4.44 2.28
N ALA A 57 7.34 -4.00 2.68
CA ALA A 57 6.79 -4.36 3.98
C ALA A 57 6.36 -5.82 3.99
N ALA A 58 5.78 -6.26 2.86
CA ALA A 58 5.34 -7.64 2.75
C ALA A 58 6.53 -8.59 2.83
N LEU A 59 7.66 -8.13 2.31
CA LEU A 59 8.88 -8.94 2.34
C LEU A 59 9.46 -8.97 3.75
N ILE A 60 9.20 -7.92 4.51
CA ILE A 60 9.69 -7.84 5.90
C ILE A 60 8.79 -8.62 6.84
N GLY A 61 7.48 -8.52 6.61
CA GLY A 61 6.52 -9.22 7.45
C GLY A 61 6.56 -10.73 7.22
N ALA A 62 7.08 -11.12 6.07
CA ALA A 62 7.18 -12.54 5.72
C ALA A 62 8.35 -13.19 6.45
N ILE A 63 8.97 -12.45 7.37
CA ILE A 63 10.09 -12.98 8.13
C ILE A 63 9.61 -13.79 9.33
N ALA A 64 8.50 -13.35 9.94
CA ALA A 64 7.95 -14.04 11.10
C ALA A 64 6.65 -13.41 11.54
N PRO A 65 5.60 -13.58 10.78
CA PRO A 65 4.26 -13.00 11.11
C PRO A 65 3.59 -13.76 12.25
N LYS A 66 4.36 -14.59 12.94
CA LYS A 66 3.84 -15.37 14.06
C LYS A 66 4.36 -14.80 15.38
N THR A 67 5.28 -13.85 15.27
CA THR A 67 5.86 -13.20 16.45
C THR A 67 5.45 -11.73 16.46
N PRO A 68 5.56 -11.08 17.60
CA PRO A 68 5.21 -9.64 17.74
C PRO A 68 5.65 -8.82 16.53
N LEU A 69 6.52 -9.40 15.71
CA LEU A 69 7.02 -8.73 14.52
C LEU A 69 5.88 -7.99 13.80
N ARG A 70 4.68 -8.57 13.85
CA ARG A 70 3.52 -7.95 13.20
C ARG A 70 3.56 -6.42 13.36
N TYR A 71 3.48 -5.92 14.59
CA TYR A 71 3.52 -4.48 14.79
C TYR A 71 4.71 -3.85 14.08
N VAL A 72 5.81 -4.59 13.97
CA VAL A 72 7.01 -4.05 13.33
C VAL A 72 6.82 -3.86 11.82
N ALA A 73 6.25 -4.84 11.14
CA ALA A 73 6.02 -4.71 9.70
C ALA A 73 4.79 -3.84 9.43
N MET A 74 3.81 -3.94 10.32
CA MET A 74 2.58 -3.16 10.17
C MET A 74 2.86 -1.66 10.23
N VAL A 75 4.06 -1.30 10.70
CA VAL A 75 4.41 0.11 10.80
C VAL A 75 4.31 0.79 9.43
N ILE A 76 4.73 0.05 8.41
CA ILE A 76 4.69 0.55 7.04
C ILE A 76 3.34 0.26 6.41
N TRP A 77 2.71 -0.85 6.83
CA TRP A 77 1.41 -1.22 6.28
C TRP A 77 0.36 -0.20 6.71
N LEU A 78 0.26 0.04 8.01
CA LEU A 78 -0.71 1.00 8.53
C LEU A 78 -0.38 2.41 8.03
N TYR A 79 0.88 2.80 8.13
CA TYR A 79 1.30 4.12 7.68
C TYR A 79 0.65 4.45 6.34
N SER A 80 0.62 3.47 5.44
CA SER A 80 0.02 3.67 4.12
C SER A 80 -1.50 3.60 4.20
N ALA A 81 -2.01 2.93 5.22
CA ALA A 81 -3.45 2.79 5.37
C ALA A 81 -4.14 4.15 5.52
N PHE A 82 -3.76 4.89 6.56
CA PHE A 82 -4.36 6.20 6.81
C PHE A 82 -3.86 7.26 5.81
N ARG A 83 -2.54 7.35 5.64
CA ARG A 83 -1.99 8.36 4.74
C ARG A 83 -2.24 8.02 3.27
N GLY A 84 -2.14 6.74 2.93
CA GLY A 84 -2.38 6.33 1.55
C GLY A 84 -3.80 6.70 1.12
N VAL A 85 -4.78 6.36 1.96
CA VAL A 85 -6.17 6.67 1.63
C VAL A 85 -6.44 8.16 1.79
N GLN A 86 -6.03 8.73 2.91
CA GLN A 86 -6.23 10.16 3.14
C GLN A 86 -5.77 10.94 1.92
N LEU A 87 -4.80 10.38 1.21
CA LEU A 87 -4.27 11.02 0.01
C LEU A 87 -5.27 10.87 -1.15
N THR A 88 -5.85 9.69 -1.28
CA THR A 88 -6.81 9.44 -2.34
C THR A 88 -7.89 10.52 -2.35
N TYR A 89 -8.19 11.06 -1.18
CA TYR A 89 -9.20 12.10 -1.06
C TYR A 89 -8.85 13.30 -1.94
N GLU A 90 -7.63 13.79 -1.81
CA GLU A 90 -7.19 14.95 -2.60
C GLU A 90 -7.25 14.63 -4.09
N HIS A 91 -6.93 13.40 -4.44
CA HIS A 91 -6.95 12.99 -5.85
C HIS A 91 -8.39 12.87 -6.35
N THR A 92 -9.27 12.35 -5.51
CA THR A 92 -10.67 12.18 -5.88
C THR A 92 -11.39 13.53 -5.91
N MET A 93 -11.28 14.28 -4.83
CA MET A 93 -11.93 15.59 -4.73
C MET A 93 -11.56 16.44 -5.95
N LEU A 94 -10.26 16.58 -6.20
CA LEU A 94 -9.80 17.37 -7.32
C LEU A 94 -10.41 16.87 -8.63
N GLN A 95 -10.35 15.56 -8.83
CA GLN A 95 -10.91 14.95 -10.04
C GLN A 95 -12.37 15.35 -10.19
N LEU A 96 -13.07 15.44 -9.06
CA LEU A 96 -14.49 15.81 -9.07
C LEU A 96 -14.64 17.33 -8.92
N TYR A 97 -13.58 17.99 -8.48
CA TYR A 97 -13.62 19.44 -8.30
C TYR A 97 -12.31 20.07 -8.76
N PRO A 98 -12.06 20.05 -10.04
CA PRO A 98 -10.83 20.64 -10.65
C PRO A 98 -10.57 22.05 -10.13
N SER A 99 -9.35 22.54 -10.34
CA SER A 99 -8.99 23.87 -9.89
C SER A 99 -7.61 24.27 -10.42
N PRO A 100 -7.50 24.46 -11.70
CA PRO A 100 -6.21 24.83 -12.36
C PRO A 100 -5.90 26.33 -12.17
N PHE A 101 -4.84 26.62 -11.43
CA PHE A 101 -4.44 28.00 -11.19
C PHE A 101 -2.93 28.09 -10.99
N ALA A 102 -2.18 27.77 -12.04
CA ALA A 102 -0.73 27.83 -11.96
C ALA A 102 -0.22 27.20 -10.66
N THR A 103 1.06 27.35 -10.40
CA THR A 103 1.65 26.82 -9.18
C THR A 103 1.33 25.33 -9.05
N SER A 104 0.96 24.70 -10.17
CA SER A 104 0.62 23.29 -10.16
C SER A 104 1.85 22.45 -9.81
N ASP A 105 3.02 23.06 -9.91
CA ASP A 105 4.27 22.35 -9.60
C ASP A 105 4.38 21.07 -10.42
N PHE A 106 4.11 21.19 -11.72
CA PHE A 106 4.19 20.02 -12.61
C PHE A 106 5.43 19.20 -12.31
N MET A 107 6.49 19.87 -11.87
CA MET A 107 7.73 19.17 -11.55
C MET A 107 7.64 18.52 -10.17
N VAL A 108 8.70 17.83 -9.78
CA VAL A 108 8.74 17.15 -8.48
C VAL A 108 9.94 17.60 -7.67
N ARG A 109 9.70 18.53 -6.74
CA ARG A 109 10.77 19.05 -5.90
C ARG A 109 10.67 18.48 -4.48
N PHE A 110 11.46 17.46 -4.20
CA PHE A 110 11.46 16.83 -2.88
C PHE A 110 12.64 17.34 -2.04
N PRO A 111 12.56 17.20 -0.75
CA PRO A 111 13.65 17.65 0.16
C PRO A 111 15.03 17.33 -0.40
N GLU A 112 16.05 18.02 0.11
CA GLU A 112 17.41 17.80 -0.35
C GLU A 112 18.19 16.94 0.64
N TRP A 113 17.48 16.21 1.49
CA TRP A 113 18.12 15.36 2.48
C TRP A 113 17.69 13.90 2.31
N LEU A 114 16.99 13.62 1.21
CA LEU A 114 16.52 12.25 0.93
C LEU A 114 17.06 11.77 -0.40
N PRO A 115 18.29 11.31 -0.42
CA PRO A 115 18.94 10.81 -1.68
C PRO A 115 18.09 9.77 -2.39
N LEU A 116 16.92 9.47 -1.84
CA LEU A 116 16.02 8.49 -2.43
C LEU A 116 15.61 8.93 -3.82
N ASP A 117 15.51 10.24 -4.02
CA ASP A 117 15.12 10.80 -5.31
C ASP A 117 16.35 11.21 -6.10
N LYS A 118 17.33 11.81 -5.42
CA LYS A 118 18.55 12.26 -6.08
C LYS A 118 19.42 11.06 -6.46
N TRP A 119 19.57 10.12 -5.54
CA TRP A 119 20.37 8.94 -5.80
C TRP A 119 19.64 7.98 -6.73
N VAL A 120 18.33 8.18 -6.86
CA VAL A 120 17.53 7.32 -7.73
C VAL A 120 16.49 8.14 -8.49
N PRO A 121 16.91 8.91 -9.45
CA PRO A 121 15.99 9.75 -10.26
C PRO A 121 15.27 8.94 -11.33
N GLN A 122 15.81 7.76 -11.63
CA GLN A 122 15.23 6.89 -12.64
C GLN A 122 13.74 6.69 -12.39
N VAL A 123 13.39 6.30 -11.16
CA VAL A 123 12.00 6.09 -10.79
C VAL A 123 11.54 7.12 -9.78
N PHE A 124 11.72 8.39 -10.13
CA PHE A 124 11.32 9.49 -9.24
C PHE A 124 11.03 10.74 -10.05
N VAL A 125 11.87 11.00 -11.06
CA VAL A 125 11.69 12.19 -11.89
C VAL A 125 10.30 12.19 -12.53
N ALA A 126 9.61 13.32 -12.42
CA ALA A 126 8.27 13.45 -12.99
C ALA A 126 8.33 14.06 -14.39
N SER A 127 7.37 13.69 -15.23
CA SER A 127 7.32 14.20 -16.59
C SER A 127 5.92 14.01 -17.18
N GLY A 128 5.12 15.07 -17.17
CA GLY A 128 3.77 15.00 -17.70
C GLY A 128 2.79 15.74 -16.80
N ASP A 129 1.51 15.70 -17.16
CA ASP A 129 0.47 16.37 -16.37
C ASP A 129 -0.11 15.41 -15.33
N CYS A 130 -0.68 15.96 -14.26
CA CYS A 130 -1.26 15.14 -13.20
C CYS A 130 -2.78 15.12 -13.30
N ALA A 131 -3.35 13.91 -13.24
CA ALA A 131 -4.80 13.71 -13.30
C ALA A 131 -5.24 13.36 -14.72
N GLU A 132 -4.31 13.38 -15.67
CA GLU A 132 -4.63 13.05 -17.05
C GLU A 132 -4.93 11.56 -17.16
N ARG A 133 -5.77 11.20 -18.14
CA ARG A 133 -6.12 9.79 -18.34
C ARG A 133 -5.15 9.12 -19.31
N GLN A 134 -4.92 7.84 -19.10
CA GLN A 134 -4.00 7.07 -19.95
C GLN A 134 -4.64 5.74 -20.34
N TRP A 135 -5.46 5.20 -19.46
CA TRP A 135 -6.12 3.93 -19.72
C TRP A 135 -7.10 3.58 -18.61
N ASP A 136 -8.24 2.98 -18.98
CA ASP A 136 -9.26 2.62 -18.00
C ASP A 136 -9.75 1.19 -18.17
N PHE A 137 -10.42 0.68 -17.15
CA PHE A 137 -10.97 -0.67 -17.17
C PHE A 137 -12.30 -0.68 -16.42
N LEU A 138 -13.38 -1.01 -17.12
CA LEU A 138 -14.70 -1.01 -16.52
C LEU A 138 -15.21 0.42 -16.45
N GLY A 139 -14.57 1.30 -17.21
CA GLY A 139 -14.97 2.70 -17.24
C GLY A 139 -14.30 3.46 -16.09
N LEU A 140 -13.33 2.83 -15.42
CA LEU A 140 -12.63 3.46 -14.31
C LEU A 140 -11.13 3.56 -14.62
N GLU A 141 -10.54 4.70 -14.28
CA GLU A 141 -9.12 4.92 -14.53
C GLU A 141 -8.28 4.03 -13.62
N MET A 142 -7.07 3.71 -14.07
CA MET A 142 -6.17 2.86 -13.28
C MET A 142 -5.95 3.45 -11.89
N PRO A 143 -5.62 4.72 -11.80
CA PRO A 143 -5.38 5.40 -10.50
C PRO A 143 -6.50 5.13 -9.51
N GLN A 144 -7.74 5.11 -10.00
CA GLN A 144 -8.89 4.84 -9.15
C GLN A 144 -8.89 3.39 -8.70
N TRP A 145 -8.57 2.50 -9.63
CA TRP A 145 -8.53 1.08 -9.34
C TRP A 145 -7.49 0.81 -8.24
N LEU A 146 -6.26 1.23 -8.49
CA LEU A 146 -5.19 1.03 -7.52
C LEU A 146 -5.69 1.36 -6.11
N LEU A 147 -6.44 2.45 -5.97
CA LEU A 147 -6.98 2.82 -4.66
C LEU A 147 -7.80 1.65 -4.12
N GLY A 148 -8.48 0.97 -5.04
CA GLY A 148 -9.30 -0.17 -4.67
C GLY A 148 -8.46 -1.26 -4.00
N ILE A 149 -7.29 -1.53 -4.58
CA ILE A 149 -6.39 -2.54 -4.03
C ILE A 149 -5.80 -2.05 -2.71
N PHE A 150 -5.64 -0.75 -2.57
CA PHE A 150 -5.08 -0.18 -1.35
C PHE A 150 -6.02 -0.45 -0.18
N ILE A 151 -7.31 -0.23 -0.40
CA ILE A 151 -8.31 -0.44 0.64
C ILE A 151 -8.28 -1.88 1.12
N ALA A 152 -8.12 -2.81 0.19
CA ALA A 152 -8.08 -4.23 0.55
C ALA A 152 -6.80 -4.57 1.31
N TYR A 153 -5.67 -4.11 0.80
CA TYR A 153 -4.38 -4.38 1.43
C TYR A 153 -4.37 -4.00 2.93
N LEU A 154 -4.94 -2.85 3.25
CA LEU A 154 -4.97 -2.40 4.64
C LEU A 154 -5.99 -3.18 5.46
N ILE A 155 -7.05 -3.63 4.81
CA ILE A 155 -8.10 -4.37 5.49
C ILE A 155 -7.62 -5.76 5.91
N VAL A 156 -6.72 -6.35 5.13
CA VAL A 156 -6.20 -7.67 5.44
C VAL A 156 -5.17 -7.61 6.56
N ALA A 157 -4.33 -6.57 6.53
CA ALA A 157 -3.31 -6.42 7.55
C ALA A 157 -3.95 -6.23 8.94
N VAL A 158 -4.82 -5.24 9.04
CA VAL A 158 -5.49 -4.96 10.30
C VAL A 158 -6.20 -6.20 10.84
N LEU A 159 -6.92 -6.89 9.96
CA LEU A 159 -7.65 -8.09 10.36
C LEU A 159 -6.69 -9.17 10.84
N VAL A 160 -5.53 -9.27 10.18
CA VAL A 160 -4.54 -10.27 10.55
C VAL A 160 -3.88 -9.91 11.87
N VAL A 161 -3.78 -8.61 12.14
CA VAL A 161 -3.17 -8.13 13.38
C VAL A 161 -4.07 -8.46 14.56
N ILE A 162 -5.34 -8.10 14.44
CA ILE A 162 -6.31 -8.36 15.51
C ILE A 162 -6.38 -9.85 15.81
N SER A 163 -6.15 -10.67 14.79
CA SER A 163 -6.19 -12.12 14.97
C SER A 163 -5.28 -12.54 16.12
N GLN A 164 -4.35 -11.66 16.48
CA GLN A 164 -3.42 -11.94 17.58
C GLN A 164 -3.82 -11.16 18.83
N PRO A 165 -4.29 -11.84 19.85
CA PRO A 165 -4.71 -11.18 21.13
C PRO A 165 -3.71 -10.10 21.56
N PHE A 166 -3.87 -8.89 21.04
CA PHE A 166 -2.98 -7.79 21.37
C PHE A 166 -2.71 -7.75 22.88
N LYS A 167 -1.66 -7.03 23.26
CA LYS A 167 -1.30 -6.90 24.66
C LYS A 167 -2.54 -6.67 25.52
N ALA A 168 -2.72 -7.53 26.52
CA ALA A 168 -3.88 -7.42 27.41
C ALA A 168 -3.42 -7.26 28.86
N LYS A 169 -2.50 -8.12 29.28
CA LYS A 169 -1.99 -8.07 30.65
C LYS A 169 -0.83 -7.07 30.76
N LYS A 170 -1.13 -5.89 31.30
CA LYS A 170 -0.11 -4.87 31.47
C LYS A 170 0.45 -4.89 32.88
N ARG A 171 1.58 -4.21 33.07
CA ARG A 171 2.22 -4.16 34.38
C ARG A 171 2.49 -5.57 34.90
N ASP A 172 1.46 -6.19 35.47
CA ASP A 172 1.60 -7.54 36.00
C ASP A 172 2.59 -7.57 37.16
N LEU A 173 2.14 -8.08 38.31
CA LEU A 173 2.99 -8.15 39.49
C LEU A 173 3.87 -9.40 39.43
N PHE A 174 4.42 -9.77 40.59
CA PHE A 174 5.27 -10.96 40.66
C PHE A 174 5.10 -11.65 42.01
N GLY A 175 5.58 -12.89 42.10
CA GLY A 175 5.47 -13.66 43.34
C GLY A 175 6.55 -13.24 44.34
N ARG A 176 7.78 -13.66 44.09
CA ARG A 176 8.90 -13.34 44.97
C ARG A 176 10.22 -13.37 44.21
N GLY A 177 10.30 -14.27 43.24
CA GLY A 177 11.52 -14.38 42.45
C GLY A 177 11.24 -15.10 41.12
N HIS A 178 9.97 -15.15 40.75
CA HIS A 178 9.58 -15.80 39.51
C HIS A 178 10.08 -15.00 38.30
N HIS A 179 9.59 -13.78 38.18
CA HIS A 179 9.98 -12.92 37.07
C HIS A 179 9.93 -13.70 35.76
N HIS A 180 9.16 -14.79 35.75
CA HIS A 180 9.04 -15.62 34.56
C HIS A 180 8.92 -14.76 33.31
N HIS A 181 9.83 -14.98 32.36
CA HIS A 181 9.83 -14.22 31.11
C HIS A 181 9.42 -15.12 29.95
N HIS A 182 9.45 -16.43 30.17
CA HIS A 182 9.07 -17.39 29.14
C HIS A 182 10.07 -17.33 27.98
N HIS A 183 9.55 -17.52 26.76
CA HIS A 183 10.40 -17.48 25.58
C HIS A 183 10.68 -16.05 25.15
C1 UQ2 B . 3.72 4.29 -14.00
C2 UQ2 B . 3.65 4.68 -15.42
C3 UQ2 B . 2.46 4.99 -15.97
C4 UQ2 B . 1.23 4.96 -15.16
C5 UQ2 B . 1.30 4.58 -13.73
C6 UQ2 B . 2.49 4.25 -13.18
CM2 UQ2 B . 5.19 3.34 -16.38
CM3 UQ2 B . 2.60 6.77 -17.36
CM5 UQ2 B . 0.04 4.55 -12.91
C7 UQ2 B . 2.57 3.87 -11.73
C8 UQ2 B . 2.19 2.41 -11.57
C9 UQ2 B . 1.56 1.99 -10.50
C10 UQ2 B . 1.21 2.96 -9.39
C11 UQ2 B . 1.18 0.53 -10.37
C12 UQ2 B . 0.24 0.12 -11.50
C13 UQ2 B . -1.15 -0.05 -10.94
C14 UQ2 B . -2.06 -0.71 -11.63
C15 UQ2 B . -3.45 -0.88 -11.06
C16 UQ2 B . -1.72 -1.30 -12.97
O1 UQ2 B . 4.79 4.00 -13.51
O2 UQ2 B . 4.78 4.70 -16.18
O3 UQ2 B . 2.40 5.35 -17.29
O4 UQ2 B . 0.16 5.25 -15.66
H2M1 UQ2 B . 4.42 2.80 -16.89
H2M2 UQ2 B . 5.39 2.88 -15.42
H2M3 UQ2 B . 6.09 3.33 -16.97
H3M1 UQ2 B . 2.56 7.09 -18.38
H3M2 UQ2 B . 3.57 7.01 -16.94
H3M3 UQ2 B . 1.83 7.28 -16.81
H5M1 UQ2 B . 0.02 3.64 -12.31
H5M2 UQ2 B . -0.81 4.57 -13.56
H5M3 UQ2 B . 0.03 5.41 -12.25
H71 UQ2 B . 1.90 4.49 -11.16
H72 UQ2 B . 3.59 4.02 -11.37
H8 UQ2 B . 2.43 1.71 -12.36
H101 UQ2 B . 0.38 3.57 -9.71
H102 UQ2 B . 2.06 3.59 -9.18
H103 UQ2 B . 0.93 2.42 -8.51
H111 UQ2 B . 0.70 0.37 -9.42
H112 UQ2 B . 2.09 -0.07 -10.42
H121 UQ2 B . 0.57 -0.81 -11.93
H122 UQ2 B . 0.23 0.89 -12.27
H13 UQ2 B . -1.40 0.37 -9.98
H151 UQ2 B . -3.40 -0.86 -9.98
H152 UQ2 B . -3.86 -1.82 -11.39
H153 UQ2 B . -4.07 -0.07 -11.40
H161 UQ2 B . -0.86 -1.95 -12.87
H162 UQ2 B . -1.50 -0.51 -13.67
H163 UQ2 B . -2.56 -1.88 -13.33
N MET A 1 -15.17 -19.10 9.35
CA MET A 1 -13.78 -19.64 9.34
C MET A 1 -12.80 -18.50 9.65
N LEU A 2 -12.99 -17.87 10.80
CA LEU A 2 -12.11 -16.77 11.20
C LEU A 2 -10.78 -17.31 11.71
N ARG A 3 -10.85 -18.32 12.58
CA ARG A 3 -9.64 -18.92 13.13
C ARG A 3 -8.75 -19.42 12.01
N PHE A 4 -9.36 -19.99 10.97
CA PHE A 4 -8.60 -20.50 9.84
C PHE A 4 -7.92 -19.35 9.10
N LEU A 5 -8.67 -18.29 8.83
CA LEU A 5 -8.12 -17.13 8.14
C LEU A 5 -6.78 -16.74 8.73
N ASN A 6 -6.67 -16.84 10.04
CA ASN A 6 -5.42 -16.50 10.73
C ASN A 6 -4.33 -17.50 10.37
N GLN A 7 -4.75 -18.67 9.91
CA GLN A 7 -3.81 -19.72 9.55
C GLN A 7 -3.29 -19.48 8.13
N ALA A 8 -4.18 -19.18 7.21
CA ALA A 8 -3.80 -18.93 5.82
C ALA A 8 -2.83 -17.76 5.74
N SER A 9 -3.07 -16.74 6.53
CA SER A 9 -2.21 -15.56 6.54
C SER A 9 -0.92 -15.84 7.30
N GLN A 10 -1.01 -16.65 8.34
CA GLN A 10 0.15 -17.00 9.15
C GLN A 10 1.12 -17.86 8.35
N GLY A 11 0.78 -18.09 7.08
CA GLY A 11 1.64 -18.88 6.20
C GLY A 11 2.49 -17.95 5.34
N ARG A 12 3.70 -18.39 5.02
CA ARG A 12 4.61 -17.59 4.21
C ARG A 12 4.12 -17.51 2.77
N GLY A 13 3.78 -18.67 2.20
CA GLY A 13 3.30 -18.73 0.83
C GLY A 13 2.30 -17.60 0.56
N ALA A 14 1.37 -17.42 1.50
CA ALA A 14 0.37 -16.38 1.36
C ALA A 14 1.03 -15.01 1.36
N TRP A 15 1.93 -14.78 2.30
CA TRP A 15 2.63 -13.51 2.39
C TRP A 15 3.34 -13.20 1.06
N LEU A 16 4.07 -14.20 0.56
CA LEU A 16 4.78 -14.03 -0.70
C LEU A 16 3.78 -13.73 -1.82
N LEU A 17 2.55 -14.21 -1.65
CA LEU A 17 1.51 -14.01 -2.65
C LEU A 17 1.08 -12.55 -2.68
N MET A 18 1.20 -11.87 -1.55
CA MET A 18 0.82 -10.46 -1.46
C MET A 18 1.88 -9.59 -2.13
N ALA A 19 3.14 -10.00 -2.01
CA ALA A 19 4.23 -9.24 -2.60
C ALA A 19 4.18 -9.30 -4.12
N PHE A 20 4.11 -10.51 -4.67
CA PHE A 20 4.05 -10.66 -6.12
C PHE A 20 2.90 -9.86 -6.71
N THR A 21 1.72 -10.01 -6.12
CA THR A 21 0.54 -9.28 -6.59
C THR A 21 0.88 -7.81 -6.83
N ALA A 22 1.35 -7.14 -5.78
CA ALA A 22 1.69 -5.72 -5.88
C ALA A 22 2.66 -5.49 -7.03
N LEU A 23 3.47 -6.50 -7.34
CA LEU A 23 4.44 -6.38 -8.44
C LEU A 23 3.75 -6.55 -9.78
N ALA A 24 2.80 -7.48 -9.85
CA ALA A 24 2.08 -7.73 -11.10
C ALA A 24 1.46 -6.45 -11.63
N LEU A 25 1.03 -5.58 -10.72
CA LEU A 25 0.41 -4.32 -11.11
C LEU A 25 1.46 -3.34 -11.62
N GLU A 26 2.63 -3.35 -10.97
CA GLU A 26 3.72 -2.45 -11.35
C GLU A 26 4.29 -2.84 -12.72
N LEU A 27 4.61 -4.11 -12.89
CA LEU A 27 5.17 -4.60 -14.14
C LEU A 27 4.21 -4.31 -15.30
N THR A 28 2.93 -4.57 -15.08
CA THR A 28 1.92 -4.35 -16.11
C THR A 28 1.91 -2.90 -16.55
N ALA A 29 1.97 -1.99 -15.57
CA ALA A 29 1.96 -0.56 -15.88
C ALA A 29 3.29 -0.13 -16.47
N LEU A 30 4.37 -0.81 -16.09
CA LEU A 30 5.69 -0.48 -16.59
C LEU A 30 5.81 -0.79 -18.08
N TRP A 31 4.94 -1.68 -18.58
CA TRP A 31 4.96 -2.05 -19.98
C TRP A 31 4.09 -1.08 -20.79
N PHE A 32 2.93 -0.75 -20.25
CA PHE A 32 2.03 0.16 -20.94
C PHE A 32 2.77 1.43 -21.34
N GLN A 33 3.64 1.91 -20.46
CA GLN A 33 4.40 3.12 -20.74
C GLN A 33 5.46 2.86 -21.81
N HIS A 34 6.06 1.67 -21.76
CA HIS A 34 7.09 1.32 -22.73
C HIS A 34 6.49 0.97 -24.09
N VAL A 35 5.16 0.84 -24.13
CA VAL A 35 4.47 0.51 -25.38
C VAL A 35 3.67 1.71 -25.90
N MET A 36 2.91 2.34 -25.01
CA MET A 36 2.10 3.49 -25.39
C MET A 36 2.84 4.80 -25.11
N LEU A 37 4.14 4.69 -24.82
CA LEU A 37 4.95 5.87 -24.54
C LEU A 37 4.22 6.83 -23.61
N LEU A 38 3.59 6.27 -22.57
CA LEU A 38 2.86 7.10 -21.61
C LEU A 38 3.83 7.84 -20.70
N LYS A 39 3.44 9.03 -20.26
CA LYS A 39 4.28 9.84 -19.38
C LYS A 39 3.66 9.90 -17.98
N PRO A 40 4.45 9.63 -16.95
CA PRO A 40 3.95 9.66 -15.54
C PRO A 40 3.79 11.09 -15.02
N CYS A 41 3.24 11.22 -13.82
CA CYS A 41 3.04 12.54 -13.22
C CYS A 41 3.55 12.55 -11.78
N VAL A 42 3.40 13.70 -11.12
CA VAL A 42 3.85 13.84 -9.74
C VAL A 42 3.04 12.94 -8.81
N LEU A 43 1.72 12.95 -8.99
CA LEU A 43 0.83 12.16 -8.14
C LEU A 43 0.87 10.68 -8.50
N SER A 44 0.87 10.39 -9.80
CA SER A 44 0.89 9.01 -10.28
C SER A 44 2.13 8.28 -9.76
N ILE A 45 3.30 8.88 -9.98
CA ILE A 45 4.54 8.27 -9.53
C ILE A 45 4.58 8.20 -8.01
N TYR A 46 4.01 9.22 -7.36
CA TYR A 46 3.97 9.24 -5.91
C TYR A 46 3.24 8.01 -5.39
N GLU A 47 2.10 7.71 -6.00
CA GLU A 47 1.30 6.55 -5.59
C GLU A 47 2.15 5.29 -5.70
N ARG A 48 3.00 5.22 -6.71
CA ARG A 48 3.85 4.05 -6.91
C ARG A 48 4.78 3.87 -5.70
N ALA A 49 5.20 5.00 -5.12
CA ALA A 49 6.08 4.94 -3.96
C ALA A 49 5.34 4.40 -2.74
N ALA A 50 4.09 4.80 -2.59
CA ALA A 50 3.28 4.34 -1.46
C ALA A 50 3.26 2.82 -1.41
N LEU A 51 2.96 2.20 -2.56
CA LEU A 51 2.92 0.74 -2.63
C LEU A 51 4.33 0.17 -2.57
N PHE A 52 5.25 0.75 -3.32
CA PHE A 52 6.63 0.28 -3.30
C PHE A 52 7.08 0.07 -1.85
N GLY A 53 6.68 1.01 -1.00
CA GLY A 53 7.04 0.94 0.42
C GLY A 53 6.36 -0.24 1.10
N VAL A 54 5.06 -0.41 0.83
CA VAL A 54 4.32 -1.51 1.43
C VAL A 54 4.91 -2.85 0.97
N LEU A 55 5.13 -2.97 -0.34
CA LEU A 55 5.70 -4.18 -0.89
C LEU A 55 6.88 -4.63 -0.04
N GLY A 56 7.73 -3.68 0.32
CA GLY A 56 8.89 -3.99 1.15
C GLY A 56 8.45 -4.46 2.53
N ALA A 57 7.30 -3.96 2.96
CA ALA A 57 6.76 -4.33 4.27
C ALA A 57 6.41 -5.82 4.31
N ALA A 58 5.89 -6.32 3.21
CA ALA A 58 5.52 -7.74 3.13
C ALA A 58 6.75 -8.62 3.02
N LEU A 59 7.82 -8.07 2.45
CA LEU A 59 9.05 -8.83 2.28
C LEU A 59 9.72 -9.08 3.63
N ILE A 60 9.69 -8.07 4.50
CA ILE A 60 10.30 -8.18 5.82
C ILE A 60 9.35 -8.89 6.78
N GLY A 61 8.06 -8.69 6.59
CA GLY A 61 7.06 -9.31 7.45
C GLY A 61 7.01 -10.82 7.23
N ALA A 62 7.27 -11.24 6.00
CA ALA A 62 7.24 -12.66 5.67
C ALA A 62 8.41 -13.41 6.30
N ILE A 63 9.16 -12.73 7.16
CA ILE A 63 10.31 -13.35 7.82
C ILE A 63 9.84 -14.13 9.06
N ALA A 64 8.73 -13.70 9.66
CA ALA A 64 8.20 -14.36 10.85
C ALA A 64 6.98 -13.64 11.38
N PRO A 65 5.87 -13.72 10.67
CA PRO A 65 4.60 -13.06 11.08
C PRO A 65 4.00 -13.69 12.34
N LYS A 66 4.83 -14.44 13.07
CA LYS A 66 4.38 -15.10 14.29
C LYS A 66 5.05 -14.48 15.51
N THR A 67 5.95 -13.54 15.26
CA THR A 67 6.68 -12.86 16.33
C THR A 67 6.25 -11.39 16.38
N PRO A 68 6.48 -10.74 17.49
CA PRO A 68 6.11 -9.31 17.65
C PRO A 68 6.34 -8.50 16.37
N LEU A 69 7.13 -9.08 15.47
CA LEU A 69 7.43 -8.42 14.19
C LEU A 69 6.17 -7.79 13.61
N ARG A 70 5.02 -8.43 13.82
CA ARG A 70 3.75 -7.91 13.30
C ARG A 70 3.71 -6.39 13.44
N TYR A 71 3.67 -5.85 14.65
CA TYR A 71 3.62 -4.41 14.82
C TYR A 71 4.78 -3.75 14.07
N VAL A 72 5.91 -4.43 14.00
CA VAL A 72 7.08 -3.86 13.32
C VAL A 72 6.83 -3.69 11.83
N ALA A 73 6.48 -4.77 11.13
CA ALA A 73 6.21 -4.67 9.70
C ALA A 73 4.91 -3.89 9.45
N MET A 74 3.91 -4.16 10.27
CA MET A 74 2.63 -3.48 10.14
C MET A 74 2.80 -1.98 10.34
N VAL A 75 3.98 -1.58 10.83
CA VAL A 75 4.25 -0.17 11.06
C VAL A 75 4.24 0.59 9.74
N ILE A 76 4.63 -0.12 8.68
CA ILE A 76 4.65 0.46 7.34
C ILE A 76 3.30 0.22 6.66
N TRP A 77 2.66 -0.89 7.01
CA TRP A 77 1.36 -1.22 6.45
C TRP A 77 0.33 -0.18 6.88
N LEU A 78 0.28 0.08 8.18
CA LEU A 78 -0.66 1.05 8.74
C LEU A 78 -0.29 2.46 8.27
N TYR A 79 1.00 2.78 8.32
CA TYR A 79 1.47 4.10 7.92
C TYR A 79 0.86 4.49 6.57
N SER A 80 0.86 3.56 5.63
CA SER A 80 0.30 3.81 4.30
C SER A 80 -1.22 3.73 4.34
N ALA A 81 -1.76 3.04 5.32
CA ALA A 81 -3.22 2.90 5.42
C ALA A 81 -3.89 4.26 5.56
N PHE A 82 -3.53 4.99 6.61
CA PHE A 82 -4.12 6.31 6.84
C PHE A 82 -3.56 7.35 5.87
N ARG A 83 -2.23 7.44 5.82
CA ARG A 83 -1.58 8.42 4.95
C ARG A 83 -1.79 8.11 3.47
N GLY A 84 -1.62 6.86 3.08
CA GLY A 84 -1.81 6.49 1.68
C GLY A 84 -3.23 6.83 1.22
N VAL A 85 -4.21 6.46 2.03
CA VAL A 85 -5.61 6.72 1.68
C VAL A 85 -5.91 8.22 1.76
N GLN A 86 -5.49 8.84 2.85
CA GLN A 86 -5.73 10.27 3.03
C GLN A 86 -5.22 11.04 1.82
N LEU A 87 -4.30 10.43 1.08
CA LEU A 87 -3.74 11.06 -0.11
C LEU A 87 -4.58 10.73 -1.35
N THR A 88 -5.02 9.48 -1.44
CA THR A 88 -5.83 9.06 -2.57
C THR A 88 -7.03 9.99 -2.76
N TYR A 89 -7.45 10.63 -1.67
CA TYR A 89 -8.58 11.54 -1.73
C TYR A 89 -8.22 12.80 -2.52
N GLU A 90 -7.03 13.34 -2.25
CA GLU A 90 -6.58 14.54 -2.94
C GLU A 90 -6.59 14.30 -4.46
N HIS A 91 -6.05 13.17 -4.88
CA HIS A 91 -6.00 12.84 -6.30
C HIS A 91 -7.41 12.75 -6.87
N THR A 92 -8.27 11.99 -6.20
CA THR A 92 -9.64 11.82 -6.65
C THR A 92 -10.35 13.18 -6.71
N MET A 93 -10.26 13.93 -5.62
CA MET A 93 -10.89 15.24 -5.55
C MET A 93 -10.45 16.11 -6.73
N LEU A 94 -9.15 16.17 -6.95
CA LEU A 94 -8.60 16.97 -8.05
C LEU A 94 -9.18 16.49 -9.38
N GLN A 95 -9.16 15.18 -9.60
CA GLN A 95 -9.68 14.62 -10.83
C GLN A 95 -11.09 15.16 -11.11
N LEU A 96 -11.90 15.25 -10.06
CA LEU A 96 -13.26 15.77 -10.20
C LEU A 96 -13.31 17.25 -9.85
N TYR A 97 -12.19 17.78 -9.35
CA TYR A 97 -12.11 19.18 -8.96
C TYR A 97 -10.94 19.87 -9.66
N PRO A 98 -11.11 20.26 -10.90
CA PRO A 98 -10.03 20.94 -11.68
C PRO A 98 -9.88 22.41 -11.29
N SER A 99 -9.30 23.20 -12.19
CA SER A 99 -9.09 24.62 -11.93
C SER A 99 -7.83 24.84 -11.10
N PRO A 100 -6.69 24.54 -11.68
CA PRO A 100 -5.38 24.70 -10.98
C PRO A 100 -5.27 26.03 -10.25
N PHE A 101 -4.38 26.09 -9.26
CA PHE A 101 -4.18 27.31 -8.49
C PHE A 101 -2.88 27.23 -7.69
N ALA A 102 -2.46 26.01 -7.39
CA ALA A 102 -1.23 25.80 -6.62
C ALA A 102 -0.29 24.87 -7.37
N THR A 103 -0.85 24.10 -8.31
CA THR A 103 -0.05 23.17 -9.10
C THR A 103 0.66 23.90 -10.24
N SER A 104 1.57 24.81 -9.88
CA SER A 104 2.31 25.57 -10.87
C SER A 104 3.42 24.73 -11.48
N ASP A 105 3.41 24.58 -12.80
CA ASP A 105 4.42 23.79 -13.49
C ASP A 105 4.55 22.40 -12.85
N PHE A 106 3.82 21.44 -13.41
CA PHE A 106 3.87 20.08 -12.89
C PHE A 106 5.31 19.62 -12.71
N MET A 107 5.75 19.54 -11.45
CA MET A 107 7.12 19.12 -11.16
C MET A 107 7.24 18.62 -9.72
N VAL A 108 7.75 17.40 -9.56
CA VAL A 108 7.90 16.83 -8.23
C VAL A 108 9.03 17.54 -7.47
N ARG A 109 8.84 17.72 -6.18
CA ARG A 109 9.82 18.39 -5.35
C ARG A 109 9.78 17.86 -3.92
N PHE A 110 10.70 16.97 -3.60
CA PHE A 110 10.76 16.38 -2.26
C PHE A 110 12.06 16.78 -1.56
N PRO A 111 12.05 16.90 -0.26
CA PRO A 111 13.25 17.29 0.53
C PRO A 111 14.52 16.63 -0.01
N GLU A 112 15.56 17.43 -0.22
CA GLU A 112 16.82 16.91 -0.72
C GLU A 112 17.53 16.10 0.36
N TRP A 113 16.90 16.01 1.53
CA TRP A 113 17.47 15.26 2.64
C TRP A 113 17.11 13.79 2.53
N LEU A 114 16.38 13.43 1.47
CA LEU A 114 15.98 12.04 1.24
C LEU A 114 16.58 11.54 -0.07
N PRO A 115 17.80 11.09 -0.04
CA PRO A 115 18.50 10.56 -1.26
C PRO A 115 17.67 9.52 -2.01
N LEU A 116 16.47 9.23 -1.49
CA LEU A 116 15.60 8.26 -2.12
C LEU A 116 15.21 8.72 -3.52
N ASP A 117 15.13 10.04 -3.70
CA ASP A 117 14.78 10.62 -4.99
C ASP A 117 16.03 11.02 -5.76
N LYS A 118 17.00 11.57 -5.05
CA LYS A 118 18.25 12.00 -5.69
C LYS A 118 19.11 10.80 -6.07
N TRP A 119 19.24 9.85 -5.14
CA TRP A 119 20.02 8.66 -5.39
C TRP A 119 19.29 7.72 -6.34
N VAL A 120 17.98 7.93 -6.48
CA VAL A 120 17.17 7.10 -7.37
C VAL A 120 16.13 7.94 -8.09
N PRO A 121 16.55 8.74 -9.03
CA PRO A 121 15.63 9.61 -9.82
C PRO A 121 14.90 8.83 -10.91
N GLN A 122 15.43 7.65 -11.23
CA GLN A 122 14.84 6.81 -12.26
C GLN A 122 13.36 6.54 -11.96
N VAL A 123 13.09 6.07 -10.75
CA VAL A 123 11.71 5.78 -10.36
C VAL A 123 11.20 6.82 -9.36
N PHE A 124 11.28 8.08 -9.74
CA PHE A 124 10.83 9.17 -8.86
C PHE A 124 10.53 10.42 -9.68
N VAL A 125 11.37 10.70 -10.67
CA VAL A 125 11.17 11.88 -11.52
C VAL A 125 9.84 11.80 -12.26
N ALA A 126 9.08 12.89 -12.21
CA ALA A 126 7.77 12.94 -12.87
C ALA A 126 7.88 13.66 -14.21
N SER A 127 6.93 13.40 -15.09
CA SER A 127 6.92 14.03 -16.41
C SER A 127 5.55 13.86 -17.07
N GLY A 128 4.72 14.90 -17.01
CA GLY A 128 3.39 14.85 -17.60
C GLY A 128 2.36 15.56 -16.73
N ASP A 129 1.11 15.52 -17.15
CA ASP A 129 0.03 16.15 -16.39
C ASP A 129 -0.47 15.21 -15.31
N CYS A 130 -1.07 15.79 -14.27
CA CYS A 130 -1.60 15.00 -13.16
C CYS A 130 -3.12 14.92 -13.22
N ALA A 131 -3.63 13.69 -13.11
CA ALA A 131 -5.08 13.45 -13.15
C ALA A 131 -5.56 13.21 -14.57
N GLU A 132 -4.66 13.36 -15.54
CA GLU A 132 -5.01 13.13 -16.94
C GLU A 132 -5.30 11.64 -17.16
N ARG A 133 -6.15 11.36 -18.14
CA ARG A 133 -6.50 9.97 -18.44
C ARG A 133 -5.59 9.39 -19.50
N GLN A 134 -5.14 8.16 -19.27
CA GLN A 134 -4.25 7.47 -20.21
C GLN A 134 -4.81 6.10 -20.58
N TRP A 135 -5.65 5.55 -19.70
CA TRP A 135 -6.26 4.25 -19.95
C TRP A 135 -7.22 3.90 -18.82
N ASP A 136 -8.35 3.29 -19.16
CA ASP A 136 -9.34 2.94 -18.14
C ASP A 136 -10.03 1.61 -18.44
N PHE A 137 -10.67 1.07 -17.41
CA PHE A 137 -11.41 -0.19 -17.52
C PHE A 137 -12.80 0.00 -16.93
N LEU A 138 -13.81 -0.56 -17.57
CA LEU A 138 -15.18 -0.41 -17.06
C LEU A 138 -15.53 1.07 -16.96
N GLY A 139 -14.75 1.90 -17.64
CA GLY A 139 -14.98 3.35 -17.62
C GLY A 139 -14.35 3.99 -16.38
N LEU A 140 -13.39 3.30 -15.78
CA LEU A 140 -12.71 3.81 -14.59
C LEU A 140 -11.20 3.89 -14.84
N GLU A 141 -10.60 5.02 -14.44
CA GLU A 141 -9.17 5.22 -14.63
C GLU A 141 -8.38 4.33 -13.67
N MET A 142 -7.18 3.96 -14.08
CA MET A 142 -6.33 3.10 -13.25
C MET A 142 -6.27 3.63 -11.82
N PRO A 143 -5.87 4.86 -11.64
CA PRO A 143 -5.76 5.48 -10.28
C PRO A 143 -6.95 5.09 -9.39
N GLN A 144 -8.13 5.01 -9.98
CA GLN A 144 -9.32 4.64 -9.22
C GLN A 144 -9.27 3.17 -8.83
N TRP A 145 -9.00 2.31 -9.82
CA TRP A 145 -8.93 0.88 -9.58
C TRP A 145 -7.84 0.58 -8.56
N LEU A 146 -6.61 0.99 -8.86
CA LEU A 146 -5.49 0.76 -7.95
C LEU A 146 -5.94 1.06 -6.51
N LEU A 147 -6.69 2.15 -6.35
CA LEU A 147 -7.20 2.52 -5.03
C LEU A 147 -7.99 1.34 -4.46
N GLY A 148 -8.68 0.66 -5.36
CA GLY A 148 -9.48 -0.50 -4.96
C GLY A 148 -8.61 -1.55 -4.30
N ILE A 149 -7.41 -1.76 -4.85
CA ILE A 149 -6.48 -2.73 -4.30
C ILE A 149 -5.76 -2.15 -3.09
N PHE A 150 -5.65 -0.82 -3.05
CA PHE A 150 -4.97 -0.16 -1.95
C PHE A 150 -5.74 -0.40 -0.64
N ILE A 151 -7.05 -0.16 -0.69
CA ILE A 151 -7.89 -0.34 0.48
C ILE A 151 -7.91 -1.81 0.90
N ALA A 152 -8.04 -2.71 -0.06
CA ALA A 152 -8.06 -4.13 0.23
C ALA A 152 -6.87 -4.51 1.10
N TYR A 153 -5.69 -4.03 0.72
CA TYR A 153 -4.48 -4.34 1.48
C TYR A 153 -4.65 -3.93 2.94
N LEU A 154 -5.18 -2.73 3.16
CA LEU A 154 -5.38 -2.25 4.54
C LEU A 154 -6.27 -3.21 5.31
N ILE A 155 -7.18 -3.88 4.62
CA ILE A 155 -8.09 -4.82 5.26
C ILE A 155 -7.37 -6.12 5.61
N VAL A 156 -6.33 -6.44 4.84
CA VAL A 156 -5.57 -7.66 5.08
C VAL A 156 -4.74 -7.55 6.36
N ALA A 157 -4.21 -6.35 6.62
CA ALA A 157 -3.39 -6.14 7.80
C ALA A 157 -4.24 -5.94 9.05
N VAL A 158 -5.19 -5.01 8.98
CA VAL A 158 -6.06 -4.72 10.12
C VAL A 158 -6.71 -6.00 10.67
N LEU A 159 -7.12 -6.89 9.77
CA LEU A 159 -7.78 -8.13 10.19
C LEU A 159 -6.76 -9.18 10.62
N VAL A 160 -5.59 -9.16 9.99
CA VAL A 160 -4.54 -10.12 10.32
C VAL A 160 -3.84 -9.75 11.62
N VAL A 161 -3.92 -8.49 12.01
CA VAL A 161 -3.30 -8.03 13.25
C VAL A 161 -4.20 -8.37 14.43
N ILE A 162 -5.46 -7.99 14.32
CA ILE A 162 -6.42 -8.26 15.38
C ILE A 162 -6.71 -9.75 15.49
N SER A 163 -6.36 -10.49 14.45
CA SER A 163 -6.59 -11.94 14.43
C SER A 163 -5.98 -12.58 15.67
N GLN A 164 -5.22 -11.81 16.43
CA GLN A 164 -4.59 -12.33 17.64
C GLN A 164 -5.61 -12.47 18.77
N PRO A 165 -5.46 -13.45 19.63
CA PRO A 165 -6.40 -13.67 20.77
C PRO A 165 -6.69 -12.39 21.55
N PHE A 166 -6.01 -11.30 21.18
CA PHE A 166 -6.19 -10.02 21.85
C PHE A 166 -7.62 -9.85 22.37
N LYS A 167 -8.53 -9.46 21.49
CA LYS A 167 -9.92 -9.27 21.87
C LYS A 167 -10.40 -10.45 22.72
N ALA A 168 -10.36 -10.28 24.04
CA ALA A 168 -10.78 -11.33 24.95
C ALA A 168 -11.53 -10.75 26.15
N LYS A 169 -11.41 -11.40 27.30
CA LYS A 169 -12.08 -10.94 28.51
C LYS A 169 -13.59 -10.81 28.27
N LYS A 170 -14.36 -11.59 29.03
CA LYS A 170 -15.82 -11.56 28.90
C LYS A 170 -16.47 -11.94 30.22
N ARG A 171 -15.84 -11.54 31.31
CA ARG A 171 -16.37 -11.84 32.65
C ARG A 171 -16.39 -13.35 32.88
N ASP A 172 -15.31 -13.87 33.46
CA ASP A 172 -15.22 -15.30 33.73
C ASP A 172 -13.96 -15.61 34.53
N LEU A 173 -13.85 -16.85 34.99
CA LEU A 173 -12.69 -17.27 35.77
C LEU A 173 -11.47 -17.44 34.86
N PHE A 174 -10.28 -17.38 35.46
CA PHE A 174 -9.05 -17.52 34.70
C PHE A 174 -8.69 -19.00 34.53
N GLY A 175 -7.65 -19.43 35.23
CA GLY A 175 -7.22 -20.83 35.14
C GLY A 175 -5.88 -21.04 35.83
N ARG A 176 -5.82 -22.02 36.72
CA ARG A 176 -4.59 -22.32 37.45
C ARG A 176 -4.63 -23.73 38.03
N GLY A 177 -5.44 -24.58 37.44
CA GLY A 177 -5.56 -25.96 37.91
C GLY A 177 -6.89 -26.57 37.48
N HIS A 178 -6.95 -27.90 37.48
CA HIS A 178 -8.18 -28.61 37.11
C HIS A 178 -8.75 -29.35 38.30
N HIS A 179 -9.82 -28.79 38.88
CA HIS A 179 -10.46 -29.42 40.03
C HIS A 179 -11.49 -30.45 39.58
N HIS A 180 -12.36 -30.05 38.66
CA HIS A 180 -13.38 -30.95 38.14
C HIS A 180 -12.76 -32.01 37.23
N HIS A 181 -13.55 -33.00 36.85
CA HIS A 181 -13.07 -34.07 35.97
C HIS A 181 -14.19 -34.54 35.05
N HIS A 182 -13.83 -35.38 34.08
CA HIS A 182 -14.81 -35.88 33.13
C HIS A 182 -15.62 -37.02 33.75
N HIS A 183 -16.11 -36.79 34.97
CA HIS A 183 -16.90 -37.80 35.66
C HIS A 183 -17.77 -37.14 36.74
C1 UQ2 B . 2.15 4.39 -14.25
C2 UQ2 B . 1.66 4.92 -15.54
C3 UQ2 B . 0.51 5.64 -15.58
C4 UQ2 B . -0.25 5.88 -14.35
C5 UQ2 B . 0.23 5.34 -13.06
C6 UQ2 B . 1.37 4.62 -13.01
CM2 UQ2 B . 1.66 3.69 -17.42
CM3 UQ2 B . 0.94 7.22 -17.13
CM5 UQ2 B . -0.58 5.58 -11.81
C7 UQ2 B . 1.90 4.07 -11.71
C8 UQ2 B . 1.54 2.60 -11.61
C9 UQ2 B . 1.16 2.06 -10.48
C10 UQ2 B . 1.05 2.90 -9.23
C11 UQ2 B . 0.81 0.59 -10.43
C12 UQ2 B . -0.19 0.24 -11.53
C13 UQ2 B . -1.38 -0.45 -10.93
C14 UQ2 B . -2.32 -0.95 -11.71
C15 UQ2 B . -3.52 -1.62 -11.09
C16 UQ2 B . -2.20 -0.85 -13.20
O1 UQ2 B . 3.18 3.75 -14.21
O2 UQ2 B . 2.36 4.70 -16.68
O3 UQ2 B . 0.07 6.13 -16.77
O4 UQ2 B . -1.28 6.51 -14.39
H2M1 UQ2 B . 2.19 3.47 -18.33
H2M2 UQ2 B . 0.66 4.05 -17.66
H2M3 UQ2 B . 1.58 2.79 -16.83
H3M1 UQ2 B . 1.95 6.87 -17.22
H3M2 UQ2 B . 0.88 7.99 -16.36
H3M3 UQ2 B . 0.62 7.64 -18.07
H5M1 UQ2 B . -1.52 6.04 -12.07
H5M2 UQ2 B . -0.04 6.24 -11.15
H5M3 UQ2 B . -0.77 4.65 -11.30
H71 UQ2 B . 1.46 4.60 -10.88
H72 UQ2 B . 2.97 4.17 -11.67
H8 UQ2 B . 1.61 1.98 -12.50
H101 UQ2 B . 1.07 2.26 -8.36
H102 UQ2 B . 0.13 3.45 -9.25
H103 UQ2 B . 1.88 3.58 -9.18
H111 UQ2 B . 0.37 0.35 -9.47
H112 UQ2 B . 1.71 0.01 -10.56
H121 UQ2 B . 0.28 -0.43 -12.25
H122 UQ2 B . -0.50 1.14 -12.05
H13 UQ2 B . -1.48 -0.52 -9.86
H151 UQ2 B . -3.22 -2.16 -10.21
H152 UQ2 B . -3.95 -2.32 -11.81
H153 UQ2 B . -4.25 -0.88 -10.82
H161 UQ2 B . -1.94 0.17 -13.48
H162 UQ2 B . -3.15 -1.11 -13.65
H163 UQ2 B . -1.43 -1.52 -13.55
N MET A 1 -13.71 -21.53 9.10
CA MET A 1 -13.70 -20.40 8.13
C MET A 1 -12.75 -19.31 8.62
N LEU A 2 -13.19 -18.55 9.61
CA LEU A 2 -12.37 -17.48 10.17
C LEU A 2 -11.09 -18.06 10.75
N ARG A 3 -11.24 -19.01 11.67
CA ARG A 3 -10.09 -19.65 12.30
C ARG A 3 -9.06 -20.05 11.26
N PHE A 4 -9.54 -20.48 10.09
CA PHE A 4 -8.65 -20.89 9.01
C PHE A 4 -7.93 -19.68 8.43
N LEU A 5 -8.65 -18.58 8.29
CA LEU A 5 -8.06 -17.36 7.74
C LEU A 5 -6.76 -17.03 8.45
N ASN A 6 -6.76 -17.14 9.78
CA ASN A 6 -5.58 -16.86 10.57
C ASN A 6 -4.49 -17.90 10.28
N GLN A 7 -4.92 -19.08 9.86
CA GLN A 7 -4.00 -20.16 9.56
C GLN A 7 -3.35 -19.95 8.19
N ALA A 8 -4.17 -19.63 7.20
CA ALA A 8 -3.67 -19.43 5.84
C ALA A 8 -2.72 -18.22 5.79
N SER A 9 -3.00 -17.22 6.62
CA SER A 9 -2.16 -16.02 6.64
C SER A 9 -0.86 -16.28 7.39
N GLN A 10 -0.92 -17.16 8.39
CA GLN A 10 0.26 -17.49 9.17
C GLN A 10 1.21 -18.40 8.37
N GLY A 11 0.88 -18.59 7.10
CA GLY A 11 1.70 -19.42 6.22
C GLY A 11 2.56 -18.53 5.33
N ARG A 12 3.77 -18.99 5.04
CA ARG A 12 4.69 -18.25 4.20
C ARG A 12 4.16 -18.15 2.77
N GLY A 13 3.26 -19.05 2.41
CA GLY A 13 2.68 -19.07 1.07
C GLY A 13 1.78 -17.85 0.86
N ALA A 14 0.92 -17.59 1.82
CA ALA A 14 0.00 -16.45 1.73
C ALA A 14 0.78 -15.14 1.65
N TRP A 15 1.70 -14.95 2.59
CA TRP A 15 2.50 -13.73 2.62
C TRP A 15 3.23 -13.55 1.29
N LEU A 16 3.83 -14.63 0.81
CA LEU A 16 4.56 -14.58 -0.46
C LEU A 16 3.61 -14.26 -1.60
N LEU A 17 2.36 -14.70 -1.48
CA LEU A 17 1.36 -14.47 -2.52
C LEU A 17 0.99 -12.99 -2.58
N MET A 18 1.02 -12.32 -1.43
CA MET A 18 0.67 -10.90 -1.38
C MET A 18 1.74 -10.07 -2.06
N ALA A 19 3.00 -10.50 -1.94
CA ALA A 19 4.11 -9.78 -2.54
C ALA A 19 4.03 -9.84 -4.06
N PHE A 20 3.88 -11.05 -4.59
CA PHE A 20 3.79 -11.23 -6.05
C PHE A 20 2.77 -10.27 -6.64
N THR A 21 1.56 -10.27 -6.08
CA THR A 21 0.51 -9.40 -6.58
C THR A 21 0.99 -7.96 -6.67
N ALA A 22 1.45 -7.42 -5.55
CA ALA A 22 1.94 -6.05 -5.50
C ALA A 22 2.99 -5.81 -6.59
N LEU A 23 3.75 -6.85 -6.92
CA LEU A 23 4.79 -6.73 -7.94
C LEU A 23 4.20 -6.83 -9.34
N ALA A 24 3.24 -7.74 -9.51
CA ALA A 24 2.60 -7.92 -10.80
C ALA A 24 2.21 -6.58 -11.41
N LEU A 25 1.63 -5.71 -10.59
CA LEU A 25 1.21 -4.39 -11.06
C LEU A 25 2.41 -3.53 -11.39
N GLU A 26 3.55 -3.83 -10.78
CA GLU A 26 4.77 -3.07 -11.02
C GLU A 26 5.31 -3.33 -12.42
N LEU A 27 5.23 -4.59 -12.85
CA LEU A 27 5.72 -4.96 -14.18
C LEU A 27 4.71 -4.56 -15.25
N THR A 28 3.45 -4.88 -15.03
CA THR A 28 2.41 -4.56 -15.99
C THR A 28 2.49 -3.09 -16.39
N ALA A 29 2.63 -2.22 -15.40
CA ALA A 29 2.72 -0.78 -15.67
C ALA A 29 4.04 -0.40 -16.32
N LEU A 30 5.11 -1.11 -15.97
CA LEU A 30 6.43 -0.83 -16.52
C LEU A 30 6.44 -1.05 -18.02
N TRP A 31 5.48 -1.84 -18.51
CA TRP A 31 5.39 -2.12 -19.94
C TRP A 31 4.51 -1.09 -20.63
N PHE A 32 3.64 -0.44 -19.85
CA PHE A 32 2.75 0.56 -20.41
C PHE A 32 3.53 1.82 -20.78
N GLN A 33 4.51 2.16 -19.94
CA GLN A 33 5.32 3.34 -20.19
C GLN A 33 6.34 3.10 -21.29
N HIS A 34 6.32 1.90 -21.86
CA HIS A 34 7.25 1.56 -22.92
C HIS A 34 6.50 1.16 -24.19
N VAL A 35 5.53 0.27 -24.04
CA VAL A 35 4.75 -0.20 -25.19
C VAL A 35 3.91 0.94 -25.76
N MET A 36 3.37 1.78 -24.88
CA MET A 36 2.54 2.90 -25.32
C MET A 36 3.27 4.23 -25.09
N LEU A 37 4.57 4.15 -24.83
CA LEU A 37 5.36 5.35 -24.61
C LEU A 37 4.61 6.33 -23.72
N LEU A 38 3.87 5.81 -22.75
CA LEU A 38 3.12 6.67 -21.84
C LEU A 38 4.06 7.39 -20.88
N LYS A 39 3.67 8.59 -20.47
CA LYS A 39 4.49 9.39 -19.56
C LYS A 39 3.83 9.47 -18.18
N PRO A 40 4.54 9.11 -17.12
CA PRO A 40 4.00 9.17 -15.74
C PRO A 40 4.03 10.59 -15.18
N CYS A 41 3.04 10.92 -14.35
CA CYS A 41 2.98 12.25 -13.75
C CYS A 41 3.47 12.23 -12.31
N VAL A 42 3.36 13.36 -11.64
CA VAL A 42 3.80 13.47 -10.25
C VAL A 42 2.96 12.57 -9.34
N LEU A 43 1.65 12.62 -9.52
CA LEU A 43 0.74 11.82 -8.71
C LEU A 43 1.00 10.32 -8.90
N SER A 44 1.12 9.91 -10.16
CA SER A 44 1.37 8.51 -10.47
C SER A 44 2.56 7.99 -9.66
N ILE A 45 3.62 8.78 -9.61
CA ILE A 45 4.82 8.41 -8.88
C ILE A 45 4.48 8.24 -7.40
N TYR A 46 3.79 9.22 -6.85
CA TYR A 46 3.40 9.16 -5.45
C TYR A 46 2.64 7.86 -5.17
N GLU A 47 1.71 7.53 -6.06
CA GLU A 47 0.93 6.31 -5.92
C GLU A 47 1.82 5.08 -6.05
N ARG A 48 2.66 5.05 -7.08
CA ARG A 48 3.54 3.92 -7.31
C ARG A 48 4.48 3.73 -6.12
N ALA A 49 4.94 4.85 -5.55
CA ALA A 49 5.85 4.79 -4.40
C ALA A 49 5.15 4.19 -3.20
N ALA A 50 3.88 4.55 -3.01
CA ALA A 50 3.10 4.04 -1.89
C ALA A 50 3.12 2.52 -1.88
N LEU A 51 2.87 1.92 -3.05
CA LEU A 51 2.86 0.47 -3.16
C LEU A 51 4.28 -0.08 -3.10
N PHE A 52 5.18 0.52 -3.88
CA PHE A 52 6.57 0.07 -3.86
C PHE A 52 7.05 -0.07 -2.43
N GLY A 53 6.68 0.90 -1.59
CA GLY A 53 7.06 0.88 -0.20
C GLY A 53 6.38 -0.27 0.54
N VAL A 54 5.09 -0.45 0.30
CA VAL A 54 4.35 -1.53 0.94
C VAL A 54 4.93 -2.87 0.50
N LEU A 55 5.16 -3.00 -0.80
CA LEU A 55 5.74 -4.23 -1.34
C LEU A 55 6.89 -4.68 -0.45
N GLY A 56 7.78 -3.75 -0.13
CA GLY A 56 8.91 -4.06 0.73
C GLY A 56 8.42 -4.52 2.09
N ALA A 57 7.37 -3.87 2.58
CA ALA A 57 6.79 -4.21 3.87
C ALA A 57 6.38 -5.68 3.89
N ALA A 58 5.87 -6.16 2.76
CA ALA A 58 5.45 -7.56 2.66
C ALA A 58 6.67 -8.48 2.71
N LEU A 59 7.80 -7.99 2.22
CA LEU A 59 9.02 -8.77 2.22
C LEU A 59 9.55 -8.95 3.64
N ILE A 60 9.56 -7.86 4.40
CA ILE A 60 10.04 -7.91 5.77
C ILE A 60 9.04 -8.62 6.67
N GLY A 61 7.75 -8.42 6.38
CA GLY A 61 6.70 -9.05 7.17
C GLY A 61 6.67 -10.56 6.91
N ALA A 62 7.03 -10.95 5.70
CA ALA A 62 7.04 -12.37 5.33
C ALA A 62 8.20 -13.09 5.99
N ILE A 63 8.94 -12.38 6.85
CA ILE A 63 10.08 -12.97 7.54
C ILE A 63 9.62 -13.82 8.72
N ALA A 64 8.64 -13.31 9.47
CA ALA A 64 8.13 -14.04 10.62
C ALA A 64 7.08 -13.20 11.35
N PRO A 65 5.88 -13.14 10.81
CA PRO A 65 4.77 -12.35 11.42
C PRO A 65 4.12 -13.09 12.58
N LYS A 66 4.91 -13.89 13.29
CA LYS A 66 4.42 -14.64 14.44
C LYS A 66 5.01 -14.09 15.73
N THR A 67 5.98 -13.20 15.58
CA THR A 67 6.64 -12.58 16.74
C THR A 67 6.23 -11.12 16.85
N PRO A 68 6.67 -10.44 17.87
CA PRO A 68 6.32 -9.00 18.08
C PRO A 68 6.57 -8.16 16.82
N LEU A 69 7.15 -8.78 15.81
CA LEU A 69 7.42 -8.09 14.55
C LEU A 69 6.14 -7.44 14.01
N ARG A 70 5.01 -8.03 14.34
CA ARG A 70 3.72 -7.50 13.88
C ARG A 70 3.70 -5.98 13.96
N TYR A 71 3.67 -5.41 15.16
CA TYR A 71 3.65 -3.95 15.28
C TYR A 71 4.83 -3.34 14.52
N VAL A 72 5.95 -4.06 14.44
CA VAL A 72 7.13 -3.54 13.77
C VAL A 72 6.89 -3.39 12.26
N ALA A 73 6.48 -4.45 11.58
CA ALA A 73 6.21 -4.38 10.15
C ALA A 73 4.93 -3.59 9.88
N MET A 74 3.91 -3.86 10.69
CA MET A 74 2.64 -3.17 10.54
C MET A 74 2.84 -1.67 10.68
N VAL A 75 4.02 -1.28 11.15
CA VAL A 75 4.34 0.14 11.33
C VAL A 75 4.31 0.85 9.99
N ILE A 76 4.69 0.12 8.94
CA ILE A 76 4.71 0.67 7.59
C ILE A 76 3.35 0.45 6.92
N TRP A 77 2.70 -0.65 7.26
CA TRP A 77 1.40 -0.95 6.68
C TRP A 77 0.38 0.09 7.15
N LEU A 78 0.35 0.33 8.45
CA LEU A 78 -0.58 1.31 9.02
C LEU A 78 -0.23 2.71 8.54
N TYR A 79 1.03 3.07 8.63
CA TYR A 79 1.47 4.40 8.20
C TYR A 79 0.81 4.75 6.87
N SER A 80 0.75 3.78 5.98
CA SER A 80 0.14 4.00 4.67
C SER A 80 -1.39 3.93 4.77
N ALA A 81 -1.89 3.28 5.81
CA ALA A 81 -3.33 3.15 5.97
C ALA A 81 -3.99 4.52 6.09
N PHE A 82 -3.62 5.27 7.11
CA PHE A 82 -4.20 6.59 7.33
C PHE A 82 -3.71 7.60 6.31
N ARG A 83 -2.41 7.61 6.04
CA ARG A 83 -1.84 8.57 5.09
C ARG A 83 -2.10 8.18 3.63
N GLY A 84 -1.96 6.89 3.31
CA GLY A 84 -2.20 6.45 1.94
C GLY A 84 -3.61 6.80 1.49
N VAL A 85 -4.61 6.47 2.31
CA VAL A 85 -5.99 6.74 1.96
C VAL A 85 -6.26 8.25 1.97
N GLN A 86 -5.76 8.94 2.99
CA GLN A 86 -5.95 10.39 3.09
C GLN A 86 -5.45 11.09 1.84
N LEU A 87 -4.41 10.52 1.22
CA LEU A 87 -3.84 11.10 0.01
C LEU A 87 -4.73 10.79 -1.19
N THR A 88 -5.20 9.54 -1.27
CA THR A 88 -6.05 9.14 -2.38
C THR A 88 -7.23 10.10 -2.52
N TYR A 89 -7.60 10.73 -1.41
CA TYR A 89 -8.71 11.67 -1.40
C TYR A 89 -8.37 12.91 -2.22
N GLU A 90 -7.21 13.49 -1.97
CA GLU A 90 -6.78 14.69 -2.70
C GLU A 90 -6.87 14.44 -4.20
N HIS A 91 -6.46 13.26 -4.63
CA HIS A 91 -6.49 12.91 -6.04
C HIS A 91 -7.93 12.92 -6.57
N THR A 92 -8.83 12.26 -5.85
CA THR A 92 -10.23 12.20 -6.26
C THR A 92 -10.89 13.57 -6.17
N MET A 93 -10.71 14.25 -5.05
CA MET A 93 -11.29 15.57 -4.86
C MET A 93 -10.98 16.47 -6.04
N LEU A 94 -9.70 16.52 -6.41
CA LEU A 94 -9.27 17.36 -7.54
C LEU A 94 -9.88 16.86 -8.83
N GLN A 95 -9.78 15.55 -9.06
CA GLN A 95 -10.32 14.96 -10.28
C GLN A 95 -11.79 15.34 -10.46
N LEU A 96 -12.53 15.39 -9.35
CA LEU A 96 -13.95 15.73 -9.40
C LEU A 96 -14.15 17.22 -9.08
N TYR A 97 -13.10 17.87 -8.60
CA TYR A 97 -13.18 19.29 -8.26
C TYR A 97 -11.86 19.99 -8.55
N PRO A 98 -11.63 20.35 -9.79
CA PRO A 98 -10.38 21.05 -10.20
C PRO A 98 -10.44 22.54 -9.91
N SER A 99 -9.34 23.08 -9.37
CA SER A 99 -9.27 24.51 -9.05
C SER A 99 -8.07 25.14 -9.74
N PRO A 100 -8.14 26.42 -10.05
CA PRO A 100 -7.02 27.14 -10.73
C PRO A 100 -5.83 27.34 -9.79
N PHE A 101 -6.06 28.02 -8.68
CA PHE A 101 -5.00 28.27 -7.71
C PHE A 101 -4.38 26.97 -7.23
N ALA A 102 -3.19 26.66 -7.74
CA ALA A 102 -2.49 25.43 -7.35
C ALA A 102 -1.44 25.72 -6.29
N THR A 103 -1.18 24.73 -5.44
CA THR A 103 -0.18 24.90 -4.39
C THR A 103 1.11 25.46 -4.95
N SER A 104 2.05 24.58 -5.29
CA SER A 104 3.33 25.00 -5.84
C SER A 104 4.21 23.79 -6.13
N ASP A 105 3.61 22.61 -6.08
CA ASP A 105 4.35 21.37 -6.34
C ASP A 105 4.49 21.13 -7.83
N PHE A 106 5.10 22.09 -8.53
CA PHE A 106 5.29 21.96 -9.97
C PHE A 106 6.12 20.72 -10.29
N MET A 107 6.87 20.24 -9.31
CA MET A 107 7.70 19.06 -9.50
C MET A 107 7.84 18.29 -8.20
N VAL A 108 8.25 17.02 -8.31
CA VAL A 108 8.43 16.19 -7.13
C VAL A 108 9.33 16.89 -6.11
N ARG A 109 8.72 17.73 -5.29
CA ARG A 109 9.47 18.46 -4.27
C ARG A 109 9.63 17.61 -3.01
N PHE A 110 10.81 17.02 -2.84
CA PHE A 110 11.08 16.18 -1.68
C PHE A 110 12.28 16.72 -0.91
N PRO A 111 12.35 16.46 0.38
CA PRO A 111 13.46 16.93 1.24
C PRO A 111 14.80 16.91 0.50
N GLU A 112 15.77 17.67 1.00
CA GLU A 112 17.09 17.73 0.39
C GLU A 112 18.05 16.76 1.06
N TRP A 113 17.52 15.94 1.97
CA TRP A 113 18.34 14.96 2.68
C TRP A 113 17.77 13.56 2.50
N LEU A 114 17.06 13.33 1.40
CA LEU A 114 16.47 12.03 1.11
C LEU A 114 16.98 11.51 -0.24
N PRO A 115 18.18 11.00 -0.27
CA PRO A 115 18.80 10.46 -1.52
C PRO A 115 17.89 9.45 -2.22
N LEU A 116 16.75 9.15 -1.62
CA LEU A 116 15.82 8.21 -2.21
C LEU A 116 15.39 8.67 -3.59
N ASP A 117 15.34 9.99 -3.77
CA ASP A 117 14.95 10.56 -5.05
C ASP A 117 16.18 10.93 -5.88
N LYS A 118 17.17 11.53 -5.22
CA LYS A 118 18.39 11.92 -5.92
C LYS A 118 19.21 10.70 -6.33
N TRP A 119 19.34 9.76 -5.40
CA TRP A 119 20.11 8.54 -5.67
C TRP A 119 19.31 7.62 -6.58
N VAL A 120 18.01 7.86 -6.68
CA VAL A 120 17.15 7.03 -7.53
C VAL A 120 16.12 7.88 -8.27
N PRO A 121 16.56 8.65 -9.25
CA PRO A 121 15.66 9.52 -10.05
C PRO A 121 14.93 8.73 -11.14
N GLN A 122 15.44 7.54 -11.44
CA GLN A 122 14.85 6.69 -12.47
C GLN A 122 13.36 6.52 -12.22
N VAL A 123 13.02 6.09 -11.00
CA VAL A 123 11.63 5.89 -10.64
C VAL A 123 11.17 6.95 -9.64
N PHE A 124 11.35 8.21 -10.01
CA PHE A 124 10.96 9.32 -9.15
C PHE A 124 10.71 10.58 -9.99
N VAL A 125 11.57 10.80 -10.99
CA VAL A 125 11.43 11.97 -11.84
C VAL A 125 10.03 12.03 -12.48
N ALA A 126 9.38 13.18 -12.34
CA ALA A 126 8.04 13.36 -12.90
C ALA A 126 8.11 14.00 -14.29
N SER A 127 7.12 13.70 -15.13
CA SER A 127 7.08 14.25 -16.48
C SER A 127 5.74 13.95 -17.14
N GLY A 128 4.84 14.93 -17.15
CA GLY A 128 3.52 14.76 -17.76
C GLY A 128 2.45 15.49 -16.95
N ASP A 129 1.22 15.43 -17.44
CA ASP A 129 0.09 16.09 -16.77
C ASP A 129 -0.49 15.17 -15.71
N CYS A 130 -0.81 15.74 -14.55
CA CYS A 130 -1.37 14.96 -13.45
C CYS A 130 -2.89 14.99 -13.49
N ALA A 131 -3.49 13.81 -13.39
CA ALA A 131 -4.95 13.66 -13.40
C ALA A 131 -5.46 13.42 -14.82
N GLU A 132 -4.58 13.53 -15.81
CA GLU A 132 -4.97 13.31 -17.19
C GLU A 132 -5.32 11.83 -17.40
N ARG A 133 -6.27 11.57 -18.28
CA ARG A 133 -6.67 10.21 -18.57
C ARG A 133 -5.69 9.53 -19.53
N GLN A 134 -5.28 8.32 -19.19
CA GLN A 134 -4.34 7.58 -20.02
C GLN A 134 -4.87 6.18 -20.32
N TRP A 135 -5.70 5.66 -19.42
CA TRP A 135 -6.25 4.33 -19.59
C TRP A 135 -7.26 4.00 -18.49
N ASP A 136 -8.40 3.44 -18.87
CA ASP A 136 -9.44 3.12 -17.90
C ASP A 136 -10.08 1.76 -18.18
N PHE A 137 -10.83 1.26 -17.21
CA PHE A 137 -11.52 -0.02 -17.34
C PHE A 137 -12.87 0.05 -16.63
N LEU A 138 -13.95 -0.15 -17.38
CA LEU A 138 -15.29 -0.07 -16.80
C LEU A 138 -15.65 1.41 -16.68
N GLY A 139 -14.92 2.25 -17.39
CA GLY A 139 -15.17 3.69 -17.35
C GLY A 139 -14.50 4.30 -16.13
N LEU A 140 -13.56 3.57 -15.52
CA LEU A 140 -12.86 4.06 -14.34
C LEU A 140 -11.35 4.12 -14.60
N GLU A 141 -10.72 5.21 -14.18
CA GLU A 141 -9.28 5.38 -14.37
C GLU A 141 -8.49 4.44 -13.46
N MET A 142 -7.28 4.10 -13.87
CA MET A 142 -6.44 3.21 -13.08
C MET A 142 -6.27 3.75 -11.66
N PRO A 143 -5.88 4.99 -11.52
CA PRO A 143 -5.68 5.63 -10.19
C PRO A 143 -6.85 5.33 -9.25
N GLN A 144 -8.05 5.32 -9.80
CA GLN A 144 -9.25 5.04 -9.02
C GLN A 144 -9.29 3.56 -8.65
N TRP A 145 -9.08 2.71 -9.65
CA TRP A 145 -9.09 1.28 -9.42
C TRP A 145 -8.05 0.92 -8.37
N LEU A 146 -6.80 1.29 -8.63
CA LEU A 146 -5.73 1.01 -7.67
C LEU A 146 -6.21 1.35 -6.26
N LEU A 147 -6.96 2.45 -6.14
CA LEU A 147 -7.50 2.85 -4.84
C LEU A 147 -8.28 1.68 -4.25
N GLY A 148 -8.98 0.97 -5.14
CA GLY A 148 -9.78 -0.17 -4.72
C GLY A 148 -8.89 -1.23 -4.08
N ILE A 149 -7.76 -1.51 -4.71
CA ILE A 149 -6.83 -2.50 -4.21
C ILE A 149 -6.05 -1.92 -3.02
N PHE A 150 -5.94 -0.60 -3.00
CA PHE A 150 -5.22 0.08 -1.93
C PHE A 150 -5.94 -0.14 -0.59
N ILE A 151 -7.25 0.03 -0.58
CA ILE A 151 -8.04 -0.14 0.64
C ILE A 151 -8.03 -1.61 1.06
N ALA A 152 -8.06 -2.50 0.08
CA ALA A 152 -8.05 -3.93 0.37
C ALA A 152 -6.80 -4.30 1.16
N TYR A 153 -5.63 -3.86 0.69
CA TYR A 153 -4.38 -4.16 1.36
C TYR A 153 -4.44 -3.74 2.83
N LEU A 154 -4.89 -2.51 3.06
CA LEU A 154 -4.99 -2.00 4.43
C LEU A 154 -5.97 -2.82 5.25
N ILE A 155 -7.02 -3.30 4.59
CA ILE A 155 -8.03 -4.10 5.26
C ILE A 155 -7.48 -5.48 5.62
N VAL A 156 -6.63 -6.01 4.76
CA VAL A 156 -6.03 -7.32 5.00
C VAL A 156 -5.11 -7.27 6.22
N ALA A 157 -4.33 -6.20 6.32
CA ALA A 157 -3.41 -6.04 7.44
C ALA A 157 -4.17 -5.96 8.76
N VAL A 158 -5.36 -5.36 8.72
CA VAL A 158 -6.18 -5.21 9.92
C VAL A 158 -6.80 -6.54 10.33
N LEU A 159 -6.99 -7.44 9.36
CA LEU A 159 -7.60 -8.73 9.66
C LEU A 159 -6.55 -9.74 10.14
N VAL A 160 -5.37 -9.72 9.52
CA VAL A 160 -4.31 -10.65 9.90
C VAL A 160 -3.66 -10.28 11.23
N VAL A 161 -3.73 -9.00 11.60
CA VAL A 161 -3.15 -8.58 12.87
C VAL A 161 -4.13 -8.84 14.00
N ILE A 162 -5.38 -8.41 13.82
CA ILE A 162 -6.41 -8.63 14.83
C ILE A 162 -6.80 -10.10 14.88
N SER A 163 -6.33 -10.87 13.91
CA SER A 163 -6.64 -12.29 13.85
C SER A 163 -6.24 -12.98 15.15
N GLN A 164 -5.27 -12.41 15.86
CA GLN A 164 -4.81 -12.99 17.12
C GLN A 164 -3.81 -12.07 17.81
N PRO A 165 -4.28 -11.05 18.46
CA PRO A 165 -3.41 -10.08 19.18
C PRO A 165 -3.06 -10.56 20.59
N PHE A 166 -3.22 -11.85 20.83
CA PHE A 166 -2.93 -12.42 22.14
C PHE A 166 -3.72 -11.69 23.23
N LYS A 167 -3.79 -12.30 24.41
CA LYS A 167 -4.53 -11.71 25.52
C LYS A 167 -3.88 -10.39 25.95
N ALA A 168 -2.99 -10.46 26.93
CA ALA A 168 -2.31 -9.26 27.41
C ALA A 168 -1.28 -9.63 28.47
N LYS A 169 -1.69 -10.50 29.41
CA LYS A 169 -0.80 -10.95 30.49
C LYS A 169 0.19 -9.85 30.88
N LYS A 170 -0.36 -8.68 31.23
CA LYS A 170 0.48 -7.56 31.63
C LYS A 170 1.14 -7.83 32.99
N ARG A 171 2.43 -7.54 33.08
CA ARG A 171 3.15 -7.77 34.33
C ARG A 171 2.41 -7.15 35.51
N ASP A 172 2.99 -7.27 36.70
CA ASP A 172 2.37 -6.72 37.90
C ASP A 172 1.01 -7.35 38.14
N LEU A 173 0.85 -7.96 39.31
CA LEU A 173 -0.42 -8.60 39.67
C LEU A 173 -1.06 -7.88 40.86
N PHE A 174 -0.73 -6.60 41.02
CA PHE A 174 -1.27 -5.82 42.12
C PHE A 174 -1.03 -6.51 43.45
N GLY A 175 0.10 -6.20 44.08
CA GLY A 175 0.44 -6.80 45.36
C GLY A 175 0.24 -8.30 45.35
N ARG A 176 -0.30 -8.83 46.44
CA ARG A 176 -0.55 -10.27 46.55
C ARG A 176 -1.88 -10.53 47.25
N GLY A 177 -2.92 -10.78 46.46
CA GLY A 177 -4.24 -11.04 47.02
C GLY A 177 -5.11 -11.80 46.03
N HIS A 178 -4.53 -12.79 45.37
CA HIS A 178 -5.26 -13.59 44.40
C HIS A 178 -6.54 -14.14 45.01
N HIS A 179 -6.41 -15.21 45.78
CA HIS A 179 -7.57 -15.83 46.43
C HIS A 179 -8.72 -15.96 45.44
N HIS A 180 -9.88 -16.37 45.95
CA HIS A 180 -11.06 -16.53 45.10
C HIS A 180 -11.39 -15.23 44.38
N HIS A 181 -12.18 -15.34 43.32
CA HIS A 181 -12.57 -14.16 42.54
C HIS A 181 -11.34 -13.47 41.98
N HIS A 182 -10.86 -13.96 40.83
CA HIS A 182 -9.69 -13.37 40.20
C HIS A 182 -9.84 -11.86 40.09
N HIS A 183 -8.73 -11.18 39.82
CA HIS A 183 -8.75 -9.72 39.70
C HIS A 183 -9.83 -9.29 38.72
C1 UQ2 B . 2.21 5.26 -14.42
C2 UQ2 B . 1.90 5.75 -15.77
C3 UQ2 B . 0.62 5.83 -16.19
C4 UQ2 B . -0.47 5.43 -15.29
C5 UQ2 B . -0.17 4.95 -13.93
C6 UQ2 B . 1.11 4.85 -13.51
CM2 UQ2 B . 3.03 5.12 -17.62
CM3 UQ2 B . 0.75 7.66 -17.52
CM5 UQ2 B . -1.29 4.54 -13.01
C7 UQ2 B . 1.43 4.36 -12.13
C8 UQ2 B . 1.40 2.85 -12.11
C9 UQ2 B . 1.03 2.20 -11.02
C10 UQ2 B . 0.64 2.96 -9.78
C11 UQ2 B . 1.00 0.69 -11.02
C12 UQ2 B . -0.05 0.18 -12.01
C13 UQ2 B . -1.37 -0.02 -11.30
C14 UQ2 B . -2.31 -0.74 -11.86
C15 UQ2 B . -3.63 -0.93 -11.13
C16 UQ2 B . -2.11 -1.36 -13.21
O1 UQ2 B . 3.37 5.18 -14.04
O2 UQ2 B . 2.92 6.13 -16.61
O3 UQ2 B . 0.35 6.29 -17.44
O4 UQ2 B . -1.62 5.51 -15.66
H2M1 UQ2 B . 2.11 5.04 -18.17
H2M2 UQ2 B . 3.27 4.17 -17.16
H2M3 UQ2 B . 3.82 5.39 -18.30
H3M1 UQ2 B . 1.82 7.74 -17.39
H3M2 UQ2 B . 0.25 8.23 -16.74
H3M3 UQ2 B . 0.49 8.07 -18.48
H5M1 UQ2 B . -1.42 5.28 -12.24
H5M2 UQ2 B . -1.05 3.59 -12.55
H5M3 UQ2 B . -2.20 4.44 -13.57
H71 UQ2 B . 0.70 4.75 -11.44
H72 UQ2 B . 2.42 4.69 -11.83
H8 UQ2 B . 1.67 2.30 -12.99
H101 UQ2 B . 1.53 3.34 -9.29
H102 UQ2 B . 0.12 2.30 -9.10
H103 UQ2 B . -0.01 3.79 -10.04
H111 UQ2 B . 0.77 0.33 -10.03
H112 UQ2 B . 1.97 0.32 -11.31
H121 UQ2 B . 0.27 -0.76 -12.42
H122 UQ2 B . -0.18 0.90 -12.81
H13 UQ2 B . -1.53 0.42 -10.33
H151 UQ2 B . -3.52 -1.71 -10.39
H152 UQ2 B . -4.39 -1.21 -11.84
H153 UQ2 B . -3.91 -0.01 -10.65
H161 UQ2 B . -2.87 -2.10 -13.38
H162 UQ2 B . -1.13 -1.82 -13.25
H163 UQ2 B . -2.17 -0.59 -13.97
N MET A 1 -14.71 -20.07 9.99
CA MET A 1 -13.58 -20.12 9.02
C MET A 1 -12.60 -19.00 9.32
N LEU A 2 -12.85 -18.28 10.40
CA LEU A 2 -11.98 -17.17 10.80
C LEU A 2 -10.70 -17.69 11.44
N ARG A 3 -10.85 -18.64 12.36
CA ARG A 3 -9.71 -19.23 13.04
C ARG A 3 -8.68 -19.70 12.03
N PHE A 4 -9.16 -20.14 10.87
CA PHE A 4 -8.26 -20.63 9.82
C PHE A 4 -7.60 -19.45 9.12
N LEU A 5 -8.37 -18.41 8.85
CA LEU A 5 -7.84 -17.23 8.17
C LEU A 5 -6.52 -16.81 8.81
N ASN A 6 -6.46 -16.90 10.13
CA ASN A 6 -5.24 -16.54 10.86
C ASN A 6 -4.11 -17.50 10.52
N GLN A 7 -4.48 -18.71 10.09
CA GLN A 7 -3.50 -19.72 9.74
C GLN A 7 -2.96 -19.50 8.33
N ALA A 8 -3.86 -19.24 7.40
CA ALA A 8 -3.46 -19.01 6.01
C ALA A 8 -2.56 -17.78 5.91
N SER A 9 -2.87 -16.74 6.67
CA SER A 9 -2.09 -15.52 6.65
C SER A 9 -0.78 -15.69 7.41
N GLN A 10 -0.83 -16.45 8.50
CA GLN A 10 0.36 -16.69 9.30
C GLN A 10 1.37 -17.54 8.52
N GLY A 11 1.05 -17.81 7.25
CA GLY A 11 1.93 -18.59 6.40
C GLY A 11 2.75 -17.65 5.51
N ARG A 12 3.99 -18.05 5.24
CA ARG A 12 4.86 -17.23 4.40
C ARG A 12 4.38 -17.22 2.96
N GLY A 13 4.10 -18.40 2.42
CA GLY A 13 3.63 -18.52 1.04
C GLY A 13 2.60 -17.44 0.75
N ALA A 14 1.66 -17.27 1.67
CA ALA A 14 0.62 -16.27 1.51
C ALA A 14 1.24 -14.87 1.45
N TRP A 15 2.13 -14.59 2.38
CA TRP A 15 2.79 -13.28 2.42
C TRP A 15 3.52 -13.02 1.10
N LEU A 16 4.29 -14.01 0.64
CA LEU A 16 5.02 -13.88 -0.61
C LEU A 16 4.05 -13.64 -1.76
N LEU A 17 2.84 -14.15 -1.60
CA LEU A 17 1.81 -14.00 -2.62
C LEU A 17 1.35 -12.55 -2.70
N MET A 18 1.42 -11.84 -1.58
CA MET A 18 0.99 -10.44 -1.54
C MET A 18 2.04 -9.57 -2.21
N ALA A 19 3.31 -9.96 -2.10
CA ALA A 19 4.39 -9.19 -2.69
C ALA A 19 4.35 -9.29 -4.21
N PHE A 20 4.33 -10.52 -4.72
CA PHE A 20 4.30 -10.75 -6.16
C PHE A 20 3.18 -9.94 -6.80
N THR A 21 1.97 -10.09 -6.29
CA THR A 21 0.82 -9.38 -6.82
C THR A 21 1.15 -7.90 -7.00
N ALA A 22 1.53 -7.24 -5.91
CA ALA A 22 1.86 -5.82 -5.95
C ALA A 22 2.89 -5.53 -7.05
N LEU A 23 3.74 -6.50 -7.33
CA LEU A 23 4.78 -6.33 -8.36
C LEU A 23 4.20 -6.56 -9.75
N ALA A 24 3.32 -7.55 -9.87
CA ALA A 24 2.71 -7.88 -11.15
C ALA A 24 2.12 -6.62 -11.80
N LEU A 25 1.47 -5.79 -11.01
CA LEU A 25 0.87 -4.56 -11.51
C LEU A 25 1.93 -3.57 -11.95
N GLU A 26 3.07 -3.58 -11.25
CA GLU A 26 4.16 -2.68 -11.57
C GLU A 26 4.71 -2.96 -12.96
N LEU A 27 4.84 -4.23 -13.29
CA LEU A 27 5.36 -4.63 -14.60
C LEU A 27 4.32 -4.40 -15.69
N THR A 28 3.11 -4.89 -15.47
CA THR A 28 2.04 -4.73 -16.45
C THR A 28 1.96 -3.29 -16.94
N ALA A 29 1.98 -2.35 -16.00
CA ALA A 29 1.92 -0.94 -16.34
C ALA A 29 3.20 -0.47 -17.01
N LEU A 30 4.31 -1.12 -16.64
CA LEU A 30 5.62 -0.76 -17.20
C LEU A 30 5.67 -1.07 -18.70
N TRP A 31 4.79 -1.95 -19.16
CA TRP A 31 4.77 -2.32 -20.58
C TRP A 31 3.86 -1.37 -21.36
N PHE A 32 2.71 -1.04 -20.79
CA PHE A 32 1.78 -0.13 -21.45
C PHE A 32 2.50 1.14 -21.88
N GLN A 33 3.28 1.70 -20.96
CA GLN A 33 4.02 2.92 -21.27
C GLN A 33 5.15 2.64 -22.26
N HIS A 34 5.67 1.42 -22.23
CA HIS A 34 6.74 1.04 -23.13
C HIS A 34 6.24 1.00 -24.58
N VAL A 35 4.94 0.74 -24.74
CA VAL A 35 4.34 0.67 -26.08
C VAL A 35 3.53 1.92 -26.38
N MET A 36 2.60 2.25 -25.49
CA MET A 36 1.75 3.43 -25.70
C MET A 36 2.52 4.71 -25.42
N LEU A 37 3.81 4.58 -25.11
CA LEU A 37 4.64 5.75 -24.84
C LEU A 37 3.90 6.73 -23.91
N LEU A 38 3.32 6.20 -22.85
CA LEU A 38 2.60 7.04 -21.89
C LEU A 38 3.58 7.79 -20.99
N LYS A 39 3.14 8.92 -20.46
CA LYS A 39 3.97 9.73 -19.58
C LYS A 39 3.36 9.80 -18.18
N PRO A 40 4.11 9.45 -17.16
CA PRO A 40 3.60 9.50 -15.76
C PRO A 40 3.58 10.93 -15.20
N CYS A 41 3.04 11.08 -14.00
CA CYS A 41 2.96 12.40 -13.37
C CYS A 41 3.46 12.35 -11.93
N VAL A 42 3.35 13.48 -11.24
CA VAL A 42 3.80 13.56 -9.86
C VAL A 42 2.97 12.64 -8.97
N LEU A 43 1.66 12.67 -9.16
CA LEU A 43 0.76 11.85 -8.35
C LEU A 43 0.93 10.37 -8.65
N SER A 44 0.90 10.02 -9.94
CA SER A 44 1.06 8.62 -10.35
C SER A 44 2.26 7.99 -9.65
N ILE A 45 3.41 8.67 -9.72
CA ILE A 45 4.61 8.15 -9.08
C ILE A 45 4.40 8.03 -7.58
N TYR A 46 3.74 9.03 -7.00
CA TYR A 46 3.48 9.02 -5.56
C TYR A 46 2.74 7.73 -5.19
N GLU A 47 1.74 7.39 -5.99
CA GLU A 47 0.95 6.18 -5.74
C GLU A 47 1.85 4.95 -5.88
N ARG A 48 2.78 5.01 -6.83
CA ARG A 48 3.69 3.91 -7.05
C ARG A 48 4.59 3.71 -5.84
N ALA A 49 5.06 4.82 -5.27
CA ALA A 49 5.93 4.76 -4.10
C ALA A 49 5.16 4.26 -2.88
N ALA A 50 3.89 4.67 -2.78
CA ALA A 50 3.07 4.26 -1.65
C ALA A 50 3.05 2.73 -1.55
N LEU A 51 2.85 2.07 -2.68
CA LEU A 51 2.82 0.61 -2.71
C LEU A 51 4.25 0.06 -2.64
N PHE A 52 5.15 0.62 -3.43
CA PHE A 52 6.53 0.16 -3.40
C PHE A 52 6.99 0.05 -1.95
N GLY A 53 6.58 1.02 -1.13
CA GLY A 53 6.93 1.04 0.28
C GLY A 53 6.27 -0.14 1.00
N VAL A 54 4.99 -0.36 0.73
CA VAL A 54 4.27 -1.46 1.35
C VAL A 54 4.89 -2.78 0.92
N LEU A 55 5.12 -2.92 -0.38
CA LEU A 55 5.72 -4.13 -0.90
C LEU A 55 6.88 -4.56 0.00
N GLY A 56 7.72 -3.61 0.35
CA GLY A 56 8.86 -3.89 1.23
C GLY A 56 8.34 -4.40 2.58
N ALA A 57 7.23 -3.83 3.02
CA ALA A 57 6.64 -4.21 4.30
C ALA A 57 6.38 -5.72 4.32
N ALA A 58 5.84 -6.23 3.21
CA ALA A 58 5.56 -7.66 3.11
C ALA A 58 6.84 -8.47 3.23
N LEU A 59 7.92 -7.93 2.67
CA LEU A 59 9.22 -8.61 2.72
C LEU A 59 9.65 -8.82 4.18
N ILE A 60 9.47 -7.79 4.99
CA ILE A 60 9.84 -7.87 6.40
C ILE A 60 8.84 -8.72 7.17
N GLY A 61 7.55 -8.51 6.90
CA GLY A 61 6.51 -9.27 7.58
C GLY A 61 6.60 -10.76 7.27
N ALA A 62 7.18 -11.08 6.12
CA ALA A 62 7.34 -12.47 5.71
C ALA A 62 8.50 -13.13 6.45
N ILE A 63 9.11 -12.39 7.36
CA ILE A 63 10.25 -12.91 8.12
C ILE A 63 9.76 -13.81 9.25
N ALA A 64 8.73 -13.36 9.97
CA ALA A 64 8.19 -14.14 11.07
C ALA A 64 6.93 -13.46 11.62
N PRO A 65 5.83 -13.55 10.91
CA PRO A 65 4.55 -12.93 11.33
C PRO A 65 3.85 -13.70 12.45
N LYS A 66 4.62 -14.56 13.13
CA LYS A 66 4.07 -15.36 14.22
C LYS A 66 4.53 -14.79 15.56
N THR A 67 5.43 -13.81 15.50
CA THR A 67 5.95 -13.17 16.70
C THR A 67 5.50 -11.71 16.73
N PRO A 68 5.82 -10.99 17.77
CA PRO A 68 5.43 -9.56 17.90
C PRO A 68 5.85 -8.74 16.67
N LEU A 69 6.46 -9.42 15.70
CA LEU A 69 6.90 -8.76 14.48
C LEU A 69 5.75 -8.01 13.82
N ARG A 70 4.55 -8.57 13.91
CA ARG A 70 3.38 -7.93 13.31
C ARG A 70 3.44 -6.40 13.47
N TYR A 71 3.35 -5.90 14.69
CA TYR A 71 3.39 -4.45 14.90
C TYR A 71 4.63 -3.84 14.26
N VAL A 72 5.66 -4.65 14.03
CA VAL A 72 6.89 -4.12 13.45
C VAL A 72 6.75 -3.95 11.93
N ALA A 73 6.25 -4.97 11.25
CA ALA A 73 6.07 -4.86 9.79
C ALA A 73 4.83 -4.03 9.47
N MET A 74 3.81 -4.15 10.31
CA MET A 74 2.58 -3.40 10.12
C MET A 74 2.85 -1.91 10.26
N VAL A 75 4.05 -1.57 10.73
CA VAL A 75 4.41 -0.16 10.91
C VAL A 75 4.40 0.56 9.57
N ILE A 76 4.80 -0.17 8.53
CA ILE A 76 4.83 0.38 7.17
C ILE A 76 3.47 0.17 6.50
N TRP A 77 2.83 -0.94 6.84
CA TRP A 77 1.52 -1.25 6.27
C TRP A 77 0.51 -0.17 6.66
N LEU A 78 0.45 0.15 7.95
CA LEU A 78 -0.46 1.17 8.43
C LEU A 78 -0.05 2.54 7.91
N TYR A 79 1.25 2.84 7.98
CA TYR A 79 1.73 4.13 7.50
C TYR A 79 1.11 4.48 6.16
N SER A 80 1.08 3.49 5.27
CA SER A 80 0.50 3.71 3.93
C SER A 80 -1.02 3.63 3.99
N ALA A 81 -1.55 2.95 4.98
CA ALA A 81 -3.00 2.81 5.10
C ALA A 81 -3.65 4.18 5.24
N PHE A 82 -3.29 4.90 6.30
CA PHE A 82 -3.85 6.22 6.54
C PHE A 82 -3.33 7.24 5.54
N ARG A 83 -2.01 7.38 5.47
CA ARG A 83 -1.40 8.35 4.56
C ARG A 83 -1.62 7.99 3.10
N GLY A 84 -1.32 6.76 2.71
CA GLY A 84 -1.52 6.35 1.32
C GLY A 84 -2.94 6.67 0.87
N VAL A 85 -3.92 6.31 1.69
CA VAL A 85 -5.31 6.58 1.36
C VAL A 85 -5.57 8.09 1.32
N GLN A 86 -4.85 8.81 2.17
CA GLN A 86 -5.01 10.27 2.23
C GLN A 86 -4.62 10.90 0.89
N LEU A 87 -3.65 10.30 0.21
CA LEU A 87 -3.19 10.81 -1.07
C LEU A 87 -4.17 10.43 -2.18
N THR A 88 -4.67 9.19 -2.12
CA THR A 88 -5.61 8.72 -3.13
C THR A 88 -6.78 9.67 -3.27
N TYR A 89 -7.19 10.28 -2.15
CA TYR A 89 -8.30 11.22 -2.18
C TYR A 89 -7.91 12.51 -2.89
N GLU A 90 -6.80 13.10 -2.46
CA GLU A 90 -6.33 14.34 -3.08
C GLU A 90 -6.39 14.24 -4.60
N HIS A 91 -6.21 13.03 -5.11
CA HIS A 91 -6.24 12.80 -6.55
C HIS A 91 -7.68 12.81 -7.06
N THR A 92 -8.56 12.12 -6.35
CA THR A 92 -9.97 12.06 -6.75
C THR A 92 -10.63 13.42 -6.59
N MET A 93 -10.45 14.04 -5.43
CA MET A 93 -11.04 15.34 -5.17
C MET A 93 -10.71 16.30 -6.32
N LEU A 94 -9.42 16.41 -6.64
CA LEU A 94 -9.00 17.29 -7.72
C LEU A 94 -9.57 16.81 -9.05
N GLN A 95 -9.40 15.53 -9.33
CA GLN A 95 -9.89 14.95 -10.57
C GLN A 95 -11.35 15.34 -10.79
N LEU A 96 -12.10 15.42 -9.70
CA LEU A 96 -13.51 15.78 -9.78
C LEU A 96 -13.71 17.24 -9.41
N TYR A 97 -12.63 17.87 -8.92
CA TYR A 97 -12.68 19.28 -8.53
C TYR A 97 -11.54 20.06 -9.18
N PRO A 98 -11.67 20.34 -10.45
CA PRO A 98 -10.64 21.11 -11.21
C PRO A 98 -10.19 22.36 -10.46
N SER A 99 -8.89 22.41 -10.13
CA SER A 99 -8.33 23.55 -9.41
C SER A 99 -6.98 23.93 -9.99
N PRO A 100 -6.58 25.16 -9.86
CA PRO A 100 -5.27 25.66 -10.38
C PRO A 100 -4.09 25.08 -9.60
N PHE A 101 -3.61 23.93 -10.03
CA PHE A 101 -2.48 23.28 -9.37
C PHE A 101 -1.37 24.29 -9.09
N ALA A 102 -0.46 23.93 -8.21
CA ALA A 102 0.65 24.81 -7.86
C ALA A 102 1.75 24.75 -8.92
N THR A 103 2.62 25.75 -8.94
CA THR A 103 3.71 25.79 -9.91
C THR A 103 4.85 24.87 -9.47
N SER A 104 4.49 23.71 -8.91
CA SER A 104 5.48 22.75 -8.45
C SER A 104 5.33 21.42 -9.19
N ASP A 105 4.21 21.28 -9.90
CA ASP A 105 3.96 20.06 -10.65
C ASP A 105 5.13 19.74 -11.57
N PHE A 106 5.51 20.71 -12.41
CA PHE A 106 6.62 20.52 -13.34
C PHE A 106 7.77 19.77 -12.67
N MET A 107 8.63 20.52 -11.97
CA MET A 107 9.77 19.92 -11.30
C MET A 107 9.44 19.65 -9.83
N VAL A 108 9.38 18.37 -9.47
CA VAL A 108 9.06 17.99 -8.10
C VAL A 108 10.25 18.26 -7.18
N ARG A 109 10.03 19.09 -6.17
CA ARG A 109 11.08 19.42 -5.22
C ARG A 109 11.29 18.28 -4.23
N PHE A 110 12.30 17.46 -4.47
CA PHE A 110 12.58 16.33 -3.60
C PHE A 110 13.55 16.75 -2.49
N PRO A 111 13.47 16.12 -1.34
CA PRO A 111 14.36 16.43 -0.19
C PRO A 111 15.82 16.08 -0.49
N GLU A 112 16.74 16.82 0.14
CA GLU A 112 18.16 16.59 -0.07
C GLU A 112 18.75 15.76 1.08
N TRP A 113 18.01 15.66 2.17
CA TRP A 113 18.47 14.90 3.32
C TRP A 113 18.12 13.43 3.16
N LEU A 114 17.42 13.10 2.09
CA LEU A 114 17.03 11.73 1.82
C LEU A 114 17.43 11.33 0.40
N PRO A 115 18.68 11.00 0.20
CA PRO A 115 19.20 10.60 -1.14
C PRO A 115 18.35 9.53 -1.80
N LEU A 116 17.24 9.17 -1.16
CA LEU A 116 16.35 8.16 -1.71
C LEU A 116 15.86 8.58 -3.08
N ASP A 117 15.71 9.90 -3.25
CA ASP A 117 15.25 10.46 -4.51
C ASP A 117 16.44 10.93 -5.36
N LYS A 118 17.38 11.63 -4.72
CA LYS A 118 18.56 12.12 -5.42
C LYS A 118 19.41 10.96 -5.90
N TRP A 119 19.63 9.98 -5.02
CA TRP A 119 20.43 8.82 -5.36
C TRP A 119 19.64 7.90 -6.28
N VAL A 120 18.32 8.15 -6.36
CA VAL A 120 17.46 7.34 -7.22
C VAL A 120 16.39 8.22 -7.88
N PRO A 121 16.78 8.98 -8.87
CA PRO A 121 15.84 9.87 -9.61
C PRO A 121 15.04 9.12 -10.66
N GLN A 122 15.53 7.92 -11.00
CA GLN A 122 14.88 7.10 -12.01
C GLN A 122 13.42 6.85 -11.65
N VAL A 123 13.17 6.37 -10.44
CA VAL A 123 11.81 6.09 -9.98
C VAL A 123 11.36 7.15 -8.97
N PHE A 124 11.34 8.41 -9.43
CA PHE A 124 10.94 9.52 -8.57
C PHE A 124 10.65 10.76 -9.42
N VAL A 125 11.50 11.01 -10.40
CA VAL A 125 11.33 12.18 -11.28
C VAL A 125 10.03 12.08 -12.05
N ALA A 126 9.24 13.15 -12.02
CA ALA A 126 7.96 13.18 -12.73
C ALA A 126 8.08 13.90 -14.07
N SER A 127 7.16 13.61 -14.98
CA SER A 127 7.15 14.24 -16.29
C SER A 127 5.79 14.07 -16.97
N GLY A 128 4.97 15.13 -16.90
CA GLY A 128 3.65 15.08 -17.51
C GLY A 128 2.62 15.83 -16.65
N ASP A 129 1.35 15.74 -17.05
CA ASP A 129 0.28 16.41 -16.30
C ASP A 129 -0.32 15.46 -15.28
N CYS A 130 -0.87 16.02 -14.20
CA CYS A 130 -1.47 15.22 -13.14
C CYS A 130 -3.00 15.29 -13.21
N ALA A 131 -3.63 14.11 -13.22
CA ALA A 131 -5.09 13.99 -13.28
C ALA A 131 -5.55 13.68 -14.70
N GLU A 132 -4.63 13.78 -15.66
CA GLU A 132 -4.97 13.50 -17.04
C GLU A 132 -5.27 12.00 -17.20
N ARG A 133 -6.17 11.67 -18.12
CA ARG A 133 -6.53 10.27 -18.35
C ARG A 133 -5.62 9.66 -19.41
N GLN A 134 -5.11 8.47 -19.12
CA GLN A 134 -4.21 7.79 -20.05
C GLN A 134 -4.65 6.34 -20.28
N TRP A 135 -5.43 5.81 -19.34
CA TRP A 135 -5.90 4.43 -19.48
C TRP A 135 -6.89 4.09 -18.36
N ASP A 136 -8.00 3.46 -18.72
CA ASP A 136 -9.02 3.12 -17.74
C ASP A 136 -9.64 1.75 -18.01
N PHE A 137 -10.27 1.19 -16.98
CA PHE A 137 -10.92 -0.12 -17.09
C PHE A 137 -12.41 0.05 -16.77
N LEU A 138 -13.26 -0.65 -17.51
CA LEU A 138 -14.70 -0.54 -17.27
C LEU A 138 -15.13 0.92 -17.23
N GLY A 139 -14.28 1.81 -17.76
CA GLY A 139 -14.59 3.23 -17.78
C GLY A 139 -14.14 3.93 -16.50
N LEU A 140 -13.19 3.31 -15.79
CA LEU A 140 -12.68 3.87 -14.54
C LEU A 140 -11.16 4.03 -14.64
N GLU A 141 -10.66 5.17 -14.15
CA GLU A 141 -9.23 5.43 -14.19
C GLU A 141 -8.48 4.55 -13.20
N MET A 142 -7.26 4.17 -13.55
CA MET A 142 -6.45 3.32 -12.69
C MET A 142 -6.48 3.84 -11.25
N PRO A 143 -6.07 5.08 -11.04
CA PRO A 143 -6.06 5.69 -9.68
C PRO A 143 -7.27 5.28 -8.84
N GLN A 144 -8.43 5.19 -9.47
CA GLN A 144 -9.64 4.79 -8.75
C GLN A 144 -9.60 3.31 -8.42
N TRP A 145 -9.35 2.48 -9.43
CA TRP A 145 -9.29 1.05 -9.21
C TRP A 145 -8.25 0.74 -8.13
N LEU A 146 -7.02 1.17 -8.37
CA LEU A 146 -5.94 0.93 -7.41
C LEU A 146 -6.45 1.24 -6.00
N LEU A 147 -7.25 2.30 -5.88
CA LEU A 147 -7.82 2.68 -4.58
C LEU A 147 -8.57 1.47 -4.01
N GLY A 148 -9.20 0.74 -4.91
CA GLY A 148 -9.95 -0.45 -4.51
C GLY A 148 -9.02 -1.48 -3.88
N ILE A 149 -7.86 -1.68 -4.49
CA ILE A 149 -6.88 -2.64 -3.98
C ILE A 149 -6.17 -2.07 -2.77
N PHE A 150 -6.11 -0.74 -2.68
CA PHE A 150 -5.45 -0.08 -1.55
C PHE A 150 -6.21 -0.37 -0.26
N ILE A 151 -7.53 -0.28 -0.31
CA ILE A 151 -8.34 -0.53 0.87
C ILE A 151 -8.26 -2.00 1.27
N ALA A 152 -8.22 -2.88 0.29
CA ALA A 152 -8.12 -4.31 0.58
C ALA A 152 -6.83 -4.60 1.35
N TYR A 153 -5.72 -4.11 0.83
CA TYR A 153 -4.42 -4.35 1.46
C TYR A 153 -4.41 -3.92 2.93
N LEU A 154 -4.95 -2.74 3.22
CA LEU A 154 -4.98 -2.25 4.60
C LEU A 154 -6.05 -2.97 5.42
N ILE A 155 -7.11 -3.40 4.75
CA ILE A 155 -8.20 -4.09 5.43
C ILE A 155 -7.78 -5.50 5.87
N VAL A 156 -6.95 -6.15 5.07
CA VAL A 156 -6.51 -7.50 5.42
C VAL A 156 -5.46 -7.46 6.52
N ALA A 157 -4.61 -6.44 6.50
CA ALA A 157 -3.58 -6.31 7.52
C ALA A 157 -4.20 -6.10 8.90
N VAL A 158 -5.12 -5.16 8.99
CA VAL A 158 -5.78 -4.88 10.27
C VAL A 158 -6.44 -6.13 10.83
N LEU A 159 -7.18 -6.84 9.98
CA LEU A 159 -7.85 -8.06 10.41
C LEU A 159 -6.82 -9.13 10.81
N VAL A 160 -5.67 -9.11 10.14
CA VAL A 160 -4.62 -10.09 10.42
C VAL A 160 -4.01 -9.83 11.79
N VAL A 161 -4.07 -8.59 12.25
CA VAL A 161 -3.51 -8.23 13.55
C VAL A 161 -4.50 -8.58 14.65
N ILE A 162 -5.76 -8.21 14.45
CA ILE A 162 -6.80 -8.49 15.45
C ILE A 162 -7.20 -9.97 15.42
N SER A 163 -6.79 -10.67 14.36
CA SER A 163 -7.12 -12.09 14.23
C SER A 163 -6.39 -12.90 15.29
N GLN A 164 -5.40 -12.30 15.92
CA GLN A 164 -4.64 -12.99 16.96
C GLN A 164 -5.51 -13.26 18.18
N PRO A 165 -5.98 -12.24 18.86
CA PRO A 165 -6.85 -12.40 20.06
C PRO A 165 -8.16 -13.10 19.72
N PHE A 166 -8.69 -12.82 18.52
CA PHE A 166 -9.94 -13.43 18.07
C PHE A 166 -11.06 -13.15 19.08
N LYS A 167 -12.29 -13.07 18.57
CA LYS A 167 -13.44 -12.82 19.43
C LYS A 167 -14.73 -12.88 18.64
N ALA A 168 -14.60 -13.10 17.33
CA ALA A 168 -15.77 -13.19 16.46
C ALA A 168 -16.57 -11.88 16.49
N LYS A 169 -16.69 -11.24 15.34
CA LYS A 169 -17.42 -9.98 15.26
C LYS A 169 -18.82 -10.12 15.85
N LYS A 170 -19.61 -9.06 15.75
CA LYS A 170 -20.97 -9.07 16.28
C LYS A 170 -21.83 -8.04 15.54
N ARG A 171 -23.14 -8.16 15.70
CA ARG A 171 -24.06 -7.22 15.05
C ARG A 171 -24.08 -7.46 13.54
N ASP A 172 -25.27 -7.70 13.01
CA ASP A 172 -25.42 -7.93 11.57
C ASP A 172 -25.42 -6.61 10.81
N LEU A 173 -26.27 -6.53 9.79
CA LEU A 173 -26.37 -5.31 8.99
C LEU A 173 -27.61 -4.52 9.37
N PHE A 174 -28.77 -5.15 9.28
CA PHE A 174 -30.03 -4.48 9.61
C PHE A 174 -30.17 -3.19 8.83
N GLY A 175 -31.07 -3.18 7.86
CA GLY A 175 -31.30 -1.99 7.04
C GLY A 175 -32.78 -1.83 6.72
N ARG A 176 -33.26 -0.59 6.74
CA ARG A 176 -34.65 -0.31 6.46
C ARG A 176 -34.89 -0.24 4.95
N GLY A 177 -34.13 0.61 4.27
CA GLY A 177 -34.27 0.76 2.83
C GLY A 177 -35.66 1.25 2.45
N HIS A 178 -35.92 2.53 2.68
CA HIS A 178 -37.23 3.11 2.39
C HIS A 178 -37.32 3.48 0.90
N HIS A 179 -38.43 3.11 0.28
CA HIS A 179 -38.64 3.40 -1.13
C HIS A 179 -39.20 4.80 -1.30
N HIS A 180 -39.57 5.16 -2.54
CA HIS A 180 -40.11 6.48 -2.83
C HIS A 180 -41.51 6.36 -3.43
N HIS A 181 -42.19 7.49 -3.57
CA HIS A 181 -43.53 7.50 -4.14
C HIS A 181 -43.52 6.93 -5.56
N HIS A 182 -44.70 6.86 -6.16
CA HIS A 182 -44.82 6.32 -7.52
C HIS A 182 -44.33 7.36 -8.53
N HIS A 183 -45.13 8.39 -8.77
CA HIS A 183 -44.76 9.43 -9.72
C HIS A 183 -43.49 10.15 -9.27
C1 UQ2 B . 1.72 4.34 -14.75
C2 UQ2 B . 1.12 4.79 -16.03
C3 UQ2 B . -0.07 5.40 -16.04
C4 UQ2 B . -0.79 5.63 -14.76
C5 UQ2 B . -0.20 5.19 -13.49
C6 UQ2 B . 1.01 4.57 -13.48
CM2 UQ2 B . 1.08 3.53 -17.90
CM3 UQ2 B . 0.14 6.94 -17.67
CM5 UQ2 B . -0.96 5.43 -12.20
C7 UQ2 B . 1.65 4.09 -12.19
C8 UQ2 B . 1.58 2.60 -12.13
C9 UQ2 B . 1.30 1.97 -11.00
C10 UQ2 B . 1.03 2.76 -9.73
C11 UQ2 B . 1.23 0.46 -10.97
C12 UQ2 B . 0.11 -0.04 -11.87
C13 UQ2 B . -1.15 -0.23 -11.06
C14 UQ2 B . -2.28 -0.54 -11.64
C15 UQ2 B . -3.53 -0.74 -10.82
C16 UQ2 B . -2.34 -0.72 -13.13
O1 UQ2 B . 2.81 3.79 -14.75
O2 UQ2 B . 1.79 4.58 -17.20
O3 UQ2 B . -0.63 5.81 -17.21
O4 UQ2 B . -1.87 6.19 -14.77
H2M1 UQ2 B . 1.60 3.32 -18.83
H2M2 UQ2 B . 0.07 3.85 -18.11
H2M3 UQ2 B . 1.07 2.63 -17.30
H3M1 UQ2 B . 0.12 7.73 -16.93
H3M2 UQ2 B . -0.29 7.30 -18.59
H3M3 UQ2 B . 1.16 6.64 -17.84
H5M1 UQ2 B . -1.92 5.84 -12.43
H5M2 UQ2 B . -0.41 6.12 -11.58
H5M3 UQ2 B . -1.08 4.49 -11.67
H71 UQ2 B . 1.13 4.52 -11.35
H72 UQ2 B . 2.68 4.41 -12.16
H8 UQ2 B . 1.76 2.01 -13.02
H101 UQ2 B . 1.75 3.56 -9.66
H102 UQ2 B . 1.14 2.11 -8.87
H103 UQ2 B . 0.03 3.16 -9.76
H111 UQ2 B . 1.06 0.12 -9.97
H112 UQ2 B . 2.18 0.07 -11.33
H121 UQ2 B . 0.39 -0.99 -12.32
H122 UQ2 B . -0.09 0.68 -12.66
H13 UQ2 B . -1.11 -0.10 -9.99
H151 UQ2 B . -3.26 -1.03 -9.80
H152 UQ2 B . -4.14 -1.51 -11.26
H153 UQ2 B . -4.08 0.19 -10.79
H161 UQ2 B . -3.36 -0.90 -13.45
H162 UQ2 B . -1.73 -1.57 -13.42
H163 UQ2 B . -1.96 0.17 -13.62
N MET A 1 -15.82 -18.88 7.72
CA MET A 1 -14.56 -19.61 8.02
C MET A 1 -13.45 -18.60 8.30
N LEU A 2 -13.74 -17.63 9.16
CA LEU A 2 -12.75 -16.62 9.50
C LEU A 2 -11.50 -17.26 10.10
N ARG A 3 -11.70 -18.33 10.86
CA ARG A 3 -10.59 -19.04 11.49
C ARG A 3 -9.57 -19.46 10.43
N PHE A 4 -10.08 -19.92 9.29
CA PHE A 4 -9.22 -20.37 8.21
C PHE A 4 -8.41 -19.18 7.67
N LEU A 5 -9.08 -18.05 7.48
CA LEU A 5 -8.41 -16.85 6.98
C LEU A 5 -7.13 -16.58 7.77
N ASN A 6 -7.23 -16.74 9.09
CA ASN A 6 -6.07 -16.52 9.96
C ASN A 6 -5.02 -17.58 9.70
N GLN A 7 -5.47 -18.75 9.27
CA GLN A 7 -4.57 -19.85 8.99
C GLN A 7 -3.79 -19.58 7.71
N ALA A 8 -4.52 -19.24 6.65
CA ALA A 8 -3.88 -18.95 5.36
C ALA A 8 -3.01 -17.70 5.46
N SER A 9 -3.43 -16.76 6.29
CA SER A 9 -2.67 -15.52 6.46
C SER A 9 -1.43 -15.76 7.31
N GLN A 10 -1.54 -16.65 8.28
CA GLN A 10 -0.42 -16.95 9.15
C GLN A 10 0.60 -17.81 8.42
N GLY A 11 0.44 -17.91 7.10
CA GLY A 11 1.34 -18.69 6.26
C GLY A 11 2.20 -17.77 5.41
N ARG A 12 3.43 -18.21 5.13
CA ARG A 12 4.35 -17.41 4.33
C ARG A 12 3.90 -17.39 2.88
N GLY A 13 3.62 -18.56 2.33
CA GLY A 13 3.17 -18.68 0.95
C GLY A 13 2.15 -17.60 0.62
N ALA A 14 1.19 -17.44 1.52
CA ALA A 14 0.13 -16.46 1.34
C ALA A 14 0.74 -15.05 1.27
N TRP A 15 1.64 -14.77 2.21
CA TRP A 15 2.29 -13.46 2.24
C TRP A 15 3.01 -13.21 0.92
N LEU A 16 3.52 -14.28 0.31
CA LEU A 16 4.23 -14.16 -0.95
C LEU A 16 3.22 -13.91 -2.07
N LEU A 17 2.00 -14.41 -1.87
CA LEU A 17 0.94 -14.25 -2.85
C LEU A 17 0.47 -12.81 -2.93
N MET A 18 0.44 -12.13 -1.78
CA MET A 18 0.01 -10.74 -1.74
C MET A 18 1.08 -9.85 -2.35
N ALA A 19 2.34 -10.25 -2.21
CA ALA A 19 3.44 -9.47 -2.75
C ALA A 19 3.47 -9.58 -4.27
N PHE A 20 3.48 -10.81 -4.78
CA PHE A 20 3.52 -11.03 -6.22
C PHE A 20 2.45 -10.18 -6.93
N THR A 21 1.24 -10.22 -6.40
CA THR A 21 0.14 -9.45 -7.00
C THR A 21 0.51 -7.97 -7.13
N ALA A 22 0.76 -7.33 -6.00
CA ALA A 22 1.12 -5.92 -6.00
C ALA A 22 2.24 -5.63 -7.01
N LEU A 23 3.20 -6.55 -7.08
CA LEU A 23 4.31 -6.38 -8.01
C LEU A 23 3.86 -6.54 -9.45
N ALA A 24 2.98 -7.51 -9.69
CA ALA A 24 2.48 -7.76 -11.05
C ALA A 24 1.97 -6.46 -11.67
N LEU A 25 1.36 -5.60 -10.86
CA LEU A 25 0.83 -4.34 -11.35
C LEU A 25 1.96 -3.37 -11.68
N GLU A 26 3.02 -3.41 -10.89
CA GLU A 26 4.16 -2.51 -11.12
C GLU A 26 4.78 -2.74 -12.49
N LEU A 27 4.98 -4.01 -12.85
CA LEU A 27 5.57 -4.35 -14.14
C LEU A 27 4.56 -4.17 -15.27
N THR A 28 3.37 -4.72 -15.08
CA THR A 28 2.32 -4.62 -16.09
C THR A 28 2.21 -3.19 -16.61
N ALA A 29 2.26 -2.23 -15.70
CA ALA A 29 2.17 -0.83 -16.08
C ALA A 29 3.49 -0.34 -16.66
N LEU A 30 4.59 -0.95 -16.22
CA LEU A 30 5.91 -0.58 -16.69
C LEU A 30 6.05 -0.87 -18.18
N TRP A 31 5.17 -1.72 -18.70
CA TRP A 31 5.21 -2.07 -20.12
C TRP A 31 4.32 -1.11 -20.93
N PHE A 32 3.16 -0.80 -20.39
CA PHE A 32 2.23 0.10 -21.06
C PHE A 32 2.96 1.36 -21.51
N GLN A 33 3.77 1.92 -20.62
CA GLN A 33 4.51 3.13 -20.94
C GLN A 33 5.64 2.84 -21.93
N HIS A 34 6.14 1.61 -21.89
CA HIS A 34 7.23 1.22 -22.79
C HIS A 34 6.73 1.10 -24.22
N VAL A 35 5.43 0.85 -24.39
CA VAL A 35 4.85 0.71 -25.72
C VAL A 35 4.02 1.93 -26.09
N MET A 36 3.19 2.39 -25.16
CA MET A 36 2.34 3.56 -25.42
C MET A 36 3.11 4.85 -25.17
N LEU A 37 4.41 4.73 -24.87
CA LEU A 37 5.24 5.90 -24.61
C LEU A 37 4.52 6.89 -23.70
N LEU A 38 3.86 6.35 -22.67
CA LEU A 38 3.13 7.19 -21.73
C LEU A 38 4.09 7.80 -20.71
N LYS A 39 3.73 8.96 -20.16
CA LYS A 39 4.55 9.63 -19.18
C LYS A 39 3.83 9.74 -17.84
N PRO A 40 4.45 9.36 -16.75
CA PRO A 40 3.82 9.43 -15.40
C PRO A 40 3.78 10.87 -14.87
N CYS A 41 3.23 11.04 -13.67
CA CYS A 41 3.14 12.36 -13.06
C CYS A 41 3.62 12.32 -11.62
N VAL A 42 3.50 13.46 -10.93
CA VAL A 42 3.93 13.55 -9.54
C VAL A 42 3.07 12.65 -8.64
N LEU A 43 1.76 12.73 -8.82
CA LEU A 43 0.83 11.95 -8.02
C LEU A 43 0.95 10.45 -8.31
N SER A 44 0.90 10.11 -9.60
CA SER A 44 1.01 8.73 -10.02
C SER A 44 2.20 8.04 -9.36
N ILE A 45 3.36 8.68 -9.45
CA ILE A 45 4.58 8.12 -8.86
C ILE A 45 4.42 8.00 -7.34
N TYR A 46 3.82 9.02 -6.74
CA TYR A 46 3.62 9.00 -5.28
C TYR A 46 2.88 7.74 -4.87
N GLU A 47 1.83 7.41 -5.62
CA GLU A 47 1.04 6.21 -5.32
C GLU A 47 1.93 4.97 -5.40
N ARG A 48 2.82 4.95 -6.39
CA ARG A 48 3.72 3.81 -6.56
C ARG A 48 4.56 3.61 -5.30
N ALA A 49 4.92 4.71 -4.66
CA ALA A 49 5.72 4.64 -3.44
C ALA A 49 4.90 4.07 -2.30
N ALA A 50 3.63 4.43 -2.24
CA ALA A 50 2.74 3.95 -1.19
C ALA A 50 2.68 2.42 -1.21
N LEU A 51 2.42 1.86 -2.39
CA LEU A 51 2.34 0.41 -2.53
C LEU A 51 3.74 -0.21 -2.52
N PHE A 52 4.63 0.31 -3.35
CA PHE A 52 5.99 -0.20 -3.40
C PHE A 52 6.53 -0.35 -1.98
N GLY A 53 6.21 0.62 -1.13
CA GLY A 53 6.66 0.61 0.25
C GLY A 53 6.03 -0.54 1.02
N VAL A 54 4.73 -0.75 0.83
CA VAL A 54 4.03 -1.82 1.51
C VAL A 54 4.57 -3.18 1.04
N LEU A 55 4.79 -3.28 -0.27
CA LEU A 55 5.32 -4.50 -0.85
C LEU A 55 6.56 -4.95 -0.08
N GLY A 56 7.49 -4.03 0.11
CA GLY A 56 8.72 -4.34 0.83
C GLY A 56 8.40 -4.73 2.26
N ALA A 57 7.54 -3.91 2.89
CA ALA A 57 7.14 -4.17 4.26
C ALA A 57 6.69 -5.61 4.43
N ALA A 58 6.01 -6.13 3.41
CA ALA A 58 5.52 -7.51 3.44
C ALA A 58 6.68 -8.48 3.26
N LEU A 59 7.74 -8.01 2.61
CA LEU A 59 8.91 -8.85 2.37
C LEU A 59 9.68 -9.07 3.68
N ILE A 60 9.86 -8.00 4.45
CA ILE A 60 10.58 -8.08 5.71
C ILE A 60 9.73 -8.78 6.77
N GLY A 61 8.41 -8.64 6.65
CA GLY A 61 7.49 -9.26 7.61
C GLY A 61 7.25 -10.72 7.25
N ALA A 62 7.39 -11.05 5.97
CA ALA A 62 7.17 -12.41 5.50
C ALA A 62 8.31 -13.32 5.95
N ILE A 63 9.31 -12.73 6.60
CA ILE A 63 10.46 -13.51 7.06
C ILE A 63 10.16 -14.14 8.42
N ALA A 64 9.18 -13.58 9.12
CA ALA A 64 8.80 -14.11 10.43
C ALA A 64 7.67 -13.28 11.04
N PRO A 65 6.50 -13.36 10.47
CA PRO A 65 5.31 -12.60 10.96
C PRO A 65 4.63 -13.29 12.15
N LYS A 66 5.41 -14.07 12.89
CA LYS A 66 4.90 -14.78 14.06
C LYS A 66 5.45 -14.18 15.34
N THR A 67 6.38 -13.25 15.19
CA THR A 67 7.00 -12.59 16.34
C THR A 67 6.56 -11.13 16.41
N PRO A 68 6.94 -10.42 17.44
CA PRO A 68 6.55 -8.99 17.59
C PRO A 68 6.77 -8.20 16.31
N LEU A 69 7.42 -8.82 15.33
CA LEU A 69 7.67 -8.16 14.05
C LEU A 69 6.37 -7.58 13.49
N ARG A 70 5.25 -8.22 13.81
CA ARG A 70 3.96 -7.75 13.34
C ARG A 70 3.86 -6.23 13.42
N TYR A 71 3.81 -5.67 14.64
CA TYR A 71 3.73 -4.21 14.77
C TYR A 71 4.84 -3.56 13.97
N VAL A 72 6.03 -4.16 13.97
CA VAL A 72 7.17 -3.59 13.26
C VAL A 72 6.88 -3.43 11.76
N ALA A 73 6.48 -4.50 11.09
CA ALA A 73 6.17 -4.41 9.66
C ALA A 73 4.90 -3.59 9.45
N MET A 74 3.99 -3.70 10.41
CA MET A 74 2.72 -2.98 10.34
C MET A 74 2.96 -1.47 10.30
N VAL A 75 4.10 -1.05 10.85
CA VAL A 75 4.44 0.36 10.89
C VAL A 75 4.32 1.01 9.51
N ILE A 76 4.70 0.23 8.49
CA ILE A 76 4.67 0.70 7.12
C ILE A 76 3.29 0.50 6.50
N TRP A 77 2.63 -0.61 6.82
CA TRP A 77 1.31 -0.89 6.28
C TRP A 77 0.36 0.26 6.64
N LEU A 78 0.34 0.64 7.92
CA LEU A 78 -0.51 1.72 8.38
C LEU A 78 -0.07 3.04 7.76
N TYR A 79 1.23 3.31 7.80
CA TYR A 79 1.77 4.54 7.25
C TYR A 79 1.20 4.81 5.86
N SER A 80 1.21 3.79 5.01
CA SER A 80 0.69 3.93 3.66
C SER A 80 -0.84 3.85 3.67
N ALA A 81 -1.39 3.18 4.67
CA ALA A 81 -2.83 3.02 4.77
C ALA A 81 -3.53 4.38 4.85
N PHE A 82 -3.19 5.14 5.88
CA PHE A 82 -3.80 6.46 6.06
C PHE A 82 -3.24 7.48 5.07
N ARG A 83 -1.91 7.59 5.04
CA ARG A 83 -1.26 8.55 4.16
C ARG A 83 -1.48 8.21 2.68
N GLY A 84 -1.38 6.94 2.32
CA GLY A 84 -1.59 6.53 0.94
C GLY A 84 -3.02 6.82 0.49
N VAL A 85 -3.98 6.45 1.35
CA VAL A 85 -5.38 6.67 1.03
C VAL A 85 -5.74 8.14 1.07
N GLN A 86 -5.44 8.80 2.18
CA GLN A 86 -5.75 10.22 2.32
C GLN A 86 -5.28 10.99 1.08
N LEU A 87 -4.24 10.49 0.44
CA LEU A 87 -3.70 11.15 -0.75
C LEU A 87 -4.46 10.71 -2.00
N THR A 88 -4.80 9.42 -2.06
CA THR A 88 -5.53 8.90 -3.22
C THR A 88 -6.78 9.73 -3.47
N TYR A 89 -7.25 10.40 -2.43
CA TYR A 89 -8.45 11.23 -2.53
C TYR A 89 -8.13 12.53 -3.24
N GLU A 90 -6.98 13.11 -2.93
CA GLU A 90 -6.57 14.36 -3.56
C GLU A 90 -6.56 14.22 -5.07
N HIS A 91 -6.09 13.08 -5.55
CA HIS A 91 -6.01 12.83 -6.98
C HIS A 91 -7.41 12.68 -7.58
N THR A 92 -8.23 11.83 -6.95
CA THR A 92 -9.58 11.61 -7.43
C THR A 92 -10.40 12.90 -7.40
N MET A 93 -10.38 13.57 -6.24
CA MET A 93 -11.12 14.82 -6.10
C MET A 93 -10.88 15.74 -7.29
N LEU A 94 -9.61 15.89 -7.67
CA LEU A 94 -9.27 16.75 -8.79
C LEU A 94 -9.76 16.15 -10.11
N GLN A 95 -9.57 14.85 -10.27
CA GLN A 95 -10.00 14.18 -11.49
C GLN A 95 -11.52 14.32 -11.68
N LEU A 96 -12.26 14.08 -10.61
CA LEU A 96 -13.72 14.19 -10.66
C LEU A 96 -14.15 15.65 -10.52
N TYR A 97 -13.31 16.45 -9.88
CA TYR A 97 -13.61 17.87 -9.68
C TYR A 97 -12.34 18.71 -9.77
N PRO A 98 -11.77 18.80 -10.95
CA PRO A 98 -10.53 19.60 -11.18
C PRO A 98 -10.64 21.01 -10.63
N SER A 99 -9.51 21.61 -10.30
CA SER A 99 -9.49 22.97 -9.77
C SER A 99 -8.16 23.66 -10.08
N PRO A 100 -7.83 23.78 -11.34
CA PRO A 100 -6.58 24.43 -11.78
C PRO A 100 -6.62 25.94 -11.62
N PHE A 101 -5.45 26.58 -11.57
CA PHE A 101 -5.37 28.02 -11.42
C PHE A 101 -4.41 28.61 -12.44
N ALA A 102 -4.13 29.90 -12.30
CA ALA A 102 -3.22 30.59 -13.21
C ALA A 102 -1.78 30.21 -12.91
N THR A 103 -1.60 29.10 -12.20
CA THR A 103 -0.27 28.63 -11.83
C THR A 103 -0.13 27.14 -12.13
N SER A 104 0.96 26.55 -11.65
CA SER A 104 1.21 25.13 -11.87
C SER A 104 2.39 24.65 -11.03
N ASP A 105 2.22 24.69 -9.71
CA ASP A 105 3.28 24.25 -8.81
C ASP A 105 3.30 22.73 -8.70
N PHE A 106 4.04 22.22 -7.71
CA PHE A 106 4.13 20.79 -7.50
C PHE A 106 4.51 20.08 -8.80
N MET A 107 5.75 20.29 -9.23
CA MET A 107 6.24 19.67 -10.46
C MET A 107 7.76 19.53 -10.41
N VAL A 108 8.24 18.32 -10.66
CA VAL A 108 9.68 18.07 -10.64
C VAL A 108 10.31 18.71 -9.40
N ARG A 109 9.92 18.22 -8.22
CA ARG A 109 10.45 18.75 -6.97
C ARG A 109 10.61 17.63 -5.95
N PHE A 110 11.85 17.34 -5.59
CA PHE A 110 12.15 16.28 -4.62
C PHE A 110 12.91 16.85 -3.43
N PRO A 111 12.84 16.20 -2.29
CA PRO A 111 13.55 16.66 -1.06
C PRO A 111 15.07 16.60 -1.21
N GLU A 112 15.76 17.48 -0.50
CA GLU A 112 17.22 17.53 -0.57
C GLU A 112 17.83 16.85 0.66
N TRP A 113 17.01 16.13 1.41
CA TRP A 113 17.47 15.44 2.61
C TRP A 113 17.14 13.95 2.54
N LEU A 114 16.45 13.55 1.48
CA LEU A 114 16.06 12.15 1.30
C LEU A 114 16.73 11.59 0.04
N PRO A 115 17.95 11.10 0.17
CA PRO A 115 18.71 10.53 -0.98
C PRO A 115 17.92 9.44 -1.72
N LEU A 116 16.66 9.27 -1.37
CA LEU A 116 15.82 8.27 -2.00
C LEU A 116 15.44 8.71 -3.41
N ASP A 117 15.40 10.02 -3.61
CA ASP A 117 15.05 10.59 -4.90
C ASP A 117 16.31 10.94 -5.68
N LYS A 118 17.30 11.50 -4.99
CA LYS A 118 18.56 11.87 -5.64
C LYS A 118 19.34 10.61 -6.03
N TRP A 119 19.42 9.66 -5.11
CA TRP A 119 20.15 8.42 -5.37
C TRP A 119 19.35 7.54 -6.33
N VAL A 120 18.05 7.84 -6.45
CA VAL A 120 17.19 7.07 -7.34
C VAL A 120 16.17 7.99 -8.04
N PRO A 121 16.61 8.77 -8.98
CA PRO A 121 15.72 9.70 -9.73
C PRO A 121 14.90 8.97 -10.79
N GLN A 122 15.35 7.77 -11.14
CA GLN A 122 14.66 6.97 -12.16
C GLN A 122 13.32 6.46 -11.62
N VAL A 123 13.12 6.60 -10.33
CA VAL A 123 11.88 6.14 -9.70
C VAL A 123 11.35 7.18 -8.71
N PHE A 124 11.36 8.44 -9.15
CA PHE A 124 10.88 9.53 -8.30
C PHE A 124 10.63 10.78 -9.14
N VAL A 125 11.51 11.02 -10.11
CA VAL A 125 11.37 12.19 -10.97
C VAL A 125 10.02 12.17 -11.69
N ALA A 126 9.30 13.29 -11.63
CA ALA A 126 8.00 13.39 -12.28
C ALA A 126 8.14 14.04 -13.66
N SER A 127 7.22 13.70 -14.56
CA SER A 127 7.25 14.26 -15.90
C SER A 127 5.92 14.02 -16.62
N GLY A 128 5.07 15.04 -16.66
CA GLY A 128 3.77 14.92 -17.32
C GLY A 128 2.69 15.63 -16.51
N ASP A 129 1.44 15.52 -16.98
CA ASP A 129 0.32 16.15 -16.28
C ASP A 129 -0.22 15.22 -15.20
N CYS A 130 -0.73 15.81 -14.13
CA CYS A 130 -1.28 15.03 -13.02
C CYS A 130 -2.80 14.97 -13.11
N ALA A 131 -3.34 13.76 -13.01
CA ALA A 131 -4.79 13.55 -13.06
C ALA A 131 -5.27 13.32 -14.49
N GLU A 132 -4.36 13.45 -15.45
CA GLU A 132 -4.71 13.24 -16.85
C GLU A 132 -5.06 11.77 -17.09
N ARG A 133 -6.21 11.54 -17.71
CA ARG A 133 -6.64 10.18 -18.01
C ARG A 133 -5.71 9.54 -19.03
N GLN A 134 -5.22 8.34 -18.71
CA GLN A 134 -4.31 7.63 -19.60
C GLN A 134 -4.83 6.22 -19.89
N TRP A 135 -5.64 5.69 -18.98
CA TRP A 135 -6.19 4.35 -19.17
C TRP A 135 -7.18 4.01 -18.05
N ASP A 136 -8.31 3.42 -18.42
CA ASP A 136 -9.34 3.07 -17.45
C ASP A 136 -9.95 1.70 -17.75
N PHE A 137 -10.59 1.13 -16.74
CA PHE A 137 -11.24 -0.18 -16.88
C PHE A 137 -12.60 -0.14 -16.20
N LEU A 138 -13.67 -0.37 -16.96
CA LEU A 138 -15.02 -0.31 -16.40
C LEU A 138 -15.42 1.15 -16.27
N GLY A 139 -14.70 2.02 -16.98
CA GLY A 139 -14.99 3.44 -16.94
C GLY A 139 -14.33 4.09 -15.72
N LEU A 140 -13.39 3.37 -15.10
CA LEU A 140 -12.69 3.88 -13.93
C LEU A 140 -11.18 3.96 -14.20
N GLU A 141 -10.57 5.09 -13.85
CA GLU A 141 -9.15 5.28 -14.07
C GLU A 141 -8.35 4.48 -13.04
N MET A 142 -7.11 4.17 -13.38
CA MET A 142 -6.24 3.40 -12.49
C MET A 142 -6.28 3.99 -11.08
N PRO A 143 -5.86 5.22 -10.91
CA PRO A 143 -5.85 5.89 -9.58
C PRO A 143 -7.05 5.49 -8.72
N GLN A 144 -8.22 5.38 -9.33
CA GLN A 144 -9.42 4.99 -8.60
C GLN A 144 -9.39 3.51 -8.26
N TRP A 145 -8.99 2.69 -9.22
CA TRP A 145 -8.91 1.26 -8.99
C TRP A 145 -7.83 0.96 -7.96
N LEU A 146 -6.60 1.37 -8.25
CA LEU A 146 -5.49 1.15 -7.32
C LEU A 146 -5.93 1.47 -5.90
N LEU A 147 -6.74 2.51 -5.74
CA LEU A 147 -7.23 2.88 -4.43
C LEU A 147 -8.08 1.73 -3.88
N GLY A 148 -8.78 1.07 -4.81
CA GLY A 148 -9.63 -0.06 -4.44
C GLY A 148 -8.78 -1.20 -3.88
N ILE A 149 -7.72 -1.55 -4.60
CA ILE A 149 -6.84 -2.62 -4.15
C ILE A 149 -6.12 -2.22 -2.86
N PHE A 150 -5.94 -0.91 -2.68
CA PHE A 150 -5.27 -0.41 -1.49
C PHE A 150 -6.09 -0.70 -0.25
N ILE A 151 -7.41 -0.56 -0.36
CA ILE A 151 -8.30 -0.81 0.76
C ILE A 151 -8.26 -2.29 1.13
N ALA A 152 -8.16 -3.13 0.12
CA ALA A 152 -8.11 -4.57 0.36
C ALA A 152 -6.97 -4.89 1.33
N TYR A 153 -5.79 -4.33 1.07
CA TYR A 153 -4.64 -4.56 1.93
C TYR A 153 -4.94 -4.11 3.36
N LEU A 154 -5.62 -2.97 3.48
CA LEU A 154 -5.96 -2.45 4.80
C LEU A 154 -6.72 -3.52 5.59
N ILE A 155 -7.46 -4.37 4.88
CA ILE A 155 -8.23 -5.42 5.52
C ILE A 155 -7.34 -6.60 5.90
N VAL A 156 -6.32 -6.84 5.09
CA VAL A 156 -5.41 -7.96 5.33
C VAL A 156 -4.62 -7.78 6.62
N ALA A 157 -4.06 -6.60 6.84
CA ALA A 157 -3.27 -6.36 8.04
C ALA A 157 -4.13 -6.12 9.27
N VAL A 158 -5.15 -5.27 9.14
CA VAL A 158 -6.01 -4.95 10.27
C VAL A 158 -6.55 -6.22 10.94
N LEU A 159 -6.93 -7.21 10.14
CA LEU A 159 -7.48 -8.44 10.68
C LEU A 159 -6.36 -9.37 11.17
N VAL A 160 -5.21 -9.33 10.49
CA VAL A 160 -4.09 -10.18 10.87
C VAL A 160 -3.43 -9.68 12.15
N VAL A 161 -3.60 -8.40 12.45
CA VAL A 161 -3.02 -7.82 13.65
C VAL A 161 -3.91 -8.13 14.86
N ILE A 162 -5.19 -7.86 14.72
CA ILE A 162 -6.13 -8.11 15.81
C ILE A 162 -6.35 -9.62 15.98
N SER A 163 -5.85 -10.40 15.03
CA SER A 163 -5.99 -11.85 15.10
C SER A 163 -5.49 -12.36 16.44
N GLN A 164 -4.67 -11.55 17.11
CA GLN A 164 -4.13 -11.93 18.41
C GLN A 164 -3.60 -13.36 18.38
N PRO A 165 -2.71 -13.65 17.47
CA PRO A 165 -2.11 -15.01 17.33
C PRO A 165 -1.22 -15.36 18.52
N PHE A 166 -1.34 -14.58 19.59
CA PHE A 166 -0.54 -14.82 20.79
C PHE A 166 -1.34 -14.46 22.04
N LYS A 167 -1.32 -15.34 23.04
CA LYS A 167 -2.05 -15.11 24.27
C LYS A 167 -1.36 -14.03 25.11
N ALA A 168 -0.05 -14.17 25.29
CA ALA A 168 0.71 -13.20 26.07
C ALA A 168 0.71 -11.84 25.40
N LYS A 169 1.87 -11.22 25.31
CA LYS A 169 2.00 -9.91 24.68
C LYS A 169 1.31 -8.84 25.51
N LYS A 170 0.70 -9.26 26.62
CA LYS A 170 0.00 -8.33 27.50
C LYS A 170 0.93 -7.85 28.61
N ARG A 171 1.83 -8.72 29.04
CA ARG A 171 2.77 -8.37 30.10
C ARG A 171 4.02 -9.26 30.02
N ASP A 172 4.81 -9.26 31.10
CA ASP A 172 6.03 -10.06 31.14
C ASP A 172 6.38 -10.43 32.57
N LEU A 173 7.42 -11.24 32.73
CA LEU A 173 7.86 -11.66 34.05
C LEU A 173 8.04 -10.46 34.97
N PHE A 174 7.70 -10.63 36.24
CA PHE A 174 7.84 -9.55 37.22
C PHE A 174 9.27 -9.46 37.72
N GLY A 175 9.68 -10.46 38.50
CA GLY A 175 11.03 -10.48 39.05
C GLY A 175 11.37 -9.16 39.73
N ARG A 176 12.55 -8.64 39.44
CA ARG A 176 12.99 -7.38 40.04
C ARG A 176 14.27 -6.89 39.39
N GLY A 177 14.23 -6.67 38.08
CA GLY A 177 15.41 -6.21 37.35
C GLY A 177 16.10 -5.08 38.10
N HIS A 178 15.32 -4.08 38.51
CA HIS A 178 15.86 -2.95 39.24
C HIS A 178 17.03 -2.33 38.48
N HIS A 179 18.22 -2.40 39.05
CA HIS A 179 19.41 -1.84 38.41
C HIS A 179 19.99 -2.83 37.40
N HIS A 180 21.28 -3.08 37.49
CA HIS A 180 21.95 -4.00 36.58
C HIS A 180 23.04 -4.77 37.31
N HIS A 181 22.63 -5.74 38.14
CA HIS A 181 23.59 -6.54 38.89
C HIS A 181 24.56 -5.64 39.65
N HIS A 182 25.86 -5.92 39.50
CA HIS A 182 26.88 -5.14 40.18
C HIS A 182 28.27 -5.50 39.66
N HIS A 183 28.38 -6.68 39.06
CA HIS A 183 29.65 -7.14 38.53
C HIS A 183 30.07 -6.28 37.33
C1 UQ2 B . 1.89 4.69 -14.47
C2 UQ2 B . 1.40 5.14 -15.79
C3 UQ2 B . 0.22 5.78 -15.90
C4 UQ2 B . -0.59 6.02 -14.69
C5 UQ2 B . -0.11 5.56 -13.36
C6 UQ2 B . 1.08 4.93 -13.26
CM2 UQ2 B . 1.51 3.87 -17.64
CM3 UQ2 B . 0.60 7.31 -17.51
CM5 UQ2 B . -0.97 5.82 -12.14
C7 UQ2 B . 1.59 4.44 -11.92
C8 UQ2 B . 1.62 2.94 -11.92
C9 UQ2 B . 1.31 2.25 -10.83
C10 UQ2 B . 0.93 2.97 -9.56
C11 UQ2 B . 1.36 0.74 -10.87
C12 UQ2 B . 0.25 0.22 -11.79
C13 UQ2 B . -1.06 0.19 -11.04
C14 UQ2 B . -2.09 -0.45 -11.54
C15 UQ2 B . -3.39 -0.48 -10.77
C16 UQ2 B . -1.97 -1.16 -12.87
O1 UQ2 B . 2.95 4.12 -14.38
O2 UQ2 B . 2.15 4.92 -16.90
O3 UQ2 B . -0.23 6.19 -17.11
O4 UQ2 B . -1.66 6.60 -14.78
H2M1 UQ2 B . 2.07 3.66 -18.53
H2M2 UQ2 B . 0.51 4.18 -17.91
H2M3 UQ2 B . 1.46 2.97 -17.05
H3M1 UQ2 B . 0.52 8.10 -16.77
H3M2 UQ2 B . 0.26 7.67 -18.47
H3M3 UQ2 B . 1.63 6.99 -17.58
H5M1 UQ2 B . -1.18 4.89 -11.64
H5M2 UQ2 B . -1.90 6.28 -12.44
H5M3 UQ2 B . -0.46 6.49 -11.47
H71 UQ2 B . 0.96 4.79 -11.13
H72 UQ2 B . 2.60 4.82 -11.78
H8 UQ2 B . 1.90 2.41 -12.82
H101 UQ2 B . 0.45 2.27 -8.89
H102 UQ2 B . 0.25 3.77 -9.80
H103 UQ2 B . 1.81 3.37 -9.09
H111 UQ2 B . 1.20 0.35 -9.88
H112 UQ2 B . 2.31 0.42 -11.24
H121 UQ2 B . 0.50 -0.78 -12.12
H122 UQ2 B . 0.15 0.87 -12.64
H13 UQ2 B . -1.14 0.69 -10.08
H151 UQ2 B . -4.10 -1.11 -11.28
H152 UQ2 B . -3.78 0.52 -10.71
H153 UQ2 B . -3.22 -0.87 -9.78
H161 UQ2 B . -1.07 -1.73 -12.89
H162 UQ2 B . -1.96 -0.42 -13.66
H163 UQ2 B . -2.82 -1.82 -13.00
N MET A 1 -13.81 -20.20 9.66
CA MET A 1 -13.39 -19.55 8.38
C MET A 1 -12.33 -18.51 8.67
N LEU A 2 -12.56 -17.67 9.69
CA LEU A 2 -11.60 -16.64 10.06
C LEU A 2 -10.35 -17.28 10.64
N ARG A 3 -10.54 -18.29 11.48
CA ARG A 3 -9.42 -18.99 12.10
C ARG A 3 -8.42 -19.42 11.03
N PHE A 4 -8.92 -19.91 9.92
CA PHE A 4 -8.07 -20.36 8.83
C PHE A 4 -7.29 -19.17 8.26
N LEU A 5 -7.98 -18.06 8.06
CA LEU A 5 -7.33 -16.86 7.53
C LEU A 5 -6.02 -16.61 8.26
N ASN A 6 -6.02 -16.79 9.58
CA ASN A 6 -4.82 -16.59 10.38
C ASN A 6 -3.79 -17.67 10.04
N GLN A 7 -4.28 -18.83 9.62
CA GLN A 7 -3.39 -19.94 9.27
C GLN A 7 -2.75 -19.69 7.91
N ALA A 8 -3.59 -19.38 6.92
CA ALA A 8 -3.09 -19.13 5.58
C ALA A 8 -2.18 -17.91 5.56
N SER A 9 -2.46 -16.95 6.43
CA SER A 9 -1.66 -15.73 6.51
C SER A 9 -0.33 -16.02 7.22
N GLN A 10 -0.41 -16.78 8.30
CA GLN A 10 0.79 -17.12 9.07
C GLN A 10 1.71 -18.01 8.25
N GLY A 11 1.32 -18.25 7.00
CA GLY A 11 2.12 -19.06 6.09
C GLY A 11 2.91 -18.16 5.15
N ARG A 12 4.12 -18.60 4.81
CA ARG A 12 4.99 -17.83 3.93
C ARG A 12 4.42 -17.80 2.51
N GLY A 13 4.07 -18.97 1.98
CA GLY A 13 3.53 -19.07 0.63
C GLY A 13 2.52 -17.95 0.38
N ALA A 14 1.63 -17.76 1.35
CA ALA A 14 0.62 -16.72 1.24
C ALA A 14 1.28 -15.36 1.14
N TRP A 15 2.25 -15.10 2.02
CA TRP A 15 2.95 -13.83 2.02
C TRP A 15 3.62 -13.60 0.66
N LEU A 16 4.33 -14.61 0.16
CA LEU A 16 5.01 -14.51 -1.11
C LEU A 16 4.00 -14.24 -2.23
N LEU A 17 2.78 -14.73 -2.04
CA LEU A 17 1.72 -14.54 -3.03
C LEU A 17 1.28 -13.08 -3.07
N MET A 18 1.37 -12.39 -1.94
CA MET A 18 0.98 -10.99 -1.88
C MET A 18 2.02 -10.13 -2.59
N ALA A 19 3.27 -10.54 -2.52
CA ALA A 19 4.35 -9.80 -3.17
C ALA A 19 4.20 -9.83 -4.68
N PHE A 20 4.02 -11.04 -5.23
CA PHE A 20 3.87 -11.19 -6.67
C PHE A 20 2.77 -10.28 -7.20
N THR A 21 1.60 -10.36 -6.58
CA THR A 21 0.47 -9.54 -7.00
C THR A 21 0.89 -8.07 -7.10
N ALA A 22 1.52 -7.57 -6.05
CA ALA A 22 1.96 -6.18 -6.03
C ALA A 22 2.84 -5.88 -7.23
N LEU A 23 3.73 -6.81 -7.56
CA LEU A 23 4.62 -6.63 -8.69
C LEU A 23 3.85 -6.70 -10.00
N ALA A 24 2.87 -7.59 -10.06
CA ALA A 24 2.05 -7.75 -11.25
C ALA A 24 1.48 -6.42 -11.69
N LEU A 25 1.14 -5.57 -10.72
CA LEU A 25 0.58 -4.26 -11.02
C LEU A 25 1.66 -3.32 -11.55
N GLU A 26 2.84 -3.38 -10.93
CA GLU A 26 3.94 -2.53 -11.34
C GLU A 26 4.44 -2.91 -12.73
N LEU A 27 4.79 -4.18 -12.90
CA LEU A 27 5.29 -4.65 -14.19
C LEU A 27 4.28 -4.34 -15.30
N THR A 28 3.03 -4.77 -15.09
CA THR A 28 1.98 -4.54 -16.08
C THR A 28 1.95 -3.08 -16.52
N ALA A 29 2.05 -2.16 -15.57
CA ALA A 29 2.02 -0.74 -15.90
C ALA A 29 3.33 -0.31 -16.56
N LEU A 30 4.45 -0.79 -16.03
CA LEU A 30 5.76 -0.44 -16.57
C LEU A 30 5.81 -0.74 -18.07
N TRP A 31 4.92 -1.60 -18.53
CA TRP A 31 4.88 -1.98 -19.94
C TRP A 31 3.92 -1.08 -20.71
N PHE A 32 2.79 -0.75 -20.08
CA PHE A 32 1.81 0.12 -20.73
C PHE A 32 2.50 1.36 -21.30
N GLN A 33 3.49 1.87 -20.56
CA GLN A 33 4.22 3.06 -21.00
C GLN A 33 5.08 2.74 -22.23
N HIS A 34 5.67 1.55 -22.23
CA HIS A 34 6.52 1.14 -23.34
C HIS A 34 5.68 0.62 -24.51
N VAL A 35 4.38 0.53 -24.31
CA VAL A 35 3.47 0.06 -25.35
C VAL A 35 2.62 1.19 -25.90
N MET A 36 2.03 1.98 -25.00
CA MET A 36 1.18 3.10 -25.40
C MET A 36 1.94 4.42 -25.32
N LEU A 37 3.25 4.34 -25.10
CA LEU A 37 4.07 5.55 -25.01
C LEU A 37 3.47 6.54 -24.01
N LEU A 38 3.01 6.02 -22.88
CA LEU A 38 2.41 6.87 -21.85
C LEU A 38 3.51 7.39 -20.91
N LYS A 39 3.25 8.54 -20.28
CA LYS A 39 4.23 9.15 -19.38
C LYS A 39 3.63 9.32 -17.98
N PRO A 40 4.41 9.09 -16.94
CA PRO A 40 3.94 9.24 -15.55
C PRO A 40 3.90 10.69 -15.08
N CYS A 41 3.34 10.92 -13.91
CA CYS A 41 3.24 12.27 -13.35
C CYS A 41 3.70 12.27 -11.90
N VAL A 42 3.55 13.41 -11.24
CA VAL A 42 3.95 13.53 -9.84
C VAL A 42 3.12 12.60 -8.96
N LEU A 43 1.81 12.65 -9.13
CA LEU A 43 0.91 11.82 -8.33
C LEU A 43 1.19 10.34 -8.54
N SER A 44 1.33 9.93 -9.80
CA SER A 44 1.61 8.53 -10.11
C SER A 44 2.74 8.01 -9.25
N ILE A 45 3.79 8.81 -9.10
CA ILE A 45 4.93 8.41 -8.29
C ILE A 45 4.49 8.20 -6.84
N TYR A 46 3.68 9.12 -6.36
CA TYR A 46 3.19 9.03 -4.98
C TYR A 46 2.51 7.68 -4.77
N GLU A 47 1.61 7.32 -5.68
CA GLU A 47 0.90 6.06 -5.59
C GLU A 47 1.88 4.89 -5.62
N ARG A 48 2.86 4.97 -6.51
CA ARG A 48 3.87 3.93 -6.63
C ARG A 48 4.68 3.83 -5.35
N ALA A 49 4.98 4.97 -4.76
CA ALA A 49 5.76 5.01 -3.53
C ALA A 49 4.97 4.44 -2.36
N ALA A 50 3.69 4.78 -2.30
CA ALA A 50 2.82 4.30 -1.23
C ALA A 50 2.82 2.77 -1.18
N LEU A 51 2.60 2.15 -2.34
CA LEU A 51 2.58 0.70 -2.42
C LEU A 51 4.00 0.14 -2.41
N PHE A 52 4.86 0.65 -3.30
CA PHE A 52 6.23 0.19 -3.35
C PHE A 52 6.79 0.07 -1.93
N GLY A 53 6.44 1.05 -1.09
CA GLY A 53 6.89 1.05 0.30
C GLY A 53 6.26 -0.10 1.07
N VAL A 54 4.95 -0.28 0.90
CA VAL A 54 4.23 -1.34 1.58
C VAL A 54 4.76 -2.70 1.13
N LEU A 55 4.89 -2.87 -0.18
CA LEU A 55 5.40 -4.12 -0.72
C LEU A 55 6.62 -4.55 0.09
N GLY A 56 7.56 -3.64 0.26
CA GLY A 56 8.75 -3.93 1.03
C GLY A 56 8.38 -4.37 2.44
N ALA A 57 7.51 -3.58 3.07
CA ALA A 57 7.06 -3.88 4.41
C ALA A 57 6.58 -5.33 4.50
N ALA A 58 6.01 -5.82 3.40
CA ALA A 58 5.52 -7.18 3.34
C ALA A 58 6.67 -8.17 3.43
N LEU A 59 7.80 -7.80 2.82
CA LEU A 59 8.98 -8.66 2.83
C LEU A 59 9.59 -8.71 4.22
N ILE A 60 9.48 -7.61 4.96
CA ILE A 60 10.04 -7.54 6.31
C ILE A 60 9.15 -8.29 7.30
N GLY A 61 7.83 -8.17 7.11
CA GLY A 61 6.89 -8.84 8.01
C GLY A 61 6.70 -10.30 7.63
N ALA A 62 7.07 -10.64 6.39
CA ALA A 62 6.92 -12.01 5.91
C ALA A 62 8.09 -12.89 6.37
N ILE A 63 9.00 -12.32 7.15
CA ILE A 63 10.15 -13.07 7.63
C ILE A 63 9.79 -13.88 8.88
N ALA A 64 8.78 -13.41 9.61
CA ALA A 64 8.34 -14.11 10.82
C ALA A 64 7.22 -13.34 11.50
N PRO A 65 6.03 -13.36 10.94
CA PRO A 65 4.85 -12.64 11.52
C PRO A 65 4.27 -13.39 12.72
N LYS A 66 5.10 -14.17 13.38
CA LYS A 66 4.66 -14.94 14.56
C LYS A 66 5.17 -14.29 15.83
N THR A 67 6.03 -13.28 15.67
CA THR A 67 6.58 -12.56 16.81
C THR A 67 6.09 -11.11 16.80
N PRO A 68 6.45 -10.34 17.79
CA PRO A 68 6.02 -8.91 17.88
C PRO A 68 6.31 -8.15 16.59
N LEU A 69 6.92 -8.83 15.62
CA LEU A 69 7.24 -8.21 14.35
C LEU A 69 6.00 -7.58 13.72
N ARG A 70 4.85 -8.20 13.94
CA ARG A 70 3.59 -7.69 13.40
C ARG A 70 3.55 -6.16 13.52
N TYR A 71 3.54 -5.62 14.73
CA TYR A 71 3.50 -4.17 14.89
C TYR A 71 4.68 -3.52 14.15
N VAL A 72 5.79 -4.22 14.04
CA VAL A 72 6.96 -3.67 13.36
C VAL A 72 6.74 -3.49 11.87
N ALA A 73 6.16 -4.49 11.20
CA ALA A 73 5.89 -4.37 9.77
C ALA A 73 4.64 -3.53 9.54
N MET A 74 3.70 -3.62 10.45
CA MET A 74 2.46 -2.86 10.35
C MET A 74 2.73 -1.36 10.44
N VAL A 75 3.89 -1.00 10.99
CA VAL A 75 4.24 0.41 11.13
C VAL A 75 4.15 1.12 9.78
N ILE A 76 4.54 0.39 8.74
CA ILE A 76 4.52 0.93 7.38
C ILE A 76 3.17 0.67 6.72
N TRP A 77 2.54 -0.43 7.09
CA TRP A 77 1.24 -0.78 6.53
C TRP A 77 0.19 0.24 6.99
N LEU A 78 0.19 0.53 8.29
CA LEU A 78 -0.75 1.49 8.85
C LEU A 78 -0.48 2.89 8.33
N TYR A 79 0.79 3.30 8.37
CA TYR A 79 1.16 4.63 7.89
C TYR A 79 0.48 4.93 6.56
N SER A 80 0.50 3.94 5.67
CA SER A 80 -0.12 4.11 4.35
C SER A 80 -1.65 4.02 4.45
N ALA A 81 -2.13 3.36 5.48
CA ALA A 81 -3.57 3.20 5.66
C ALA A 81 -4.26 4.55 5.78
N PHE A 82 -3.88 5.31 6.80
CA PHE A 82 -4.47 6.63 7.03
C PHE A 82 -3.98 7.65 6.01
N ARG A 83 -2.67 7.79 5.89
CA ARG A 83 -2.10 8.77 4.97
C ARG A 83 -2.35 8.41 3.51
N GLY A 84 -2.18 7.14 3.15
CA GLY A 84 -2.42 6.73 1.77
C GLY A 84 -3.86 7.00 1.36
N VAL A 85 -4.80 6.62 2.21
CA VAL A 85 -6.22 6.81 1.91
C VAL A 85 -6.65 8.26 2.06
N GLN A 86 -6.17 8.92 3.12
CA GLN A 86 -6.53 10.31 3.37
C GLN A 86 -6.06 11.23 2.24
N LEU A 87 -4.82 11.05 1.80
CA LEU A 87 -4.28 11.88 0.74
C LEU A 87 -4.93 11.56 -0.61
N THR A 88 -5.10 10.27 -0.89
CA THR A 88 -5.70 9.85 -2.14
C THR A 88 -6.99 10.63 -2.40
N TYR A 89 -7.84 10.71 -1.38
CA TYR A 89 -9.11 11.43 -1.51
C TYR A 89 -8.86 12.84 -2.05
N GLU A 90 -7.72 13.41 -1.71
CA GLU A 90 -7.38 14.75 -2.17
C GLU A 90 -7.07 14.73 -3.66
N HIS A 91 -6.44 13.66 -4.12
CA HIS A 91 -6.08 13.53 -5.52
C HIS A 91 -7.33 13.30 -6.37
N THR A 92 -8.28 12.54 -5.83
CA THR A 92 -9.52 12.26 -6.54
C THR A 92 -10.42 13.49 -6.55
N MET A 93 -10.35 14.29 -5.49
CA MET A 93 -11.16 15.49 -5.38
C MET A 93 -10.82 16.46 -6.51
N LEU A 94 -9.53 16.62 -6.78
CA LEU A 94 -9.10 17.52 -7.83
C LEU A 94 -9.58 17.04 -9.20
N GLN A 95 -9.35 15.75 -9.48
CA GLN A 95 -9.77 15.17 -10.74
C GLN A 95 -11.27 15.35 -10.97
N LEU A 96 -12.05 15.06 -9.94
CA LEU A 96 -13.51 15.20 -10.03
C LEU A 96 -13.94 16.63 -9.70
N TYR A 97 -13.04 17.40 -9.11
CA TYR A 97 -13.35 18.79 -8.75
C TYR A 97 -12.09 19.65 -8.75
N PRO A 98 -11.61 20.02 -9.90
CA PRO A 98 -10.39 20.86 -10.04
C PRO A 98 -10.69 22.34 -9.80
N SER A 99 -10.02 22.93 -8.82
CA SER A 99 -10.23 24.34 -8.51
C SER A 99 -9.98 25.21 -9.74
N PRO A 100 -10.65 26.32 -9.85
CA PRO A 100 -10.50 27.25 -11.01
C PRO A 100 -9.03 27.44 -11.41
N PHE A 101 -8.49 26.47 -12.14
CA PHE A 101 -7.09 26.54 -12.59
C PHE A 101 -6.21 27.19 -11.53
N ALA A 102 -5.59 26.38 -10.70
CA ALA A 102 -4.71 26.89 -9.64
C ALA A 102 -3.73 25.83 -9.17
N THR A 103 -2.85 26.20 -8.26
CA THR A 103 -1.85 25.28 -7.73
C THR A 103 -1.13 24.56 -8.87
N SER A 104 -0.18 25.25 -9.50
CA SER A 104 0.58 24.67 -10.60
C SER A 104 1.77 23.88 -10.05
N ASP A 105 2.21 22.88 -10.81
CA ASP A 105 3.34 22.05 -10.40
C ASP A 105 4.01 21.41 -11.60
N PHE A 106 5.27 21.01 -11.42
CA PHE A 106 6.01 20.38 -12.51
C PHE A 106 7.13 19.52 -11.94
N MET A 107 8.17 20.17 -11.42
CA MET A 107 9.31 19.46 -10.84
C MET A 107 9.03 19.10 -9.39
N VAL A 108 9.26 17.83 -9.04
CA VAL A 108 9.02 17.37 -7.67
C VAL A 108 10.18 17.79 -6.77
N ARG A 109 9.86 18.42 -5.64
CA ARG A 109 10.88 18.88 -4.70
C ARG A 109 10.79 18.08 -3.40
N PHE A 110 11.69 17.12 -3.23
CA PHE A 110 11.71 16.31 -2.02
C PHE A 110 12.91 16.67 -1.14
N PRO A 111 12.87 16.31 0.12
CA PRO A 111 13.97 16.62 1.07
C PRO A 111 15.34 16.52 0.42
N GLU A 112 16.33 17.14 1.05
CA GLU A 112 17.70 17.14 0.52
C GLU A 112 18.53 16.05 1.18
N TRP A 113 17.91 15.27 2.06
CA TRP A 113 18.62 14.20 2.76
C TRP A 113 17.92 12.86 2.55
N LEU A 114 17.26 12.71 1.41
CA LEU A 114 16.54 11.47 1.09
C LEU A 114 17.01 10.92 -0.26
N PRO A 115 18.24 10.45 -0.32
CA PRO A 115 18.81 9.89 -1.57
C PRO A 115 17.86 8.92 -2.27
N LEU A 116 16.76 8.58 -1.60
CA LEU A 116 15.79 7.66 -2.15
C LEU A 116 15.34 8.11 -3.54
N ASP A 117 15.29 9.44 -3.73
CA ASP A 117 14.87 10.01 -5.00
C ASP A 117 16.08 10.36 -5.87
N LYS A 118 17.09 10.97 -5.26
CA LYS A 118 18.29 11.35 -6.00
C LYS A 118 19.10 10.12 -6.42
N TRP A 119 19.28 9.20 -5.49
CA TRP A 119 20.03 7.98 -5.76
C TRP A 119 19.21 7.04 -6.64
N VAL A 120 17.90 7.26 -6.70
CA VAL A 120 17.03 6.42 -7.50
C VAL A 120 15.93 7.24 -8.17
N PRO A 121 16.29 8.03 -9.16
CA PRO A 121 15.32 8.87 -9.90
C PRO A 121 14.58 8.09 -10.98
N GLN A 122 15.12 6.90 -11.30
CA GLN A 122 14.53 6.05 -12.31
C GLN A 122 13.03 5.88 -12.08
N VAL A 123 12.67 5.57 -10.84
CA VAL A 123 11.27 5.37 -10.48
C VAL A 123 10.83 6.41 -9.44
N PHE A 124 11.05 7.68 -9.76
CA PHE A 124 10.67 8.75 -8.84
C PHE A 124 10.47 10.06 -9.60
N VAL A 125 11.34 10.31 -10.58
CA VAL A 125 11.24 11.53 -11.37
C VAL A 125 9.90 11.60 -12.10
N ALA A 126 9.22 12.73 -11.97
CA ALA A 126 7.91 12.92 -12.61
C ALA A 126 8.08 13.60 -13.97
N SER A 127 7.18 13.31 -14.90
CA SER A 127 7.24 13.90 -16.23
C SER A 127 5.89 13.78 -16.94
N GLY A 128 5.12 14.87 -16.92
CA GLY A 128 3.81 14.88 -17.57
C GLY A 128 2.78 15.61 -16.72
N ASP A 129 1.52 15.55 -17.13
CA ASP A 129 0.45 16.21 -16.38
C ASP A 129 -0.10 15.27 -15.31
N CYS A 130 -0.60 15.82 -14.22
CA CYS A 130 -1.15 15.01 -13.14
C CYS A 130 -2.68 15.02 -13.18
N ALA A 131 -3.26 13.82 -13.10
CA ALA A 131 -4.71 13.65 -13.12
C ALA A 131 -5.21 13.32 -14.52
N GLU A 132 -4.33 13.43 -15.51
CA GLU A 132 -4.72 13.12 -16.89
C GLU A 132 -4.98 11.62 -17.03
N ARG A 133 -5.87 11.27 -17.95
CA ARG A 133 -6.20 9.86 -18.18
C ARG A 133 -5.22 9.23 -19.16
N GLN A 134 -4.76 8.02 -18.83
CA GLN A 134 -3.82 7.31 -19.68
C GLN A 134 -4.33 5.91 -20.01
N TRP A 135 -5.30 5.42 -19.24
CA TRP A 135 -5.85 4.10 -19.48
C TRP A 135 -7.06 3.85 -18.59
N ASP A 136 -8.21 3.58 -19.19
CA ASP A 136 -9.44 3.36 -18.42
C ASP A 136 -9.97 1.95 -18.57
N PHE A 137 -10.61 1.46 -17.51
CA PHE A 137 -11.21 0.13 -17.49
C PHE A 137 -12.67 0.26 -17.03
N LEU A 138 -13.56 -0.45 -17.70
CA LEU A 138 -14.97 -0.40 -17.33
C LEU A 138 -15.46 1.06 -17.32
N GLY A 139 -14.72 1.94 -17.97
CA GLY A 139 -15.09 3.35 -18.03
C GLY A 139 -14.55 4.13 -16.84
N LEU A 140 -13.63 3.53 -16.10
CA LEU A 140 -13.02 4.17 -14.94
C LEU A 140 -11.51 4.26 -15.13
N GLU A 141 -10.91 5.33 -14.60
CA GLU A 141 -9.47 5.52 -14.72
C GLU A 141 -8.73 4.61 -13.75
N MET A 142 -7.51 4.23 -14.11
CA MET A 142 -6.71 3.37 -13.26
C MET A 142 -6.70 3.88 -11.82
N PRO A 143 -6.18 5.06 -11.59
CA PRO A 143 -6.12 5.67 -10.23
C PRO A 143 -7.32 5.27 -9.36
N GLN A 144 -8.50 5.20 -9.98
CA GLN A 144 -9.71 4.82 -9.26
C GLN A 144 -9.65 3.35 -8.86
N TRP A 145 -9.41 2.49 -9.85
CA TRP A 145 -9.33 1.06 -9.59
C TRP A 145 -8.20 0.76 -8.60
N LEU A 146 -6.99 1.17 -8.95
CA LEU A 146 -5.84 0.94 -8.08
C LEU A 146 -6.22 1.25 -6.63
N LEU A 147 -7.02 2.30 -6.44
CA LEU A 147 -7.46 2.67 -5.10
C LEU A 147 -8.27 1.52 -4.50
N GLY A 148 -9.01 0.85 -5.37
CA GLY A 148 -9.81 -0.29 -4.95
C GLY A 148 -8.92 -1.36 -4.33
N ILE A 149 -7.81 -1.63 -4.98
CA ILE A 149 -6.86 -2.64 -4.49
C ILE A 149 -6.06 -2.07 -3.33
N PHE A 150 -5.94 -0.74 -3.30
CA PHE A 150 -5.18 -0.07 -2.25
C PHE A 150 -5.85 -0.31 -0.89
N ILE A 151 -7.16 -0.18 -0.85
CA ILE A 151 -7.91 -0.37 0.40
C ILE A 151 -7.89 -1.83 0.80
N ALA A 152 -8.00 -2.73 -0.18
CA ALA A 152 -7.98 -4.15 0.11
C ALA A 152 -6.73 -4.52 0.92
N TYR A 153 -5.58 -4.05 0.47
CA TYR A 153 -4.33 -4.34 1.16
C TYR A 153 -4.36 -3.82 2.60
N LEU A 154 -4.90 -2.62 2.77
CA LEU A 154 -4.98 -2.01 4.10
C LEU A 154 -5.97 -2.74 4.98
N ILE A 155 -7.00 -3.31 4.35
CA ILE A 155 -8.04 -4.03 5.09
C ILE A 155 -7.54 -5.42 5.48
N VAL A 156 -6.62 -5.97 4.71
CA VAL A 156 -6.08 -7.29 4.98
C VAL A 156 -5.13 -7.25 6.18
N ALA A 157 -4.39 -6.15 6.31
CA ALA A 157 -3.45 -6.02 7.41
C ALA A 157 -4.18 -5.84 8.73
N VAL A 158 -5.09 -4.88 8.78
CA VAL A 158 -5.84 -4.62 10.02
C VAL A 158 -6.59 -5.88 10.47
N LEU A 159 -7.05 -6.68 9.53
CA LEU A 159 -7.77 -7.91 9.85
C LEU A 159 -6.80 -9.02 10.25
N VAL A 160 -5.71 -9.16 9.50
CA VAL A 160 -4.74 -10.19 9.79
C VAL A 160 -3.98 -9.90 11.08
N VAL A 161 -3.90 -8.63 11.43
CA VAL A 161 -3.21 -8.22 12.65
C VAL A 161 -4.05 -8.54 13.87
N ILE A 162 -5.34 -8.20 13.79
CA ILE A 162 -6.26 -8.46 14.90
C ILE A 162 -6.44 -9.96 15.11
N SER A 163 -6.16 -10.73 14.07
CA SER A 163 -6.31 -12.18 14.16
C SER A 163 -5.44 -12.75 15.27
N GLN A 164 -4.66 -11.88 15.91
CA GLN A 164 -3.79 -12.32 17.00
C GLN A 164 -4.55 -13.23 17.97
N PRO A 165 -3.87 -14.12 18.64
CA PRO A 165 -4.50 -15.06 19.60
C PRO A 165 -5.62 -14.40 20.41
N PHE A 166 -5.58 -13.07 20.49
CA PHE A 166 -6.60 -12.32 21.22
C PHE A 166 -6.45 -12.53 22.72
N LYS A 167 -5.20 -12.71 23.16
CA LYS A 167 -4.94 -12.92 24.59
C LYS A 167 -5.95 -13.88 25.20
N ALA A 168 -6.52 -14.74 24.36
CA ALA A 168 -7.50 -15.72 24.83
C ALA A 168 -7.47 -16.97 23.97
N LYS A 169 -7.48 -18.13 24.62
CA LYS A 169 -7.44 -19.40 23.90
C LYS A 169 -8.85 -20.00 23.80
N LYS A 170 -9.30 -20.61 24.90
CA LYS A 170 -10.63 -21.22 24.92
C LYS A 170 -10.83 -22.11 23.69
N ARG A 171 -12.01 -22.73 23.61
CA ARG A 171 -12.32 -23.60 22.48
C ARG A 171 -11.10 -24.46 22.11
N ASP A 172 -10.86 -25.50 22.90
CA ASP A 172 -9.73 -26.39 22.65
C ASP A 172 -9.81 -27.63 23.54
N LEU A 173 -11.04 -28.07 23.82
CA LEU A 173 -11.24 -29.24 24.67
C LEU A 173 -10.73 -28.98 26.08
N PHE A 174 -10.05 -29.95 26.66
CA PHE A 174 -9.52 -29.81 28.01
C PHE A 174 -10.59 -29.24 28.93
N GLY A 175 -11.69 -29.97 29.09
CA GLY A 175 -12.77 -29.53 29.95
C GLY A 175 -12.27 -29.25 31.36
N ARG A 176 -12.03 -30.32 32.12
CA ARG A 176 -11.54 -30.18 33.48
C ARG A 176 -10.02 -30.09 33.50
N GLY A 177 -9.37 -31.03 32.84
CA GLY A 177 -7.92 -31.05 32.78
C GLY A 177 -7.32 -31.24 34.18
N HIS A 178 -6.01 -31.03 34.29
CA HIS A 178 -5.33 -31.18 35.57
C HIS A 178 -3.86 -30.79 35.44
N HIS A 179 -3.12 -30.93 36.54
CA HIS A 179 -1.70 -30.59 36.55
C HIS A 179 -1.01 -31.13 35.31
N HIS A 180 -1.11 -32.44 35.10
CA HIS A 180 -0.49 -33.08 33.95
C HIS A 180 1.03 -33.08 34.09
N HIS A 181 1.57 -31.99 34.61
CA HIS A 181 3.02 -31.87 34.79
C HIS A 181 3.57 -33.08 35.55
N HIS A 182 3.11 -33.25 36.79
CA HIS A 182 3.55 -34.37 37.61
C HIS A 182 3.17 -35.70 36.96
N HIS A 183 2.72 -36.64 37.79
CA HIS A 183 2.33 -37.96 37.28
C HIS A 183 1.34 -38.62 38.24
C1 UQ2 B . 3.45 4.58 -13.65
C2 UQ2 B . 3.27 5.33 -14.91
C3 UQ2 B . 2.10 5.95 -15.17
C4 UQ2 B . 1.01 5.89 -14.19
C5 UQ2 B . 1.19 5.14 -12.92
C6 UQ2 B . 2.36 4.53 -12.66
CM2 UQ2 B . 4.72 4.04 -16.11
CM3 UQ2 B . 1.92 5.73 -17.42
CM5 UQ2 B . 0.05 5.08 -11.92
C7 UQ2 B . 2.55 3.79 -11.36
C8 UQ2 B . 2.00 2.38 -11.47
C9 UQ2 B . 1.47 1.79 -10.42
C10 UQ2 B . 1.40 2.52 -9.10
C11 UQ2 B . 0.93 0.39 -10.53
C12 UQ2 B . -0.12 0.31 -11.66
C13 UQ2 B . -1.42 -0.17 -11.10
C14 UQ2 B . -2.39 -0.57 -11.91
C15 UQ2 B . -3.70 -1.05 -11.33
C16 UQ2 B . -2.17 -0.52 -13.40
O1 UQ2 B . 4.50 4.03 -13.42
O2 UQ2 B . 4.29 5.39 -15.83
O3 UQ2 B . 1.94 6.66 -16.33
O4 UQ2 B . -0.05 6.44 -14.41
H2M1 UQ2 B . 5.41 4.06 -16.94
H2M2 UQ2 B . 3.86 3.44 -16.36
H2M3 UQ2 B . 5.21 3.64 -15.25
H3M1 UQ2 B . 1.78 6.27 -18.34
H3M2 UQ2 B . 1.11 5.03 -17.28
H3M3 UQ2 B . 2.86 5.20 -17.47
H5M1 UQ2 B . -0.86 5.38 -12.40
H5M2 UQ2 B . 0.27 5.74 -11.10
H5M3 UQ2 B . -0.05 4.06 -11.55
H71 UQ2 B . 2.06 4.32 -10.57
H72 UQ2 B . 3.62 3.73 -11.15
H8 UQ2 B . 2.04 1.86 -12.41
H101 UQ2 B . 1.19 1.82 -8.30
H102 UQ2 B . 0.61 3.27 -9.12
H103 UQ2 B . 2.34 3.01 -8.89
H111 UQ2 B . 0.45 0.11 -9.60
H112 UQ2 B . 1.73 -0.29 -10.74
H121 UQ2 B . 0.24 -0.39 -12.41
H122 UQ2 B . -0.24 1.28 -12.11
H13 UQ2 B . -1.57 -0.21 -10.03
H151 UQ2 B . -3.52 -1.57 -10.41
H152 UQ2 B . -4.17 -1.72 -12.04
H153 UQ2 B . -4.34 -0.20 -11.15
H161 UQ2 B . -2.10 0.52 -13.73
H162 UQ2 B . -3.01 -0.98 -13.90
H163 UQ2 B . -1.26 -1.04 -13.65
N MET A 1 -14.48 -19.86 8.99
CA MET A 1 -13.76 -19.41 7.77
C MET A 1 -12.74 -18.35 8.14
N LEU A 2 -13.09 -17.51 9.12
CA LEU A 2 -12.19 -16.46 9.57
C LEU A 2 -10.90 -17.06 10.13
N ARG A 3 -11.06 -18.13 10.91
CA ARG A 3 -9.91 -18.80 11.52
C ARG A 3 -8.90 -19.19 10.44
N PHE A 4 -9.41 -19.70 9.33
CA PHE A 4 -8.54 -20.11 8.22
C PHE A 4 -7.71 -18.93 7.74
N LEU A 5 -8.37 -17.78 7.57
CA LEU A 5 -7.68 -16.58 7.12
C LEU A 5 -6.42 -16.33 7.95
N ASN A 6 -6.55 -16.52 9.26
CA ASN A 6 -5.41 -16.33 10.16
C ASN A 6 -4.33 -17.37 9.88
N GLN A 7 -4.76 -18.54 9.42
CA GLN A 7 -3.83 -19.62 9.13
C GLN A 7 -3.15 -19.38 7.78
N ALA A 8 -3.95 -19.09 6.77
CA ALA A 8 -3.42 -18.84 5.43
C ALA A 8 -2.50 -17.62 5.44
N SER A 9 -2.82 -16.64 6.28
CA SER A 9 -2.01 -15.43 6.38
C SER A 9 -0.73 -15.70 7.14
N GLN A 10 -0.81 -16.58 8.14
CA GLN A 10 0.34 -16.92 8.94
C GLN A 10 1.30 -17.82 8.16
N GLY A 11 1.02 -17.96 6.87
CA GLY A 11 1.86 -18.77 5.99
C GLY A 11 2.68 -17.87 5.07
N ARG A 12 3.93 -18.27 4.83
CA ARG A 12 4.80 -17.50 3.97
C ARG A 12 4.24 -17.43 2.56
N GLY A 13 3.31 -18.33 2.24
CA GLY A 13 2.71 -18.37 0.92
C GLY A 13 1.82 -17.16 0.69
N ALA A 14 0.95 -16.87 1.66
CA ALA A 14 0.05 -15.73 1.54
C ALA A 14 0.84 -14.43 1.46
N TRP A 15 1.76 -14.24 2.40
CA TRP A 15 2.57 -13.03 2.42
C TRP A 15 3.24 -12.82 1.06
N LEU A 16 3.70 -13.93 0.47
CA LEU A 16 4.35 -13.87 -0.84
C LEU A 16 3.31 -13.69 -1.94
N LEU A 17 2.11 -14.22 -1.71
CA LEU A 17 1.04 -14.12 -2.69
C LEU A 17 0.56 -12.68 -2.80
N MET A 18 0.57 -11.97 -1.69
CA MET A 18 0.13 -10.57 -1.68
C MET A 18 1.21 -9.70 -2.31
N ALA A 19 2.47 -10.08 -2.14
CA ALA A 19 3.58 -9.31 -2.70
C ALA A 19 3.57 -9.40 -4.22
N PHE A 20 3.53 -10.61 -4.75
CA PHE A 20 3.54 -10.81 -6.20
C PHE A 20 2.30 -10.17 -6.83
N THR A 21 1.21 -10.13 -6.08
CA THR A 21 -0.03 -9.55 -6.58
C THR A 21 0.17 -8.07 -6.89
N ALA A 22 0.51 -7.29 -5.88
CA ALA A 22 0.72 -5.85 -6.06
C ALA A 22 1.80 -5.62 -7.11
N LEU A 23 2.66 -6.61 -7.30
CA LEU A 23 3.73 -6.50 -8.30
C LEU A 23 3.18 -6.73 -9.70
N ALA A 24 2.26 -7.69 -9.82
CA ALA A 24 1.66 -8.01 -11.11
C ALA A 24 0.96 -6.78 -11.69
N LEU A 25 0.44 -5.93 -10.82
CA LEU A 25 -0.25 -4.73 -11.26
C LEU A 25 0.74 -3.64 -11.66
N GLU A 26 1.91 -3.65 -11.04
CA GLU A 26 2.94 -2.67 -11.34
C GLU A 26 3.52 -2.91 -12.73
N LEU A 27 3.86 -4.16 -13.02
CA LEU A 27 4.42 -4.50 -14.32
C LEU A 27 3.42 -4.24 -15.43
N THR A 28 2.18 -4.69 -15.22
CA THR A 28 1.13 -4.50 -16.22
C THR A 28 1.07 -3.05 -16.68
N ALA A 29 1.11 -2.12 -15.73
CA ALA A 29 1.04 -0.70 -16.06
C ALA A 29 2.37 -0.23 -16.67
N LEU A 30 3.47 -0.74 -16.14
CA LEU A 30 4.80 -0.36 -16.63
C LEU A 30 4.93 -0.65 -18.12
N TRP A 31 4.06 -1.50 -18.66
CA TRP A 31 4.12 -1.85 -20.08
C TRP A 31 3.13 -1.02 -20.89
N PHE A 32 2.07 -0.56 -20.24
CA PHE A 32 1.04 0.23 -20.91
C PHE A 32 1.58 1.59 -21.36
N GLN A 33 2.29 2.29 -20.49
CA GLN A 33 2.82 3.61 -20.85
C GLN A 33 4.14 3.47 -21.59
N HIS A 34 4.89 2.42 -21.29
CA HIS A 34 6.17 2.20 -21.96
C HIS A 34 5.97 2.05 -23.46
N VAL A 35 4.77 1.60 -23.85
CA VAL A 35 4.47 1.43 -25.27
C VAL A 35 3.54 2.53 -25.76
N MET A 36 2.59 2.94 -24.93
CA MET A 36 1.66 4.00 -25.32
C MET A 36 2.35 5.36 -25.27
N LEU A 37 3.63 5.34 -24.93
CA LEU A 37 4.41 6.58 -24.87
C LEU A 37 3.78 7.60 -23.93
N LEU A 38 3.46 7.17 -22.71
CA LEU A 38 2.87 8.07 -21.72
C LEU A 38 3.92 8.47 -20.69
N LYS A 39 3.73 9.61 -20.04
CA LYS A 39 4.68 10.08 -19.04
C LYS A 39 4.03 10.16 -17.66
N PRO A 40 4.76 9.83 -16.62
CA PRO A 40 4.24 9.87 -15.23
C PRO A 40 4.12 11.29 -14.71
N CYS A 41 3.54 11.44 -13.51
CA CYS A 41 3.38 12.76 -12.91
C CYS A 41 3.84 12.74 -11.46
N VAL A 42 3.76 13.90 -10.81
CA VAL A 42 4.18 14.00 -9.41
C VAL A 42 3.30 13.11 -8.54
N LEU A 43 1.99 13.16 -8.79
CA LEU A 43 1.04 12.38 -8.00
C LEU A 43 1.18 10.88 -8.29
N SER A 44 1.21 10.52 -9.57
CA SER A 44 1.34 9.13 -9.97
C SER A 44 2.53 8.47 -9.27
N ILE A 45 3.68 9.11 -9.35
CA ILE A 45 4.88 8.57 -8.70
C ILE A 45 4.68 8.49 -7.20
N TYR A 46 4.03 9.49 -6.64
CA TYR A 46 3.76 9.52 -5.21
C TYR A 46 3.05 8.24 -4.80
N GLU A 47 2.02 7.86 -5.56
CA GLU A 47 1.28 6.65 -5.27
C GLU A 47 2.19 5.43 -5.36
N ARG A 48 3.02 5.40 -6.40
CA ARG A 48 3.94 4.29 -6.58
C ARG A 48 4.75 4.06 -5.32
N ALA A 49 5.14 5.15 -4.67
CA ALA A 49 5.92 5.05 -3.44
C ALA A 49 5.08 4.43 -2.33
N ALA A 50 3.79 4.73 -2.34
CA ALA A 50 2.89 4.19 -1.33
C ALA A 50 2.87 2.66 -1.39
N LEU A 51 2.75 2.13 -2.61
CA LEU A 51 2.73 0.69 -2.81
C LEU A 51 4.14 0.11 -2.67
N PHE A 52 5.08 0.67 -3.43
CA PHE A 52 6.46 0.19 -3.35
C PHE A 52 6.87 0.04 -1.89
N GLY A 53 6.46 1.01 -1.07
CA GLY A 53 6.77 0.99 0.35
C GLY A 53 6.07 -0.18 1.04
N VAL A 54 4.79 -0.37 0.73
CA VAL A 54 4.04 -1.48 1.32
C VAL A 54 4.67 -2.80 0.92
N LEU A 55 5.00 -2.92 -0.37
CA LEU A 55 5.62 -4.12 -0.87
C LEU A 55 6.76 -4.55 0.04
N GLY A 56 7.57 -3.56 0.46
CA GLY A 56 8.68 -3.84 1.35
C GLY A 56 8.17 -4.29 2.72
N ALA A 57 6.97 -3.84 3.06
CA ALA A 57 6.37 -4.20 4.34
C ALA A 57 6.09 -5.69 4.39
N ALA A 58 5.65 -6.26 3.27
CA ALA A 58 5.36 -7.68 3.21
C ALA A 58 6.65 -8.49 3.15
N LEU A 59 7.70 -7.89 2.62
CA LEU A 59 8.99 -8.56 2.52
C LEU A 59 9.59 -8.78 3.91
N ILE A 60 9.51 -7.76 4.76
CA ILE A 60 10.05 -7.87 6.11
C ILE A 60 9.11 -8.67 7.01
N GLY A 61 7.82 -8.60 6.72
CA GLY A 61 6.83 -9.32 7.50
C GLY A 61 6.77 -10.79 7.11
N ALA A 62 7.39 -11.12 5.98
CA ALA A 62 7.41 -12.49 5.49
C ALA A 62 8.55 -13.29 6.10
N ILE A 63 9.33 -12.65 6.97
CA ILE A 63 10.45 -13.34 7.61
C ILE A 63 10.01 -14.08 8.87
N ALA A 64 8.95 -13.58 9.51
CA ALA A 64 8.45 -14.22 10.72
C ALA A 64 7.28 -13.43 11.30
N PRO A 65 6.14 -13.48 10.66
CA PRO A 65 4.92 -12.75 11.11
C PRO A 65 4.17 -13.51 12.20
N LYS A 66 4.90 -14.35 12.93
CA LYS A 66 4.30 -15.14 14.02
C LYS A 66 4.70 -14.56 15.37
N THR A 67 5.61 -13.60 15.34
CA THR A 67 6.08 -12.96 16.57
C THR A 67 5.61 -11.50 16.58
N PRO A 68 5.88 -10.78 17.64
CA PRO A 68 5.46 -9.35 17.76
C PRO A 68 5.80 -8.54 16.50
N LEU A 69 6.48 -9.18 15.56
CA LEU A 69 6.86 -8.51 14.32
C LEU A 69 5.62 -7.87 13.67
N ARG A 70 4.46 -8.50 13.87
CA ARG A 70 3.23 -7.98 13.30
C ARG A 70 3.17 -6.46 13.41
N TYR A 71 3.02 -5.93 14.63
CA TYR A 71 2.96 -4.48 14.80
C TYR A 71 4.16 -3.81 14.12
N VAL A 72 5.32 -4.46 14.16
CA VAL A 72 6.52 -3.88 13.57
C VAL A 72 6.36 -3.68 12.06
N ALA A 73 5.81 -4.66 11.36
CA ALA A 73 5.59 -4.51 9.92
C ALA A 73 4.38 -3.63 9.67
N MET A 74 3.41 -3.73 10.57
CA MET A 74 2.19 -2.93 10.46
C MET A 74 2.52 -1.44 10.47
N VAL A 75 3.77 -1.12 10.82
CA VAL A 75 4.19 0.27 10.88
C VAL A 75 4.08 0.93 9.50
N ILE A 76 4.49 0.19 8.48
CA ILE A 76 4.45 0.69 7.12
C ILE A 76 3.11 0.41 6.47
N TRP A 77 2.45 -0.68 6.90
CA TRP A 77 1.15 -1.02 6.35
C TRP A 77 0.14 0.10 6.62
N LEU A 78 0.06 0.53 7.87
CA LEU A 78 -0.87 1.59 8.25
C LEU A 78 -0.41 2.93 7.68
N TYR A 79 0.88 3.24 7.81
CA TYR A 79 1.40 4.49 7.30
C TYR A 79 0.88 4.75 5.90
N SER A 80 1.01 3.75 5.04
CA SER A 80 0.54 3.86 3.67
C SER A 80 -0.98 3.85 3.61
N ALA A 81 -1.60 3.18 4.57
CA ALA A 81 -3.06 3.09 4.61
C ALA A 81 -3.69 4.47 4.75
N PHE A 82 -3.35 5.18 5.82
CA PHE A 82 -3.91 6.51 6.07
C PHE A 82 -3.39 7.56 5.08
N ARG A 83 -2.08 7.64 4.91
CA ARG A 83 -1.52 8.66 4.02
C ARG A 83 -1.65 8.31 2.54
N GLY A 84 -1.57 7.03 2.20
CA GLY A 84 -1.71 6.61 0.81
C GLY A 84 -3.11 6.91 0.30
N VAL A 85 -4.12 6.55 1.08
CA VAL A 85 -5.51 6.78 0.67
C VAL A 85 -5.83 8.27 0.68
N GLN A 86 -5.41 8.96 1.72
CA GLN A 86 -5.66 10.40 1.82
C GLN A 86 -5.24 11.08 0.52
N LEU A 87 -4.31 10.44 -0.19
CA LEU A 87 -3.83 11.00 -1.45
C LEU A 87 -4.75 10.61 -2.60
N THR A 88 -5.20 9.36 -2.60
CA THR A 88 -6.08 8.88 -3.65
C THR A 88 -7.24 9.86 -3.87
N TYR A 89 -7.67 10.50 -2.78
CA TYR A 89 -8.76 11.46 -2.86
C TYR A 89 -8.35 12.63 -3.75
N GLU A 90 -7.20 13.22 -3.45
CA GLU A 90 -6.71 14.36 -4.23
C GLU A 90 -6.77 14.04 -5.72
N HIS A 91 -6.58 12.77 -6.05
CA HIS A 91 -6.61 12.34 -7.44
C HIS A 91 -8.04 12.30 -7.98
N THR A 92 -8.93 11.64 -7.23
CA THR A 92 -10.32 11.52 -7.64
C THR A 92 -11.03 12.87 -7.56
N MET A 93 -10.97 13.51 -6.40
CA MET A 93 -11.60 14.80 -6.20
C MET A 93 -11.22 15.77 -7.31
N LEU A 94 -9.92 15.87 -7.60
CA LEU A 94 -9.44 16.76 -8.63
C LEU A 94 -9.89 16.28 -10.01
N GLN A 95 -9.87 14.97 -10.22
CA GLN A 95 -10.27 14.39 -11.50
C GLN A 95 -11.74 14.68 -11.78
N LEU A 96 -12.57 14.64 -10.74
CA LEU A 96 -14.00 14.90 -10.90
C LEU A 96 -14.34 16.34 -10.55
N TYR A 97 -13.45 17.00 -9.80
CA TYR A 97 -13.67 18.38 -9.40
C TYR A 97 -12.46 19.25 -9.74
N PRO A 98 -12.33 19.65 -10.98
CA PRO A 98 -11.19 20.49 -11.45
C PRO A 98 -11.38 21.96 -11.07
N SER A 99 -10.27 22.69 -10.97
CA SER A 99 -10.32 24.10 -10.62
C SER A 99 -9.18 24.86 -11.30
N PRO A 100 -9.36 26.13 -11.55
CA PRO A 100 -8.33 26.98 -12.21
C PRO A 100 -7.13 27.23 -11.31
N PHE A 101 -7.19 26.71 -10.08
CA PHE A 101 -6.10 26.90 -9.14
C PHE A 101 -6.18 25.89 -8.00
N ALA A 102 -5.03 25.40 -7.55
CA ALA A 102 -4.98 24.43 -6.47
C ALA A 102 -3.54 24.19 -6.03
N THR A 103 -2.60 24.87 -6.69
CA THR A 103 -1.19 24.72 -6.35
C THR A 103 -0.82 23.25 -6.21
N SER A 104 -0.37 22.65 -7.31
CA SER A 104 0.02 21.25 -7.30
C SER A 104 1.32 21.05 -6.54
N ASP A 105 2.43 21.36 -7.18
CA ASP A 105 3.74 21.22 -6.56
C ASP A 105 4.84 21.79 -7.44
N PHE A 106 4.44 22.27 -8.62
CA PHE A 106 5.40 22.85 -9.56
C PHE A 106 6.65 21.97 -9.65
N MET A 107 6.55 20.90 -10.44
CA MET A 107 7.68 19.98 -10.61
C MET A 107 8.11 19.42 -9.26
N VAL A 108 8.66 18.20 -9.29
CA VAL A 108 9.12 17.54 -8.08
C VAL A 108 10.19 18.37 -7.39
N ARG A 109 9.97 18.73 -6.13
CA ARG A 109 10.92 19.52 -5.38
C ARG A 109 10.83 19.19 -3.88
N PHE A 110 11.76 18.36 -3.41
CA PHE A 110 11.79 17.97 -2.00
C PHE A 110 13.21 17.99 -1.47
N PRO A 111 13.38 18.19 -0.18
CA PRO A 111 14.72 18.23 0.46
C PRO A 111 15.69 17.23 -0.15
N GLU A 112 16.81 17.73 -0.65
CA GLU A 112 17.81 16.87 -1.27
C GLU A 112 18.61 16.11 -0.21
N TRP A 113 18.04 15.99 0.99
CA TRP A 113 18.70 15.28 2.07
C TRP A 113 18.34 13.80 2.02
N LEU A 114 17.68 13.39 0.94
CA LEU A 114 17.26 12.00 0.77
C LEU A 114 17.96 11.40 -0.46
N PRO A 115 19.15 10.88 -0.27
CA PRO A 115 19.94 10.27 -1.38
C PRO A 115 19.16 9.22 -2.18
N LEU A 116 17.86 9.11 -1.91
CA LEU A 116 17.02 8.14 -2.61
C LEU A 116 16.75 8.62 -4.04
N ASP A 117 16.75 9.94 -4.21
CA ASP A 117 16.51 10.52 -5.53
C ASP A 117 17.82 10.82 -6.23
N LYS A 118 18.80 11.31 -5.47
CA LYS A 118 20.11 11.61 -6.05
C LYS A 118 20.79 10.33 -6.47
N TRP A 119 20.55 9.26 -5.72
CA TRP A 119 21.14 7.96 -6.04
C TRP A 119 20.24 7.22 -7.03
N VAL A 120 18.98 7.64 -7.11
CA VAL A 120 18.03 7.01 -8.03
C VAL A 120 17.03 8.05 -8.55
N PRO A 121 17.43 8.84 -9.51
CA PRO A 121 16.54 9.88 -10.11
C PRO A 121 15.56 9.30 -11.12
N GLN A 122 15.83 8.07 -11.56
CA GLN A 122 14.96 7.40 -12.53
C GLN A 122 13.74 6.81 -11.84
N VAL A 123 13.70 6.90 -10.51
CA VAL A 123 12.58 6.37 -9.74
C VAL A 123 12.04 7.43 -8.79
N PHE A 124 11.88 8.64 -9.31
CA PHE A 124 11.37 9.75 -8.50
C PHE A 124 11.10 10.96 -9.38
N VAL A 125 11.98 11.21 -10.34
CA VAL A 125 11.82 12.34 -11.25
C VAL A 125 10.45 12.30 -11.93
N ALA A 126 9.70 13.39 -11.79
CA ALA A 126 8.38 13.48 -12.40
C ALA A 126 8.42 14.21 -13.72
N SER A 127 7.42 13.97 -14.57
CA SER A 127 7.35 14.61 -15.87
C SER A 127 6.02 14.28 -16.55
N GLY A 128 5.10 15.24 -16.56
CA GLY A 128 3.79 15.03 -17.18
C GLY A 128 2.69 15.72 -16.40
N ASP A 129 1.44 15.49 -16.79
CA ASP A 129 0.30 16.09 -16.11
C ASP A 129 -0.21 15.16 -15.01
N CYS A 130 -0.66 15.76 -13.90
CA CYS A 130 -1.17 14.97 -12.78
C CYS A 130 -2.68 14.82 -12.86
N ALA A 131 -3.16 13.59 -12.63
CA ALA A 131 -4.58 13.29 -12.67
C ALA A 131 -5.04 12.96 -14.09
N GLU A 132 -4.11 12.99 -15.03
CA GLU A 132 -4.44 12.69 -16.42
C GLU A 132 -4.81 11.22 -16.55
N ARG A 133 -5.59 10.89 -17.59
CA ARG A 133 -6.02 9.52 -17.82
C ARG A 133 -5.09 8.84 -18.82
N GLN A 134 -4.86 7.55 -18.63
CA GLN A 134 -3.98 6.79 -19.52
C GLN A 134 -4.63 5.46 -19.91
N TRP A 135 -5.47 4.93 -19.03
CA TRP A 135 -6.14 3.66 -19.31
C TRP A 135 -7.15 3.32 -18.21
N ASP A 136 -8.26 2.70 -18.60
CA ASP A 136 -9.30 2.34 -17.64
C ASP A 136 -9.86 0.94 -17.91
N PHE A 137 -10.63 0.43 -16.93
CA PHE A 137 -11.23 -0.89 -17.06
C PHE A 137 -12.62 -0.87 -16.42
N LEU A 138 -13.64 -1.14 -17.21
CA LEU A 138 -15.02 -1.12 -16.70
C LEU A 138 -15.46 0.34 -16.62
N GLY A 139 -14.73 1.21 -17.31
CA GLY A 139 -15.04 2.63 -17.30
C GLY A 139 -14.48 3.29 -16.04
N LEU A 140 -13.55 2.60 -15.37
CA LEU A 140 -12.94 3.13 -14.16
C LEU A 140 -11.43 3.27 -14.36
N GLU A 141 -10.89 4.44 -14.01
CA GLU A 141 -9.46 4.67 -14.15
C GLU A 141 -8.67 3.85 -13.13
N MET A 142 -7.44 3.51 -13.48
CA MET A 142 -6.60 2.73 -12.59
C MET A 142 -6.57 3.33 -11.18
N PRO A 143 -6.27 4.60 -11.06
CA PRO A 143 -6.21 5.28 -9.73
C PRO A 143 -7.39 4.91 -8.85
N GLN A 144 -8.56 4.81 -9.45
CA GLN A 144 -9.77 4.46 -8.71
C GLN A 144 -9.73 2.98 -8.32
N TRP A 145 -9.43 2.12 -9.30
CA TRP A 145 -9.35 0.70 -9.02
C TRP A 145 -8.34 0.44 -7.92
N LEU A 146 -7.11 0.89 -8.14
CA LEU A 146 -6.06 0.72 -7.15
C LEU A 146 -6.60 1.04 -5.76
N LEU A 147 -7.40 2.10 -5.67
CA LEU A 147 -8.00 2.47 -4.39
C LEU A 147 -8.76 1.27 -3.85
N GLY A 148 -9.35 0.52 -4.77
CA GLY A 148 -10.11 -0.68 -4.39
C GLY A 148 -9.20 -1.68 -3.69
N ILE A 149 -7.99 -1.82 -4.20
CA ILE A 149 -7.03 -2.75 -3.62
C ILE A 149 -6.35 -2.14 -2.40
N PHE A 150 -6.21 -0.82 -2.41
CA PHE A 150 -5.57 -0.12 -1.30
C PHE A 150 -6.34 -0.35 -0.01
N ILE A 151 -7.66 -0.19 -0.07
CA ILE A 151 -8.50 -0.39 1.09
C ILE A 151 -8.52 -1.85 1.50
N ALA A 152 -8.60 -2.75 0.52
CA ALA A 152 -8.62 -4.18 0.82
C ALA A 152 -7.38 -4.55 1.61
N TYR A 153 -6.21 -4.14 1.13
CA TYR A 153 -4.96 -4.44 1.82
C TYR A 153 -5.04 -4.05 3.29
N LEU A 154 -5.54 -2.85 3.56
CA LEU A 154 -5.66 -2.37 4.93
C LEU A 154 -6.41 -3.39 5.78
N ILE A 155 -7.41 -4.03 5.19
CA ILE A 155 -8.20 -5.03 5.92
C ILE A 155 -7.37 -6.26 6.23
N VAL A 156 -6.58 -6.69 5.25
CA VAL A 156 -5.74 -7.88 5.43
C VAL A 156 -4.82 -7.72 6.64
N ALA A 157 -4.32 -6.51 6.84
CA ALA A 157 -3.43 -6.25 7.96
C ALA A 157 -4.18 -6.18 9.28
N VAL A 158 -5.44 -5.72 9.22
CA VAL A 158 -6.26 -5.60 10.42
C VAL A 158 -6.73 -6.97 10.90
N LEU A 159 -6.87 -7.91 9.98
CA LEU A 159 -7.34 -9.25 10.34
C LEU A 159 -6.18 -10.12 10.84
N VAL A 160 -5.04 -10.03 10.17
CA VAL A 160 -3.88 -10.83 10.55
C VAL A 160 -3.25 -10.29 11.83
N VAL A 161 -3.33 -8.99 12.03
CA VAL A 161 -2.76 -8.36 13.22
C VAL A 161 -3.60 -8.69 14.44
N ILE A 162 -4.91 -8.46 14.34
CA ILE A 162 -5.82 -8.75 15.45
C ILE A 162 -5.80 -10.23 15.77
N SER A 163 -5.41 -11.05 14.79
CA SER A 163 -5.36 -12.49 14.99
C SER A 163 -4.44 -12.83 16.16
N GLN A 164 -3.87 -11.80 16.77
CA GLN A 164 -2.97 -11.99 17.90
C GLN A 164 -3.47 -13.13 18.80
N PRO A 165 -2.59 -13.68 19.62
CA PRO A 165 -2.96 -14.79 20.55
C PRO A 165 -4.32 -14.59 21.20
N PHE A 166 -4.86 -13.38 21.09
CA PHE A 166 -6.16 -13.07 21.68
C PHE A 166 -6.14 -13.32 23.17
N LYS A 167 -6.19 -12.25 23.96
CA LYS A 167 -6.17 -12.35 25.41
C LYS A 167 -7.59 -12.19 25.97
N ALA A 168 -8.38 -11.32 25.35
CA ALA A 168 -9.74 -11.09 25.80
C ALA A 168 -10.47 -10.12 24.87
N LYS A 169 -11.77 -10.35 24.70
CA LYS A 169 -12.58 -9.49 23.83
C LYS A 169 -14.06 -9.79 24.01
N LYS A 170 -14.40 -11.08 24.06
CA LYS A 170 -15.79 -11.49 24.24
C LYS A 170 -16.07 -11.81 25.70
N ARG A 171 -15.14 -12.53 26.34
CA ARG A 171 -15.31 -12.89 27.74
C ARG A 171 -13.95 -13.20 28.38
N ASP A 172 -13.33 -12.19 28.97
CA ASP A 172 -12.04 -12.37 29.61
C ASP A 172 -12.09 -13.51 30.62
N LEU A 173 -10.97 -13.75 31.30
CA LEU A 173 -10.91 -14.82 32.29
C LEU A 173 -10.20 -14.34 33.55
N PHE A 174 -9.19 -15.07 33.98
CA PHE A 174 -8.44 -14.70 35.17
C PHE A 174 -9.40 -14.30 36.30
N GLY A 175 -9.72 -15.27 37.15
CA GLY A 175 -10.64 -15.02 38.27
C GLY A 175 -9.93 -14.30 39.41
N ARG A 176 -10.62 -13.36 40.04
CA ARG A 176 -10.05 -12.62 41.15
C ARG A 176 -10.11 -13.43 42.44
N GLY A 177 -9.40 -14.56 42.45
CA GLY A 177 -9.38 -15.42 43.61
C GLY A 177 -10.80 -15.77 44.06
N HIS A 178 -11.67 -16.04 43.09
CA HIS A 178 -13.06 -16.37 43.39
C HIS A 178 -13.66 -15.34 44.34
N HIS A 179 -13.83 -15.73 45.60
CA HIS A 179 -14.41 -14.83 46.59
C HIS A 179 -14.66 -15.58 47.91
N HIS A 180 -14.95 -14.83 48.97
CA HIS A 180 -15.21 -15.42 50.26
C HIS A 180 -16.20 -14.57 51.05
N HIS A 181 -16.91 -15.20 51.97
CA HIS A 181 -17.90 -14.49 52.78
C HIS A 181 -18.49 -15.42 53.85
N HIS A 182 -19.14 -16.49 53.39
CA HIS A 182 -19.75 -17.45 54.30
C HIS A 182 -18.81 -18.63 54.53
N HIS A 183 -18.92 -19.64 53.67
CA HIS A 183 -18.07 -20.83 53.79
C HIS A 183 -18.01 -21.29 55.25
C1 UQ2 B . 4.05 4.37 -13.63
C2 UQ2 B . 4.06 4.83 -15.04
C3 UQ2 B . 2.95 5.35 -15.58
C4 UQ2 B . 1.71 5.46 -14.79
C5 UQ2 B . 1.70 5.02 -13.38
C6 UQ2 B . 2.81 4.49 -12.83
CM2 UQ2 B . 5.26 3.36 -16.27
CM3 UQ2 B . 3.02 7.19 -16.88
CM5 UQ2 B . 0.43 5.14 -12.57
C7 UQ2 B . 2.79 4.03 -11.40
C8 UQ2 B . 2.24 2.63 -11.31
C9 UQ2 B . 1.55 2.24 -10.27
C10 UQ2 B . 1.30 3.18 -9.12
C11 UQ2 B . 1.00 0.83 -10.20
C12 UQ2 B . 0.27 0.49 -11.51
C13 UQ2 B . -1.06 -0.16 -11.19
C14 UQ2 B . -2.08 0.58 -10.81
C15 UQ2 B . -3.40 -0.08 -10.49
C16 UQ2 B . -1.93 2.08 -10.70
O1 UQ2 B . 5.05 3.90 -13.13
O2 UQ2 B . 5.20 4.72 -15.77
O3 UQ2 B . 2.96 5.76 -16.89
O4 UQ2 B . 0.71 5.94 -15.29
H2M1 UQ2 B . 5.33 2.68 -15.44
H2M2 UQ2 B . 6.12 3.26 -16.91
H2M3 UQ2 B . 4.36 3.13 -16.83
H3M1 UQ2 B . 3.01 7.56 -17.89
H3M2 UQ2 B . 3.95 7.52 -16.40
H3M3 UQ2 B . 2.18 7.59 -16.34
H5M1 UQ2 B . 0.27 4.22 -12.02
H5M2 UQ2 B . -0.41 5.31 -13.24
H5M3 UQ2 B . 0.51 5.96 -11.89
H71 UQ2 B . 2.19 4.70 -10.81
H72 UQ2 B . 3.81 4.04 -11.01
H8 UQ2 B . 2.40 1.94 -12.13
H101 UQ2 B . 0.57 3.92 -9.41
H102 UQ2 B . 2.23 3.68 -8.86
H103 UQ2 B . 0.95 2.64 -8.26
H111 UQ2 B . 0.31 0.75 -9.38
H112 UQ2 B . 1.81 0.14 -10.06
H121 UQ2 B . 0.87 -0.21 -12.08
H122 UQ2 B . 0.10 1.38 -12.09
H13 UQ2 B . -1.17 -1.23 -11.26
H151 UQ2 B . -4.19 0.64 -10.58
H152 UQ2 B . -3.37 -0.47 -9.47
H153 UQ2 B . -3.57 -0.89 -11.18
H161 UQ2 B . -1.38 2.32 -9.81
H162 UQ2 B . -2.92 2.53 -10.63
H163 UQ2 B . -1.42 2.46 -11.57
N MET A 1 -14.33 -18.68 11.87
CA MET A 1 -13.68 -18.37 10.57
C MET A 1 -12.52 -17.40 10.79
N LEU A 2 -12.49 -16.79 11.96
CA LEU A 2 -11.42 -15.84 12.28
C LEU A 2 -10.15 -16.59 12.66
N ARG A 3 -10.32 -17.71 13.35
CA ARG A 3 -9.18 -18.53 13.77
C ARG A 3 -8.40 -19.00 12.55
N PHE A 4 -9.12 -19.45 11.53
CA PHE A 4 -8.48 -19.93 10.31
C PHE A 4 -7.70 -18.80 9.64
N LEU A 5 -8.36 -17.65 9.47
CA LEU A 5 -7.70 -16.51 8.84
C LEU A 5 -6.33 -16.29 9.45
N ASN A 6 -6.23 -16.52 10.77
CA ASN A 6 -4.96 -16.34 11.47
C ASN A 6 -3.97 -17.42 11.05
N GLN A 7 -4.51 -18.56 10.62
CA GLN A 7 -3.66 -19.68 10.20
C GLN A 7 -3.20 -19.49 8.77
N ALA A 8 -4.14 -19.20 7.88
CA ALA A 8 -3.81 -18.99 6.47
C ALA A 8 -2.86 -17.82 6.30
N SER A 9 -3.02 -16.81 7.16
CA SER A 9 -2.16 -15.63 7.09
C SER A 9 -0.78 -15.93 7.67
N GLN A 10 -0.75 -16.78 8.68
CA GLN A 10 0.51 -17.15 9.31
C GLN A 10 1.33 -18.05 8.39
N GLY A 11 0.87 -18.18 7.15
CA GLY A 11 1.57 -18.98 6.16
C GLY A 11 2.37 -18.08 5.23
N ARG A 12 3.57 -18.53 4.87
CA ARG A 12 4.45 -17.76 4.00
C ARG A 12 3.88 -17.70 2.58
N GLY A 13 3.51 -18.86 2.03
CA GLY A 13 2.96 -18.92 0.69
C GLY A 13 1.96 -17.80 0.46
N ALA A 14 1.09 -17.61 1.46
CA ALA A 14 0.08 -16.56 1.37
C ALA A 14 0.76 -15.20 1.28
N TRP A 15 1.75 -14.97 2.15
CA TRP A 15 2.46 -13.70 2.15
C TRP A 15 3.14 -13.48 0.80
N LEU A 16 3.83 -14.50 0.32
CA LEU A 16 4.52 -14.41 -0.97
C LEU A 16 3.52 -14.10 -2.08
N LEU A 17 2.28 -14.55 -1.90
CA LEU A 17 1.23 -14.32 -2.88
C LEU A 17 0.84 -12.85 -2.90
N MET A 18 0.96 -12.19 -1.76
CA MET A 18 0.62 -10.78 -1.65
C MET A 18 1.67 -9.93 -2.35
N ALA A 19 2.92 -10.41 -2.33
CA ALA A 19 4.01 -9.69 -2.95
C ALA A 19 3.90 -9.74 -4.47
N PHE A 20 3.79 -10.95 -5.01
CA PHE A 20 3.68 -11.13 -6.46
C PHE A 20 2.50 -10.35 -7.01
N THR A 21 1.44 -10.21 -6.22
CA THR A 21 0.26 -9.47 -6.66
C THR A 21 0.59 -7.99 -6.85
N ALA A 22 0.99 -7.35 -5.75
CA ALA A 22 1.32 -5.94 -5.81
C ALA A 22 2.46 -5.69 -6.79
N LEU A 23 3.26 -6.72 -7.04
CA LEU A 23 4.37 -6.60 -7.97
C LEU A 23 3.88 -6.75 -9.41
N ALA A 24 2.99 -7.71 -9.63
CA ALA A 24 2.46 -7.94 -10.98
C ALA A 24 2.00 -6.64 -11.61
N LEU A 25 1.17 -5.90 -10.87
CA LEU A 25 0.66 -4.62 -11.37
C LEU A 25 1.80 -3.64 -11.63
N GLU A 26 2.84 -3.73 -10.82
CA GLU A 26 3.99 -2.84 -10.97
C GLU A 26 4.61 -3.00 -12.36
N LEU A 27 4.72 -4.24 -12.81
CA LEU A 27 5.30 -4.53 -14.13
C LEU A 27 4.28 -4.28 -15.24
N THR A 28 3.10 -4.88 -15.11
CA THR A 28 2.06 -4.72 -16.11
C THR A 28 1.97 -3.26 -16.57
N ALA A 29 2.11 -2.34 -15.62
CA ALA A 29 2.04 -0.92 -15.94
C ALA A 29 3.36 -0.44 -16.55
N LEU A 30 4.48 -0.91 -15.99
CA LEU A 30 5.79 -0.51 -16.47
C LEU A 30 5.94 -0.81 -17.96
N TRP A 31 5.06 -1.66 -18.48
CA TRP A 31 5.11 -2.03 -19.89
C TRP A 31 4.17 -1.15 -20.71
N PHE A 32 3.04 -0.79 -20.11
CA PHE A 32 2.06 0.05 -20.79
C PHE A 32 2.71 1.35 -21.27
N GLN A 33 3.60 1.90 -20.45
CA GLN A 33 4.29 3.14 -20.79
C GLN A 33 5.38 2.89 -21.83
N HIS A 34 6.03 1.74 -21.73
CA HIS A 34 7.08 1.41 -22.68
C HIS A 34 6.48 1.02 -24.03
N VAL A 35 5.17 0.85 -24.06
CA VAL A 35 4.48 0.48 -25.29
C VAL A 35 3.66 1.65 -25.82
N MET A 36 2.82 2.23 -24.96
CA MET A 36 1.98 3.35 -25.37
C MET A 36 2.68 4.68 -25.10
N LEU A 37 3.98 4.61 -24.86
CA LEU A 37 4.75 5.83 -24.60
C LEU A 37 3.99 6.78 -23.69
N LEU A 38 3.33 6.22 -22.68
CA LEU A 38 2.55 7.04 -21.75
C LEU A 38 3.48 7.91 -20.91
N LYS A 39 2.96 9.07 -20.47
CA LYS A 39 3.75 9.99 -19.67
C LYS A 39 3.26 9.98 -18.21
N PRO A 40 4.08 9.57 -17.28
CA PRO A 40 3.68 9.53 -15.84
C PRO A 40 3.77 10.90 -15.19
N CYS A 41 2.88 11.14 -14.21
CA CYS A 41 2.86 12.42 -13.51
C CYS A 41 3.60 12.29 -12.17
N VAL A 42 3.79 13.43 -11.50
CA VAL A 42 4.48 13.42 -10.23
C VAL A 42 3.75 12.53 -9.23
N LEU A 43 2.42 12.62 -9.24
CA LEU A 43 1.60 11.83 -8.32
C LEU A 43 1.77 10.34 -8.59
N SER A 44 1.73 9.96 -9.87
CA SER A 44 1.88 8.56 -10.25
C SER A 44 3.07 7.94 -9.55
N ILE A 45 4.15 8.72 -9.43
CA ILE A 45 5.35 8.23 -8.78
C ILE A 45 5.11 8.07 -7.28
N TYR A 46 4.46 9.06 -6.67
CA TYR A 46 4.16 9.00 -5.26
C TYR A 46 3.30 7.78 -4.96
N GLU A 47 2.27 7.59 -5.79
CA GLU A 47 1.36 6.46 -5.61
C GLU A 47 2.14 5.15 -5.66
N ARG A 48 3.05 5.03 -6.61
CA ARG A 48 3.86 3.83 -6.75
C ARG A 48 4.69 3.60 -5.50
N ALA A 49 5.04 4.69 -4.82
CA ALA A 49 5.83 4.60 -3.60
C ALA A 49 5.02 3.97 -2.48
N ALA A 50 3.75 4.34 -2.40
CA ALA A 50 2.87 3.81 -1.36
C ALA A 50 2.80 2.29 -1.45
N LEU A 51 2.54 1.78 -2.65
CA LEU A 51 2.45 0.34 -2.85
C LEU A 51 3.84 -0.28 -2.89
N PHE A 52 4.73 0.27 -3.72
CA PHE A 52 6.08 -0.25 -3.79
C PHE A 52 6.62 -0.48 -2.39
N GLY A 53 6.31 0.45 -1.49
CA GLY A 53 6.74 0.35 -0.11
C GLY A 53 6.06 -0.84 0.56
N VAL A 54 4.78 -1.04 0.27
CA VAL A 54 4.03 -2.14 0.85
C VAL A 54 4.64 -3.45 0.35
N LEU A 55 5.40 -3.34 -0.72
CA LEU A 55 6.07 -4.49 -1.32
C LEU A 55 7.24 -4.90 -0.44
N GLY A 56 8.03 -3.91 -0.02
CA GLY A 56 9.18 -4.18 0.83
C GLY A 56 8.73 -4.70 2.18
N ALA A 57 7.56 -4.23 2.63
CA ALA A 57 7.02 -4.65 3.91
C ALA A 57 6.51 -6.08 3.82
N ALA A 58 5.86 -6.40 2.70
CA ALA A 58 5.34 -7.74 2.50
C ALA A 58 6.46 -8.77 2.56
N LEU A 59 7.66 -8.35 2.14
CA LEU A 59 8.81 -9.24 2.15
C LEU A 59 9.37 -9.35 3.58
N ILE A 60 9.19 -8.28 4.36
CA ILE A 60 9.68 -8.27 5.74
C ILE A 60 8.72 -9.04 6.64
N GLY A 61 7.42 -8.87 6.41
CA GLY A 61 6.42 -9.55 7.22
C GLY A 61 6.46 -11.05 6.98
N ALA A 62 6.78 -11.44 5.75
CA ALA A 62 6.85 -12.86 5.41
C ALA A 62 8.01 -13.54 6.14
N ILE A 63 8.61 -12.83 7.08
CA ILE A 63 9.72 -13.38 7.84
C ILE A 63 9.20 -14.32 8.93
N ALA A 64 8.29 -13.82 9.77
CA ALA A 64 7.73 -14.63 10.84
C ALA A 64 6.52 -13.91 11.46
N PRO A 65 5.42 -13.92 10.78
CA PRO A 65 4.17 -13.26 11.25
C PRO A 65 3.65 -13.87 12.56
N LYS A 66 4.49 -14.64 13.22
CA LYS A 66 4.11 -15.27 14.48
C LYS A 66 4.86 -14.63 15.65
N THR A 67 5.75 -13.71 15.32
CA THR A 67 6.53 -12.99 16.31
C THR A 67 6.16 -11.51 16.31
N PRO A 68 6.47 -10.81 17.36
CA PRO A 68 6.16 -9.35 17.48
C PRO A 68 6.38 -8.61 16.15
N LEU A 69 7.10 -9.25 15.23
CA LEU A 69 7.38 -8.65 13.93
C LEU A 69 6.13 -7.98 13.37
N ARG A 70 4.96 -8.56 13.63
CA ARG A 70 3.71 -8.00 13.14
C ARG A 70 3.72 -6.47 13.26
N TYR A 71 3.75 -5.94 14.48
CA TYR A 71 3.77 -4.50 14.66
C TYR A 71 4.97 -3.88 13.96
N VAL A 72 5.95 -4.69 13.59
CA VAL A 72 7.14 -4.15 12.93
C VAL A 72 6.91 -3.96 11.43
N ALA A 73 6.33 -4.94 10.75
CA ALA A 73 6.06 -4.81 9.33
C ALA A 73 4.86 -3.90 9.10
N MET A 74 3.90 -3.98 10.01
CA MET A 74 2.69 -3.16 9.92
C MET A 74 3.05 -1.67 9.91
N VAL A 75 4.32 -1.38 10.17
CA VAL A 75 4.78 0.01 10.20
C VAL A 75 4.53 0.68 8.87
N ILE A 76 4.83 -0.06 7.79
CA ILE A 76 4.65 0.44 6.44
C ILE A 76 3.23 0.14 5.96
N TRP A 77 2.64 -0.95 6.46
CA TRP A 77 1.29 -1.29 6.06
C TRP A 77 0.32 -0.21 6.50
N LEU A 78 0.36 0.11 7.79
CA LEU A 78 -0.51 1.14 8.36
C LEU A 78 -0.17 2.51 7.77
N TYR A 79 1.12 2.81 7.67
CA TYR A 79 1.55 4.08 7.12
C TYR A 79 0.81 4.38 5.82
N SER A 80 0.74 3.40 4.94
CA SER A 80 0.06 3.57 3.66
C SER A 80 -1.45 3.42 3.82
N ALA A 81 -1.87 2.75 4.90
CA ALA A 81 -3.29 2.55 5.12
C ALA A 81 -4.03 3.87 5.24
N PHE A 82 -3.65 4.66 6.25
CA PHE A 82 -4.29 5.95 6.47
C PHE A 82 -3.85 6.99 5.44
N ARG A 83 -2.55 7.04 5.16
CA ARG A 83 -2.03 8.02 4.21
C ARG A 83 -2.36 7.64 2.76
N GLY A 84 -2.22 6.38 2.41
CA GLY A 84 -2.52 5.95 1.05
C GLY A 84 -3.97 6.26 0.68
N VAL A 85 -4.89 5.88 1.56
CA VAL A 85 -6.31 6.12 1.31
C VAL A 85 -6.65 7.60 1.41
N GLN A 86 -6.04 8.30 2.36
CA GLN A 86 -6.30 9.71 2.54
C GLN A 86 -5.65 10.53 1.43
N LEU A 87 -4.48 10.09 0.99
CA LEU A 87 -3.76 10.78 -0.07
C LEU A 87 -4.41 10.50 -1.43
N THR A 88 -4.65 9.23 -1.71
CA THR A 88 -5.26 8.83 -2.97
C THR A 88 -6.53 9.64 -3.22
N TYR A 89 -7.40 9.70 -2.22
CA TYR A 89 -8.64 10.46 -2.36
C TYR A 89 -8.36 11.85 -2.90
N GLU A 90 -7.27 12.45 -2.42
CA GLU A 90 -6.89 13.79 -2.87
C GLU A 90 -6.68 13.81 -4.38
N HIS A 91 -6.04 12.76 -4.89
CA HIS A 91 -5.77 12.66 -6.32
C HIS A 91 -7.08 12.49 -7.09
N THR A 92 -8.00 11.70 -6.53
CA THR A 92 -9.28 11.47 -7.18
C THR A 92 -10.12 12.74 -7.17
N MET A 93 -9.99 13.53 -6.11
CA MET A 93 -10.74 14.78 -5.99
C MET A 93 -10.41 15.70 -7.15
N LEU A 94 -9.12 15.81 -7.47
CA LEU A 94 -8.68 16.66 -8.57
C LEU A 94 -9.34 16.21 -9.87
N GLN A 95 -9.26 14.90 -10.15
CA GLN A 95 -9.84 14.35 -11.36
C GLN A 95 -11.29 14.82 -11.50
N LEU A 96 -12.06 14.67 -10.43
CA LEU A 96 -13.46 15.07 -10.44
C LEU A 96 -13.58 16.57 -10.16
N TYR A 97 -12.48 17.16 -9.68
CA TYR A 97 -12.46 18.58 -9.37
C TYR A 97 -11.11 19.19 -9.74
N PRO A 98 -10.84 19.31 -11.01
CA PRO A 98 -9.55 19.87 -11.52
C PRO A 98 -9.14 21.14 -10.77
N SER A 99 -9.86 22.23 -11.02
CA SER A 99 -9.55 23.50 -10.37
C SER A 99 -8.04 23.74 -10.35
N PRO A 100 -7.48 24.15 -11.45
CA PRO A 100 -6.02 24.40 -11.57
C PRO A 100 -5.63 25.74 -10.94
N PHE A 101 -4.48 26.28 -11.36
CA PHE A 101 -4.00 27.55 -10.82
C PHE A 101 -3.50 27.38 -9.40
N ALA A 102 -2.68 28.31 -8.95
CA ALA A 102 -2.12 28.25 -7.60
C ALA A 102 -1.24 27.02 -7.43
N THR A 103 -0.88 26.40 -8.54
CA THR A 103 -0.03 25.21 -8.50
C THR A 103 0.69 25.02 -9.84
N SER A 104 -0.08 24.68 -10.87
CA SER A 104 0.49 24.46 -12.19
C SER A 104 1.64 23.45 -12.12
N ASP A 105 1.38 22.25 -12.65
CA ASP A 105 2.39 21.20 -12.66
C ASP A 105 3.72 21.72 -13.19
N PHE A 106 4.79 21.43 -12.47
CA PHE A 106 6.12 21.88 -12.88
C PHE A 106 7.20 21.07 -12.18
N MET A 107 7.45 19.86 -12.69
CA MET A 107 8.46 18.99 -12.09
C MET A 107 8.10 18.65 -10.65
N VAL A 108 9.11 18.47 -9.82
CA VAL A 108 8.89 18.15 -8.41
C VAL A 108 10.04 18.65 -7.55
N ARG A 109 9.72 19.25 -6.41
CA ARG A 109 10.74 19.77 -5.50
C ARG A 109 10.98 18.78 -4.36
N PHE A 110 12.03 17.99 -4.47
CA PHE A 110 12.36 17.00 -3.45
C PHE A 110 13.37 17.60 -2.46
N PRO A 111 13.40 17.09 -1.26
CA PRO A 111 14.35 17.58 -0.21
C PRO A 111 15.80 17.33 -0.61
N GLU A 112 16.71 18.10 0.00
CA GLU A 112 18.14 17.96 -0.30
C GLU A 112 18.85 17.15 0.77
N TRP A 113 18.09 16.73 1.79
CA TRP A 113 18.65 15.94 2.88
C TRP A 113 18.25 14.48 2.74
N LEU A 114 17.47 14.17 1.71
CA LEU A 114 17.03 12.81 1.46
C LEU A 114 17.52 12.33 0.09
N PRO A 115 18.76 11.90 0.00
CA PRO A 115 19.36 11.42 -1.28
C PRO A 115 18.50 10.34 -1.95
N LEU A 116 17.34 10.06 -1.36
CA LEU A 116 16.45 9.05 -1.92
C LEU A 116 15.91 9.50 -3.27
N ASP A 117 15.78 10.83 -3.42
CA ASP A 117 15.27 11.41 -4.66
C ASP A 117 16.44 11.84 -5.55
N LYS A 118 17.45 12.44 -4.93
CA LYS A 118 18.62 12.91 -5.66
C LYS A 118 19.47 11.73 -6.14
N TRP A 119 19.69 10.78 -5.25
CA TRP A 119 20.49 9.60 -5.60
C TRP A 119 19.68 8.66 -6.49
N VAL A 120 18.37 8.87 -6.53
CA VAL A 120 17.50 8.04 -7.35
C VAL A 120 16.48 8.89 -8.12
N PRO A 121 16.94 9.64 -9.08
CA PRO A 121 16.06 10.51 -9.91
C PRO A 121 15.37 9.70 -11.00
N GLN A 122 15.93 8.54 -11.30
CA GLN A 122 15.39 7.66 -12.33
C GLN A 122 13.91 7.40 -12.07
N VAL A 123 13.60 6.93 -10.85
CA VAL A 123 12.22 6.64 -10.48
C VAL A 123 11.71 7.66 -9.48
N PHE A 124 11.77 8.93 -9.85
CA PHE A 124 11.31 10.00 -8.98
C PHE A 124 10.98 11.25 -9.80
N VAL A 125 11.84 11.57 -10.76
CA VAL A 125 11.64 12.74 -11.60
C VAL A 125 10.28 12.68 -12.29
N ALA A 126 9.50 13.75 -12.16
CA ALA A 126 8.17 13.81 -12.76
C ALA A 126 8.24 14.44 -14.15
N SER A 127 7.27 14.11 -14.99
CA SER A 127 7.22 14.65 -16.34
C SER A 127 5.84 14.41 -16.97
N GLY A 128 5.00 15.44 -16.95
CA GLY A 128 3.66 15.33 -17.51
C GLY A 128 2.65 16.07 -16.64
N ASP A 129 1.36 15.93 -16.97
CA ASP A 129 0.31 16.59 -16.21
C ASP A 129 -0.30 15.62 -15.21
N CYS A 130 -1.05 16.16 -14.25
CA CYS A 130 -1.68 15.33 -13.22
C CYS A 130 -3.19 15.42 -13.32
N ALA A 131 -3.83 14.24 -13.38
CA ALA A 131 -5.28 14.13 -13.48
C ALA A 131 -5.71 13.87 -14.92
N GLU A 132 -4.75 13.95 -15.85
CA GLU A 132 -5.05 13.70 -17.26
C GLU A 132 -5.40 12.24 -17.47
N ARG A 133 -6.35 11.98 -18.36
CA ARG A 133 -6.76 10.60 -18.64
C ARG A 133 -5.83 9.98 -19.67
N GLN A 134 -5.30 8.80 -19.34
CA GLN A 134 -4.39 8.10 -20.25
C GLN A 134 -4.78 6.63 -20.38
N TRP A 135 -5.49 6.10 -19.40
CA TRP A 135 -5.90 4.70 -19.44
C TRP A 135 -6.85 4.37 -18.28
N ASP A 136 -8.01 3.81 -18.59
CA ASP A 136 -8.99 3.49 -17.55
C ASP A 136 -9.61 2.11 -17.75
N PHE A 137 -10.25 1.61 -16.70
CA PHE A 137 -10.91 0.31 -16.72
C PHE A 137 -12.38 0.51 -16.36
N LEU A 138 -13.26 -0.19 -17.07
CA LEU A 138 -14.69 -0.08 -16.81
C LEU A 138 -15.13 1.38 -16.77
N GLY A 139 -14.30 2.27 -17.30
CA GLY A 139 -14.64 3.70 -17.33
C GLY A 139 -14.05 4.46 -16.13
N LEU A 140 -13.12 3.83 -15.41
CA LEU A 140 -12.50 4.48 -14.25
C LEU A 140 -10.98 4.50 -14.42
N GLU A 141 -10.35 5.56 -13.94
CA GLU A 141 -8.89 5.69 -14.05
C GLU A 141 -8.20 4.72 -13.11
N MET A 142 -7.00 4.30 -13.50
CA MET A 142 -6.23 3.37 -12.68
C MET A 142 -6.21 3.81 -11.21
N PRO A 143 -5.80 5.03 -10.96
CA PRO A 143 -5.73 5.56 -9.56
C PRO A 143 -6.93 5.15 -8.73
N GLN A 144 -8.10 5.11 -9.35
CA GLN A 144 -9.32 4.73 -8.64
C GLN A 144 -9.29 3.24 -8.33
N TRP A 145 -8.95 2.43 -9.32
CA TRP A 145 -8.88 0.99 -9.13
C TRP A 145 -7.77 0.65 -8.14
N LEU A 146 -6.54 1.05 -8.48
CA LEU A 146 -5.41 0.80 -7.62
C LEU A 146 -5.79 1.06 -6.16
N LEU A 147 -6.62 2.07 -5.93
CA LEU A 147 -7.06 2.39 -4.58
C LEU A 147 -7.92 1.25 -4.04
N GLY A 148 -8.68 0.65 -4.95
CA GLY A 148 -9.54 -0.47 -4.58
C GLY A 148 -8.71 -1.59 -3.96
N ILE A 149 -7.49 -1.77 -4.47
CA ILE A 149 -6.60 -2.80 -3.96
C ILE A 149 -6.12 -2.43 -2.55
N PHE A 150 -5.73 -1.17 -2.38
CA PHE A 150 -5.25 -0.72 -1.08
C PHE A 150 -6.29 -1.03 0.00
N ILE A 151 -7.55 -0.78 -0.31
CA ILE A 151 -8.63 -1.05 0.64
C ILE A 151 -8.57 -2.52 1.06
N ALA A 152 -8.44 -3.41 0.07
CA ALA A 152 -8.36 -4.84 0.36
C ALA A 152 -7.20 -5.13 1.29
N TYR A 153 -6.02 -4.63 0.96
CA TYR A 153 -4.84 -4.85 1.77
C TYR A 153 -5.02 -4.26 3.17
N LEU A 154 -5.49 -3.01 3.23
CA LEU A 154 -5.72 -2.34 4.50
C LEU A 154 -6.59 -3.19 5.42
N ILE A 155 -7.47 -3.96 4.81
CA ILE A 155 -8.38 -4.82 5.57
C ILE A 155 -7.68 -6.10 6.03
N VAL A 156 -6.67 -6.53 5.28
CA VAL A 156 -5.94 -7.73 5.62
C VAL A 156 -5.00 -7.49 6.80
N ALA A 157 -4.54 -6.25 6.94
CA ALA A 157 -3.62 -5.91 8.02
C ALA A 157 -4.36 -5.69 9.34
N VAL A 158 -5.52 -5.04 9.28
CA VAL A 158 -6.29 -4.76 10.50
C VAL A 158 -6.92 -6.03 11.06
N LEU A 159 -7.28 -6.97 10.18
CA LEU A 159 -7.91 -8.21 10.62
C LEU A 159 -6.88 -9.18 11.18
N VAL A 160 -5.75 -9.30 10.50
CA VAL A 160 -4.70 -10.22 10.93
C VAL A 160 -4.02 -9.71 12.20
N VAL A 161 -4.10 -8.40 12.43
CA VAL A 161 -3.52 -7.81 13.62
C VAL A 161 -4.42 -8.08 14.81
N ILE A 162 -5.69 -7.76 14.65
CA ILE A 162 -6.67 -7.97 15.71
C ILE A 162 -6.83 -9.46 16.02
N SER A 163 -6.36 -10.31 15.12
CA SER A 163 -6.46 -11.74 15.31
C SER A 163 -5.88 -12.14 16.67
N GLN A 164 -5.30 -11.17 17.37
CA GLN A 164 -4.71 -11.43 18.67
C GLN A 164 -4.91 -10.22 19.60
N PRO A 165 -6.06 -10.12 20.22
CA PRO A 165 -6.37 -8.98 21.13
C PRO A 165 -5.71 -9.14 22.50
N PHE A 166 -4.60 -9.89 22.52
CA PHE A 166 -3.87 -10.11 23.77
C PHE A 166 -4.83 -10.41 24.92
N LYS A 167 -6.07 -10.76 24.58
CA LYS A 167 -7.07 -11.06 25.60
C LYS A 167 -7.06 -12.55 25.93
N ALA A 168 -7.09 -12.86 27.22
CA ALA A 168 -7.08 -14.25 27.66
C ALA A 168 -8.04 -15.09 26.83
N LYS A 169 -7.77 -16.38 26.72
CA LYS A 169 -8.62 -17.29 25.95
C LYS A 169 -8.79 -18.61 26.68
N LYS A 170 -8.58 -18.58 28.00
CA LYS A 170 -8.71 -19.78 28.81
C LYS A 170 -10.18 -20.12 29.02
N ARG A 171 -10.61 -20.20 30.27
CA ARG A 171 -12.00 -20.53 30.59
C ARG A 171 -12.39 -21.85 29.94
N ASP A 172 -13.69 -22.01 29.72
CA ASP A 172 -14.20 -23.24 29.11
C ASP A 172 -15.53 -22.98 28.40
N LEU A 173 -15.45 -22.46 27.17
CA LEU A 173 -16.64 -22.17 26.40
C LEU A 173 -17.24 -23.46 25.82
N PHE A 174 -16.62 -24.58 26.16
CA PHE A 174 -17.10 -25.87 25.67
C PHE A 174 -17.11 -25.91 24.15
N GLY A 175 -16.34 -26.82 23.57
CA GLY A 175 -16.27 -26.94 22.12
C GLY A 175 -17.50 -27.65 21.58
N ARG A 176 -17.35 -28.30 20.43
CA ARG A 176 -18.47 -29.01 19.80
C ARG A 176 -17.97 -30.26 19.09
N GLY A 177 -18.50 -30.51 17.90
CA GLY A 177 -18.11 -31.68 17.11
C GLY A 177 -18.98 -31.82 15.87
N HIS A 178 -19.67 -32.95 15.76
CA HIS A 178 -20.53 -33.20 14.61
C HIS A 178 -21.59 -34.23 14.96
N HIS A 179 -22.81 -34.01 14.46
CA HIS A 179 -23.91 -34.94 14.73
C HIS A 179 -24.19 -35.81 13.50
N HIS A 180 -23.22 -36.64 13.15
CA HIS A 180 -23.36 -37.52 11.99
C HIS A 180 -24.01 -38.84 12.41
N HIS A 181 -25.19 -39.12 11.85
CA HIS A 181 -25.91 -40.35 12.17
C HIS A 181 -25.74 -41.37 11.04
N HIS A 182 -26.77 -41.51 10.22
CA HIS A 182 -26.72 -42.46 9.10
C HIS A 182 -26.50 -41.73 7.78
N HIS A 183 -25.59 -42.23 6.97
CA HIS A 183 -25.28 -41.62 5.68
C HIS A 183 -26.33 -42.02 4.64
C1 UQ2 B . 1.70 4.71 -14.35
C2 UQ2 B . 1.16 5.08 -15.67
C3 UQ2 B . -0.05 5.66 -15.76
C4 UQ2 B . -0.84 5.92 -14.53
C5 UQ2 B . -0.29 5.55 -13.21
C6 UQ2 B . 0.92 4.97 -13.12
CM2 UQ2 B . 1.45 3.55 -17.30
CM3 UQ2 B . 0.20 7.13 -17.45
CM5 UQ2 B . -1.13 5.83 -11.97
C7 UQ2 B . 1.51 4.57 -11.78
C8 UQ2 B . 1.69 3.07 -11.75
C9 UQ2 B . 1.43 2.38 -10.66
C10 UQ2 B . 0.95 3.08 -9.40
C11 UQ2 B . 1.61 0.88 -10.67
C12 UQ2 B . 0.60 0.24 -11.62
C13 UQ2 B . -0.70 0.02 -10.89
C14 UQ2 B . -1.73 -0.52 -11.51
C15 UQ2 B . -3.02 -0.73 -10.77
C16 UQ2 B . -1.60 -0.93 -12.96
O1 UQ2 B . 2.79 4.19 -14.27
O2 UQ2 B . 1.88 4.83 -16.79
O3 UQ2 B . -0.56 6.00 -16.97
O4 UQ2 B . -1.93 6.44 -14.61
H2M1 UQ2 B . 1.66 2.79 -16.56
H2M2 UQ2 B . 2.00 3.34 -18.20
H2M3 UQ2 B . 0.39 3.58 -17.50
H3M1 UQ2 B . 1.23 6.86 -17.57
H3M2 UQ2 B . 0.13 7.94 -16.73
H3M3 UQ2 B . -0.20 7.46 -18.39
H5M1 UQ2 B . -0.60 6.54 -11.34
H5M2 UQ2 B . -1.29 4.91 -11.43
H5M3 UQ2 B . -2.08 6.25 -12.27
H71 UQ2 B . 0.85 4.88 -10.98
H72 UQ2 B . 2.47 5.05 -11.65
H8 UQ2 B . 2.01 2.56 -12.64
H101 UQ2 B . 0.52 2.35 -8.72
H102 UQ2 B . 0.21 3.82 -9.66
H103 UQ2 B . 1.79 3.56 -8.92
H111 UQ2 B . 1.47 0.49 -9.67
H112 UQ2 B . 2.62 0.65 -11.00
H121 UQ2 B . 0.98 -0.71 -11.96
H122 UQ2 B . 0.43 0.89 -12.46
H13 UQ2 B . -0.79 0.32 -9.85
H151 UQ2 B . -3.68 0.11 -10.95
H152 UQ2 B . -2.83 -0.84 -9.72
H153 UQ2 B . -3.50 -1.63 -11.15
H161 UQ2 B . -0.77 -1.63 -13.06
H162 UQ2 B . -1.42 -0.06 -13.57
H163 UQ2 B . -2.52 -1.41 -13.27
N MET A 1 -15.02 -19.86 8.18
CA MET A 1 -13.62 -20.27 7.91
C MET A 1 -12.68 -19.14 8.30
N LEU A 2 -12.99 -18.47 9.41
CA LEU A 2 -12.16 -17.37 9.88
C LEU A 2 -10.87 -17.90 10.51
N ARG A 3 -11.00 -18.93 11.33
CA ARG A 3 -9.84 -19.54 11.98
C ARG A 3 -8.79 -19.91 10.93
N PHE A 4 -9.26 -20.21 9.72
CA PHE A 4 -8.35 -20.57 8.64
C PHE A 4 -7.67 -19.33 8.08
N LEU A 5 -8.45 -18.27 7.89
CA LEU A 5 -7.90 -17.03 7.36
C LEU A 5 -6.61 -16.66 8.08
N ASN A 6 -6.58 -16.83 9.39
CA ASN A 6 -5.40 -16.51 10.18
C ASN A 6 -4.32 -17.56 9.95
N GLN A 7 -4.74 -18.75 9.52
CA GLN A 7 -3.81 -19.84 9.27
C GLN A 7 -3.13 -19.66 7.91
N ALA A 8 -3.94 -19.40 6.88
CA ALA A 8 -3.41 -19.22 5.54
C ALA A 8 -2.51 -17.98 5.48
N SER A 9 -2.85 -16.96 6.26
CA SER A 9 -2.06 -15.74 6.27
C SER A 9 -0.78 -15.94 7.08
N GLN A 10 -0.87 -16.72 8.14
CA GLN A 10 0.28 -17.00 8.99
C GLN A 10 1.31 -17.83 8.23
N GLY A 11 1.03 -18.06 6.95
CA GLY A 11 1.93 -18.83 6.10
C GLY A 11 2.70 -17.88 5.18
N ARG A 12 3.98 -18.18 4.96
CA ARG A 12 4.80 -17.34 4.11
C ARG A 12 4.28 -17.33 2.68
N GLY A 13 3.96 -18.51 2.16
CA GLY A 13 3.46 -18.63 0.80
C GLY A 13 2.44 -17.54 0.50
N ALA A 14 1.53 -17.34 1.44
CA ALA A 14 0.49 -16.33 1.30
C ALA A 14 1.12 -14.94 1.23
N TRP A 15 2.02 -14.65 2.16
CA TRP A 15 2.67 -13.35 2.19
C TRP A 15 3.40 -13.10 0.88
N LEU A 16 4.09 -14.12 0.38
CA LEU A 16 4.82 -13.98 -0.88
C LEU A 16 3.84 -13.82 -2.04
N LEU A 17 2.64 -14.37 -1.86
CA LEU A 17 1.61 -14.29 -2.89
C LEU A 17 1.10 -12.85 -3.01
N MET A 18 1.09 -12.14 -1.89
CA MET A 18 0.63 -10.77 -1.87
C MET A 18 1.66 -9.86 -2.54
N ALA A 19 2.93 -10.22 -2.39
CA ALA A 19 4.01 -9.44 -2.98
C ALA A 19 3.98 -9.54 -4.50
N PHE A 20 3.97 -10.77 -5.01
CA PHE A 20 3.95 -10.99 -6.45
C PHE A 20 2.83 -10.16 -7.09
N THR A 21 1.64 -10.25 -6.53
CA THR A 21 0.50 -9.51 -7.06
C THR A 21 0.84 -8.03 -7.16
N ALA A 22 1.49 -7.50 -6.15
CA ALA A 22 1.88 -6.09 -6.14
C ALA A 22 2.87 -5.79 -7.26
N LEU A 23 3.59 -6.82 -7.70
CA LEU A 23 4.57 -6.66 -8.77
C LEU A 23 3.90 -6.84 -10.13
N ALA A 24 3.03 -7.84 -10.23
CA ALA A 24 2.33 -8.11 -11.48
C ALA A 24 1.55 -6.88 -11.94
N LEU A 25 1.19 -6.03 -10.98
CA LEU A 25 0.43 -4.83 -11.29
C LEU A 25 1.35 -3.74 -11.84
N GLU A 26 2.55 -3.64 -11.28
CA GLU A 26 3.51 -2.64 -11.72
C GLU A 26 4.04 -2.96 -13.12
N LEU A 27 4.42 -4.22 -13.33
CA LEU A 27 4.93 -4.64 -14.62
C LEU A 27 3.88 -4.45 -15.72
N THR A 28 2.67 -4.94 -15.45
CA THR A 28 1.59 -4.83 -16.42
C THR A 28 1.48 -3.39 -16.93
N ALA A 29 1.48 -2.44 -16.00
CA ALA A 29 1.36 -1.03 -16.38
C ALA A 29 2.68 -0.55 -17.00
N LEU A 30 3.78 -1.16 -16.59
CA LEU A 30 5.09 -0.77 -17.11
C LEU A 30 5.21 -1.08 -18.60
N TRP A 31 4.36 -1.97 -19.09
CA TRP A 31 4.37 -2.35 -20.51
C TRP A 31 3.42 -1.46 -21.30
N PHE A 32 2.33 -1.04 -20.66
CA PHE A 32 1.35 -0.19 -21.31
C PHE A 32 2.01 1.10 -21.80
N GLN A 33 2.80 1.72 -20.92
CA GLN A 33 3.47 2.96 -21.27
C GLN A 33 4.45 2.74 -22.43
N HIS A 34 5.28 1.72 -22.30
CA HIS A 34 6.26 1.39 -23.32
C HIS A 34 5.59 1.23 -24.69
N VAL A 35 4.30 0.90 -24.68
CA VAL A 35 3.56 0.70 -25.92
C VAL A 35 2.55 1.83 -26.15
N MET A 36 2.23 2.56 -25.09
CA MET A 36 1.27 3.66 -25.19
C MET A 36 2.00 5.00 -25.31
N LEU A 37 3.32 4.95 -25.23
CA LEU A 37 4.12 6.18 -25.33
C LEU A 37 3.65 7.22 -24.32
N LEU A 38 3.31 6.77 -23.11
CA LEU A 38 2.86 7.70 -22.07
C LEU A 38 4.00 7.97 -21.09
N LYS A 39 3.90 9.10 -20.38
CA LYS A 39 4.93 9.47 -19.42
C LYS A 39 4.33 9.62 -18.02
N PRO A 40 5.05 9.25 -16.99
CA PRO A 40 4.55 9.35 -15.58
C PRO A 40 4.53 10.80 -15.08
N CYS A 41 3.64 11.08 -14.13
CA CYS A 41 3.52 12.42 -13.58
C CYS A 41 3.89 12.42 -12.09
N VAL A 42 3.67 13.56 -11.43
CA VAL A 42 3.99 13.68 -10.02
C VAL A 42 3.13 12.73 -9.18
N LEU A 43 1.83 12.73 -9.44
CA LEU A 43 0.91 11.87 -8.70
C LEU A 43 1.22 10.40 -8.89
N SER A 44 1.39 10.00 -10.16
CA SER A 44 1.70 8.61 -10.47
C SER A 44 2.84 8.09 -9.60
N ILE A 45 3.90 8.89 -9.47
CA ILE A 45 5.04 8.49 -8.67
C ILE A 45 4.61 8.33 -7.21
N TYR A 46 3.80 9.26 -6.74
CA TYR A 46 3.31 9.21 -5.36
C TYR A 46 2.62 7.87 -5.10
N GLU A 47 1.73 7.49 -6.02
CA GLU A 47 1.00 6.24 -5.89
C GLU A 47 1.94 5.04 -5.97
N ARG A 48 2.93 5.14 -6.85
CA ARG A 48 3.90 4.06 -7.01
C ARG A 48 4.71 3.88 -5.73
N ALA A 49 5.02 5.00 -5.08
CA ALA A 49 5.78 4.95 -3.83
C ALA A 49 4.96 4.36 -2.70
N ALA A 50 3.68 4.71 -2.67
CA ALA A 50 2.78 4.20 -1.64
C ALA A 50 2.77 2.67 -1.64
N LEU A 51 2.59 2.09 -2.83
CA LEU A 51 2.56 0.64 -2.96
C LEU A 51 3.98 0.08 -2.89
N PHE A 52 4.89 0.61 -3.70
CA PHE A 52 6.26 0.14 -3.69
C PHE A 52 6.74 0.02 -2.24
N GLY A 53 6.32 0.98 -1.42
CA GLY A 53 6.70 0.98 0.00
C GLY A 53 6.06 -0.20 0.70
N VAL A 54 4.78 -0.45 0.42
CA VAL A 54 4.09 -1.57 1.03
C VAL A 54 4.77 -2.87 0.64
N LEU A 55 5.07 -2.99 -0.66
CA LEU A 55 5.74 -4.16 -1.17
C LEU A 55 6.88 -4.55 -0.22
N GLY A 56 7.67 -3.55 0.16
CA GLY A 56 8.79 -3.78 1.07
C GLY A 56 8.26 -4.27 2.42
N ALA A 57 7.07 -3.80 2.79
CA ALA A 57 6.47 -4.20 4.04
C ALA A 57 6.06 -5.67 3.99
N ALA A 58 5.71 -6.13 2.80
CA ALA A 58 5.31 -7.52 2.63
C ALA A 58 6.51 -8.45 2.77
N LEU A 59 7.68 -7.94 2.37
CA LEU A 59 8.91 -8.74 2.45
C LEU A 59 9.40 -8.79 3.90
N ILE A 60 9.15 -7.72 4.65
CA ILE A 60 9.58 -7.67 6.05
C ILE A 60 8.61 -8.46 6.93
N GLY A 61 7.32 -8.40 6.60
CA GLY A 61 6.32 -9.11 7.37
C GLY A 61 6.39 -10.61 7.11
N ALA A 62 6.94 -10.98 5.96
CA ALA A 62 7.06 -12.39 5.60
C ALA A 62 8.21 -13.06 6.35
N ILE A 63 8.80 -12.32 7.29
CA ILE A 63 9.90 -12.86 8.08
C ILE A 63 9.36 -13.80 9.15
N ALA A 64 8.40 -13.32 9.93
CA ALA A 64 7.82 -14.12 11.00
C ALA A 64 6.61 -13.41 11.61
N PRO A 65 5.50 -13.40 10.91
CA PRO A 65 4.26 -12.73 11.39
C PRO A 65 3.53 -13.56 12.45
N LYS A 66 4.27 -14.43 13.11
CA LYS A 66 3.70 -15.29 14.14
C LYS A 66 4.05 -14.75 15.53
N THR A 67 4.97 -13.79 15.55
CA THR A 67 5.41 -13.18 16.80
C THR A 67 4.98 -11.72 16.86
N PRO A 68 4.85 -11.16 18.05
CA PRO A 68 4.43 -9.73 18.23
C PRO A 68 5.02 -8.81 17.17
N LEU A 69 6.06 -9.27 16.48
CA LEU A 69 6.70 -8.46 15.44
C LEU A 69 5.64 -7.82 14.55
N ARG A 70 4.51 -8.51 14.37
CA ARG A 70 3.43 -7.99 13.55
C ARG A 70 3.33 -6.47 13.66
N TYR A 71 3.20 -5.93 14.87
CA TYR A 71 3.11 -4.49 15.03
C TYR A 71 4.26 -3.78 14.34
N VAL A 72 5.46 -4.36 14.36
CA VAL A 72 6.61 -3.70 13.75
C VAL A 72 6.43 -3.57 12.24
N ALA A 73 5.90 -4.58 11.56
CA ALA A 73 5.70 -4.50 10.12
C ALA A 73 4.48 -3.62 9.81
N MET A 74 3.46 -3.74 10.65
CA MET A 74 2.25 -2.95 10.46
C MET A 74 2.58 -1.45 10.48
N VAL A 75 3.77 -1.11 10.94
CA VAL A 75 4.19 0.27 11.01
C VAL A 75 4.06 0.94 9.64
N ILE A 76 4.49 0.21 8.62
CA ILE A 76 4.44 0.71 7.26
C ILE A 76 3.09 0.40 6.62
N TRP A 77 2.47 -0.71 7.03
CA TRP A 77 1.17 -1.08 6.50
C TRP A 77 0.13 -0.02 6.87
N LEU A 78 0.01 0.24 8.17
CA LEU A 78 -0.96 1.23 8.65
C LEU A 78 -0.60 2.63 8.17
N TYR A 79 0.66 3.01 8.33
CA TYR A 79 1.10 4.33 7.90
C TYR A 79 0.50 4.67 6.54
N SER A 80 0.52 3.69 5.64
CA SER A 80 -0.02 3.88 4.30
C SER A 80 -1.54 3.74 4.31
N ALA A 81 -2.08 3.06 5.30
CA ALA A 81 -3.52 2.86 5.39
C ALA A 81 -4.24 4.21 5.48
N PHE A 82 -3.94 4.96 6.53
CA PHE A 82 -4.56 6.27 6.73
C PHE A 82 -4.02 7.29 5.73
N ARG A 83 -2.70 7.46 5.71
CA ARG A 83 -2.08 8.44 4.83
C ARG A 83 -2.25 8.06 3.36
N GLY A 84 -1.93 6.83 2.99
CA GLY A 84 -2.08 6.41 1.60
C GLY A 84 -3.50 6.70 1.11
N VAL A 85 -4.49 6.31 1.91
CA VAL A 85 -5.88 6.53 1.53
C VAL A 85 -6.20 8.02 1.50
N GLN A 86 -5.76 8.75 2.53
CA GLN A 86 -6.01 10.18 2.59
C GLN A 86 -5.42 10.87 1.38
N LEU A 87 -4.31 10.33 0.86
CA LEU A 87 -3.67 10.91 -0.31
C LEU A 87 -4.50 10.64 -1.56
N THR A 88 -4.98 9.41 -1.71
CA THR A 88 -5.79 9.05 -2.87
C THR A 88 -6.95 10.03 -3.00
N TYR A 89 -7.37 10.60 -1.88
CA TYR A 89 -8.48 11.55 -1.87
C TYR A 89 -8.05 12.86 -2.52
N GLU A 90 -6.93 13.41 -2.06
CA GLU A 90 -6.44 14.66 -2.60
C GLU A 90 -6.42 14.62 -4.12
N HIS A 91 -6.15 13.44 -4.68
CA HIS A 91 -6.10 13.28 -6.13
C HIS A 91 -7.52 13.27 -6.70
N THR A 92 -8.35 12.36 -6.20
CA THR A 92 -9.72 12.26 -6.68
C THR A 92 -10.44 13.60 -6.57
N MET A 93 -10.30 14.25 -5.42
CA MET A 93 -10.94 15.54 -5.20
C MET A 93 -10.51 16.55 -6.27
N LEU A 94 -9.22 16.56 -6.59
CA LEU A 94 -8.70 17.48 -7.59
C LEU A 94 -9.24 17.16 -8.98
N GLN A 95 -9.66 15.92 -9.16
CA GLN A 95 -10.22 15.49 -10.45
C GLN A 95 -11.67 15.95 -10.56
N LEU A 96 -12.36 15.96 -9.43
CA LEU A 96 -13.76 16.37 -9.40
C LEU A 96 -13.87 17.82 -8.94
N TYR A 97 -12.78 18.35 -8.36
CA TYR A 97 -12.77 19.73 -7.90
C TYR A 97 -11.45 20.41 -8.26
N PRO A 98 -11.26 20.71 -9.52
CA PRO A 98 -10.01 21.38 -9.99
C PRO A 98 -10.01 22.86 -9.68
N SER A 99 -10.54 23.66 -10.60
CA SER A 99 -10.61 25.11 -10.42
C SER A 99 -9.23 25.67 -10.06
N PRO A 100 -8.33 25.68 -11.01
CA PRO A 100 -6.95 26.20 -10.82
C PRO A 100 -6.95 27.60 -10.20
N PHE A 101 -5.78 28.21 -10.14
CA PHE A 101 -5.66 29.56 -9.57
C PHE A 101 -4.34 30.19 -9.97
N ALA A 102 -3.46 29.41 -10.59
CA ALA A 102 -2.17 29.91 -11.04
C ALA A 102 -1.53 28.95 -12.04
N THR A 103 -0.27 28.64 -11.83
CA THR A 103 0.45 27.72 -12.72
C THR A 103 1.62 27.07 -11.99
N SER A 104 1.44 25.81 -11.61
CA SER A 104 2.49 25.08 -10.90
C SER A 104 2.43 23.60 -11.25
N ASP A 105 2.66 22.74 -10.25
CA ASP A 105 2.63 21.31 -10.47
C ASP A 105 3.39 20.93 -11.73
N PHE A 106 4.69 20.74 -11.61
CA PHE A 106 5.52 20.38 -12.76
C PHE A 106 6.69 19.50 -12.32
N MET A 107 7.54 20.05 -11.47
CA MET A 107 8.70 19.31 -10.96
C MET A 107 8.44 18.82 -9.55
N VAL A 108 8.47 17.50 -9.39
CA VAL A 108 8.23 16.89 -8.08
C VAL A 108 9.02 17.62 -6.99
N ARG A 109 8.32 18.12 -5.99
CA ARG A 109 8.97 18.84 -4.89
C ARG A 109 9.09 17.95 -3.66
N PHE A 110 10.30 17.45 -3.43
CA PHE A 110 10.56 16.58 -2.28
C PHE A 110 11.73 17.12 -1.47
N PRO A 111 11.84 16.77 -0.21
CA PRO A 111 12.94 17.23 0.66
C PRO A 111 14.29 17.22 -0.06
N GLU A 112 15.24 17.98 0.47
CA GLU A 112 16.58 18.04 -0.14
C GLU A 112 17.58 17.23 0.68
N TRP A 113 17.12 16.62 1.76
CA TRP A 113 17.99 15.82 2.61
C TRP A 113 17.69 14.33 2.45
N LEU A 114 17.02 13.98 1.35
CA LEU A 114 16.68 12.58 1.09
C LEU A 114 17.28 12.15 -0.25
N PRO A 115 18.54 11.75 -0.24
CA PRO A 115 19.25 11.30 -1.47
C PRO A 115 18.48 10.20 -2.21
N LEU A 116 17.30 9.86 -1.69
CA LEU A 116 16.49 8.81 -2.31
C LEU A 116 16.05 9.23 -3.71
N ASP A 117 15.88 10.55 -3.89
CA ASP A 117 15.47 11.09 -5.18
C ASP A 117 16.67 11.58 -5.97
N LYS A 118 17.58 12.28 -5.30
CA LYS A 118 18.78 12.80 -5.95
C LYS A 118 19.72 11.67 -6.33
N TRP A 119 19.94 10.76 -5.38
CA TRP A 119 20.83 9.63 -5.63
C TRP A 119 20.16 8.63 -6.57
N VAL A 120 18.85 8.77 -6.73
CA VAL A 120 18.09 7.89 -7.61
C VAL A 120 16.93 8.64 -8.27
N PRO A 121 17.23 9.47 -9.23
CA PRO A 121 16.20 10.27 -9.96
C PRO A 121 15.47 9.45 -11.01
N GLN A 122 16.01 8.28 -11.31
CA GLN A 122 15.41 7.40 -12.31
C GLN A 122 13.95 7.14 -12.00
N VAL A 123 13.68 6.67 -10.79
CA VAL A 123 12.31 6.37 -10.37
C VAL A 123 11.81 7.41 -9.38
N PHE A 124 11.77 8.66 -9.83
CA PHE A 124 11.30 9.76 -8.99
C PHE A 124 11.01 10.99 -9.85
N VAL A 125 11.89 11.26 -10.82
CA VAL A 125 11.69 12.41 -11.70
C VAL A 125 10.36 12.31 -12.43
N ALA A 126 9.55 13.35 -12.30
CA ALA A 126 8.23 13.37 -12.95
C ALA A 126 8.34 13.96 -14.35
N SER A 127 7.43 13.55 -15.24
CA SER A 127 7.44 14.06 -16.61
C SER A 127 6.10 13.77 -17.29
N GLY A 128 5.24 14.78 -17.35
CA GLY A 128 3.93 14.62 -17.97
C GLY A 128 2.84 15.31 -17.14
N ASP A 129 1.60 15.25 -17.62
CA ASP A 129 0.49 15.87 -16.92
C ASP A 129 0.02 14.97 -15.78
N CYS A 130 -0.38 15.58 -14.68
CA CYS A 130 -0.84 14.83 -13.52
C CYS A 130 -2.35 14.67 -13.54
N ALA A 131 -2.81 13.44 -13.32
CA ALA A 131 -4.24 13.14 -13.30
C ALA A 131 -4.76 12.86 -14.70
N GLU A 132 -3.89 12.92 -15.70
CA GLU A 132 -4.30 12.67 -17.07
C GLU A 132 -4.69 11.20 -17.24
N ARG A 133 -5.87 10.96 -17.80
CA ARG A 133 -6.34 9.60 -18.01
C ARG A 133 -5.49 8.91 -19.08
N GLN A 134 -4.79 7.85 -18.67
CA GLN A 134 -3.94 7.11 -19.59
C GLN A 134 -4.60 5.79 -19.99
N TRP A 135 -5.42 5.24 -19.09
CA TRP A 135 -6.09 3.99 -19.36
C TRP A 135 -7.07 3.65 -18.24
N ASP A 136 -8.17 2.98 -18.59
CA ASP A 136 -9.19 2.64 -17.60
C ASP A 136 -9.78 1.25 -17.83
N PHE A 137 -10.41 0.73 -16.79
CA PHE A 137 -11.05 -0.58 -16.85
C PHE A 137 -12.53 -0.42 -16.48
N LEU A 138 -13.40 -1.13 -17.21
CA LEU A 138 -14.83 -1.03 -16.95
C LEU A 138 -15.27 0.43 -16.93
N GLY A 139 -14.45 1.31 -17.49
CA GLY A 139 -14.77 2.73 -17.54
C GLY A 139 -14.30 3.46 -16.27
N LEU A 140 -13.31 2.89 -15.59
CA LEU A 140 -12.77 3.49 -14.38
C LEU A 140 -11.26 3.68 -14.50
N GLU A 141 -10.78 4.85 -14.09
CA GLU A 141 -9.35 5.15 -14.17
C GLU A 141 -8.57 4.29 -13.18
N MET A 142 -7.33 3.97 -13.56
CA MET A 142 -6.48 3.15 -12.70
C MET A 142 -6.48 3.67 -11.26
N PRO A 143 -6.20 4.94 -11.07
CA PRO A 143 -6.18 5.56 -9.71
C PRO A 143 -7.38 5.10 -8.87
N GLN A 144 -8.53 4.92 -9.52
CA GLN A 144 -9.73 4.49 -8.81
C GLN A 144 -9.59 3.03 -8.40
N TRP A 145 -9.16 2.20 -9.34
CA TRP A 145 -8.99 0.77 -9.05
C TRP A 145 -7.92 0.57 -8.00
N LEU A 146 -6.71 1.05 -8.28
CA LEU A 146 -5.60 0.92 -7.34
C LEU A 146 -6.08 1.23 -5.92
N LEU A 147 -6.94 2.24 -5.78
CA LEU A 147 -7.48 2.59 -4.47
C LEU A 147 -8.27 1.41 -3.93
N GLY A 148 -8.90 0.69 -4.85
CA GLY A 148 -9.69 -0.48 -4.48
C GLY A 148 -8.81 -1.50 -3.75
N ILE A 149 -7.58 -1.67 -4.24
CA ILE A 149 -6.66 -2.62 -3.64
C ILE A 149 -6.14 -2.09 -2.30
N PHE A 150 -6.02 -0.77 -2.20
CA PHE A 150 -5.53 -0.15 -0.97
C PHE A 150 -6.45 -0.50 0.20
N ILE A 151 -7.75 -0.51 -0.05
CA ILE A 151 -8.71 -0.82 1.00
C ILE A 151 -8.64 -2.30 1.35
N ALA A 152 -8.42 -3.15 0.34
CA ALA A 152 -8.32 -4.58 0.56
C ALA A 152 -7.08 -4.90 1.41
N TYR A 153 -5.93 -4.41 0.98
CA TYR A 153 -4.69 -4.65 1.72
C TYR A 153 -4.79 -4.06 3.13
N LEU A 154 -5.43 -2.91 3.23
CA LEU A 154 -5.61 -2.25 4.52
C LEU A 154 -6.27 -3.19 5.51
N ILE A 155 -7.22 -3.97 5.01
CA ILE A 155 -7.94 -4.93 5.84
C ILE A 155 -7.09 -6.14 6.18
N VAL A 156 -6.33 -6.62 5.19
CA VAL A 156 -5.48 -7.78 5.40
C VAL A 156 -4.64 -7.62 6.66
N ALA A 157 -4.17 -6.40 6.89
CA ALA A 157 -3.35 -6.13 8.07
C ALA A 157 -4.22 -6.04 9.33
N VAL A 158 -5.36 -5.36 9.22
CA VAL A 158 -6.25 -5.21 10.36
C VAL A 158 -6.69 -6.57 10.90
N LEU A 159 -6.88 -7.54 10.00
CA LEU A 159 -7.32 -8.87 10.41
C LEU A 159 -6.13 -9.74 10.82
N VAL A 160 -4.99 -9.53 10.18
CA VAL A 160 -3.81 -10.32 10.49
C VAL A 160 -3.13 -9.85 11.78
N VAL A 161 -3.35 -8.59 12.13
CA VAL A 161 -2.76 -8.04 13.36
C VAL A 161 -3.63 -8.39 14.56
N ILE A 162 -4.93 -8.11 14.45
CA ILE A 162 -5.86 -8.38 15.53
C ILE A 162 -6.01 -9.89 15.76
N SER A 163 -5.69 -10.68 14.72
CA SER A 163 -5.79 -12.13 14.83
C SER A 163 -5.03 -12.63 16.05
N GLN A 164 -4.29 -11.73 16.69
CA GLN A 164 -3.51 -12.09 17.87
C GLN A 164 -4.38 -12.89 18.85
N PRO A 165 -3.78 -13.74 19.65
CA PRO A 165 -4.50 -14.57 20.65
C PRO A 165 -5.66 -13.81 21.30
N PHE A 166 -5.52 -12.50 21.40
CA PHE A 166 -6.56 -11.67 22.01
C PHE A 166 -7.61 -11.28 20.96
N LYS A 167 -8.81 -11.82 21.10
CA LYS A 167 -9.88 -11.53 20.15
C LYS A 167 -11.22 -12.03 20.68
N ALA A 168 -11.19 -13.17 21.36
CA ALA A 168 -12.41 -13.75 21.91
C ALA A 168 -13.42 -14.03 20.82
N LYS A 169 -14.19 -15.10 20.98
CA LYS A 169 -15.20 -15.47 20.00
C LYS A 169 -16.20 -16.45 20.60
N LYS A 170 -16.58 -16.21 21.85
CA LYS A 170 -17.53 -17.09 22.53
C LYS A 170 -18.19 -16.34 23.69
N ARG A 171 -17.47 -15.41 24.28
CA ARG A 171 -18.00 -14.64 25.39
C ARG A 171 -18.60 -15.56 26.45
N ASP A 172 -19.92 -15.68 26.45
CA ASP A 172 -20.60 -16.54 27.41
C ASP A 172 -20.05 -16.33 28.81
N LEU A 173 -19.34 -15.21 29.01
CA LEU A 173 -18.76 -14.90 30.30
C LEU A 173 -19.83 -14.30 31.23
N PHE A 174 -20.69 -15.16 31.76
CA PHE A 174 -21.75 -14.71 32.66
C PHE A 174 -21.34 -14.92 34.11
N GLY A 175 -20.48 -15.92 34.34
CA GLY A 175 -20.01 -16.22 35.68
C GLY A 175 -18.66 -16.93 35.64
N ARG A 176 -17.69 -16.41 36.38
CA ARG A 176 -16.36 -17.01 36.41
C ARG A 176 -16.35 -18.23 37.33
N GLY A 177 -16.78 -19.37 36.79
CA GLY A 177 -16.80 -20.61 37.56
C GLY A 177 -15.66 -21.54 37.14
N HIS A 178 -14.45 -21.01 37.14
CA HIS A 178 -13.29 -21.80 36.75
C HIS A 178 -12.01 -21.21 37.34
N HIS A 179 -12.06 -19.93 37.69
CA HIS A 179 -10.90 -19.26 38.27
C HIS A 179 -11.34 -18.06 39.12
N HIS A 180 -11.77 -18.35 40.34
CA HIS A 180 -12.20 -17.29 41.25
C HIS A 180 -11.01 -16.74 42.04
N HIS A 181 -9.81 -17.12 41.61
CA HIS A 181 -8.59 -16.66 42.28
C HIS A 181 -8.55 -17.17 43.72
N HIS A 182 -7.66 -18.12 43.98
CA HIS A 182 -7.53 -18.68 45.32
C HIS A 182 -6.09 -19.13 45.56
N HIS A 183 -5.36 -18.34 46.35
CA HIS A 183 -3.97 -18.65 46.65
C HIS A 183 -3.57 -18.12 48.01
C1 UQ2 B . 3.40 4.07 -13.90
C2 UQ2 B . 3.32 4.58 -15.29
C3 UQ2 B . 2.17 5.09 -15.75
C4 UQ2 B . 0.99 5.16 -14.86
C5 UQ2 B . 1.07 4.66 -13.48
C6 UQ2 B . 2.23 4.14 -13.01
CM2 UQ2 B . 4.62 3.13 -16.43
CM3 UQ2 B . 2.57 6.90 -17.02
CM5 UQ2 B . -0.14 4.73 -12.58
C7 UQ2 B . 2.31 3.61 -11.61
C8 UQ2 B . 1.79 2.21 -11.57
C9 UQ2 B . 1.10 1.78 -10.53
C10 UQ2 B . 0.84 2.69 -9.35
C11 UQ2 B . 0.57 0.35 -10.52
C12 UQ2 B . -0.08 0.02 -11.86
C13 UQ2 B . -1.36 -0.73 -11.65
C14 UQ2 B . -2.45 -0.08 -11.28
C15 UQ2 B . -3.73 -0.85 -11.05
C16 UQ2 B . -2.43 1.42 -11.09
O1 UQ2 B . 4.45 3.61 -13.48
O2 UQ2 B . 4.42 4.51 -16.10
O3 UQ2 B . 2.09 5.56 -17.02
O4 UQ2 B . -0.06 5.63 -15.28
H2M1 UQ2 B . 3.75 2.74 -16.93
H2M2 UQ2 B . 4.80 2.56 -15.53
H2M3 UQ2 B . 5.47 3.05 -17.08
H3M1 UQ2 B . 2.53 7.31 -18.03
H3M2 UQ2 B . 3.60 6.93 -16.67
H3M3 UQ2 B . 1.95 7.51 -16.38
H5M1 UQ2 B . -1.02 4.93 -13.18
H5M2 UQ2 B . -0.01 5.51 -11.85
H5M3 UQ2 B . -0.27 3.77 -12.08
H71 UQ2 B . 1.74 4.24 -10.95
H72 UQ2 B . 3.35 3.62 -11.29
H8 UQ2 B . 1.96 1.54 -12.40
H101 UQ2 B . 0.05 3.38 -9.59
H102 UQ2 B . 1.73 3.23 -9.11
H103 UQ2 B . 0.53 2.09 -8.50
H111 UQ2 B . -0.16 0.25 -9.73
H112 UQ2 B . 1.39 -0.33 -10.34
H121 UQ2 B . 0.60 -0.59 -12.45
H122 UQ2 B . -0.28 0.94 -12.42
H13 UQ2 B . -1.39 -1.79 -11.78
H151 UQ2 B . -4.16 -1.12 -12.01
H152 UQ2 B . -4.43 -0.24 -10.51
H153 UQ2 B . -3.52 -1.74 -10.49
H161 UQ2 B . -1.95 1.65 -10.15
H162 UQ2 B . -3.45 1.79 -11.07
H163 UQ2 B . -1.88 1.87 -11.89
N MET A 1 -13.93 -20.87 7.97
CA MET A 1 -13.97 -19.68 7.07
C MET A 1 -12.90 -18.68 7.52
N LEU A 2 -13.28 -17.79 8.44
CA LEU A 2 -12.35 -16.80 8.94
C LEU A 2 -11.17 -17.48 9.65
N ARG A 3 -11.49 -18.38 10.57
CA ARG A 3 -10.46 -19.10 11.31
C ARG A 3 -9.42 -19.65 10.34
N PHE A 4 -9.87 -20.04 9.15
CA PHE A 4 -8.97 -20.58 8.14
C PHE A 4 -8.09 -19.46 7.59
N LEU A 5 -8.67 -18.28 7.43
CA LEU A 5 -7.94 -17.14 6.91
C LEU A 5 -6.64 -16.94 7.70
N ASN A 6 -6.73 -17.14 9.01
CA ASN A 6 -5.56 -16.98 9.87
C ASN A 6 -4.54 -18.07 9.55
N GLN A 7 -5.04 -19.23 9.11
CA GLN A 7 -4.19 -20.35 8.78
C GLN A 7 -3.46 -20.10 7.46
N ALA A 8 -4.23 -19.71 6.43
CA ALA A 8 -3.66 -19.45 5.12
C ALA A 8 -2.74 -18.23 5.17
N SER A 9 -3.09 -17.26 5.99
CA SER A 9 -2.29 -16.04 6.11
C SER A 9 -1.02 -16.32 6.91
N GLN A 10 -1.12 -17.20 7.89
CA GLN A 10 0.03 -17.54 8.72
C GLN A 10 0.98 -18.45 7.94
N GLY A 11 0.78 -18.50 6.62
CA GLY A 11 1.63 -19.33 5.77
C GLY A 11 2.54 -18.44 4.91
N ARG A 12 3.71 -18.97 4.58
CA ARG A 12 4.67 -18.24 3.76
C ARG A 12 4.14 -18.07 2.34
N GLY A 13 3.19 -18.91 1.96
CA GLY A 13 2.60 -18.84 0.64
C GLY A 13 1.77 -17.57 0.48
N ALA A 14 1.03 -17.23 1.53
CA ALA A 14 0.19 -16.04 1.51
C ALA A 14 1.07 -14.79 1.41
N TRP A 15 2.05 -14.69 2.31
CA TRP A 15 2.94 -13.53 2.30
C TRP A 15 3.56 -13.34 0.93
N LEU A 16 3.98 -14.45 0.31
CA LEU A 16 4.59 -14.40 -1.01
C LEU A 16 3.54 -14.10 -2.08
N LEU A 17 2.32 -14.55 -1.83
CA LEU A 17 1.23 -14.33 -2.77
C LEU A 17 0.86 -12.84 -2.82
N MET A 18 1.00 -12.16 -1.70
CA MET A 18 0.67 -10.74 -1.62
C MET A 18 1.76 -9.92 -2.31
N ALA A 19 3.00 -10.38 -2.21
CA ALA A 19 4.12 -9.68 -2.82
C ALA A 19 4.01 -9.70 -4.33
N PHE A 20 3.85 -10.90 -4.89
CA PHE A 20 3.74 -11.06 -6.34
C PHE A 20 2.65 -10.15 -6.90
N THR A 21 1.45 -10.25 -6.32
CA THR A 21 0.33 -9.43 -6.78
C THR A 21 0.76 -7.98 -6.97
N ALA A 22 1.19 -7.34 -5.90
CA ALA A 22 1.62 -5.95 -5.96
C ALA A 22 2.64 -5.76 -7.09
N LEU A 23 3.41 -6.81 -7.36
CA LEU A 23 4.42 -6.75 -8.42
C LEU A 23 3.76 -6.85 -9.79
N ALA A 24 2.76 -7.71 -9.91
CA ALA A 24 2.05 -7.89 -11.17
C ALA A 24 1.62 -6.54 -11.73
N LEU A 25 1.14 -5.66 -10.86
CA LEU A 25 0.69 -4.35 -11.27
C LEU A 25 1.87 -3.49 -11.73
N GLU A 26 3.00 -3.65 -11.05
CA GLU A 26 4.19 -2.89 -11.38
C GLU A 26 4.71 -3.27 -12.77
N LEU A 27 4.84 -4.58 -12.99
CA LEU A 27 5.32 -5.07 -14.29
C LEU A 27 4.38 -4.65 -15.41
N THR A 28 3.09 -4.93 -15.23
CA THR A 28 2.10 -4.59 -16.24
C THR A 28 2.18 -3.11 -16.61
N ALA A 29 2.35 -2.26 -15.60
CA ALA A 29 2.43 -0.82 -15.85
C ALA A 29 3.77 -0.45 -16.49
N LEU A 30 4.83 -1.16 -16.11
CA LEU A 30 6.15 -0.90 -16.64
C LEU A 30 6.18 -1.14 -18.15
N TRP A 31 5.22 -1.94 -18.64
CA TRP A 31 5.15 -2.24 -20.06
C TRP A 31 4.39 -1.14 -20.80
N PHE A 32 3.31 -0.67 -20.19
CA PHE A 32 2.51 0.38 -20.81
C PHE A 32 3.41 1.55 -21.21
N GLN A 33 4.33 1.92 -20.33
CA GLN A 33 5.25 3.02 -20.61
C GLN A 33 6.36 2.58 -21.57
N HIS A 34 6.86 1.37 -21.36
CA HIS A 34 7.93 0.85 -22.20
C HIS A 34 7.40 0.52 -23.59
N VAL A 35 6.07 0.42 -23.72
CA VAL A 35 5.46 0.10 -25.01
C VAL A 35 4.73 1.31 -25.58
N MET A 36 3.88 1.93 -24.76
CA MET A 36 3.11 3.09 -25.22
C MET A 36 3.87 4.39 -24.94
N LEU A 37 5.16 4.29 -24.65
CA LEU A 37 5.97 5.48 -24.37
C LEU A 37 5.17 6.47 -23.52
N LEU A 38 4.40 5.94 -22.58
CA LEU A 38 3.60 6.79 -21.71
C LEU A 38 4.50 7.67 -20.85
N LYS A 39 3.95 8.80 -20.39
CA LYS A 39 4.71 9.74 -19.57
C LYS A 39 4.05 9.93 -18.20
N PRO A 40 4.42 9.13 -17.23
CA PRO A 40 3.86 9.24 -15.85
C PRO A 40 3.92 10.66 -15.29
N CYS A 41 2.93 11.02 -14.48
CA CYS A 41 2.87 12.35 -13.90
C CYS A 41 3.41 12.33 -12.47
N VAL A 42 3.29 13.47 -11.79
CA VAL A 42 3.77 13.58 -10.42
C VAL A 42 2.96 12.70 -9.48
N LEU A 43 1.63 12.78 -9.62
CA LEU A 43 0.73 12.00 -8.78
C LEU A 43 0.89 10.50 -9.04
N SER A 44 0.90 10.13 -10.32
CA SER A 44 1.03 8.73 -10.70
C SER A 44 2.20 8.09 -9.97
N ILE A 45 3.34 8.78 -9.96
CA ILE A 45 4.53 8.27 -9.29
C ILE A 45 4.28 8.16 -7.79
N TYR A 46 3.59 9.16 -7.24
CA TYR A 46 3.29 9.16 -5.82
C TYR A 46 2.57 7.86 -5.44
N GLU A 47 1.54 7.52 -6.21
CA GLU A 47 0.78 6.31 -5.95
C GLU A 47 1.69 5.09 -6.03
N ARG A 48 2.61 5.09 -6.99
CA ARG A 48 3.54 3.98 -7.14
C ARG A 48 4.35 3.78 -5.87
N ALA A 49 4.73 4.88 -5.24
CA ALA A 49 5.50 4.83 -4.01
C ALA A 49 4.69 4.17 -2.90
N ALA A 50 3.40 4.49 -2.84
CA ALA A 50 2.52 3.93 -1.83
C ALA A 50 2.54 2.40 -1.89
N LEU A 51 2.41 1.86 -3.10
CA LEU A 51 2.41 0.42 -3.29
C LEU A 51 3.84 -0.12 -3.19
N PHE A 52 4.76 0.47 -3.92
CA PHE A 52 6.15 0.02 -3.87
C PHE A 52 6.55 -0.21 -2.42
N GLY A 53 6.15 0.70 -1.56
CA GLY A 53 6.46 0.59 -0.13
C GLY A 53 5.75 -0.62 0.47
N VAL A 54 4.49 -0.83 0.06
CA VAL A 54 3.72 -1.96 0.56
C VAL A 54 4.42 -3.27 0.18
N LEU A 55 5.32 -3.16 -0.78
CA LEU A 55 6.08 -4.33 -1.24
C LEU A 55 7.24 -4.60 -0.31
N GLY A 56 7.91 -3.54 0.11
CA GLY A 56 9.05 -3.67 1.01
C GLY A 56 8.58 -4.16 2.38
N ALA A 57 7.36 -3.78 2.74
CA ALA A 57 6.79 -4.20 4.02
C ALA A 57 6.36 -5.66 3.95
N ALA A 58 5.86 -6.06 2.79
CA ALA A 58 5.42 -7.44 2.59
C ALA A 58 6.58 -8.41 2.75
N LEU A 59 7.73 -8.03 2.21
CA LEU A 59 8.92 -8.88 2.28
C LEU A 59 9.36 -9.00 3.74
N ILE A 60 9.33 -7.89 4.47
CA ILE A 60 9.73 -7.88 5.86
C ILE A 60 8.75 -8.70 6.70
N GLY A 61 7.47 -8.59 6.37
CA GLY A 61 6.44 -9.32 7.10
C GLY A 61 6.50 -10.81 6.81
N ALA A 62 7.11 -11.15 5.67
CA ALA A 62 7.23 -12.55 5.28
C ALA A 62 8.43 -13.21 5.96
N ILE A 63 9.10 -12.46 6.82
CA ILE A 63 10.26 -12.98 7.53
C ILE A 63 9.84 -13.80 8.75
N ALA A 64 8.96 -13.24 9.56
CA ALA A 64 8.48 -13.94 10.75
C ALA A 64 7.48 -13.07 11.52
N PRO A 65 6.26 -12.99 11.04
CA PRO A 65 5.20 -12.18 11.68
C PRO A 65 4.53 -12.90 12.84
N LYS A 66 5.23 -13.89 13.40
CA LYS A 66 4.70 -14.66 14.51
C LYS A 66 5.24 -14.10 15.83
N THR A 67 6.19 -13.18 15.71
CA THR A 67 6.79 -12.55 16.88
C THR A 67 6.34 -11.09 16.96
N PRO A 68 6.76 -10.38 17.97
CA PRO A 68 6.37 -8.94 18.15
C PRO A 68 6.62 -8.11 16.89
N LEU A 69 7.13 -8.77 15.85
CA LEU A 69 7.41 -8.08 14.59
C LEU A 69 6.11 -7.55 13.98
N ARG A 70 4.99 -8.20 14.28
CA ARG A 70 3.70 -7.77 13.75
C ARG A 70 3.58 -6.24 13.82
N TYR A 71 3.57 -5.67 15.01
CA TYR A 71 3.47 -4.21 15.12
C TYR A 71 4.59 -3.56 14.32
N VAL A 72 5.78 -4.15 14.35
CA VAL A 72 6.93 -3.57 13.64
C VAL A 72 6.64 -3.41 12.16
N ALA A 73 6.26 -4.49 11.49
CA ALA A 73 5.95 -4.42 10.06
C ALA A 73 4.67 -3.61 9.83
N MET A 74 3.74 -3.72 10.78
CA MET A 74 2.48 -3.00 10.67
C MET A 74 2.71 -1.50 10.73
N VAL A 75 3.81 -1.08 11.36
CA VAL A 75 4.11 0.34 11.48
C VAL A 75 4.07 1.01 10.11
N ILE A 76 4.46 0.24 9.09
CA ILE A 76 4.48 0.74 7.72
C ILE A 76 3.12 0.49 7.06
N TRP A 77 2.45 -0.59 7.46
CA TRP A 77 1.15 -0.92 6.91
C TRP A 77 0.13 0.15 7.30
N LEU A 78 0.10 0.48 8.60
CA LEU A 78 -0.81 1.50 9.10
C LEU A 78 -0.41 2.87 8.58
N TYR A 79 0.88 3.15 8.61
CA TYR A 79 1.38 4.43 8.13
C TYR A 79 0.76 4.78 6.79
N SER A 80 0.75 3.81 5.89
CA SER A 80 0.18 4.00 4.55
C SER A 80 -1.34 3.90 4.60
N ALA A 81 -1.87 3.24 5.63
CA ALA A 81 -3.31 3.08 5.73
C ALA A 81 -4.02 4.43 5.80
N PHE A 82 -3.69 5.22 6.81
CA PHE A 82 -4.31 6.53 6.98
C PHE A 82 -3.72 7.54 6.00
N ARG A 83 -2.39 7.60 5.91
CA ARG A 83 -1.73 8.55 5.03
C ARG A 83 -1.97 8.21 3.56
N GLY A 84 -1.86 6.93 3.20
CA GLY A 84 -2.08 6.54 1.81
C GLY A 84 -3.49 6.89 1.36
N VAL A 85 -4.48 6.54 2.18
CA VAL A 85 -5.88 6.82 1.83
C VAL A 85 -6.21 8.30 1.99
N GLN A 86 -5.57 8.94 2.96
CA GLN A 86 -5.81 10.36 3.21
C GLN A 86 -5.23 11.23 2.09
N LEU A 87 -4.18 10.74 1.45
CA LEU A 87 -3.55 11.47 0.35
C LEU A 87 -4.23 11.16 -0.98
N THR A 88 -4.55 9.89 -1.19
CA THR A 88 -5.20 9.47 -2.43
C THR A 88 -6.42 10.33 -2.71
N TYR A 89 -7.31 10.44 -1.73
CA TYR A 89 -8.51 11.24 -1.89
C TYR A 89 -8.15 12.64 -2.38
N GLU A 90 -7.17 13.26 -1.72
CA GLU A 90 -6.74 14.60 -2.10
C GLU A 90 -6.61 14.69 -3.62
N HIS A 91 -6.02 13.66 -4.22
CA HIS A 91 -5.84 13.62 -5.67
C HIS A 91 -7.19 13.61 -6.37
N THR A 92 -8.11 12.78 -5.86
CA THR A 92 -9.44 12.68 -6.44
C THR A 92 -10.15 14.02 -6.35
N MET A 93 -10.12 14.63 -5.18
CA MET A 93 -10.76 15.92 -4.97
C MET A 93 -10.45 16.86 -6.13
N LEU A 94 -9.18 16.90 -6.52
CA LEU A 94 -8.75 17.76 -7.62
C LEU A 94 -9.39 17.30 -8.92
N GLN A 95 -9.39 15.98 -9.14
CA GLN A 95 -9.98 15.42 -10.34
C GLN A 95 -11.44 15.81 -10.45
N LEU A 96 -12.18 15.62 -9.36
CA LEU A 96 -13.59 15.96 -9.34
C LEU A 96 -13.78 17.46 -9.13
N TYR A 97 -12.72 18.11 -8.64
CA TYR A 97 -12.76 19.55 -8.39
C TYR A 97 -11.51 20.22 -8.93
N PRO A 98 -11.35 20.23 -10.24
CA PRO A 98 -10.18 20.86 -10.90
C PRO A 98 -9.85 22.23 -10.35
N SER A 99 -8.85 22.88 -10.94
CA SER A 99 -8.44 24.21 -10.50
C SER A 99 -7.42 24.79 -11.48
N PRO A 100 -7.83 25.07 -12.68
CA PRO A 100 -6.93 25.65 -13.73
C PRO A 100 -6.07 26.78 -13.19
N PHE A 101 -6.64 27.61 -12.33
CA PHE A 101 -5.92 28.73 -11.74
C PHE A 101 -4.60 28.25 -11.14
N ALA A 102 -3.51 28.47 -11.86
CA ALA A 102 -2.19 28.05 -11.39
C ALA A 102 -1.87 28.74 -10.06
N THR A 103 -1.26 27.99 -9.14
CA THR A 103 -0.89 28.54 -7.83
C THR A 103 0.45 27.99 -7.37
N SER A 104 0.52 26.66 -7.26
CA SER A 104 1.77 26.02 -6.83
C SER A 104 1.71 24.52 -7.10
N ASP A 105 2.80 23.98 -7.64
CA ASP A 105 2.86 22.56 -7.94
C ASP A 105 4.27 22.02 -7.72
N PHE A 106 4.37 20.82 -7.17
CA PHE A 106 5.67 20.20 -6.90
C PHE A 106 6.16 19.42 -8.13
N MET A 107 7.45 19.54 -8.41
CA MET A 107 8.04 18.84 -9.55
C MET A 107 9.53 18.63 -9.33
N VAL A 108 9.93 17.35 -9.24
CA VAL A 108 11.33 17.02 -9.03
C VAL A 108 11.84 17.62 -7.72
N ARG A 109 10.97 18.36 -7.04
CA ARG A 109 11.35 18.99 -5.78
C ARG A 109 11.06 18.06 -4.61
N PHE A 110 12.11 17.38 -4.13
CA PHE A 110 11.97 16.46 -3.01
C PHE A 110 13.04 16.74 -1.96
N PRO A 111 12.79 16.39 -0.72
CA PRO A 111 13.77 16.62 0.38
C PRO A 111 15.20 16.34 -0.07
N GLU A 112 16.04 17.37 0.02
CA GLU A 112 17.44 17.22 -0.38
C GLU A 112 18.21 16.42 0.67
N TRP A 113 17.52 16.06 1.75
CA TRP A 113 18.15 15.28 2.82
C TRP A 113 17.78 13.81 2.68
N LEU A 114 17.03 13.48 1.63
CA LEU A 114 16.62 12.10 1.38
C LEU A 114 17.16 11.62 0.04
N PRO A 115 18.37 11.15 0.01
CA PRO A 115 19.02 10.66 -1.24
C PRO A 115 18.21 9.57 -1.95
N LEU A 116 16.94 9.44 -1.57
CA LEU A 116 16.08 8.43 -2.18
C LEU A 116 15.62 8.88 -3.56
N ASP A 117 15.49 10.19 -3.72
CA ASP A 117 15.08 10.78 -4.99
C ASP A 117 16.30 11.24 -5.77
N LYS A 118 17.26 11.84 -5.06
CA LYS A 118 18.47 12.33 -5.71
C LYS A 118 19.36 11.17 -6.17
N TRP A 119 19.53 10.18 -5.30
CA TRP A 119 20.36 9.04 -5.65
C TRP A 119 19.61 8.10 -6.60
N VAL A 120 18.31 8.35 -6.75
CA VAL A 120 17.50 7.52 -7.64
C VAL A 120 16.44 8.37 -8.35
N PRO A 121 16.85 9.21 -9.27
CA PRO A 121 15.93 10.09 -10.04
C PRO A 121 15.20 9.32 -11.14
N GLN A 122 15.70 8.13 -11.43
CA GLN A 122 15.10 7.29 -12.48
C GLN A 122 13.63 7.01 -12.17
N VAL A 123 13.37 6.50 -10.97
CA VAL A 123 12.00 6.20 -10.57
C VAL A 123 11.45 7.27 -9.63
N PHE A 124 11.52 8.52 -10.08
CA PHE A 124 11.02 9.64 -9.29
C PHE A 124 10.72 10.83 -10.18
N VAL A 125 11.58 11.05 -11.18
CA VAL A 125 11.39 12.17 -12.10
C VAL A 125 10.00 12.10 -12.76
N ALA A 126 9.23 13.17 -12.61
CA ALA A 126 7.89 13.24 -13.18
C ALA A 126 7.92 13.89 -14.55
N SER A 127 6.89 13.61 -15.36
CA SER A 127 6.81 14.19 -16.69
C SER A 127 5.46 13.86 -17.34
N GLY A 128 4.58 14.86 -17.38
CA GLY A 128 3.24 14.66 -17.97
C GLY A 128 2.18 15.37 -17.14
N ASP A 129 0.92 15.21 -17.55
CA ASP A 129 -0.19 15.84 -16.84
C ASP A 129 -0.71 14.92 -15.74
N CYS A 130 -1.03 15.50 -14.59
CA CYS A 130 -1.52 14.71 -13.46
C CYS A 130 -3.04 14.62 -13.47
N ALA A 131 -3.55 13.41 -13.24
CA ALA A 131 -4.99 13.18 -13.22
C ALA A 131 -5.52 12.89 -14.63
N GLU A 132 -4.64 12.93 -15.61
CA GLU A 132 -5.06 12.67 -16.99
C GLU A 132 -5.46 11.22 -17.16
N ARG A 133 -6.34 10.95 -18.12
CA ARG A 133 -6.81 9.58 -18.38
C ARG A 133 -6.06 8.99 -19.56
N GLN A 134 -5.33 7.90 -19.32
CA GLN A 134 -4.57 7.25 -20.37
C GLN A 134 -4.99 5.79 -20.52
N TRP A 135 -5.74 5.30 -19.55
CA TRP A 135 -6.20 3.91 -19.59
C TRP A 135 -7.18 3.63 -18.45
N ASP A 136 -8.35 3.09 -18.78
CA ASP A 136 -9.36 2.82 -17.76
C ASP A 136 -10.08 1.49 -18.00
N PHE A 137 -10.71 0.98 -16.94
CA PHE A 137 -11.46 -0.26 -17.01
C PHE A 137 -12.92 0.02 -16.67
N LEU A 138 -13.83 -0.58 -17.42
CA LEU A 138 -15.26 -0.36 -17.19
C LEU A 138 -15.56 1.13 -17.12
N GLY A 139 -14.64 1.95 -17.62
CA GLY A 139 -14.83 3.41 -17.60
C GLY A 139 -14.27 4.04 -16.33
N LEU A 140 -13.36 3.34 -15.67
CA LEU A 140 -12.74 3.85 -14.44
C LEU A 140 -11.22 3.92 -14.61
N GLU A 141 -10.64 5.04 -14.19
CA GLU A 141 -9.19 5.22 -14.30
C GLU A 141 -8.46 4.30 -13.34
N MET A 142 -7.26 3.87 -13.73
CA MET A 142 -6.47 2.98 -12.90
C MET A 142 -6.39 3.51 -11.46
N PRO A 143 -6.00 4.75 -11.29
CA PRO A 143 -5.89 5.37 -9.94
C PRO A 143 -7.09 5.03 -9.05
N GLN A 144 -8.28 5.00 -9.65
CA GLN A 144 -9.49 4.69 -8.91
C GLN A 144 -9.50 3.21 -8.51
N TRP A 145 -9.24 2.35 -9.49
CA TRP A 145 -9.22 0.91 -9.23
C TRP A 145 -8.15 0.58 -8.20
N LEU A 146 -6.91 0.95 -8.51
CA LEU A 146 -5.80 0.69 -7.59
C LEU A 146 -6.22 1.00 -6.15
N LEU A 147 -6.97 2.09 -5.98
CA LEU A 147 -7.44 2.46 -4.64
C LEU A 147 -8.31 1.33 -4.10
N GLY A 148 -9.04 0.70 -5.01
CA GLY A 148 -9.91 -0.41 -4.63
C GLY A 148 -9.08 -1.52 -3.98
N ILE A 149 -7.96 -1.83 -4.59
CA ILE A 149 -7.07 -2.86 -4.08
C ILE A 149 -6.28 -2.32 -2.89
N PHE A 150 -5.96 -1.03 -2.94
CA PHE A 150 -5.22 -0.39 -1.86
C PHE A 150 -5.93 -0.60 -0.53
N ILE A 151 -7.24 -0.36 -0.53
CA ILE A 151 -8.03 -0.52 0.68
C ILE A 151 -8.07 -1.98 1.11
N ALA A 152 -8.23 -2.88 0.15
CA ALA A 152 -8.26 -4.30 0.45
C ALA A 152 -7.11 -4.67 1.37
N TYR A 153 -5.92 -4.19 1.05
CA TYR A 153 -4.73 -4.50 1.86
C TYR A 153 -4.87 -3.92 3.26
N LEU A 154 -5.35 -2.69 3.35
CA LEU A 154 -5.52 -2.04 4.66
C LEU A 154 -6.30 -2.93 5.61
N ILE A 155 -7.22 -3.71 5.06
CA ILE A 155 -8.05 -4.60 5.87
C ILE A 155 -7.30 -5.89 6.17
N VAL A 156 -6.40 -6.28 5.28
CA VAL A 156 -5.63 -7.50 5.47
C VAL A 156 -4.77 -7.39 6.73
N ALA A 157 -4.29 -6.18 7.01
CA ALA A 157 -3.45 -5.96 8.18
C ALA A 157 -4.29 -5.83 9.46
N VAL A 158 -5.32 -4.99 9.40
CA VAL A 158 -6.17 -4.77 10.57
C VAL A 158 -6.73 -6.09 11.11
N LEU A 159 -7.05 -7.00 10.21
CA LEU A 159 -7.60 -8.30 10.63
C LEU A 159 -6.50 -9.29 10.99
N VAL A 160 -5.36 -9.19 10.30
CA VAL A 160 -4.24 -10.10 10.55
C VAL A 160 -3.60 -9.81 11.90
N VAL A 161 -3.65 -8.55 12.34
CA VAL A 161 -3.05 -8.17 13.62
C VAL A 161 -4.01 -8.49 14.77
N ILE A 162 -5.27 -8.10 14.61
CA ILE A 162 -6.27 -8.34 15.65
C ILE A 162 -6.62 -9.84 15.71
N SER A 163 -6.14 -10.60 14.73
CA SER A 163 -6.41 -12.04 14.70
C SER A 163 -5.56 -12.77 15.73
N GLN A 164 -4.76 -12.02 16.47
CA GLN A 164 -3.90 -12.61 17.49
C GLN A 164 -4.72 -13.26 18.60
N PRO A 165 -5.47 -12.49 19.34
CA PRO A 165 -6.33 -13.02 20.45
C PRO A 165 -7.33 -14.06 19.95
N PHE A 166 -7.32 -14.32 18.65
CA PHE A 166 -8.23 -15.30 18.08
C PHE A 166 -8.36 -16.51 18.99
N LYS A 167 -9.59 -16.94 19.24
CA LYS A 167 -9.84 -18.09 20.09
C LYS A 167 -11.15 -18.78 19.72
N ALA A 168 -11.04 -20.03 19.27
CA ALA A 168 -12.22 -20.79 18.88
C ALA A 168 -11.91 -22.28 18.83
N LYS A 169 -10.85 -22.63 18.12
CA LYS A 169 -10.46 -24.03 18.00
C LYS A 169 -9.89 -24.54 19.32
N LYS A 170 -9.73 -25.86 19.42
CA LYS A 170 -9.19 -26.47 20.64
C LYS A 170 -8.29 -27.65 20.30
N ARG A 171 -7.09 -27.66 20.87
CA ARG A 171 -6.16 -28.75 20.63
C ARG A 171 -6.48 -29.94 21.50
N ASP A 172 -7.05 -29.68 22.67
CA ASP A 172 -7.42 -30.73 23.60
C ASP A 172 -8.53 -30.26 24.53
N LEU A 173 -8.31 -30.40 25.84
CA LEU A 173 -9.30 -29.96 26.82
C LEU A 173 -9.36 -28.44 26.87
N PHE A 174 -8.25 -27.83 27.26
CA PHE A 174 -8.18 -26.37 27.35
C PHE A 174 -9.46 -25.82 27.99
N GLY A 175 -9.45 -25.69 29.31
CA GLY A 175 -10.62 -25.18 30.03
C GLY A 175 -10.65 -23.66 29.97
N ARG A 176 -10.25 -23.02 31.06
CA ARG A 176 -10.24 -21.56 31.13
C ARG A 176 -9.13 -21.07 32.05
N GLY A 177 -9.36 -19.94 32.71
CA GLY A 177 -8.36 -19.38 33.61
C GLY A 177 -8.83 -18.04 34.17
N HIS A 178 -9.19 -18.03 35.45
CA HIS A 178 -9.65 -16.80 36.10
C HIS A 178 -8.86 -16.54 37.38
N HIS A 179 -8.43 -17.62 38.03
CA HIS A 179 -7.66 -17.50 39.27
C HIS A 179 -6.17 -17.31 38.95
N HIS A 180 -5.64 -16.15 39.33
CA HIS A 180 -4.23 -15.86 39.10
C HIS A 180 -3.73 -14.82 40.09
N HIS A 181 -4.41 -14.73 41.24
CA HIS A 181 -4.01 -13.77 42.27
C HIS A 181 -2.80 -14.30 43.03
N HIS A 182 -2.39 -13.55 44.06
CA HIS A 182 -1.24 -13.95 44.86
C HIS A 182 -1.23 -13.19 46.19
N HIS A 183 -2.42 -12.83 46.66
CA HIS A 183 -2.53 -12.11 47.92
C HIS A 183 -3.99 -12.03 48.37
C1 UQ2 B . 2.13 4.56 -14.23
C2 UQ2 B . 1.72 5.10 -15.54
C3 UQ2 B . 0.53 5.71 -15.67
C4 UQ2 B . -0.37 5.84 -14.50
C5 UQ2 B . 0.05 5.30 -13.19
C6 UQ2 B . 1.25 4.68 -13.05
CM2 UQ2 B . 2.29 3.68 -17.19
CM3 UQ2 B . 0.93 7.39 -17.12
CM5 UQ2 B . -0.88 5.43 -12.01
C7 UQ2 B . 1.69 4.11 -11.73
C8 UQ2 B . 1.57 2.61 -11.76
C9 UQ2 B . 1.16 1.93 -10.71
C10 UQ2 B . 0.82 2.66 -9.42
C11 UQ2 B . 1.05 0.43 -10.77
C12 UQ2 B . 0.02 0.03 -11.84
C13 UQ2 B . -1.30 -0.25 -11.18
C14 UQ2 B . -2.28 -0.81 -11.86
C15 UQ2 B . -3.60 -1.09 -11.19
C16 UQ2 B . -2.07 -1.17 -13.31
O1 UQ2 B . 3.21 4.00 -14.12
O2 UQ2 B . 2.55 4.98 -16.62
O3 UQ2 B . 0.15 6.21 -16.88
O4 UQ2 B . -1.44 6.39 -14.62
H2M1 UQ2 B . 2.55 2.91 -16.48
H2M2 UQ2 B . 2.90 3.58 -18.09
H2M3 UQ2 B . 1.26 3.59 -17.46
H3M1 UQ2 B . 0.68 7.79 -18.09
H3M2 UQ2 B . 1.98 7.13 -17.11
H3M3 UQ2 B . 0.72 8.12 -16.37
H5M1 UQ2 B . -1.83 5.85 -12.34
H5M2 UQ2 B . -0.45 6.10 -11.27
H5M3 UQ2 B . -1.05 4.47 -11.56
H71 UQ2 B . 1.09 4.52 -10.93
H72 UQ2 B . 2.73 4.37 -11.56
H8 UQ2 B . 1.82 2.07 -12.67
H101 UQ2 B . 1.58 3.40 -9.21
H102 UQ2 B . 0.76 1.95 -8.61
H103 UQ2 B . -0.13 3.15 -9.53
H111 UQ2 B . 0.74 0.05 -9.81
H112 UQ2 B . 2.02 0.01 -11.03
H121 UQ2 B . 0.36 -0.86 -12.34
H122 UQ2 B . -0.10 0.82 -12.56
H13 UQ2 B . -1.46 0.00 -10.14
H151 UQ2 B . -3.92 -0.23 -10.63
H152 UQ2 B . -3.50 -1.93 -10.52
H153 UQ2 B . -4.34 -1.32 -11.95
H161 UQ2 B . -2.05 -0.27 -13.91
H162 UQ2 B . -2.87 -1.80 -13.65
H163 UQ2 B . -1.13 -1.69 -13.43
N MET A 1 -13.45 -20.55 7.66
CA MET A 1 -14.02 -19.59 8.64
C MET A 1 -12.97 -18.55 9.02
N LEU A 2 -13.23 -17.82 10.09
CA LEU A 2 -12.29 -16.80 10.56
C LEU A 2 -11.03 -17.47 11.11
N ARG A 3 -11.22 -18.54 11.87
CA ARG A 3 -10.10 -19.28 12.44
C ARG A 3 -9.10 -19.68 11.37
N PHE A 4 -9.61 -19.99 10.18
CA PHE A 4 -8.74 -20.38 9.07
C PHE A 4 -7.96 -19.19 8.54
N LEU A 5 -8.63 -18.05 8.42
CA LEU A 5 -7.98 -16.85 7.91
C LEU A 5 -6.66 -16.60 8.65
N ASN A 6 -6.69 -16.76 9.97
CA ASN A 6 -5.50 -16.55 10.78
C ASN A 6 -4.43 -17.60 10.42
N GLN A 7 -4.90 -18.77 9.99
CA GLN A 7 -3.99 -19.84 9.64
C GLN A 7 -3.39 -19.62 8.25
N ALA A 8 -4.24 -19.29 7.30
CA ALA A 8 -3.79 -19.04 5.93
C ALA A 8 -2.85 -17.84 5.87
N SER A 9 -3.14 -16.82 6.67
CA SER A 9 -2.32 -15.62 6.70
C SER A 9 -1.03 -15.87 7.48
N GLN A 10 -1.14 -16.68 8.53
CA GLN A 10 0.03 -16.99 9.36
C GLN A 10 1.01 -17.85 8.57
N GLY A 11 0.71 -18.08 7.29
CA GLY A 11 1.58 -18.87 6.44
C GLY A 11 2.41 -17.97 5.53
N ARG A 12 3.62 -18.38 5.22
CA ARG A 12 4.50 -17.60 4.37
C ARG A 12 3.98 -17.57 2.94
N GLY A 13 3.65 -18.75 2.40
CA GLY A 13 3.15 -18.84 1.04
C GLY A 13 2.14 -17.74 0.76
N ALA A 14 1.22 -17.56 1.69
CA ALA A 14 0.18 -16.54 1.55
C ALA A 14 0.82 -15.16 1.48
N TRP A 15 1.75 -14.89 2.39
CA TRP A 15 2.41 -13.59 2.40
C TRP A 15 3.12 -13.35 1.06
N LEU A 16 3.78 -14.39 0.55
CA LEU A 16 4.47 -14.28 -0.73
C LEU A 16 3.46 -14.00 -1.84
N LEU A 17 2.23 -14.47 -1.62
CA LEU A 17 1.17 -14.28 -2.61
C LEU A 17 0.75 -12.82 -2.66
N MET A 18 0.92 -12.11 -1.55
CA MET A 18 0.56 -10.70 -1.49
C MET A 18 1.61 -9.86 -2.20
N ALA A 19 2.87 -10.29 -2.12
CA ALA A 19 3.95 -9.56 -2.76
C ALA A 19 3.83 -9.64 -4.28
N PHE A 20 3.76 -10.86 -4.79
CA PHE A 20 3.64 -11.07 -6.23
C PHE A 20 2.50 -10.24 -6.81
N THR A 21 1.32 -10.37 -6.21
CA THR A 21 0.16 -9.62 -6.68
C THR A 21 0.52 -8.17 -6.94
N ALA A 22 0.95 -7.47 -5.89
CA ALA A 22 1.32 -6.06 -6.02
C ALA A 22 2.32 -5.87 -7.15
N LEU A 23 3.23 -6.83 -7.32
CA LEU A 23 4.23 -6.74 -8.37
C LEU A 23 3.58 -6.90 -9.74
N ALA A 24 2.61 -7.81 -9.84
CA ALA A 24 1.91 -8.05 -11.09
C ALA A 24 1.38 -6.74 -11.66
N LEU A 25 0.89 -5.87 -10.78
CA LEU A 25 0.35 -4.58 -11.21
C LEU A 25 1.47 -3.63 -11.59
N GLU A 26 2.57 -3.67 -10.83
CA GLU A 26 3.71 -2.79 -11.10
C GLU A 26 4.32 -3.11 -12.45
N LEU A 27 4.54 -4.40 -12.72
CA LEU A 27 5.14 -4.82 -13.98
C LEU A 27 4.19 -4.55 -15.15
N THR A 28 2.97 -5.08 -15.05
CA THR A 28 1.99 -4.89 -16.11
C THR A 28 1.94 -3.43 -16.57
N ALA A 29 2.03 -2.50 -15.62
CA ALA A 29 2.01 -1.09 -15.97
C ALA A 29 3.34 -0.64 -16.56
N LEU A 30 4.44 -1.11 -15.97
CA LEU A 30 5.77 -0.75 -16.44
C LEU A 30 5.92 -1.06 -17.94
N TRP A 31 5.04 -1.91 -18.45
CA TRP A 31 5.09 -2.28 -19.86
C TRP A 31 4.27 -1.30 -20.70
N PHE A 32 3.15 -0.84 -20.13
CA PHE A 32 2.29 0.10 -20.84
C PHE A 32 3.06 1.37 -21.17
N GLN A 33 4.00 1.73 -20.31
CA GLN A 33 4.82 2.92 -20.52
C GLN A 33 5.82 2.70 -21.64
N HIS A 34 6.52 1.57 -21.57
CA HIS A 34 7.52 1.23 -22.57
C HIS A 34 6.87 0.88 -23.90
N VAL A 35 5.55 0.79 -23.91
CA VAL A 35 4.81 0.46 -25.13
C VAL A 35 4.04 1.66 -25.65
N MET A 36 3.41 2.41 -24.76
CA MET A 36 2.64 3.58 -25.15
C MET A 36 3.44 4.86 -24.94
N LEU A 37 4.73 4.72 -24.68
CA LEU A 37 5.58 5.88 -24.46
C LEU A 37 4.88 6.90 -23.56
N LEU A 38 4.16 6.39 -22.57
CA LEU A 38 3.44 7.27 -21.65
C LEU A 38 4.42 7.91 -20.68
N LYS A 39 4.04 9.06 -20.12
CA LYS A 39 4.90 9.76 -19.18
C LYS A 39 4.24 9.80 -17.80
N PRO A 40 4.93 9.36 -16.76
CA PRO A 40 4.38 9.37 -15.38
C PRO A 40 4.39 10.76 -14.76
N CYS A 41 3.32 11.11 -14.08
CA CYS A 41 3.22 12.43 -13.44
C CYS A 41 3.70 12.35 -12.00
N VAL A 42 3.63 13.48 -11.30
CA VAL A 42 4.06 13.54 -9.91
C VAL A 42 3.21 12.65 -9.03
N LEU A 43 1.89 12.74 -9.21
CA LEU A 43 0.95 11.95 -8.42
C LEU A 43 1.18 10.45 -8.64
N SER A 44 1.28 10.06 -9.91
CA SER A 44 1.50 8.65 -10.25
C SER A 44 2.63 8.08 -9.42
N ILE A 45 3.73 8.81 -9.33
CA ILE A 45 4.89 8.36 -8.57
C ILE A 45 4.51 8.19 -7.10
N TYR A 46 3.76 9.16 -6.58
CA TYR A 46 3.32 9.10 -5.19
C TYR A 46 2.59 7.78 -4.93
N GLU A 47 1.67 7.44 -5.81
CA GLU A 47 0.90 6.21 -5.67
C GLU A 47 1.82 4.99 -5.78
N ARG A 48 2.83 5.08 -6.64
CA ARG A 48 3.77 3.98 -6.81
C ARG A 48 4.62 3.79 -5.56
N ALA A 49 5.00 4.90 -4.94
CA ALA A 49 5.83 4.86 -3.73
C ALA A 49 5.03 4.28 -2.56
N ALA A 50 3.77 4.68 -2.46
CA ALA A 50 2.91 4.20 -1.38
C ALA A 50 2.83 2.68 -1.39
N LEU A 51 2.56 2.11 -2.56
CA LEU A 51 2.46 0.66 -2.69
C LEU A 51 3.85 0.03 -2.69
N PHE A 52 4.73 0.54 -3.54
CA PHE A 52 6.09 0.01 -3.60
C PHE A 52 6.66 -0.15 -2.19
N GLY A 53 6.36 0.82 -1.32
CA GLY A 53 6.82 0.78 0.05
C GLY A 53 6.17 -0.36 0.81
N VAL A 54 4.86 -0.52 0.64
CA VAL A 54 4.13 -1.59 1.31
C VAL A 54 4.65 -2.94 0.86
N LEU A 55 4.80 -3.10 -0.45
CA LEU A 55 5.32 -4.35 -1.01
C LEU A 55 6.53 -4.80 -0.21
N GLY A 56 7.47 -3.87 0.00
CA GLY A 56 8.67 -4.17 0.75
C GLY A 56 8.30 -4.59 2.18
N ALA A 57 7.47 -3.78 2.80
CA ALA A 57 7.04 -4.05 4.17
C ALA A 57 6.54 -5.49 4.29
N ALA A 58 5.91 -5.98 3.23
CA ALA A 58 5.40 -7.35 3.23
C ALA A 58 6.56 -8.34 3.23
N LEU A 59 7.64 -7.98 2.55
CA LEU A 59 8.81 -8.84 2.49
C LEU A 59 9.49 -8.96 3.85
N ILE A 60 9.50 -7.86 4.60
CA ILE A 60 10.11 -7.85 5.92
C ILE A 60 9.25 -8.61 6.92
N GLY A 61 7.93 -8.50 6.76
CA GLY A 61 7.00 -9.17 7.67
C GLY A 61 6.85 -10.64 7.31
N ALA A 62 7.28 -11.00 6.10
CA ALA A 62 7.18 -12.39 5.64
C ALA A 62 8.35 -13.22 6.14
N ILE A 63 9.22 -12.62 6.95
CA ILE A 63 10.37 -13.34 7.48
C ILE A 63 10.03 -13.99 8.83
N ALA A 64 9.03 -13.46 9.50
CA ALA A 64 8.62 -14.01 10.79
C ALA A 64 7.39 -13.27 11.32
N PRO A 65 6.27 -13.45 10.68
CA PRO A 65 4.99 -12.80 11.08
C PRO A 65 4.31 -13.54 12.24
N LYS A 66 5.07 -14.41 12.90
CA LYS A 66 4.55 -15.19 14.02
C LYS A 66 4.99 -14.59 15.35
N THR A 67 5.92 -13.63 15.28
CA THR A 67 6.43 -12.99 16.49
C THR A 67 5.97 -11.53 16.54
N PRO A 68 6.05 -10.90 17.68
CA PRO A 68 5.64 -9.47 17.86
C PRO A 68 6.23 -8.56 16.78
N LEU A 69 6.96 -9.15 15.84
CA LEU A 69 7.57 -8.37 14.76
C LEU A 69 6.51 -7.77 13.84
N ARG A 70 5.37 -8.45 13.71
CA ARG A 70 4.30 -7.96 12.86
C ARG A 70 4.18 -6.44 12.96
N TYR A 71 4.25 -5.88 14.17
CA TYR A 71 4.17 -4.43 14.30
C TYR A 71 5.29 -3.77 13.51
N VAL A 72 6.48 -4.37 13.52
CA VAL A 72 7.60 -3.77 12.80
C VAL A 72 7.30 -3.61 11.31
N ALA A 73 6.61 -4.58 10.70
CA ALA A 73 6.26 -4.47 9.29
C ALA A 73 4.96 -3.69 9.12
N MET A 74 4.09 -3.80 10.12
CA MET A 74 2.80 -3.13 10.07
C MET A 74 2.95 -1.60 10.17
N VAL A 75 3.95 -1.13 10.90
CA VAL A 75 4.15 0.30 11.04
C VAL A 75 4.13 0.99 9.68
N ILE A 76 4.54 0.22 8.67
CA ILE A 76 4.58 0.72 7.29
C ILE A 76 3.26 0.44 6.61
N TRP A 77 2.61 -0.66 7.00
CA TRP A 77 1.32 -1.03 6.42
C TRP A 77 0.27 0.00 6.81
N LEU A 78 0.23 0.33 8.10
CA LEU A 78 -0.73 1.31 8.60
C LEU A 78 -0.39 2.70 8.08
N TYR A 79 0.88 3.08 8.18
CA TYR A 79 1.32 4.40 7.71
C TYR A 79 0.70 4.71 6.35
N SER A 80 0.68 3.70 5.48
CA SER A 80 0.12 3.87 4.14
C SER A 80 -1.41 3.80 4.19
N ALA A 81 -1.94 3.13 5.22
CA ALA A 81 -3.38 2.99 5.33
C ALA A 81 -4.07 4.34 5.45
N PHE A 82 -3.70 5.10 6.47
CA PHE A 82 -4.29 6.42 6.69
C PHE A 82 -3.77 7.45 5.67
N ARG A 83 -2.45 7.55 5.56
CA ARG A 83 -1.85 8.52 4.65
C ARG A 83 -2.13 8.19 3.18
N GLY A 84 -2.06 6.91 2.83
CA GLY A 84 -2.33 6.51 1.45
C GLY A 84 -3.77 6.84 1.06
N VAL A 85 -4.70 6.50 1.93
CA VAL A 85 -6.12 6.74 1.66
C VAL A 85 -6.47 8.23 1.77
N GLN A 86 -5.84 8.91 2.73
CA GLN A 86 -6.11 10.34 2.91
C GLN A 86 -5.59 11.14 1.72
N LEU A 87 -4.37 10.84 1.30
CA LEU A 87 -3.77 11.56 0.18
C LEU A 87 -4.55 11.28 -1.11
N THR A 88 -4.92 10.02 -1.31
CA THR A 88 -5.66 9.64 -2.50
C THR A 88 -6.88 10.54 -2.68
N TYR A 89 -7.63 10.73 -1.59
CA TYR A 89 -8.81 11.57 -1.65
C TYR A 89 -8.48 12.89 -2.33
N GLU A 90 -7.32 13.46 -2.00
CA GLU A 90 -6.89 14.71 -2.59
C GLU A 90 -6.80 14.58 -4.10
N HIS A 91 -6.31 13.42 -4.56
CA HIS A 91 -6.17 13.17 -5.98
C HIS A 91 -7.54 13.03 -6.63
N THR A 92 -8.34 12.10 -6.12
CA THR A 92 -9.68 11.87 -6.66
C THR A 92 -10.49 13.17 -6.66
N MET A 93 -10.55 13.82 -5.50
CA MET A 93 -11.30 15.07 -5.38
C MET A 93 -10.93 16.02 -6.51
N LEU A 94 -9.63 16.15 -6.78
CA LEU A 94 -9.16 17.03 -7.83
C LEU A 94 -9.65 16.55 -9.19
N GLN A 95 -9.54 15.26 -9.43
CA GLN A 95 -9.99 14.67 -10.69
C GLN A 95 -11.49 14.88 -10.88
N LEU A 96 -12.24 14.68 -9.81
CA LEU A 96 -13.69 14.83 -9.86
C LEU A 96 -14.07 16.29 -9.69
N TYR A 97 -13.17 17.08 -9.09
CA TYR A 97 -13.43 18.50 -8.88
C TYR A 97 -12.20 19.33 -9.21
N PRO A 98 -11.85 19.39 -10.47
CA PRO A 98 -10.66 20.16 -10.94
C PRO A 98 -10.65 21.58 -10.39
N SER A 99 -9.48 22.21 -10.40
CA SER A 99 -9.34 23.58 -9.90
C SER A 99 -7.97 24.14 -10.24
N PRO A 100 -7.85 25.44 -10.39
CA PRO A 100 -6.56 26.10 -10.73
C PRO A 100 -5.38 25.45 -9.99
N PHE A 101 -4.17 25.66 -10.51
CA PHE A 101 -2.97 25.10 -9.90
C PHE A 101 -2.08 26.21 -9.37
N ALA A 102 -1.90 26.24 -8.05
CA ALA A 102 -1.07 27.25 -7.42
C ALA A 102 -0.74 26.86 -5.98
N THR A 103 -1.78 26.58 -5.20
CA THR A 103 -1.60 26.20 -3.81
C THR A 103 -0.94 24.82 -3.71
N SER A 104 0.15 24.74 -2.97
CA SER A 104 0.86 23.48 -2.80
C SER A 104 1.11 22.82 -4.15
N ASP A 105 2.25 23.15 -4.76
CA ASP A 105 2.60 22.59 -6.05
C ASP A 105 4.11 22.70 -6.30
N PHE A 106 4.58 22.04 -7.36
CA PHE A 106 6.00 22.07 -7.69
C PHE A 106 6.29 21.13 -8.85
N MET A 107 7.57 21.02 -9.21
CA MET A 107 7.96 20.15 -10.31
C MET A 107 9.45 19.83 -10.22
N VAL A 108 9.78 18.54 -10.35
CA VAL A 108 11.17 18.11 -10.29
C VAL A 108 11.80 18.49 -8.95
N ARG A 109 11.05 19.21 -8.13
CA ARG A 109 11.55 19.62 -6.81
C ARG A 109 11.27 18.55 -5.77
N PHE A 110 12.29 17.75 -5.46
CA PHE A 110 12.16 16.68 -4.47
C PHE A 110 13.04 16.95 -3.26
N PRO A 111 12.64 16.51 -2.10
CA PRO A 111 13.43 16.72 -0.85
C PRO A 111 14.94 16.61 -1.10
N GLU A 112 15.70 17.50 -0.48
CA GLU A 112 17.16 17.50 -0.64
C GLU A 112 17.83 16.84 0.55
N TRP A 113 17.06 16.06 1.30
CA TRP A 113 17.61 15.37 2.48
C TRP A 113 17.33 13.87 2.39
N LEU A 114 16.56 13.47 1.36
CA LEU A 114 16.23 12.05 1.17
C LEU A 114 16.74 11.59 -0.19
N PRO A 115 17.99 11.20 -0.26
CA PRO A 115 18.61 10.71 -1.53
C PRO A 115 17.83 9.56 -2.15
N LEU A 116 16.63 9.30 -1.64
CA LEU A 116 15.80 8.23 -2.15
C LEU A 116 15.26 8.59 -3.53
N ASP A 117 15.03 9.88 -3.74
CA ASP A 117 14.53 10.37 -5.03
C ASP A 117 15.70 10.89 -5.87
N LYS A 118 16.64 11.57 -5.20
CA LYS A 118 17.80 12.13 -5.89
C LYS A 118 18.76 11.03 -6.33
N TRP A 119 19.04 10.09 -5.43
CA TRP A 119 19.94 9.00 -5.75
C TRP A 119 19.25 7.98 -6.63
N VAL A 120 17.93 8.10 -6.76
CA VAL A 120 17.16 7.19 -7.58
C VAL A 120 16.11 7.94 -8.39
N PRO A 121 16.53 8.72 -9.35
CA PRO A 121 15.62 9.51 -10.22
C PRO A 121 15.00 8.66 -11.32
N GLN A 122 15.61 7.50 -11.56
CA GLN A 122 15.13 6.58 -12.59
C GLN A 122 13.63 6.30 -12.42
N VAL A 123 13.18 6.27 -11.17
CA VAL A 123 11.78 6.02 -10.87
C VAL A 123 11.23 7.05 -9.89
N PHE A 124 11.54 8.31 -10.14
CA PHE A 124 11.07 9.40 -9.28
C PHE A 124 10.88 10.68 -10.08
N VAL A 125 11.75 10.91 -11.07
CA VAL A 125 11.66 12.10 -11.90
C VAL A 125 10.26 12.20 -12.52
N ALA A 126 9.59 13.33 -12.29
CA ALA A 126 8.25 13.54 -12.84
C ALA A 126 8.34 14.17 -14.23
N SER A 127 7.36 13.85 -15.07
CA SER A 127 7.34 14.40 -16.43
C SER A 127 5.97 14.19 -17.07
N GLY A 128 5.16 15.25 -17.09
CA GLY A 128 3.82 15.17 -17.67
C GLY A 128 2.80 15.89 -16.79
N ASP A 129 1.53 15.80 -17.17
CA ASP A 129 0.46 16.43 -16.41
C ASP A 129 -0.12 15.46 -15.39
N CYS A 130 -0.62 16.00 -14.27
CA CYS A 130 -1.18 15.16 -13.23
C CYS A 130 -2.71 15.16 -13.31
N ALA A 131 -3.29 13.95 -13.24
CA ALA A 131 -4.75 13.78 -13.30
C ALA A 131 -5.20 13.48 -14.72
N GLU A 132 -4.28 13.50 -15.66
CA GLU A 132 -4.61 13.22 -17.06
C GLU A 132 -5.00 11.76 -17.21
N ARG A 133 -5.87 11.46 -18.17
CA ARG A 133 -6.30 10.08 -18.40
C ARG A 133 -5.48 9.44 -19.50
N GLN A 134 -5.02 8.22 -19.26
CA GLN A 134 -4.21 7.50 -20.24
C GLN A 134 -4.78 6.10 -20.48
N TRP A 135 -5.54 5.60 -19.53
CA TRP A 135 -6.14 4.26 -19.66
C TRP A 135 -7.10 3.98 -18.51
N ASP A 136 -8.25 3.40 -18.84
CA ASP A 136 -9.25 3.10 -17.81
C ASP A 136 -9.93 1.77 -18.04
N PHE A 137 -10.49 1.21 -16.97
CA PHE A 137 -11.21 -0.06 -17.02
C PHE A 137 -12.68 0.19 -16.71
N LEU A 138 -13.57 -0.45 -17.44
CA LEU A 138 -15.00 -0.27 -17.21
C LEU A 138 -15.34 1.21 -17.16
N GLY A 139 -14.45 2.05 -17.66
CA GLY A 139 -14.68 3.49 -17.68
C GLY A 139 -14.13 4.17 -16.41
N LEU A 140 -13.19 3.51 -15.75
CA LEU A 140 -12.58 4.06 -14.54
C LEU A 140 -11.07 4.12 -14.69
N GLU A 141 -10.48 5.23 -14.25
CA GLU A 141 -9.04 5.42 -14.34
C GLU A 141 -8.31 4.48 -13.39
N MET A 142 -7.11 4.06 -13.78
CA MET A 142 -6.32 3.16 -12.96
C MET A 142 -6.27 3.64 -11.50
N PRO A 143 -5.89 4.88 -11.27
CA PRO A 143 -5.81 5.45 -9.90
C PRO A 143 -7.02 5.08 -9.05
N GLN A 144 -8.20 5.05 -9.67
CA GLN A 144 -9.42 4.70 -8.96
C GLN A 144 -9.42 3.22 -8.61
N TRP A 145 -9.15 2.38 -9.60
CA TRP A 145 -9.12 0.94 -9.38
C TRP A 145 -8.05 0.59 -8.35
N LEU A 146 -6.81 0.98 -8.64
CA LEU A 146 -5.71 0.72 -7.72
C LEU A 146 -6.13 1.03 -6.28
N LEU A 147 -6.92 2.09 -6.12
CA LEU A 147 -7.40 2.45 -4.78
C LEU A 147 -8.23 1.30 -4.23
N GLY A 148 -8.95 0.63 -5.14
CA GLY A 148 -9.79 -0.49 -4.75
C GLY A 148 -8.94 -1.58 -4.09
N ILE A 149 -7.79 -1.88 -4.71
CA ILE A 149 -6.89 -2.88 -4.18
C ILE A 149 -6.14 -2.32 -2.98
N PHE A 150 -5.89 -1.01 -3.01
CA PHE A 150 -5.18 -0.35 -1.92
C PHE A 150 -5.93 -0.57 -0.61
N ILE A 151 -7.23 -0.32 -0.64
CA ILE A 151 -8.07 -0.49 0.54
C ILE A 151 -8.03 -1.94 1.03
N ALA A 152 -8.18 -2.87 0.09
CA ALA A 152 -8.15 -4.29 0.44
C ALA A 152 -6.92 -4.60 1.28
N TYR A 153 -5.77 -4.11 0.84
CA TYR A 153 -4.53 -4.35 1.57
C TYR A 153 -4.64 -3.91 3.03
N LEU A 154 -5.24 -2.75 3.25
CA LEU A 154 -5.39 -2.23 4.61
C LEU A 154 -6.24 -3.18 5.45
N ILE A 155 -7.16 -3.89 4.81
CA ILE A 155 -8.03 -4.82 5.51
C ILE A 155 -7.30 -6.12 5.83
N VAL A 156 -6.37 -6.50 4.97
CA VAL A 156 -5.62 -7.73 5.17
C VAL A 156 -4.76 -7.64 6.42
N ALA A 157 -4.19 -6.45 6.66
CA ALA A 157 -3.35 -6.25 7.83
C ALA A 157 -4.18 -6.02 9.10
N VAL A 158 -5.19 -5.16 8.98
CA VAL A 158 -6.05 -4.85 10.12
C VAL A 158 -6.65 -6.12 10.73
N LEU A 159 -7.11 -7.04 9.88
CA LEU A 159 -7.71 -8.27 10.36
C LEU A 159 -6.65 -9.28 10.79
N VAL A 160 -5.50 -9.26 10.12
CA VAL A 160 -4.41 -10.18 10.43
C VAL A 160 -3.70 -9.76 11.72
N VAL A 161 -3.82 -8.48 12.06
CA VAL A 161 -3.19 -7.98 13.28
C VAL A 161 -4.07 -8.27 14.49
N ILE A 162 -5.35 -7.92 14.38
CA ILE A 162 -6.30 -8.14 15.46
C ILE A 162 -6.54 -9.63 15.67
N SER A 163 -6.18 -10.44 14.67
CA SER A 163 -6.37 -11.88 14.75
C SER A 163 -5.40 -12.51 15.76
N GLN A 164 -4.17 -12.02 15.78
CA GLN A 164 -3.16 -12.55 16.69
C GLN A 164 -2.99 -14.05 16.45
N PRO A 165 -1.85 -14.59 16.82
CA PRO A 165 -1.55 -16.04 16.64
C PRO A 165 -2.36 -16.91 17.61
N PHE A 166 -3.53 -16.42 17.99
CA PHE A 166 -4.40 -17.15 18.91
C PHE A 166 -4.60 -18.58 18.43
N LYS A 167 -4.83 -19.49 19.36
CA LYS A 167 -5.04 -20.90 19.02
C LYS A 167 -6.10 -21.51 19.93
N ALA A 168 -7.24 -21.88 19.34
CA ALA A 168 -8.32 -22.48 20.12
C ALA A 168 -8.06 -23.97 20.34
N LYS A 169 -8.79 -24.55 21.28
CA LYS A 169 -8.63 -25.97 21.58
C LYS A 169 -9.17 -26.83 20.45
N LYS A 170 -10.29 -27.49 20.70
CA LYS A 170 -10.92 -28.35 19.69
C LYS A 170 -12.36 -27.92 19.46
N ARG A 171 -13.08 -27.61 20.54
CA ARG A 171 -14.46 -27.19 20.43
C ARG A 171 -15.27 -28.19 19.60
N ASP A 172 -16.04 -29.03 20.29
CA ASP A 172 -16.86 -30.03 19.60
C ASP A 172 -17.94 -30.58 20.53
N LEU A 173 -17.65 -30.58 21.83
CA LEU A 173 -18.61 -31.07 22.81
C LEU A 173 -19.15 -32.44 22.39
N PHE A 174 -20.47 -32.52 22.22
CA PHE A 174 -21.10 -33.77 21.81
C PHE A 174 -21.47 -33.75 20.33
N GLY A 175 -20.52 -34.15 19.48
CA GLY A 175 -20.76 -34.17 18.04
C GLY A 175 -21.12 -35.57 17.57
N ARG A 176 -20.26 -36.15 16.73
CA ARG A 176 -20.50 -37.49 16.21
C ARG A 176 -21.78 -37.52 15.37
N GLY A 177 -21.72 -38.22 14.25
CA GLY A 177 -22.88 -38.33 13.37
C GLY A 177 -22.58 -39.22 12.17
N HIS A 178 -21.37 -39.78 12.15
CA HIS A 178 -20.97 -40.66 11.05
C HIS A 178 -22.01 -41.76 10.84
N HIS A 179 -22.61 -42.21 11.93
CA HIS A 179 -23.62 -43.27 11.84
C HIS A 179 -24.99 -42.67 11.48
N HIS A 180 -25.77 -43.44 10.72
CA HIS A 180 -27.09 -42.98 10.32
C HIS A 180 -28.13 -43.37 11.36
N HIS A 181 -29.17 -42.54 11.48
CA HIS A 181 -30.24 -42.81 12.45
C HIS A 181 -29.65 -43.00 13.84
N HIS A 182 -30.52 -43.02 14.85
CA HIS A 182 -30.09 -43.19 16.23
C HIS A 182 -29.35 -41.94 16.72
N HIS A 183 -28.55 -41.36 15.84
CA HIS A 183 -27.79 -40.16 16.18
C HIS A 183 -28.07 -39.04 15.17
C1 UQ2 B . 2.24 4.87 -14.26
C2 UQ2 B . 1.81 5.41 -15.56
C3 UQ2 B . 0.57 5.90 -15.71
C4 UQ2 B . -0.37 5.89 -14.57
C5 UQ2 B . 0.05 5.33 -13.27
C6 UQ2 B . 1.30 4.84 -13.12
CM2 UQ2 B . 2.25 4.42 -17.53
CM3 UQ2 B . 0.87 7.66 -17.10
CM5 UQ2 B . -0.92 5.32 -12.12
C7 UQ2 B . 1.76 4.28 -11.79
C8 UQ2 B . 1.64 2.77 -11.83
C9 UQ2 B . 1.25 2.09 -10.77
C10 UQ2 B . 0.92 2.81 -9.49
C11 UQ2 B . 1.15 0.59 -10.84
C12 UQ2 B . 0.09 0.17 -11.86
C13 UQ2 B . -1.23 -0.01 -11.17
C14 UQ2 B . -2.23 -0.58 -11.80
C15 UQ2 B . -3.56 -0.76 -11.10
C16 UQ2 B . -2.06 -1.04 -13.22
O1 UQ2 B . 3.37 4.42 -14.13
O2 UQ2 B . 2.68 5.44 -16.61
O3 UQ2 B . 0.17 6.42 -16.90
O4 UQ2 B . -1.50 6.33 -14.71
H2M1 UQ2 B . 1.24 4.62 -17.86
H2M2 UQ2 B . 2.28 3.45 -17.04
H2M3 UQ2 B . 2.91 4.41 -18.38
H3M1 UQ2 B . 0.65 8.33 -16.28
H3M2 UQ2 B . 0.56 8.11 -18.02
H3M3 UQ2 B . 1.94 7.47 -17.12
H5M1 UQ2 B . -0.61 6.02 -11.36
H5M2 UQ2 B . -0.97 4.33 -11.69
H5M3 UQ2 B . -1.91 5.59 -12.47
H71 UQ2 B . 1.16 4.67 -11.00
H72 UQ2 B . 2.80 4.55 -11.63
H8 UQ2 B . 1.89 2.23 -12.74
H101 UQ2 B . 1.61 3.62 -9.32
H102 UQ2 B . 0.96 2.12 -8.66
H103 UQ2 B . -0.08 3.22 -9.55
H111 UQ2 B . 0.88 0.20 -9.87
H112 UQ2 B . 2.11 0.18 -11.12
H121 UQ2 B . 0.39 -0.76 -12.33
H122 UQ2 B . 0.00 0.94 -12.62
H13 UQ2 B . -1.36 0.31 -10.15
H151 UQ2 B . -4.10 0.17 -11.13
H152 UQ2 B . -3.38 -1.05 -10.08
H153 UQ2 B . -4.12 -1.53 -11.60
H161 UQ2 B . -1.45 -1.93 -13.25
H162 UQ2 B . -1.59 -0.26 -13.81
H163 UQ2 B . -3.03 -1.27 -13.65
N MET A 1 -15.50 -19.24 8.75
CA MET A 1 -14.33 -19.36 7.84
C MET A 1 -13.29 -18.30 8.20
N LEU A 2 -13.55 -17.57 9.29
CA LEU A 2 -12.63 -16.53 9.73
C LEU A 2 -11.41 -17.16 10.40
N ARG A 3 -11.64 -18.18 11.22
CA ARG A 3 -10.55 -18.86 11.90
C ARG A 3 -9.52 -19.35 10.90
N PHE A 4 -9.98 -19.68 9.69
CA PHE A 4 -9.09 -20.16 8.64
C PHE A 4 -8.30 -18.99 8.05
N LEU A 5 -8.99 -17.88 7.82
CA LEU A 5 -8.34 -16.70 7.27
C LEU A 5 -7.05 -16.41 8.02
N ASN A 6 -7.08 -16.60 9.34
CA ASN A 6 -5.89 -16.35 10.16
C ASN A 6 -4.83 -17.41 9.90
N GLN A 7 -5.27 -18.59 9.48
CA GLN A 7 -4.34 -19.67 9.19
C GLN A 7 -3.63 -19.44 7.88
N ALA A 8 -4.39 -19.14 6.83
CA ALA A 8 -3.80 -18.88 5.53
C ALA A 8 -2.93 -17.64 5.57
N SER A 9 -3.25 -16.73 6.48
CA SER A 9 -2.49 -15.50 6.61
C SER A 9 -1.16 -15.74 7.32
N GLN A 10 -1.20 -16.54 8.39
CA GLN A 10 0.02 -16.83 9.15
C GLN A 10 0.96 -17.71 8.33
N GLY A 11 0.59 -17.96 7.09
CA GLY A 11 1.42 -18.77 6.19
C GLY A 11 2.25 -17.85 5.29
N ARG A 12 3.49 -18.26 5.03
CA ARG A 12 4.37 -17.49 4.19
C ARG A 12 3.89 -17.50 2.74
N GLY A 13 3.61 -18.69 2.21
CA GLY A 13 3.14 -18.82 0.84
C GLY A 13 2.11 -17.74 0.52
N ALA A 14 1.17 -17.56 1.44
CA ALA A 14 0.13 -16.56 1.26
C ALA A 14 0.76 -15.17 1.15
N TRP A 15 1.69 -14.88 2.04
CA TRP A 15 2.36 -13.59 2.02
C TRP A 15 3.12 -13.41 0.70
N LEU A 16 3.70 -14.49 0.21
CA LEU A 16 4.45 -14.46 -1.05
C LEU A 16 3.47 -14.25 -2.22
N LEU A 17 2.27 -14.78 -2.08
CA LEU A 17 1.26 -14.66 -3.12
C LEU A 17 0.77 -13.22 -3.22
N MET A 18 0.66 -12.56 -2.08
CA MET A 18 0.20 -11.18 -2.05
C MET A 18 1.24 -10.28 -2.73
N ALA A 19 2.51 -10.62 -2.58
CA ALA A 19 3.58 -9.83 -3.17
C ALA A 19 3.53 -9.92 -4.69
N PHE A 20 3.45 -11.14 -5.21
CA PHE A 20 3.42 -11.37 -6.65
C PHE A 20 2.34 -10.52 -7.31
N THR A 21 1.17 -10.43 -6.68
CA THR A 21 0.08 -9.66 -7.22
C THR A 21 0.44 -8.17 -7.27
N ALA A 22 0.99 -7.68 -6.17
CA ALA A 22 1.38 -6.27 -6.09
C ALA A 22 2.47 -5.96 -7.11
N LEU A 23 3.31 -6.95 -7.39
CA LEU A 23 4.40 -6.77 -8.35
C LEU A 23 3.89 -6.94 -9.78
N ALA A 24 3.03 -7.93 -9.98
CA ALA A 24 2.47 -8.20 -11.30
C ALA A 24 1.77 -6.95 -11.85
N LEU A 25 1.30 -6.11 -10.95
CA LEU A 25 0.61 -4.89 -11.36
C LEU A 25 1.61 -3.83 -11.80
N GLU A 26 2.73 -3.74 -11.09
CA GLU A 26 3.77 -2.77 -11.42
C GLU A 26 4.35 -3.06 -12.81
N LEU A 27 4.83 -4.29 -13.00
CA LEU A 27 5.40 -4.68 -14.28
C LEU A 27 4.42 -4.45 -15.41
N THR A 28 3.19 -4.95 -15.24
CA THR A 28 2.16 -4.80 -16.26
C THR A 28 2.04 -3.34 -16.71
N ALA A 29 2.06 -2.42 -15.76
CA ALA A 29 1.95 -0.99 -16.08
C ALA A 29 3.25 -0.46 -16.67
N LEU A 30 4.38 -0.92 -16.13
CA LEU A 30 5.69 -0.47 -16.60
C LEU A 30 5.86 -0.77 -18.09
N TRP A 31 5.03 -1.67 -18.62
CA TRP A 31 5.10 -2.04 -20.03
C TRP A 31 4.16 -1.18 -20.87
N PHE A 32 2.99 -0.88 -20.31
CA PHE A 32 2.00 -0.07 -21.02
C PHE A 32 2.61 1.26 -21.44
N GLN A 33 3.32 1.90 -20.52
CA GLN A 33 3.95 3.19 -20.80
C GLN A 33 5.16 3.00 -21.71
N HIS A 34 5.89 1.91 -21.49
CA HIS A 34 7.07 1.63 -22.29
C HIS A 34 6.70 1.47 -23.76
N VAL A 35 5.44 1.15 -24.03
CA VAL A 35 4.97 0.98 -25.40
C VAL A 35 4.08 2.14 -25.82
N MET A 36 3.40 2.75 -24.85
CA MET A 36 2.50 3.87 -25.14
C MET A 36 3.24 5.20 -25.00
N LEU A 37 4.54 5.14 -24.73
CA LEU A 37 5.35 6.35 -24.58
C LEU A 37 4.64 7.35 -23.67
N LEU A 38 4.17 6.87 -22.53
CA LEU A 38 3.47 7.74 -21.58
C LEU A 38 4.45 8.31 -20.55
N LYS A 39 4.09 9.46 -19.98
CA LYS A 39 4.92 10.11 -18.98
C LYS A 39 4.18 10.18 -17.64
N PRO A 40 4.77 9.71 -16.57
CA PRO A 40 4.12 9.74 -15.22
C PRO A 40 4.15 11.12 -14.58
N CYS A 41 3.13 11.42 -13.79
CA CYS A 41 3.04 12.71 -13.11
C CYS A 41 3.63 12.60 -11.70
N VAL A 42 3.74 13.73 -11.01
CA VAL A 42 4.28 13.73 -9.66
C VAL A 42 3.45 12.81 -8.77
N LEU A 43 2.14 12.79 -9.01
CA LEU A 43 1.24 11.97 -8.22
C LEU A 43 1.54 10.48 -8.42
N SER A 44 1.72 10.10 -9.68
CA SER A 44 2.02 8.71 -10.02
C SER A 44 3.14 8.17 -9.14
N ILE A 45 4.22 8.93 -9.01
CA ILE A 45 5.34 8.49 -8.18
C ILE A 45 4.88 8.32 -6.74
N TYR A 46 4.01 9.22 -6.30
CA TYR A 46 3.50 9.15 -4.94
C TYR A 46 2.74 7.84 -4.74
N GLU A 47 1.88 7.51 -5.70
CA GLU A 47 1.10 6.28 -5.63
C GLU A 47 2.01 5.06 -5.69
N ARG A 48 2.88 5.02 -6.70
CA ARG A 48 3.79 3.89 -6.86
C ARG A 48 4.66 3.76 -5.62
N ALA A 49 5.04 4.88 -5.02
CA ALA A 49 5.87 4.87 -3.83
C ALA A 49 5.12 4.26 -2.65
N ALA A 50 3.85 4.62 -2.51
CA ALA A 50 3.03 4.09 -1.43
C ALA A 50 3.04 2.57 -1.47
N LEU A 51 2.74 2.01 -2.63
CA LEU A 51 2.72 0.56 -2.80
C LEU A 51 4.14 0.01 -2.76
N PHE A 52 5.03 0.55 -3.59
CA PHE A 52 6.41 0.08 -3.60
C PHE A 52 6.91 -0.05 -2.17
N GLY A 53 6.53 0.90 -1.32
CA GLY A 53 6.93 0.89 0.07
C GLY A 53 6.31 -0.31 0.79
N VAL A 54 5.03 -0.54 0.54
CA VAL A 54 4.34 -1.67 1.16
C VAL A 54 5.02 -2.97 0.77
N LEU A 55 5.28 -3.12 -0.52
CA LEU A 55 5.95 -4.31 -1.02
C LEU A 55 7.13 -4.64 -0.12
N GLY A 56 7.91 -3.62 0.22
CA GLY A 56 9.07 -3.80 1.09
C GLY A 56 8.61 -4.25 2.47
N ALA A 57 7.39 -3.87 2.83
CA ALA A 57 6.83 -4.25 4.11
C ALA A 57 6.53 -5.73 4.14
N ALA A 58 6.05 -6.25 3.01
CA ALA A 58 5.73 -7.66 2.90
C ALA A 58 6.99 -8.50 3.06
N LEU A 59 8.11 -7.96 2.60
CA LEU A 59 9.38 -8.66 2.70
C LEU A 59 9.83 -8.75 4.16
N ILE A 60 9.57 -7.70 4.92
CA ILE A 60 9.95 -7.67 6.33
C ILE A 60 9.00 -8.54 7.15
N GLY A 61 7.73 -8.54 6.78
CA GLY A 61 6.72 -9.32 7.50
C GLY A 61 6.88 -10.80 7.20
N ALA A 62 7.28 -11.12 5.98
CA ALA A 62 7.46 -12.51 5.57
C ALA A 62 8.65 -13.14 6.31
N ILE A 63 9.26 -12.36 7.20
CA ILE A 63 10.41 -12.87 7.95
C ILE A 63 9.94 -13.77 9.09
N ALA A 64 8.95 -13.31 9.84
CA ALA A 64 8.42 -14.09 10.96
C ALA A 64 7.23 -13.37 11.59
N PRO A 65 6.08 -13.47 10.97
CA PRO A 65 4.83 -12.82 11.48
C PRO A 65 4.20 -13.62 12.62
N LYS A 66 5.02 -14.39 13.33
CA LYS A 66 4.54 -15.20 14.44
C LYS A 66 4.89 -14.54 15.76
N THR A 67 5.75 -13.52 15.70
CA THR A 67 6.17 -12.79 16.88
C THR A 67 5.65 -11.35 16.81
N PRO A 68 5.87 -10.57 17.83
CA PRO A 68 5.41 -9.14 17.85
C PRO A 68 5.81 -8.40 16.58
N LEU A 69 6.53 -9.08 15.69
CA LEU A 69 6.97 -8.48 14.45
C LEU A 69 5.81 -7.77 13.76
N ARG A 70 4.62 -8.34 13.85
CA ARG A 70 3.43 -7.75 13.23
C ARG A 70 3.45 -6.22 13.38
N TYR A 71 3.33 -5.71 14.60
CA TYR A 71 3.33 -4.27 14.80
C TYR A 71 4.55 -3.63 14.15
N VAL A 72 5.65 -4.38 14.04
CA VAL A 72 6.87 -3.84 13.45
C VAL A 72 6.74 -3.66 11.94
N ALA A 73 6.23 -4.67 11.24
CA ALA A 73 6.05 -4.56 9.79
C ALA A 73 4.83 -3.72 9.45
N MET A 74 3.80 -3.83 10.29
CA MET A 74 2.57 -3.07 10.07
C MET A 74 2.84 -1.57 10.16
N VAL A 75 4.02 -1.21 10.63
CA VAL A 75 4.38 0.20 10.75
C VAL A 75 4.30 0.87 9.38
N ILE A 76 4.74 0.14 8.37
CA ILE A 76 4.72 0.65 6.99
C ILE A 76 3.37 0.35 6.34
N TRP A 77 2.76 -0.77 6.72
CA TRP A 77 1.48 -1.15 6.16
C TRP A 77 0.42 -0.14 6.57
N LEU A 78 0.29 0.11 7.86
CA LEU A 78 -0.69 1.07 8.37
C LEU A 78 -0.37 2.48 7.88
N TYR A 79 0.89 2.88 8.01
CA TYR A 79 1.29 4.22 7.58
C TYR A 79 0.67 4.55 6.22
N SER A 80 0.69 3.57 5.32
CA SER A 80 0.13 3.76 3.98
C SER A 80 -1.40 3.65 4.01
N ALA A 81 -1.92 2.98 5.03
CA ALA A 81 -3.37 2.80 5.14
C ALA A 81 -4.07 4.16 5.25
N PHE A 82 -3.74 4.91 6.29
CA PHE A 82 -4.35 6.22 6.50
C PHE A 82 -3.81 7.25 5.51
N ARG A 83 -2.49 7.41 5.47
CA ARG A 83 -1.87 8.40 4.58
C ARG A 83 -2.07 8.04 3.11
N GLY A 84 -1.85 6.79 2.74
CA GLY A 84 -2.02 6.38 1.35
C GLY A 84 -3.44 6.67 0.88
N VAL A 85 -4.42 6.30 1.71
CA VAL A 85 -5.82 6.54 1.37
C VAL A 85 -6.14 8.03 1.46
N GLN A 86 -5.81 8.64 2.59
CA GLN A 86 -6.07 10.06 2.77
C GLN A 86 -5.48 10.87 1.62
N LEU A 87 -4.41 10.34 1.03
CA LEU A 87 -3.77 11.01 -0.09
C LEU A 87 -4.53 10.74 -1.39
N THR A 88 -4.94 9.49 -1.58
CA THR A 88 -5.67 9.12 -2.78
C THR A 88 -6.87 10.04 -2.97
N TYR A 89 -7.31 10.65 -1.87
CA TYR A 89 -8.45 11.56 -1.91
C TYR A 89 -8.05 12.87 -2.58
N GLU A 90 -6.96 13.47 -2.11
CA GLU A 90 -6.49 14.73 -2.66
C GLU A 90 -6.39 14.64 -4.19
N HIS A 91 -5.99 13.48 -4.68
CA HIS A 91 -5.86 13.29 -6.13
C HIS A 91 -7.23 13.20 -6.79
N THR A 92 -8.18 12.59 -6.11
CA THR A 92 -9.53 12.45 -6.65
C THR A 92 -10.28 13.78 -6.58
N MET A 93 -10.16 14.46 -5.44
CA MET A 93 -10.84 15.74 -5.26
C MET A 93 -10.50 16.70 -6.41
N LEU A 94 -9.22 16.86 -6.68
CA LEU A 94 -8.77 17.75 -7.74
C LEU A 94 -9.23 17.22 -9.11
N GLN A 95 -9.11 15.91 -9.28
CA GLN A 95 -9.51 15.29 -10.54
C GLN A 95 -10.99 15.53 -10.82
N LEU A 96 -11.82 15.27 -9.80
CA LEU A 96 -13.27 15.47 -9.94
C LEU A 96 -13.65 16.91 -9.65
N TYR A 97 -12.75 17.64 -8.99
CA TYR A 97 -13.03 19.03 -8.65
C TYR A 97 -11.78 19.90 -8.90
N PRO A 98 -11.47 20.14 -10.15
CA PRO A 98 -10.29 20.95 -10.54
C PRO A 98 -10.29 22.34 -9.87
N SER A 99 -9.18 23.05 -10.01
CA SER A 99 -9.08 24.38 -9.40
C SER A 99 -7.96 25.19 -10.08
N PRO A 100 -8.11 25.48 -11.34
CA PRO A 100 -7.10 26.26 -12.12
C PRO A 100 -7.23 27.76 -11.89
N PHE A 101 -7.63 28.14 -10.67
CA PHE A 101 -7.80 29.55 -10.35
C PHE A 101 -6.46 30.28 -10.35
N ALA A 102 -5.39 29.55 -10.66
CA ALA A 102 -4.06 30.14 -10.69
C ALA A 102 -3.10 29.27 -11.51
N THR A 103 -3.42 27.98 -11.60
CA THR A 103 -2.59 27.06 -12.35
C THR A 103 -1.12 27.21 -11.97
N SER A 104 -0.84 27.20 -10.66
CA SER A 104 0.53 27.34 -10.18
C SER A 104 1.06 25.99 -9.72
N ASP A 105 1.36 25.11 -10.66
CA ASP A 105 1.89 23.78 -10.34
C ASP A 105 3.40 23.74 -10.51
N PHE A 106 3.85 23.38 -11.70
CA PHE A 106 5.28 23.30 -11.98
C PHE A 106 5.96 22.37 -10.98
N MET A 107 5.86 21.07 -11.22
CA MET A 107 6.47 20.09 -10.33
C MET A 107 7.99 20.06 -10.53
N VAL A 108 8.51 18.89 -10.88
CA VAL A 108 9.95 18.74 -11.11
C VAL A 108 10.73 19.05 -9.83
N ARG A 109 10.03 19.49 -8.80
CA ARG A 109 10.68 19.82 -7.52
C ARG A 109 10.37 18.75 -6.47
N PHE A 110 11.34 17.85 -6.25
CA PHE A 110 11.17 16.78 -5.27
C PHE A 110 12.09 17.02 -4.07
N PRO A 111 11.73 16.51 -2.93
CA PRO A 111 12.54 16.66 -1.68
C PRO A 111 14.04 16.61 -1.96
N GLU A 112 14.80 17.49 -1.30
CA GLU A 112 16.25 17.54 -1.48
C GLU A 112 16.95 17.02 -0.22
N TRP A 113 16.20 16.29 0.61
CA TRP A 113 16.76 15.74 1.84
C TRP A 113 16.56 14.22 1.88
N LEU A 114 15.89 13.69 0.86
CA LEU A 114 15.64 12.25 0.78
C LEU A 114 16.37 11.67 -0.43
N PRO A 115 17.60 11.26 -0.24
CA PRO A 115 18.44 10.68 -1.34
C PRO A 115 17.75 9.54 -2.10
N LEU A 116 16.45 9.36 -1.84
CA LEU A 116 15.71 8.31 -2.51
C LEU A 116 15.31 8.75 -3.91
N ASP A 117 15.27 10.07 -4.10
CA ASP A 117 14.90 10.66 -5.39
C ASP A 117 16.14 10.97 -6.22
N LYS A 118 17.13 11.61 -5.59
CA LYS A 118 18.35 11.95 -6.30
C LYS A 118 19.14 10.70 -6.64
N TRP A 119 18.93 9.64 -5.87
CA TRP A 119 19.61 8.37 -6.11
C TRP A 119 18.75 7.47 -7.00
N VAL A 120 17.45 7.77 -7.04
CA VAL A 120 16.53 6.97 -7.85
C VAL A 120 15.46 7.85 -8.51
N PRO A 121 15.85 8.64 -9.48
CA PRO A 121 14.91 9.55 -10.20
C PRO A 121 14.12 8.82 -11.29
N GLN A 122 14.59 7.63 -11.65
CA GLN A 122 13.94 6.84 -12.69
C GLN A 122 12.46 6.67 -12.41
N VAL A 123 12.10 6.54 -11.13
CA VAL A 123 10.70 6.35 -10.76
C VAL A 123 10.29 7.37 -9.70
N PHE A 124 11.02 8.48 -9.62
CA PHE A 124 10.72 9.52 -8.65
C PHE A 124 10.69 10.89 -9.32
N VAL A 125 11.06 10.95 -10.60
CA VAL A 125 11.07 12.20 -11.34
C VAL A 125 9.68 12.51 -11.89
N ALA A 126 9.20 13.73 -11.65
CA ALA A 126 7.88 14.14 -12.13
C ALA A 126 7.99 14.76 -13.53
N SER A 127 7.07 14.37 -14.41
CA SER A 127 7.07 14.90 -15.77
C SER A 127 5.73 14.61 -16.46
N GLY A 128 4.99 15.66 -16.79
CA GLY A 128 3.70 15.52 -17.45
C GLY A 128 2.59 16.22 -16.67
N ASP A 129 1.35 15.96 -17.04
CA ASP A 129 0.20 16.56 -16.36
C ASP A 129 -0.34 15.62 -15.29
N CYS A 130 -1.05 16.17 -14.32
CA CYS A 130 -1.62 15.37 -13.25
C CYS A 130 -3.14 15.28 -13.38
N ALA A 131 -3.66 14.05 -13.31
CA ALA A 131 -5.10 13.81 -13.41
C ALA A 131 -5.47 13.43 -14.84
N GLU A 132 -4.50 13.47 -15.75
CA GLU A 132 -4.76 13.13 -17.13
C GLU A 132 -5.08 11.64 -17.25
N ARG A 133 -5.88 11.27 -18.24
CA ARG A 133 -6.26 9.87 -18.44
C ARG A 133 -5.29 9.20 -19.42
N GLN A 134 -5.02 7.92 -19.18
CA GLN A 134 -4.12 7.17 -20.05
C GLN A 134 -4.70 5.79 -20.37
N TRP A 135 -5.47 5.24 -19.43
CA TRP A 135 -6.08 3.93 -19.63
C TRP A 135 -7.01 3.57 -18.48
N ASP A 136 -8.10 2.88 -18.79
CA ASP A 136 -9.07 2.49 -17.77
C ASP A 136 -9.61 1.08 -18.03
N PHE A 137 -10.29 0.54 -17.01
CA PHE A 137 -10.88 -0.79 -17.12
C PHE A 137 -12.24 -0.80 -16.42
N LEU A 138 -13.30 -1.11 -17.16
CA LEU A 138 -14.64 -1.11 -16.60
C LEU A 138 -15.12 0.34 -16.53
N GLY A 139 -14.44 1.22 -17.25
CA GLY A 139 -14.81 2.63 -17.25
C GLY A 139 -14.20 3.34 -16.05
N LEU A 140 -13.23 2.68 -15.40
CA LEU A 140 -12.57 3.27 -14.23
C LEU A 140 -11.07 3.40 -14.48
N GLU A 141 -10.53 4.56 -14.15
CA GLU A 141 -9.10 4.81 -14.34
C GLU A 141 -8.28 3.98 -13.37
N MET A 142 -7.05 3.66 -13.75
CA MET A 142 -6.18 2.85 -12.90
C MET A 142 -6.11 3.44 -11.49
N PRO A 143 -5.82 4.71 -11.36
CA PRO A 143 -5.73 5.38 -10.04
C PRO A 143 -6.90 5.01 -9.12
N GLN A 144 -8.07 4.88 -9.72
CA GLN A 144 -9.26 4.52 -8.95
C GLN A 144 -9.19 3.05 -8.54
N TRP A 145 -8.76 2.21 -9.47
CA TRP A 145 -8.65 0.79 -9.20
C TRP A 145 -7.56 0.56 -8.14
N LEU A 146 -6.35 1.02 -8.43
CA LEU A 146 -5.25 0.86 -7.48
C LEU A 146 -5.72 1.18 -6.07
N LEU A 147 -6.57 2.20 -5.93
CA LEU A 147 -7.10 2.57 -4.63
C LEU A 147 -7.92 1.41 -4.09
N GLY A 148 -8.57 0.70 -5.00
CA GLY A 148 -9.38 -0.45 -4.62
C GLY A 148 -8.54 -1.49 -3.91
N ILE A 149 -7.34 -1.74 -4.44
CA ILE A 149 -6.43 -2.70 -3.86
C ILE A 149 -5.94 -2.21 -2.50
N PHE A 150 -5.67 -0.90 -2.41
CA PHE A 150 -5.20 -0.32 -1.16
C PHE A 150 -6.18 -0.62 -0.04
N ILE A 151 -7.47 -0.46 -0.34
CA ILE A 151 -8.51 -0.71 0.65
C ILE A 151 -8.42 -2.15 1.16
N ALA A 152 -8.22 -3.10 0.25
CA ALA A 152 -8.12 -4.49 0.63
C ALA A 152 -6.83 -4.76 1.39
N TYR A 153 -5.71 -4.27 0.86
CA TYR A 153 -4.41 -4.47 1.47
C TYR A 153 -4.39 -4.03 2.94
N LEU A 154 -4.98 -2.88 3.24
CA LEU A 154 -4.99 -2.36 4.61
C LEU A 154 -5.97 -3.13 5.47
N ILE A 155 -7.04 -3.64 4.86
CA ILE A 155 -8.06 -4.38 5.60
C ILE A 155 -7.52 -5.73 6.07
N VAL A 156 -6.70 -6.37 5.25
CA VAL A 156 -6.15 -7.67 5.61
C VAL A 156 -5.08 -7.53 6.69
N ALA A 157 -4.27 -6.48 6.61
CA ALA A 157 -3.22 -6.27 7.61
C ALA A 157 -3.83 -6.00 8.98
N VAL A 158 -4.75 -5.04 9.03
CA VAL A 158 -5.40 -4.68 10.29
C VAL A 158 -6.03 -5.91 10.94
N LEU A 159 -6.82 -6.65 10.18
CA LEU A 159 -7.48 -7.84 10.70
C LEU A 159 -6.46 -8.88 11.17
N VAL A 160 -5.32 -8.94 10.48
CA VAL A 160 -4.28 -9.89 10.83
C VAL A 160 -3.67 -9.55 12.19
N VAL A 161 -3.68 -8.26 12.53
CA VAL A 161 -3.13 -7.83 13.80
C VAL A 161 -4.04 -8.25 14.95
N ILE A 162 -5.34 -8.03 14.77
CA ILE A 162 -6.31 -8.41 15.80
C ILE A 162 -6.27 -9.91 16.06
N SER A 163 -5.87 -10.67 15.04
CA SER A 163 -5.79 -12.12 15.18
C SER A 163 -4.94 -12.49 16.38
N GLN A 164 -4.17 -11.53 16.88
CA GLN A 164 -3.31 -11.76 18.04
C GLN A 164 -4.09 -12.51 19.12
N PRO A 165 -3.42 -13.33 19.90
CA PRO A 165 -4.07 -14.10 20.99
C PRO A 165 -4.56 -13.20 22.12
N PHE A 166 -5.05 -12.02 21.75
CA PHE A 166 -5.56 -11.07 22.72
C PHE A 166 -6.85 -10.43 22.22
N LYS A 167 -7.98 -10.84 22.79
CA LYS A 167 -9.27 -10.30 22.38
C LYS A 167 -10.28 -10.40 23.53
N ALA A 168 -9.88 -9.92 24.70
CA ALA A 168 -10.75 -9.96 25.87
C ALA A 168 -11.12 -11.40 26.21
N LYS A 169 -11.30 -11.67 27.50
CA LYS A 169 -11.65 -13.01 27.95
C LYS A 169 -12.29 -12.96 29.34
N LYS A 170 -13.02 -14.01 29.69
CA LYS A 170 -13.67 -14.07 30.99
C LYS A 170 -12.64 -14.35 32.09
N ARG A 171 -12.16 -13.29 32.74
CA ARG A 171 -11.19 -13.43 33.81
C ARG A 171 -11.78 -12.98 35.14
N ASP A 172 -11.85 -13.90 36.10
CA ASP A 172 -12.39 -13.60 37.42
C ASP A 172 -11.48 -14.13 38.51
N LEU A 173 -10.17 -14.03 38.28
CA LEU A 173 -9.19 -14.52 39.24
C LEU A 173 -9.24 -13.68 40.52
N PHE A 174 -10.05 -14.13 41.47
CA PHE A 174 -10.19 -13.42 42.75
C PHE A 174 -10.44 -14.41 43.88
N GLY A 175 -11.59 -15.07 43.85
CA GLY A 175 -11.95 -16.03 44.88
C GLY A 175 -13.45 -16.25 44.94
N ARG A 176 -14.16 -15.28 45.53
CA ARG A 176 -15.61 -15.37 45.64
C ARG A 176 -16.28 -15.01 44.33
N GLY A 177 -17.14 -15.90 43.84
CA GLY A 177 -17.84 -15.67 42.59
C GLY A 177 -19.08 -14.80 42.82
N HIS A 178 -20.22 -15.28 42.33
CA HIS A 178 -21.48 -14.55 42.49
C HIS A 178 -22.33 -15.16 43.59
N HIS A 179 -23.22 -14.37 44.16
CA HIS A 179 -24.10 -14.85 45.22
C HIS A 179 -25.52 -14.34 45.02
N HIS A 180 -25.90 -14.15 43.76
CA HIS A 180 -27.24 -13.66 43.45
C HIS A 180 -27.81 -14.43 42.26
N HIS A 181 -28.85 -15.22 42.52
CA HIS A 181 -29.50 -16.00 41.47
C HIS A 181 -30.73 -15.30 40.95
N HIS A 182 -30.79 -13.98 41.15
CA HIS A 182 -31.94 -13.20 40.69
C HIS A 182 -31.52 -11.75 40.42
N HIS A 183 -32.17 -11.13 39.44
CA HIS A 183 -31.86 -9.75 39.08
C HIS A 183 -30.36 -9.58 38.89
C1 UQ2 B . 2.35 4.79 -14.67
C2 UQ2 B . 1.89 5.01 -16.06
C3 UQ2 B . 0.58 4.90 -16.36
C4 UQ2 B . -0.39 4.56 -15.31
C5 UQ2 B . 0.06 4.34 -13.92
C6 UQ2 B . 1.37 4.45 -13.61
CM2 UQ2 B . 2.61 6.72 -17.34
CM3 UQ2 B . -0.17 3.81 -18.19
CM5 UQ2 B . -0.94 3.99 -12.85
C7 UQ2 B . 1.83 4.21 -12.21
C8 UQ2 B . 1.95 2.73 -11.97
C9 UQ2 B . 1.63 2.19 -10.80
C10 UQ2 B . 1.15 3.07 -9.66
C11 UQ2 B . 1.75 0.71 -10.60
C12 UQ2 B . 0.77 -0.03 -11.53
C13 UQ2 B . -0.49 -0.36 -10.77
C14 UQ2 B . -1.57 -0.73 -11.42
C15 UQ2 B . -2.82 -1.06 -10.65
C16 UQ2 B . -1.57 -0.83 -12.92
O1 UQ2 B . 3.52 4.89 -14.40
O2 UQ2 B . 2.79 5.33 -17.03
O3 UQ2 B . 0.15 5.11 -17.64
O4 UQ2 B . -1.57 4.45 -15.58
H2M1 UQ2 B . 2.78 7.32 -16.45
H2M2 UQ2 B . 1.60 6.89 -17.69
H2M3 UQ2 B . 3.31 7.02 -18.10
H3M1 UQ2 B . -0.91 3.33 -17.57
H3M2 UQ2 B . 0.72 3.20 -18.23
H3M3 UQ2 B . -0.56 3.95 -19.18
H5M1 UQ2 B . -1.09 4.83 -12.21
H5M2 UQ2 B . -0.58 3.15 -12.27
H5M3 UQ2 B . -1.88 3.72 -13.32
H71 UQ2 B . 1.13 4.64 -11.52
H72 UQ2 B . 2.80 4.67 -12.06
H8 UQ2 B . 2.29 2.08 -12.76
H101 UQ2 B . 0.11 3.34 -9.83
H102 UQ2 B . 1.75 3.97 -9.63
H103 UQ2 B . 1.24 2.54 -8.73
H111 UQ2 B . 1.52 0.45 -9.57
H112 UQ2 B . 2.76 0.39 -10.82
H121 UQ2 B . 1.23 -0.94 -11.88
H122 UQ2 B . 0.53 0.59 -12.38
H13 UQ2 B . -0.50 -0.29 -9.69
H151 UQ2 B . -2.56 -1.52 -9.71
H152 UQ2 B . -3.43 -1.75 -11.23
H153 UQ2 B . -3.38 -0.15 -10.46
H161 UQ2 B . -1.00 -1.69 -13.22
H162 UQ2 B . -1.11 0.06 -13.33
H163 UQ2 B . -2.58 -0.92 -13.28
N MET A 1 -14.71 -19.55 9.51
CA MET A 1 -13.75 -19.51 8.37
C MET A 1 -12.68 -18.47 8.66
N LEU A 2 -12.92 -17.65 9.69
CA LEU A 2 -11.96 -16.61 10.05
C LEU A 2 -10.66 -17.24 10.53
N ARG A 3 -10.77 -18.35 11.25
CA ARG A 3 -9.60 -19.05 11.75
C ARG A 3 -8.69 -19.46 10.60
N PHE A 4 -9.29 -19.92 9.51
CA PHE A 4 -8.53 -20.33 8.33
C PHE A 4 -7.70 -19.16 7.82
N LEU A 5 -8.34 -18.01 7.68
CA LEU A 5 -7.65 -16.82 7.18
C LEU A 5 -6.36 -16.59 7.98
N ASN A 6 -6.42 -16.84 9.28
CA ASN A 6 -5.26 -16.66 10.14
C ASN A 6 -4.20 -17.70 9.82
N GLN A 7 -4.65 -18.88 9.39
CA GLN A 7 -3.73 -19.95 9.06
C GLN A 7 -3.08 -19.70 7.69
N ALA A 8 -3.92 -19.44 6.70
CA ALA A 8 -3.42 -19.18 5.35
C ALA A 8 -2.51 -17.95 5.33
N SER A 9 -2.85 -16.96 6.15
CA SER A 9 -2.07 -15.73 6.22
C SER A 9 -0.78 -15.95 7.01
N GLN A 10 -0.88 -16.76 8.07
CA GLN A 10 0.29 -17.03 8.90
C GLN A 10 1.32 -17.86 8.14
N GLY A 11 1.01 -18.15 6.87
CA GLY A 11 1.91 -18.91 6.02
C GLY A 11 2.72 -17.96 5.15
N ARG A 12 3.96 -18.35 4.85
CA ARG A 12 4.83 -17.53 4.02
C ARG A 12 4.37 -17.55 2.57
N GLY A 13 4.13 -18.74 2.04
CA GLY A 13 3.68 -18.88 0.66
C GLY A 13 2.61 -17.84 0.34
N ALA A 14 1.66 -17.69 1.27
CA ALA A 14 0.59 -16.74 1.10
C ALA A 14 1.15 -15.32 1.04
N TRP A 15 2.04 -15.01 1.97
CA TRP A 15 2.66 -13.68 2.01
C TRP A 15 3.38 -13.40 0.69
N LEU A 16 4.07 -14.42 0.18
CA LEU A 16 4.79 -14.27 -1.08
C LEU A 16 3.81 -14.04 -2.22
N LEU A 17 2.60 -14.57 -2.06
CA LEU A 17 1.57 -14.42 -3.09
C LEU A 17 1.08 -12.98 -3.13
N MET A 18 1.10 -12.31 -1.99
CA MET A 18 0.66 -10.93 -1.92
C MET A 18 1.69 -10.02 -2.59
N ALA A 19 2.96 -10.39 -2.48
CA ALA A 19 4.03 -9.62 -3.08
C ALA A 19 3.99 -9.73 -4.60
N PHE A 20 4.05 -10.97 -5.09
CA PHE A 20 4.02 -11.21 -6.53
C PHE A 20 2.88 -10.42 -7.18
N THR A 21 1.74 -10.37 -6.52
CA THR A 21 0.59 -9.64 -7.04
C THR A 21 0.91 -8.15 -7.13
N ALA A 22 1.41 -7.60 -6.03
CA ALA A 22 1.75 -6.17 -5.99
C ALA A 22 2.75 -5.84 -7.09
N LEU A 23 3.65 -6.77 -7.37
CA LEU A 23 4.66 -6.56 -8.40
C LEU A 23 4.06 -6.78 -9.78
N ALA A 24 3.16 -7.75 -9.90
CA ALA A 24 2.53 -8.06 -11.17
C ALA A 24 1.88 -6.81 -11.75
N LEU A 25 1.32 -5.97 -10.90
CA LEU A 25 0.68 -4.74 -11.35
C LEU A 25 1.72 -3.72 -11.78
N GLU A 26 2.83 -3.66 -11.04
CA GLU A 26 3.89 -2.73 -11.36
C GLU A 26 4.52 -3.06 -12.70
N LEU A 27 4.76 -4.35 -12.94
CA LEU A 27 5.36 -4.78 -14.20
C LEU A 27 4.40 -4.54 -15.35
N THR A 28 3.15 -4.96 -15.18
CA THR A 28 2.15 -4.78 -16.22
C THR A 28 2.06 -3.32 -16.64
N ALA A 29 2.12 -2.42 -15.67
CA ALA A 29 2.04 -1.00 -15.96
C ALA A 29 3.33 -0.50 -16.62
N LEU A 30 4.46 -1.05 -16.18
CA LEU A 30 5.76 -0.66 -16.73
C LEU A 30 5.83 -0.98 -18.22
N TRP A 31 4.96 -1.89 -18.67
CA TRP A 31 4.94 -2.28 -20.07
C TRP A 31 4.01 -1.38 -20.86
N PHE A 32 2.87 -1.03 -20.26
CA PHE A 32 1.90 -0.16 -20.92
C PHE A 32 2.61 1.08 -21.45
N GLN A 33 3.49 1.64 -20.63
CA GLN A 33 4.23 2.83 -21.02
C GLN A 33 5.31 2.47 -22.04
N HIS A 34 5.81 1.24 -21.96
CA HIS A 34 6.84 0.78 -22.88
C HIS A 34 6.29 0.67 -24.30
N VAL A 35 4.98 0.45 -24.41
CA VAL A 35 4.34 0.32 -25.71
C VAL A 35 3.47 1.54 -26.02
N MET A 36 2.56 1.86 -25.09
CA MET A 36 1.67 3.00 -25.28
C MET A 36 2.42 4.31 -25.12
N LEU A 37 3.72 4.23 -24.87
CA LEU A 37 4.52 5.43 -24.70
C LEU A 37 3.85 6.40 -23.73
N LEU A 38 3.29 5.85 -22.66
CA LEU A 38 2.62 6.66 -21.65
C LEU A 38 3.64 7.38 -20.78
N LYS A 39 3.29 8.57 -20.31
CA LYS A 39 4.19 9.36 -19.46
C LYS A 39 3.64 9.45 -18.04
N PRO A 40 4.41 9.10 -17.04
CA PRO A 40 3.98 9.17 -15.62
C PRO A 40 4.00 10.60 -15.09
N CYS A 41 3.17 10.87 -14.07
CA CYS A 41 3.10 12.21 -13.49
C CYS A 41 3.51 12.18 -12.02
N VAL A 42 3.33 13.30 -11.34
CA VAL A 42 3.69 13.40 -9.93
C VAL A 42 2.85 12.46 -9.08
N LEU A 43 1.53 12.50 -9.30
CA LEU A 43 0.62 11.66 -8.54
C LEU A 43 0.87 10.18 -8.79
N SER A 44 0.93 9.81 -10.07
CA SER A 44 1.18 8.42 -10.43
C SER A 44 2.41 7.88 -9.74
N ILE A 45 3.50 8.64 -9.82
CA ILE A 45 4.75 8.24 -9.18
C ILE A 45 4.57 8.11 -7.68
N TYR A 46 3.90 9.11 -7.08
CA TYR A 46 3.65 9.09 -5.65
C TYR A 46 2.88 7.84 -5.25
N GLU A 47 1.84 7.53 -6.02
CA GLU A 47 1.01 6.36 -5.74
C GLU A 47 1.85 5.09 -5.84
N ARG A 48 2.77 5.07 -6.80
CA ARG A 48 3.64 3.91 -6.98
C ARG A 48 4.54 3.72 -5.77
N ALA A 49 4.98 4.83 -5.20
CA ALA A 49 5.85 4.78 -4.03
C ALA A 49 5.10 4.24 -2.82
N ALA A 50 3.84 4.64 -2.68
CA ALA A 50 3.02 4.19 -1.56
C ALA A 50 2.99 2.66 -1.53
N LEU A 51 2.74 2.05 -2.67
CA LEU A 51 2.68 0.58 -2.76
C LEU A 51 4.10 0.01 -2.76
N PHE A 52 4.97 0.54 -3.60
CA PHE A 52 6.34 0.06 -3.64
C PHE A 52 6.89 -0.06 -2.22
N GLY A 53 6.51 0.90 -1.37
CA GLY A 53 6.95 0.91 0.01
C GLY A 53 6.32 -0.26 0.77
N VAL A 54 5.03 -0.48 0.56
CA VAL A 54 4.33 -1.57 1.22
C VAL A 54 4.91 -2.91 0.77
N LEU A 55 5.07 -3.07 -0.53
CA LEU A 55 5.64 -4.29 -1.08
C LEU A 55 6.84 -4.71 -0.24
N GLY A 56 7.73 -3.76 0.01
CA GLY A 56 8.91 -4.03 0.82
C GLY A 56 8.49 -4.50 2.21
N ALA A 57 7.57 -3.75 2.81
CA ALA A 57 7.07 -4.09 4.13
C ALA A 57 6.63 -5.55 4.17
N ALA A 58 6.12 -6.04 3.04
CA ALA A 58 5.67 -7.43 2.97
C ALA A 58 6.86 -8.38 3.05
N LEU A 59 7.98 -7.97 2.46
CA LEU A 59 9.19 -8.80 2.47
C LEU A 59 9.74 -8.90 3.90
N ILE A 60 9.65 -7.81 4.65
CA ILE A 60 10.14 -7.80 6.02
C ILE A 60 9.18 -8.54 6.93
N GLY A 61 7.88 -8.36 6.71
CA GLY A 61 6.87 -9.02 7.53
C GLY A 61 6.88 -10.52 7.28
N ALA A 62 7.27 -10.91 6.07
CA ALA A 62 7.31 -12.33 5.71
C ALA A 62 8.52 -13.01 6.35
N ILE A 63 9.22 -12.28 7.21
CA ILE A 63 10.40 -12.83 7.88
C ILE A 63 9.98 -13.67 9.09
N ALA A 64 8.89 -13.27 9.73
CA ALA A 64 8.40 -13.99 10.90
C ALA A 64 7.19 -13.28 11.49
N PRO A 65 6.06 -13.37 10.84
CA PRO A 65 4.81 -12.71 11.32
C PRO A 65 4.21 -13.45 12.52
N LYS A 66 5.05 -14.16 13.25
CA LYS A 66 4.61 -14.90 14.43
C LYS A 66 5.20 -14.28 15.69
N THR A 67 6.08 -13.31 15.51
CA THR A 67 6.72 -12.62 16.62
C THR A 67 6.26 -11.16 16.65
N PRO A 68 6.44 -10.49 17.75
CA PRO A 68 6.03 -9.07 17.90
C PRO A 68 6.32 -8.25 16.63
N LEU A 69 7.13 -8.81 15.74
CA LEU A 69 7.46 -8.13 14.50
C LEU A 69 6.23 -7.47 13.89
N ARG A 70 5.07 -8.09 14.09
CA ARG A 70 3.82 -7.54 13.56
C ARG A 70 3.81 -6.01 13.70
N TYR A 71 3.72 -5.50 14.93
CA TYR A 71 3.69 -4.05 15.12
C TYR A 71 4.86 -3.39 14.40
N VAL A 72 5.99 -4.09 14.29
CA VAL A 72 7.16 -3.51 13.65
C VAL A 72 6.95 -3.33 12.15
N ALA A 73 6.43 -4.33 11.47
CA ALA A 73 6.19 -4.22 10.03
C ALA A 73 4.90 -3.44 9.76
N MET A 74 3.91 -3.62 10.63
CA MET A 74 2.64 -2.94 10.49
C MET A 74 2.82 -1.43 10.62
N VAL A 75 3.92 -1.01 11.23
CA VAL A 75 4.20 0.42 11.39
C VAL A 75 4.12 1.13 10.04
N ILE A 76 4.54 0.40 9.00
CA ILE A 76 4.53 0.93 7.65
C ILE A 76 3.20 0.64 6.97
N TRP A 77 2.60 -0.51 7.32
CA TRP A 77 1.32 -0.88 6.74
C TRP A 77 0.23 0.10 7.19
N LEU A 78 0.16 0.33 8.49
CA LEU A 78 -0.83 1.25 9.05
C LEU A 78 -0.56 2.67 8.58
N TYR A 79 0.69 3.13 8.72
CA TYR A 79 1.04 4.48 8.30
C TYR A 79 0.39 4.80 6.95
N SER A 80 0.43 3.83 6.05
CA SER A 80 -0.15 4.02 4.72
C SER A 80 -1.67 3.86 4.78
N ALA A 81 -2.17 3.17 5.79
CA ALA A 81 -3.60 2.96 5.92
C ALA A 81 -4.35 4.28 6.02
N PHE A 82 -4.04 5.07 7.03
CA PHE A 82 -4.71 6.35 7.23
C PHE A 82 -4.20 7.41 6.24
N ARG A 83 -2.88 7.57 6.15
CA ARG A 83 -2.31 8.57 5.26
C ARG A 83 -2.51 8.22 3.80
N GLY A 84 -2.34 6.95 3.44
CA GLY A 84 -2.52 6.54 2.06
C GLY A 84 -3.94 6.78 1.58
N VAL A 85 -4.92 6.38 2.39
CA VAL A 85 -6.32 6.54 1.99
C VAL A 85 -6.79 7.98 2.19
N GLN A 86 -6.24 8.65 3.20
CA GLN A 86 -6.62 10.03 3.49
C GLN A 86 -6.01 10.99 2.45
N LEU A 87 -4.75 10.77 2.12
CA LEU A 87 -4.06 11.63 1.16
C LEU A 87 -4.55 11.35 -0.26
N THR A 88 -4.79 10.09 -0.57
CA THR A 88 -5.25 9.71 -1.91
C THR A 88 -6.57 10.39 -2.25
N TYR A 89 -7.49 10.39 -1.29
CA TYR A 89 -8.80 11.01 -1.51
C TYR A 89 -8.63 12.45 -2.01
N GLU A 90 -7.85 13.23 -1.29
CA GLU A 90 -7.62 14.61 -1.67
C GLU A 90 -7.20 14.71 -3.14
N HIS A 91 -6.27 13.85 -3.53
CA HIS A 91 -5.80 13.83 -4.92
C HIS A 91 -6.92 13.44 -5.86
N THR A 92 -7.82 12.57 -5.39
CA THR A 92 -8.93 12.11 -6.20
C THR A 92 -9.95 13.24 -6.39
N MET A 93 -10.13 14.03 -5.34
CA MET A 93 -11.07 15.14 -5.40
C MET A 93 -10.63 16.15 -6.46
N LEU A 94 -9.33 16.28 -6.63
CA LEU A 94 -8.79 17.20 -7.63
C LEU A 94 -9.13 16.72 -9.03
N GLN A 95 -8.90 15.43 -9.27
CA GLN A 95 -9.19 14.85 -10.58
C GLN A 95 -10.62 15.18 -11.00
N LEU A 96 -11.54 15.07 -10.05
CA LEU A 96 -12.95 15.36 -10.33
C LEU A 96 -13.26 16.83 -10.02
N TYR A 97 -12.30 17.51 -9.38
CA TYR A 97 -12.48 18.92 -9.04
C TYR A 97 -11.19 19.70 -9.26
N PRO A 98 -10.80 19.87 -10.49
CA PRO A 98 -9.55 20.60 -10.85
C PRO A 98 -9.45 21.95 -10.15
N SER A 99 -8.30 22.59 -10.27
CA SER A 99 -8.08 23.89 -9.64
C SER A 99 -8.59 25.02 -10.55
N PRO A 100 -8.90 26.16 -9.98
CA PRO A 100 -9.40 27.33 -10.76
C PRO A 100 -8.30 27.99 -11.58
N PHE A 101 -7.63 28.97 -10.98
CA PHE A 101 -6.54 29.69 -11.65
C PHE A 101 -5.31 29.75 -10.75
N ALA A 102 -5.54 29.89 -9.45
CA ALA A 102 -4.44 29.97 -8.49
C ALA A 102 -3.75 28.61 -8.35
N THR A 103 -2.95 28.47 -7.30
CA THR A 103 -2.24 27.21 -7.05
C THR A 103 -1.54 26.74 -8.32
N SER A 104 -0.24 27.00 -8.40
CA SER A 104 0.54 26.59 -9.56
C SER A 104 0.52 25.07 -9.71
N ASP A 105 1.58 24.52 -10.31
CA ASP A 105 1.66 23.08 -10.51
C ASP A 105 3.03 22.69 -11.08
N PHE A 106 4.07 22.91 -10.28
CA PHE A 106 5.43 22.59 -10.71
C PHE A 106 5.79 21.17 -10.28
N MET A 107 7.04 20.79 -10.50
CA MET A 107 7.50 19.45 -10.14
C MET A 107 9.03 19.40 -10.10
N VAL A 108 9.58 18.19 -10.07
CA VAL A 108 11.04 18.02 -10.03
C VAL A 108 11.61 18.58 -8.73
N ARG A 109 10.72 19.00 -7.84
CA ARG A 109 11.15 19.56 -6.55
C ARG A 109 10.87 18.56 -5.43
N PHE A 110 11.93 17.90 -4.95
CA PHE A 110 11.80 16.93 -3.88
C PHE A 110 12.78 17.26 -2.75
N PRO A 111 12.48 16.82 -1.54
CA PRO A 111 13.36 17.08 -0.37
C PRO A 111 14.78 16.56 -0.59
N GLU A 112 15.76 17.40 -0.28
CA GLU A 112 17.16 17.02 -0.46
C GLU A 112 17.64 16.16 0.71
N TRP A 113 16.74 15.83 1.62
CA TRP A 113 17.09 15.02 2.78
C TRP A 113 16.69 13.56 2.54
N LEU A 114 16.02 13.31 1.42
CA LEU A 114 15.59 11.95 1.08
C LEU A 114 16.34 11.47 -0.16
N PRO A 115 17.55 10.97 0.01
CA PRO A 115 18.37 10.49 -1.13
C PRO A 115 17.74 9.27 -1.80
N LEU A 116 16.49 8.99 -1.46
CA LEU A 116 15.77 7.86 -2.04
C LEU A 116 15.25 8.23 -3.42
N ASP A 117 14.99 9.52 -3.61
CA ASP A 117 14.49 10.01 -4.89
C ASP A 117 15.65 10.58 -5.70
N LYS A 118 16.55 11.29 -5.03
CA LYS A 118 17.69 11.89 -5.70
C LYS A 118 18.67 10.80 -6.15
N TRP A 119 18.94 9.84 -5.27
CA TRP A 119 19.86 8.76 -5.62
C TRP A 119 19.17 7.75 -6.52
N VAL A 120 17.85 7.86 -6.64
CA VAL A 120 17.08 6.94 -7.48
C VAL A 120 15.95 7.68 -8.21
N PRO A 121 16.30 8.49 -9.16
CA PRO A 121 15.30 9.27 -9.96
C PRO A 121 14.61 8.41 -11.01
N GLN A 122 15.21 7.25 -11.29
CA GLN A 122 14.67 6.33 -12.28
C GLN A 122 13.20 6.03 -12.00
N VAL A 123 12.84 6.02 -10.72
CA VAL A 123 11.47 5.74 -10.31
C VAL A 123 10.99 6.76 -9.28
N PHE A 124 11.22 8.04 -9.57
CA PHE A 124 10.81 9.10 -8.66
C PHE A 124 10.54 10.39 -9.44
N VAL A 125 11.40 10.66 -10.43
CA VAL A 125 11.23 11.87 -11.24
C VAL A 125 9.95 11.78 -12.06
N ALA A 126 9.14 12.85 -11.98
CA ALA A 126 7.87 12.89 -12.72
C ALA A 126 8.06 13.60 -14.06
N SER A 127 7.18 13.29 -15.01
CA SER A 127 7.26 13.90 -16.33
C SER A 127 5.90 13.82 -17.04
N GLY A 128 5.17 14.93 -17.06
CA GLY A 128 3.87 14.97 -17.72
C GLY A 128 2.84 15.70 -16.84
N ASP A 129 1.60 15.75 -17.32
CA ASP A 129 0.54 16.41 -16.57
C ASP A 129 -0.08 15.45 -15.56
N CYS A 130 -0.57 16.00 -14.45
CA CYS A 130 -1.19 15.18 -13.41
C CYS A 130 -2.71 15.27 -13.48
N ALA A 131 -3.34 14.10 -13.54
CA ALA A 131 -4.80 14.00 -13.60
C ALA A 131 -5.27 13.77 -15.03
N GLU A 132 -4.35 13.85 -15.99
CA GLU A 132 -4.70 13.64 -17.39
C GLU A 132 -5.07 12.17 -17.60
N ARG A 133 -6.23 11.95 -18.21
CA ARG A 133 -6.69 10.59 -18.48
C ARG A 133 -5.82 9.93 -19.54
N GLN A 134 -5.46 8.67 -19.30
CA GLN A 134 -4.62 7.93 -20.24
C GLN A 134 -5.23 6.57 -20.55
N TRP A 135 -5.97 6.02 -19.58
CA TRP A 135 -6.59 4.71 -19.78
C TRP A 135 -7.48 4.36 -18.60
N ASP A 136 -8.59 3.67 -18.87
CA ASP A 136 -9.53 3.31 -17.81
C ASP A 136 -10.17 1.94 -18.04
N PHE A 137 -10.68 1.36 -16.96
CA PHE A 137 -11.35 0.07 -17.02
C PHE A 137 -12.82 0.26 -16.66
N LEU A 138 -13.72 -0.40 -17.38
CA LEU A 138 -15.15 -0.27 -17.10
C LEU A 138 -15.53 1.21 -17.03
N GLY A 139 -14.66 2.08 -17.54
CA GLY A 139 -14.93 3.51 -17.53
C GLY A 139 -14.38 4.17 -16.26
N LEU A 140 -13.38 3.54 -15.64
CA LEU A 140 -12.78 4.09 -14.42
C LEU A 140 -11.27 4.22 -14.62
N GLU A 141 -10.72 5.35 -14.17
CA GLU A 141 -9.28 5.60 -14.31
C GLU A 141 -8.50 4.68 -13.37
N MET A 142 -7.31 4.27 -13.81
CA MET A 142 -6.49 3.39 -13.00
C MET A 142 -6.46 3.88 -11.55
N PRO A 143 -5.96 5.06 -11.30
CA PRO A 143 -5.89 5.65 -9.94
C PRO A 143 -7.09 5.25 -9.07
N GLN A 144 -8.27 5.16 -9.68
CA GLN A 144 -9.47 4.78 -8.94
C GLN A 144 -9.41 3.29 -8.61
N TRP A 145 -9.18 2.47 -9.63
CA TRP A 145 -9.10 1.04 -9.43
C TRP A 145 -7.98 0.71 -8.44
N LEU A 146 -6.76 1.15 -8.76
CA LEU A 146 -5.62 0.91 -7.89
C LEU A 146 -6.01 1.20 -6.45
N LEU A 147 -6.86 2.21 -6.26
CA LEU A 147 -7.32 2.57 -4.91
C LEU A 147 -8.10 1.40 -4.34
N GLY A 148 -8.81 0.70 -5.23
CA GLY A 148 -9.59 -0.46 -4.82
C GLY A 148 -8.69 -1.53 -4.21
N ILE A 149 -7.58 -1.81 -4.90
CA ILE A 149 -6.63 -2.80 -4.42
C ILE A 149 -5.83 -2.24 -3.25
N PHE A 150 -5.71 -0.92 -3.21
CA PHE A 150 -4.97 -0.26 -2.14
C PHE A 150 -5.64 -0.48 -0.80
N ILE A 151 -6.96 -0.33 -0.77
CA ILE A 151 -7.71 -0.52 0.48
C ILE A 151 -7.70 -1.97 0.89
N ALA A 152 -7.79 -2.87 -0.07
CA ALA A 152 -7.78 -4.30 0.23
C ALA A 152 -6.57 -4.65 1.07
N TYR A 153 -5.41 -4.17 0.66
CA TYR A 153 -4.17 -4.44 1.40
C TYR A 153 -4.25 -3.90 2.83
N LEU A 154 -4.77 -2.69 2.96
CA LEU A 154 -4.89 -2.06 4.27
C LEU A 154 -5.89 -2.81 5.16
N ILE A 155 -6.88 -3.41 4.52
CA ILE A 155 -7.90 -4.16 5.26
C ILE A 155 -7.38 -5.53 5.65
N VAL A 156 -6.53 -6.11 4.80
CA VAL A 156 -5.96 -7.42 5.07
C VAL A 156 -5.07 -7.37 6.31
N ALA A 157 -4.43 -6.23 6.53
CA ALA A 157 -3.55 -6.06 7.68
C ALA A 157 -4.36 -5.84 8.97
N VAL A 158 -5.32 -4.94 8.89
CA VAL A 158 -6.15 -4.62 10.05
C VAL A 158 -6.81 -5.88 10.62
N LEU A 159 -7.31 -6.73 9.73
CA LEU A 159 -7.97 -7.97 10.16
C LEU A 159 -6.94 -9.01 10.61
N VAL A 160 -5.75 -8.94 10.04
CA VAL A 160 -4.69 -9.90 10.38
C VAL A 160 -4.04 -9.53 11.72
N VAL A 161 -4.19 -8.27 12.11
CA VAL A 161 -3.62 -7.82 13.38
C VAL A 161 -4.54 -8.18 14.54
N ILE A 162 -5.82 -7.83 14.39
CA ILE A 162 -6.80 -8.12 15.43
C ILE A 162 -7.03 -9.62 15.57
N SER A 163 -6.79 -10.35 14.48
CA SER A 163 -6.98 -11.80 14.49
C SER A 163 -5.89 -12.48 15.33
N GLN A 164 -4.99 -11.67 15.87
CA GLN A 164 -3.90 -12.21 16.68
C GLN A 164 -3.40 -11.13 17.66
N PRO A 165 -4.16 -10.87 18.69
CA PRO A 165 -3.80 -9.85 19.72
C PRO A 165 -2.72 -10.36 20.67
N PHE A 166 -1.57 -10.74 20.10
CA PHE A 166 -0.46 -11.24 20.90
C PHE A 166 -0.86 -12.52 21.64
N LYS A 167 0.03 -13.01 22.49
CA LYS A 167 -0.23 -14.23 23.26
C LYS A 167 0.35 -14.11 24.66
N ALA A 168 1.38 -13.29 24.81
CA ALA A 168 2.01 -13.10 26.11
C ALA A 168 2.79 -11.79 26.15
N LYS A 169 2.17 -10.76 26.73
CA LYS A 169 2.82 -9.45 26.83
C LYS A 169 2.30 -8.70 28.06
N LYS A 170 0.98 -8.77 28.28
CA LYS A 170 0.37 -8.10 29.41
C LYS A 170 0.46 -8.97 30.66
N ARG A 171 -0.56 -9.80 30.86
CA ARG A 171 -0.59 -10.69 32.03
C ARG A 171 -0.28 -9.91 33.29
N ASP A 172 -0.42 -8.59 33.23
CA ASP A 172 -0.15 -7.74 34.37
C ASP A 172 -1.28 -7.83 35.39
N LEU A 173 -2.26 -6.93 35.27
CA LEU A 173 -3.39 -6.93 36.19
C LEU A 173 -4.42 -7.98 35.79
N PHE A 174 -5.11 -7.75 34.68
CA PHE A 174 -6.12 -8.68 34.20
C PHE A 174 -5.48 -9.73 33.28
N GLY A 175 -5.18 -10.89 33.86
CA GLY A 175 -4.57 -11.98 33.10
C GLY A 175 -5.58 -13.10 32.85
N ARG A 176 -5.14 -14.12 32.13
CA ARG A 176 -6.02 -15.24 31.83
C ARG A 176 -6.31 -16.05 33.09
N GLY A 177 -7.25 -15.57 33.89
CA GLY A 177 -7.62 -16.25 35.12
C GLY A 177 -8.53 -15.37 35.98
N HIS A 178 -9.33 -16.00 36.83
CA HIS A 178 -10.24 -15.27 37.71
C HIS A 178 -10.75 -16.15 38.82
N HIS A 179 -10.24 -15.93 40.03
CA HIS A 179 -10.66 -16.72 41.19
C HIS A 179 -11.86 -16.09 41.88
N HIS A 180 -12.96 -16.83 41.94
CA HIS A 180 -14.17 -16.33 42.57
C HIS A 180 -15.21 -17.44 42.70
N HIS A 181 -16.49 -17.07 42.65
CA HIS A 181 -17.56 -18.06 42.77
C HIS A 181 -17.53 -18.71 44.15
N HIS A 182 -18.71 -18.87 44.74
CA HIS A 182 -18.82 -19.50 46.06
C HIS A 182 -18.76 -21.02 45.94
N HIS A 183 -18.94 -21.69 47.07
CA HIS A 183 -18.92 -23.15 47.08
C HIS A 183 -19.56 -23.69 48.35
C1 UQ2 B . 3.03 4.53 -14.06
C2 UQ2 B . 2.84 4.96 -15.45
C3 UQ2 B . 1.60 5.20 -15.93
C4 UQ2 B . 0.43 5.02 -15.05
C5 UQ2 B . 0.62 4.59 -13.65
C6 UQ2 B . 1.86 4.36 -13.18
CM2 UQ2 B . 4.43 3.80 -16.56
CM3 UQ2 B . 1.84 6.96 -17.31
CM5 UQ2 B . -0.59 4.42 -12.75
C7 UQ2 B . 2.05 3.92 -11.75
C8 UQ2 B . 1.84 2.43 -11.65
C9 UQ2 B . 1.32 1.90 -10.57
C10 UQ2 B . 0.92 2.76 -9.40
C11 UQ2 B . 1.12 0.40 -10.51
C12 UQ2 B . 0.19 -0.07 -11.64
C13 UQ2 B . -1.14 -0.45 -11.06
C14 UQ2 B . -2.17 -0.67 -11.87
C15 UQ2 B . -3.50 -1.05 -11.29
C16 UQ2 B . -2.00 -0.55 -13.35
O1 UQ2 B . 4.15 4.31 -13.64
O2 UQ2 B . 3.92 5.11 -16.27
O3 UQ2 B . 1.44 5.59 -17.22
O4 UQ2 B . -0.68 5.23 -15.48
H2M1 UQ2 B . 3.68 3.22 -17.08
H2M2 UQ2 B . 4.70 3.31 -15.63
H2M3 UQ2 B . 5.31 3.89 -17.18
H3M1 UQ2 B . 1.30 7.56 -16.59
H3M2 UQ2 B . 1.65 7.34 -18.30
H3M3 UQ2 B . 2.90 7.04 -17.09
H5M1 UQ2 B . -0.49 3.49 -12.21
H5M2 UQ2 B . -1.48 4.40 -13.35
H5M3 UQ2 B . -0.63 5.24 -12.06
H71 UQ2 B . 1.35 4.43 -11.11
H72 UQ2 B . 3.06 4.16 -11.44
H8 UQ2 B . 2.13 1.80 -12.48
H101 UQ2 B . 0.77 2.15 -8.53
H102 UQ2 B . 0.00 3.28 -9.64
H103 UQ2 B . 1.70 3.49 -9.21
H111 UQ2 B . 0.68 0.13 -9.56
H112 UQ2 B . 2.07 -0.10 -10.60
H121 UQ2 B . 0.63 -0.93 -12.13
H122 UQ2 B . 0.06 0.73 -12.36
H13 UQ2 B . -1.27 -0.54 -10.00
H151 UQ2 B . -4.08 -1.58 -12.02
H152 UQ2 B . -4.04 -0.15 -10.99
H153 UQ2 B . -3.35 -1.68 -10.43
H161 UQ2 B . -2.97 -0.57 -13.83
H162 UQ2 B . -1.40 -1.37 -13.72
H163 UQ2 B . -1.51 0.39 -13.59
N MET A 1 -14.73 -19.92 9.30
CA MET A 1 -13.38 -20.41 8.87
C MET A 1 -12.33 -19.35 9.20
N LEU A 2 -12.75 -18.29 9.89
CA LEU A 2 -11.82 -17.23 10.26
C LEU A 2 -10.56 -17.84 10.87
N ARG A 3 -10.74 -18.93 11.61
CA ARG A 3 -9.61 -19.60 12.24
C ARG A 3 -8.58 -20.00 11.19
N PHE A 4 -9.06 -20.30 9.98
CA PHE A 4 -8.17 -20.69 8.91
C PHE A 4 -7.41 -19.48 8.38
N LEU A 5 -8.12 -18.38 8.18
CA LEU A 5 -7.50 -17.16 7.69
C LEU A 5 -6.22 -16.87 8.46
N ASN A 6 -6.27 -17.11 9.77
CA ASN A 6 -5.11 -16.88 10.63
C ASN A 6 -4.01 -17.89 10.32
N GLN A 7 -4.41 -19.06 9.84
CA GLN A 7 -3.46 -20.11 9.51
C GLN A 7 -2.83 -19.85 8.14
N ALA A 8 -3.67 -19.59 7.15
CA ALA A 8 -3.19 -19.33 5.79
C ALA A 8 -2.29 -18.10 5.78
N SER A 9 -2.59 -17.14 6.64
CA SER A 9 -1.80 -15.91 6.71
C SER A 9 -0.47 -16.16 7.42
N GLN A 10 -0.49 -17.03 8.42
CA GLN A 10 0.71 -17.34 9.17
C GLN A 10 1.67 -18.19 8.33
N GLY A 11 1.32 -18.37 7.06
CA GLY A 11 2.15 -19.14 6.14
C GLY A 11 3.00 -18.19 5.30
N ARG A 12 4.24 -18.59 5.04
CA ARG A 12 5.15 -17.78 4.25
C ARG A 12 4.69 -17.71 2.79
N GLY A 13 3.88 -18.69 2.39
CA GLY A 13 3.39 -18.73 1.02
C GLY A 13 2.41 -17.59 0.76
N ALA A 14 1.48 -17.40 1.71
CA ALA A 14 0.49 -16.34 1.57
C ALA A 14 1.18 -14.98 1.50
N TRP A 15 2.09 -14.72 2.43
CA TRP A 15 2.81 -13.46 2.45
C TRP A 15 3.56 -13.25 1.13
N LEU A 16 4.19 -14.31 0.65
CA LEU A 16 4.94 -14.24 -0.61
C LEU A 16 3.99 -14.01 -1.78
N LEU A 17 2.78 -14.57 -1.67
CA LEU A 17 1.78 -14.42 -2.71
C LEU A 17 1.31 -12.97 -2.81
N MET A 18 1.33 -12.27 -1.68
CA MET A 18 0.91 -10.88 -1.66
C MET A 18 1.96 -9.99 -2.31
N ALA A 19 3.22 -10.37 -2.17
CA ALA A 19 4.32 -9.60 -2.74
C ALA A 19 4.22 -9.58 -4.27
N PHE A 20 4.06 -10.76 -4.87
CA PHE A 20 3.96 -10.87 -6.32
C PHE A 20 2.73 -10.12 -6.83
N THR A 21 1.58 -10.42 -6.24
CA THR A 21 0.34 -9.76 -6.65
C THR A 21 0.57 -8.27 -6.88
N ALA A 22 1.19 -7.61 -5.91
CA ALA A 22 1.47 -6.19 -6.01
C ALA A 22 2.33 -5.90 -7.24
N LEU A 23 3.32 -6.77 -7.49
CA LEU A 23 4.21 -6.59 -8.63
C LEU A 23 3.45 -6.83 -9.94
N ALA A 24 2.57 -7.82 -9.93
CA ALA A 24 1.78 -8.13 -11.12
C ALA A 24 1.11 -6.88 -11.66
N LEU A 25 0.59 -6.06 -10.75
CA LEU A 25 -0.08 -4.82 -11.16
C LEU A 25 0.94 -3.78 -11.59
N GLU A 26 2.11 -3.80 -10.94
CA GLU A 26 3.17 -2.84 -11.27
C GLU A 26 3.72 -3.09 -12.68
N LEU A 27 3.98 -4.34 -12.99
CA LEU A 27 4.50 -4.70 -14.31
C LEU A 27 3.44 -4.55 -15.39
N THR A 28 2.25 -5.06 -15.12
CA THR A 28 1.15 -4.99 -16.07
C THR A 28 1.02 -3.58 -16.63
N ALA A 29 1.12 -2.58 -15.77
CA ALA A 29 1.01 -1.20 -16.20
C ALA A 29 2.34 -0.70 -16.78
N LEU A 30 3.43 -1.37 -16.41
CA LEU A 30 4.75 -0.99 -16.88
C LEU A 30 4.91 -1.28 -18.37
N TRP A 31 4.08 -2.17 -18.90
CA TRP A 31 4.16 -2.52 -20.32
C TRP A 31 3.11 -1.75 -21.13
N PHE A 32 2.00 -1.43 -20.49
CA PHE A 32 0.92 -0.72 -21.16
C PHE A 32 1.30 0.73 -21.47
N GLN A 33 1.98 1.37 -20.53
CA GLN A 33 2.38 2.77 -20.73
C GLN A 33 3.60 2.86 -21.64
N HIS A 34 4.64 2.12 -21.32
CA HIS A 34 5.87 2.13 -22.11
C HIS A 34 5.55 1.82 -23.57
N VAL A 35 4.87 0.70 -23.80
CA VAL A 35 4.50 0.31 -25.16
C VAL A 35 3.62 1.36 -25.82
N MET A 36 3.03 2.23 -24.99
CA MET A 36 2.15 3.28 -25.49
C MET A 36 2.84 4.63 -25.40
N LEU A 37 4.14 4.62 -25.11
CA LEU A 37 4.90 5.86 -25.02
C LEU A 37 4.24 6.86 -24.09
N LEU A 38 3.97 6.42 -22.86
CA LEU A 38 3.35 7.30 -21.87
C LEU A 38 4.36 7.72 -20.82
N LYS A 39 4.08 8.85 -20.15
CA LYS A 39 4.98 9.36 -19.11
C LYS A 39 4.21 9.57 -17.80
N PRO A 40 4.83 9.26 -16.68
CA PRO A 40 4.18 9.43 -15.34
C PRO A 40 4.10 10.90 -14.92
N CYS A 41 3.46 11.14 -13.77
CA CYS A 41 3.33 12.50 -13.24
C CYS A 41 3.71 12.52 -11.76
N VAL A 42 3.63 13.70 -11.16
CA VAL A 42 3.96 13.84 -9.75
C VAL A 42 3.14 12.88 -8.89
N LEU A 43 1.82 12.87 -9.12
CA LEU A 43 0.93 12.00 -8.36
C LEU A 43 1.27 10.52 -8.59
N SER A 44 1.63 10.20 -9.83
CA SER A 44 1.97 8.84 -10.19
C SER A 44 3.07 8.31 -9.27
N ILE A 45 4.05 9.15 -8.97
CA ILE A 45 5.15 8.74 -8.11
C ILE A 45 4.64 8.53 -6.68
N TYR A 46 3.71 9.37 -6.26
CA TYR A 46 3.14 9.26 -4.92
C TYR A 46 2.46 7.91 -4.75
N GLU A 47 1.63 7.54 -5.73
CA GLU A 47 0.93 6.27 -5.67
C GLU A 47 1.92 5.11 -5.72
N ARG A 48 2.95 5.24 -6.55
CA ARG A 48 3.95 4.18 -6.67
C ARG A 48 4.72 4.04 -5.37
N ALA A 49 4.96 5.15 -4.69
CA ALA A 49 5.69 5.14 -3.43
C ALA A 49 4.88 4.44 -2.35
N ALA A 50 3.58 4.68 -2.34
CA ALA A 50 2.69 4.07 -1.35
C ALA A 50 2.78 2.55 -1.44
N LEU A 51 2.66 2.02 -2.65
CA LEU A 51 2.73 0.58 -2.85
C LEU A 51 4.17 0.10 -2.76
N PHE A 52 5.06 0.73 -3.52
CA PHE A 52 6.46 0.36 -3.49
C PHE A 52 6.92 0.21 -2.05
N GLY A 53 6.50 1.14 -1.20
CA GLY A 53 6.86 1.11 0.21
C GLY A 53 6.25 -0.11 0.89
N VAL A 54 4.97 -0.36 0.61
CA VAL A 54 4.30 -1.51 1.21
C VAL A 54 5.01 -2.78 0.80
N LEU A 55 5.32 -2.88 -0.49
CA LEU A 55 6.04 -4.04 -1.01
C LEU A 55 7.20 -4.38 -0.08
N GLY A 56 7.96 -3.36 0.30
CA GLY A 56 9.10 -3.55 1.20
C GLY A 56 8.62 -4.05 2.55
N ALA A 57 7.38 -3.69 2.89
CA ALA A 57 6.80 -4.09 4.17
C ALA A 57 6.46 -5.58 4.15
N ALA A 58 5.89 -6.04 3.04
CA ALA A 58 5.52 -7.44 2.92
C ALA A 58 6.76 -8.32 2.79
N LEU A 59 7.86 -7.71 2.38
CA LEU A 59 9.12 -8.44 2.22
C LEU A 59 9.81 -8.61 3.57
N ILE A 60 9.82 -7.53 4.36
CA ILE A 60 10.46 -7.57 5.67
C ILE A 60 9.57 -8.31 6.67
N GLY A 61 8.26 -8.19 6.49
CA GLY A 61 7.30 -8.86 7.38
C GLY A 61 7.28 -10.36 7.12
N ALA A 62 7.52 -10.75 5.88
CA ALA A 62 7.51 -12.17 5.52
C ALA A 62 8.71 -12.89 6.13
N ILE A 63 9.46 -12.17 6.98
CA ILE A 63 10.62 -12.76 7.62
C ILE A 63 10.22 -13.56 8.85
N ALA A 64 9.13 -13.14 9.50
CA ALA A 64 8.65 -13.82 10.69
C ALA A 64 7.44 -13.10 11.27
N PRO A 65 6.33 -13.15 10.59
CA PRO A 65 5.07 -12.49 11.05
C PRO A 65 4.35 -13.32 12.11
N LYS A 66 5.11 -14.17 12.79
CA LYS A 66 4.56 -15.03 13.83
C LYS A 66 4.89 -14.47 15.21
N THR A 67 5.75 -13.46 15.23
CA THR A 67 6.15 -12.82 16.48
C THR A 67 5.61 -11.39 16.52
N PRO A 68 5.79 -10.69 17.61
CA PRO A 68 5.30 -9.29 17.74
C PRO A 68 5.62 -8.45 16.50
N LEU A 69 6.43 -9.01 15.61
CA LEU A 69 6.80 -8.31 14.39
C LEU A 69 5.56 -7.72 13.71
N ARG A 70 4.43 -8.41 13.88
CA ARG A 70 3.18 -7.95 13.29
C ARG A 70 3.05 -6.42 13.41
N TYR A 71 2.89 -5.90 14.62
CA TYR A 71 2.76 -4.46 14.78
C TYR A 71 3.98 -3.74 14.22
N VAL A 72 5.12 -4.41 14.16
CA VAL A 72 6.34 -3.78 13.65
C VAL A 72 6.25 -3.57 12.14
N ALA A 73 5.80 -4.58 11.41
CA ALA A 73 5.66 -4.44 9.96
C ALA A 73 4.47 -3.53 9.64
N MET A 74 3.43 -3.67 10.45
CA MET A 74 2.22 -2.87 10.28
C MET A 74 2.57 -1.38 10.32
N VAL A 75 3.79 -1.08 10.76
CA VAL A 75 4.25 0.30 10.85
C VAL A 75 4.11 0.99 9.51
N ILE A 76 4.53 0.29 8.46
CA ILE A 76 4.45 0.82 7.11
C ILE A 76 3.09 0.53 6.48
N TRP A 77 2.49 -0.59 6.87
CA TRP A 77 1.17 -0.95 6.34
C TRP A 77 0.14 0.10 6.74
N LEU A 78 0.03 0.34 8.05
CA LEU A 78 -0.93 1.31 8.56
C LEU A 78 -0.58 2.72 8.11
N TYR A 79 0.69 3.11 8.27
CA TYR A 79 1.12 4.45 7.87
C TYR A 79 0.51 4.80 6.52
N SER A 80 0.59 3.87 5.58
CA SER A 80 0.04 4.08 4.24
C SER A 80 -1.46 3.90 4.23
N ALA A 81 -2.00 3.19 5.22
CA ALA A 81 -3.43 2.96 5.27
C ALA A 81 -4.20 4.28 5.34
N PHE A 82 -3.94 5.05 6.40
CA PHE A 82 -4.62 6.33 6.57
C PHE A 82 -4.09 7.37 5.59
N ARG A 83 -2.77 7.54 5.54
CA ARG A 83 -2.17 8.53 4.66
C ARG A 83 -2.34 8.16 3.18
N GLY A 84 -2.03 6.92 2.82
CA GLY A 84 -2.18 6.50 1.43
C GLY A 84 -3.59 6.76 0.93
N VAL A 85 -4.58 6.33 1.71
CA VAL A 85 -5.97 6.52 1.33
C VAL A 85 -6.35 7.99 1.38
N GLN A 86 -5.99 8.66 2.47
CA GLN A 86 -6.30 10.08 2.63
C GLN A 86 -5.74 10.87 1.45
N LEU A 87 -4.73 10.31 0.80
CA LEU A 87 -4.12 10.97 -0.35
C LEU A 87 -4.90 10.64 -1.62
N THR A 88 -5.28 9.37 -1.77
CA THR A 88 -6.02 8.96 -2.94
C THR A 88 -7.23 9.88 -3.15
N TYR A 89 -7.71 10.47 -2.06
CA TYR A 89 -8.85 11.37 -2.14
C TYR A 89 -8.46 12.65 -2.87
N GLU A 90 -7.32 13.22 -2.49
CA GLU A 90 -6.84 14.45 -3.13
C GLU A 90 -6.74 14.26 -4.64
N HIS A 91 -6.47 13.04 -5.06
CA HIS A 91 -6.35 12.73 -6.48
C HIS A 91 -7.72 12.80 -7.14
N THR A 92 -8.70 12.12 -6.54
CA THR A 92 -10.05 12.11 -7.09
C THR A 92 -10.56 13.55 -7.26
N MET A 93 -10.55 14.31 -6.17
CA MET A 93 -11.00 15.69 -6.22
C MET A 93 -10.35 16.41 -7.40
N LEU A 94 -9.03 16.29 -7.50
CA LEU A 94 -8.29 16.94 -8.58
C LEU A 94 -8.97 16.67 -9.92
N GLN A 95 -9.52 15.47 -10.08
CA GLN A 95 -10.22 15.11 -11.31
C GLN A 95 -11.49 15.94 -11.44
N LEU A 96 -12.08 16.28 -10.30
CA LEU A 96 -13.30 17.08 -10.29
C LEU A 96 -12.99 18.53 -9.91
N TYR A 97 -11.72 18.78 -9.59
CA TYR A 97 -11.29 20.12 -9.21
C TYR A 97 -10.04 20.53 -10.00
N PRO A 98 -10.20 21.13 -11.15
CA PRO A 98 -9.07 21.55 -12.01
C PRO A 98 -8.44 22.87 -11.54
N SER A 99 -7.21 22.79 -11.07
CA SER A 99 -6.51 23.98 -10.59
C SER A 99 -5.02 23.67 -10.38
N PRO A 100 -4.35 23.26 -11.41
CA PRO A 100 -2.89 22.91 -11.34
C PRO A 100 -2.01 24.16 -11.24
N PHE A 101 -2.57 25.23 -10.69
CA PHE A 101 -1.82 26.47 -10.53
C PHE A 101 -1.40 26.67 -9.07
N ALA A 102 -0.14 27.05 -8.88
CA ALA A 102 0.38 27.26 -7.52
C ALA A 102 1.51 28.29 -7.55
N THR A 103 1.95 28.69 -6.35
CA THR A 103 3.04 29.67 -6.25
C THR A 103 4.30 29.15 -6.91
N SER A 104 4.28 27.87 -7.31
CA SER A 104 5.43 27.27 -7.95
C SER A 104 5.05 25.93 -8.57
N ASP A 105 5.31 25.79 -9.87
CA ASP A 105 4.99 24.57 -10.58
C ASP A 105 5.97 23.46 -10.20
N PHE A 106 5.64 22.72 -9.14
CA PHE A 106 6.51 21.64 -8.68
C PHE A 106 6.93 20.77 -9.86
N MET A 107 8.24 20.72 -10.12
CA MET A 107 8.76 19.92 -11.21
C MET A 107 10.25 19.64 -11.03
N VAL A 108 10.63 18.38 -11.13
CA VAL A 108 12.03 17.99 -10.98
C VAL A 108 12.58 18.50 -9.65
N ARG A 109 11.72 19.12 -8.85
CA ARG A 109 12.13 19.64 -7.55
C ARG A 109 11.60 18.76 -6.43
N PHE A 110 12.45 17.88 -5.91
CA PHE A 110 12.05 16.97 -4.83
C PHE A 110 12.97 17.13 -3.62
N PRO A 111 12.53 16.72 -2.47
CA PRO A 111 13.34 16.82 -1.22
C PRO A 111 14.81 16.47 -1.45
N GLU A 112 15.69 17.17 -0.74
CA GLU A 112 17.13 16.93 -0.87
C GLU A 112 17.65 16.13 0.32
N TRP A 113 16.85 16.04 1.37
CA TRP A 113 17.24 15.31 2.56
C TRP A 113 16.91 13.82 2.41
N LEU A 114 16.25 13.48 1.30
CA LEU A 114 15.88 12.10 1.02
C LEU A 114 16.52 11.62 -0.28
N PRO A 115 17.77 11.22 -0.22
CA PRO A 115 18.51 10.73 -1.42
C PRO A 115 17.74 9.64 -2.15
N LEU A 116 16.60 9.25 -1.62
CA LEU A 116 15.79 8.21 -2.24
C LEU A 116 15.39 8.61 -3.65
N ASP A 117 15.21 9.91 -3.85
CA ASP A 117 14.83 10.45 -5.15
C ASP A 117 16.06 10.93 -5.92
N LYS A 118 16.98 11.58 -5.22
CA LYS A 118 18.19 12.09 -5.85
C LYS A 118 19.13 10.95 -6.20
N TRP A 119 19.32 10.02 -5.27
CA TRP A 119 20.20 8.88 -5.49
C TRP A 119 19.55 7.89 -6.45
N VAL A 120 18.23 8.01 -6.61
CA VAL A 120 17.50 7.12 -7.51
C VAL A 120 16.41 7.88 -8.27
N PRO A 121 16.81 8.69 -9.22
CA PRO A 121 15.85 9.49 -10.04
C PRO A 121 15.23 8.65 -11.16
N GLN A 122 15.85 7.51 -11.43
CA GLN A 122 15.36 6.62 -12.48
C GLN A 122 13.88 6.34 -12.31
N VAL A 123 13.47 5.98 -11.11
CA VAL A 123 12.08 5.69 -10.81
C VAL A 123 11.51 6.68 -9.80
N PHE A 124 11.66 7.97 -10.10
CA PHE A 124 11.17 9.01 -9.20
C PHE A 124 10.88 10.29 -9.99
N VAL A 125 11.74 10.60 -10.94
CA VAL A 125 11.57 11.81 -11.75
C VAL A 125 10.19 11.81 -12.42
N ALA A 126 9.49 12.92 -12.28
CA ALA A 126 8.16 13.05 -12.87
C ALA A 126 8.23 13.78 -14.22
N SER A 127 7.31 13.46 -15.12
CA SER A 127 7.28 14.08 -16.44
C SER A 127 5.90 13.94 -17.07
N GLY A 128 5.13 15.03 -17.05
CA GLY A 128 3.79 15.03 -17.62
C GLY A 128 2.81 15.76 -16.72
N ASP A 129 1.54 15.77 -17.10
CA ASP A 129 0.51 16.43 -16.32
C ASP A 129 -0.04 15.48 -15.26
N CYS A 130 -0.60 16.05 -14.20
CA CYS A 130 -1.17 15.24 -13.12
C CYS A 130 -2.70 15.27 -13.16
N ALA A 131 -3.29 14.08 -13.13
CA ALA A 131 -4.75 13.94 -13.14
C ALA A 131 -5.28 13.75 -14.56
N GLU A 132 -4.41 13.89 -15.55
CA GLU A 132 -4.83 13.70 -16.93
C GLU A 132 -5.17 12.24 -17.18
N ARG A 133 -6.35 12.00 -17.75
CA ARG A 133 -6.79 10.64 -18.03
C ARG A 133 -5.83 9.98 -19.02
N GLN A 134 -5.16 8.92 -18.58
CA GLN A 134 -4.20 8.20 -19.42
C GLN A 134 -4.75 6.84 -19.81
N TRP A 135 -5.56 6.25 -18.93
CA TRP A 135 -6.14 4.93 -19.20
C TRP A 135 -7.14 4.55 -18.13
N ASP A 136 -8.22 3.87 -18.52
CA ASP A 136 -9.24 3.49 -17.56
C ASP A 136 -9.84 2.12 -17.87
N PHE A 137 -10.38 1.49 -16.83
CA PHE A 137 -11.02 0.18 -16.96
C PHE A 137 -12.52 0.35 -16.72
N LEU A 138 -13.33 -0.34 -17.52
CA LEU A 138 -14.78 -0.24 -17.37
C LEU A 138 -15.22 1.22 -17.30
N GLY A 139 -14.34 2.12 -17.73
CA GLY A 139 -14.64 3.55 -17.72
C GLY A 139 -14.21 4.23 -16.42
N LEU A 140 -13.25 3.63 -15.71
CA LEU A 140 -12.76 4.19 -14.46
C LEU A 140 -11.24 4.32 -14.51
N GLU A 141 -10.73 5.45 -14.01
CA GLU A 141 -9.29 5.70 -14.02
C GLU A 141 -8.56 4.74 -13.09
N MET A 142 -7.32 4.42 -13.44
CA MET A 142 -6.52 3.51 -12.63
C MET A 142 -6.57 3.92 -11.15
N PRO A 143 -6.28 5.16 -10.85
CA PRO A 143 -6.29 5.66 -9.45
C PRO A 143 -7.52 5.18 -8.68
N GLN A 144 -8.64 5.05 -9.38
CA GLN A 144 -9.87 4.58 -8.75
C GLN A 144 -9.75 3.10 -8.42
N TRP A 145 -9.41 2.30 -9.42
CA TRP A 145 -9.27 0.87 -9.21
C TRP A 145 -8.23 0.59 -8.14
N LEU A 146 -7.00 1.06 -8.37
CA LEU A 146 -5.93 0.86 -7.40
C LEU A 146 -6.44 1.13 -5.98
N LEU A 147 -7.32 2.12 -5.84
CA LEU A 147 -7.90 2.44 -4.54
C LEU A 147 -8.67 1.22 -4.03
N GLY A 148 -9.27 0.51 -4.98
CA GLY A 148 -10.03 -0.69 -4.65
C GLY A 148 -9.12 -1.73 -4.01
N ILE A 149 -7.97 -1.96 -4.64
CA ILE A 149 -7.01 -2.93 -4.12
C ILE A 149 -6.33 -2.38 -2.87
N PHE A 150 -6.28 -1.06 -2.78
CA PHE A 150 -5.65 -0.41 -1.63
C PHE A 150 -6.41 -0.71 -0.35
N ILE A 151 -7.74 -0.65 -0.42
CA ILE A 151 -8.57 -0.92 0.75
C ILE A 151 -8.47 -2.39 1.14
N ALA A 152 -8.39 -3.26 0.15
CA ALA A 152 -8.29 -4.69 0.41
C ALA A 152 -7.04 -4.97 1.25
N TYR A 153 -5.90 -4.44 0.80
CA TYR A 153 -4.65 -4.63 1.52
C TYR A 153 -4.74 -4.12 2.96
N LEU A 154 -5.51 -3.05 3.13
CA LEU A 154 -5.69 -2.46 4.46
C LEU A 154 -6.39 -3.42 5.40
N ILE A 155 -7.24 -4.27 4.83
CA ILE A 155 -7.99 -5.24 5.62
C ILE A 155 -7.17 -6.48 5.92
N VAL A 156 -6.32 -6.86 4.98
CA VAL A 156 -5.49 -8.04 5.17
C VAL A 156 -4.57 -7.88 6.38
N ALA A 157 -4.04 -6.68 6.55
CA ALA A 157 -3.15 -6.42 7.67
C ALA A 157 -3.94 -6.25 8.97
N VAL A 158 -4.96 -5.40 8.93
CA VAL A 158 -5.77 -5.15 10.11
C VAL A 158 -6.30 -6.46 10.69
N LEU A 159 -6.90 -7.29 9.85
CA LEU A 159 -7.46 -8.56 10.29
C LEU A 159 -6.35 -9.51 10.75
N VAL A 160 -5.18 -9.39 10.14
CA VAL A 160 -4.05 -10.25 10.49
C VAL A 160 -3.50 -9.90 11.88
N VAL A 161 -3.63 -8.64 12.27
CA VAL A 161 -3.15 -8.21 13.58
C VAL A 161 -4.14 -8.61 14.67
N ILE A 162 -5.41 -8.30 14.45
CA ILE A 162 -6.45 -8.63 15.41
C ILE A 162 -6.66 -10.14 15.47
N SER A 163 -6.07 -10.86 14.51
CA SER A 163 -6.20 -12.31 14.47
C SER A 163 -5.51 -12.94 15.66
N GLN A 164 -4.68 -12.17 16.35
CA GLN A 164 -3.95 -12.67 17.51
C GLN A 164 -3.88 -11.60 18.60
N PRO A 165 -4.98 -11.37 19.29
CA PRO A 165 -5.05 -10.36 20.38
C PRO A 165 -3.97 -10.57 21.43
N PHE A 166 -3.24 -11.68 21.31
CA PHE A 166 -2.18 -12.00 22.26
C PHE A 166 -1.24 -13.06 21.69
N LYS A 167 -0.23 -13.43 22.45
CA LYS A 167 0.73 -14.43 22.01
C LYS A 167 1.20 -15.29 23.19
N ALA A 168 0.99 -16.60 23.09
CA ALA A 168 1.40 -17.50 24.16
C ALA A 168 2.89 -17.37 24.44
N LYS A 169 3.22 -16.68 25.52
CA LYS A 169 4.62 -16.49 25.89
C LYS A 169 5.27 -17.83 26.26
N LYS A 170 6.02 -18.39 25.31
CA LYS A 170 6.68 -19.67 25.54
C LYS A 170 7.39 -19.67 26.89
N ARG A 171 7.19 -20.73 27.66
CA ARG A 171 7.81 -20.84 28.97
C ARG A 171 9.20 -21.45 28.84
N ASP A 172 9.86 -21.18 27.73
CA ASP A 172 11.21 -21.72 27.49
C ASP A 172 12.21 -21.05 28.43
N LEU A 173 12.54 -19.79 28.14
CA LEU A 173 13.50 -19.06 28.97
C LEU A 173 14.80 -19.84 29.08
N PHE A 174 15.84 -19.17 29.55
CA PHE A 174 17.15 -19.81 29.71
C PHE A 174 17.03 -20.98 30.68
N GLY A 175 17.20 -22.20 30.17
CA GLY A 175 17.12 -23.38 31.00
C GLY A 175 16.99 -24.65 30.15
N ARG A 176 17.96 -25.55 30.30
CA ARG A 176 17.95 -26.80 29.54
C ARG A 176 17.65 -26.54 28.07
N GLY A 177 18.46 -25.68 27.45
CA GLY A 177 18.27 -25.35 26.04
C GLY A 177 19.21 -26.17 25.16
N HIS A 178 20.03 -27.00 25.79
CA HIS A 178 20.98 -27.83 25.06
C HIS A 178 21.24 -29.14 25.80
N HIS A 179 21.69 -30.15 25.08
CA HIS A 179 21.98 -31.45 25.68
C HIS A 179 23.15 -31.34 26.66
N HIS A 180 24.37 -31.36 26.12
CA HIS A 180 25.56 -31.26 26.95
C HIS A 180 26.82 -31.25 26.08
N HIS A 181 27.79 -30.43 26.47
CA HIS A 181 29.04 -30.35 25.72
C HIS A 181 29.94 -31.54 26.05
N HIS A 182 30.89 -31.32 26.95
CA HIS A 182 31.82 -32.38 27.33
C HIS A 182 31.05 -33.65 27.69
N HIS A 183 31.34 -34.73 26.98
CA HIS A 183 30.67 -36.01 27.22
C HIS A 183 31.69 -37.14 27.27
C1 UQ2 B . 3.72 3.82 -13.83
C2 UQ2 B . 3.71 4.30 -15.22
C3 UQ2 B . 2.66 5.04 -15.68
C4 UQ2 B . 1.55 5.36 -14.77
C5 UQ2 B . 1.56 4.88 -13.37
C6 UQ2 B . 2.60 4.13 -12.93
CM2 UQ2 B . 4.69 2.58 -16.31
CM3 UQ2 B . 3.81 6.31 -17.17
CM5 UQ2 B . 0.40 5.21 -12.46
C7 UQ2 B . 2.63 3.64 -11.50
C8 UQ2 B . 2.00 2.27 -11.45
C9 UQ2 B . 1.29 1.89 -10.40
C10 UQ2 B . 1.09 2.83 -9.23
C11 UQ2 B . 0.67 0.51 -10.38
C12 UQ2 B . 0.00 0.21 -11.72
C13 UQ2 B . -1.35 -0.42 -11.48
C14 UQ2 B . -2.40 0.32 -11.21
C15 UQ2 B . -3.74 -0.33 -10.96
C16 UQ2 B . -2.27 1.83 -11.12
O1 UQ2 B . 4.66 3.15 -13.43
O2 UQ2 B . 4.73 4.00 -16.06
O3 UQ2 B . 2.65 5.48 -16.97
O4 UQ2 B . 0.61 6.03 -15.17
H2M1 UQ2 B . 5.50 2.31 -16.96
H2M2 UQ2 B . 3.75 2.32 -16.77
H2M3 UQ2 B . 4.80 2.05 -15.37
H3M1 UQ2 B . 3.84 7.07 -16.41
H3M2 UQ2 B . 3.74 6.77 -18.14
H3M3 UQ2 B . 4.69 5.71 -17.12
H5M1 UQ2 B . 0.71 5.95 -11.73
H5M2 UQ2 B . 0.09 4.32 -11.94
H5M3 UQ2 B . -0.42 5.60 -13.04
H71 UQ2 B . 2.09 4.32 -10.86
H72 UQ2 B . 3.65 3.58 -11.17
H8 UQ2 B . 2.14 1.59 -12.27
H101 UQ2 B . 0.75 2.26 -8.38
H102 UQ2 B . 0.35 3.57 -9.49
H103 UQ2 B . 2.03 3.31 -8.99
H111 UQ2 B . -0.06 0.46 -9.59
H112 UQ2 B . 1.45 -0.22 -10.19
H121 UQ2 B . 0.61 -0.49 -12.29
H122 UQ2 B . -0.13 1.12 -12.29
H13 UQ2 B . -1.46 -1.50 -11.52
H151 UQ2 B . -3.70 -0.91 -10.05
H152 UQ2 B . -3.97 -0.98 -11.79
H153 UQ2 B . -4.50 0.43 -10.87
H161 UQ2 B . -3.12 2.24 -10.60
H162 UQ2 B . -2.24 2.24 -12.13
H163 UQ2 B . -1.37 2.09 -10.60
N MET A 1 -14.78 -20.04 9.48
CA MET A 1 -14.32 -19.31 8.26
C MET A 1 -13.25 -18.30 8.63
N LEU A 2 -13.43 -17.66 9.78
CA LEU A 2 -12.47 -16.67 10.26
C LEU A 2 -11.22 -17.35 10.80
N ARG A 3 -11.43 -18.37 11.63
CA ARG A 3 -10.31 -19.11 12.20
C ARG A 3 -9.31 -19.52 11.11
N PHE A 4 -9.84 -20.04 10.02
CA PHE A 4 -9.00 -20.46 8.89
C PHE A 4 -8.27 -19.27 8.31
N LEU A 5 -8.98 -18.16 8.14
CA LEU A 5 -8.38 -16.96 7.59
C LEU A 5 -7.06 -16.65 8.29
N ASN A 6 -7.04 -16.81 9.61
CA ASN A 6 -5.84 -16.55 10.39
C ASN A 6 -4.79 -17.61 10.10
N GLN A 7 -5.25 -18.76 9.63
CA GLN A 7 -4.35 -19.87 9.31
C GLN A 7 -3.69 -19.64 7.96
N ALA A 8 -4.48 -19.28 6.96
CA ALA A 8 -3.96 -19.03 5.62
C ALA A 8 -3.01 -17.83 5.63
N SER A 9 -3.34 -16.82 6.43
CA SER A 9 -2.51 -15.63 6.52
C SER A 9 -1.27 -15.89 7.36
N GLN A 10 -1.44 -16.68 8.41
CA GLN A 10 -0.33 -17.00 9.31
C GLN A 10 0.71 -17.85 8.58
N GLY A 11 0.46 -18.10 7.29
CA GLY A 11 1.38 -18.89 6.48
C GLY A 11 2.25 -17.96 5.63
N ARG A 12 3.48 -18.40 5.36
CA ARG A 12 4.40 -17.60 4.55
C ARG A 12 3.95 -17.54 3.10
N GLY A 13 3.64 -18.71 2.53
CA GLY A 13 3.20 -18.79 1.15
C GLY A 13 2.21 -17.68 0.84
N ALA A 14 1.25 -17.50 1.74
CA ALA A 14 0.24 -16.47 1.57
C ALA A 14 0.89 -15.09 1.56
N TRP A 15 1.76 -14.85 2.52
CA TRP A 15 2.45 -13.57 2.60
C TRP A 15 3.24 -13.31 1.31
N LEU A 16 4.00 -14.32 0.88
CA LEU A 16 4.78 -14.19 -0.34
C LEU A 16 3.84 -13.88 -1.51
N LEU A 17 2.60 -14.35 -1.41
CA LEU A 17 1.63 -14.14 -2.46
C LEU A 17 1.20 -12.67 -2.50
N MET A 18 1.28 -12.00 -1.35
CA MET A 18 0.90 -10.59 -1.28
C MET A 18 1.99 -9.73 -1.94
N ALA A 19 3.23 -10.15 -1.80
CA ALA A 19 4.35 -9.41 -2.38
C ALA A 19 4.31 -9.47 -3.91
N PHE A 20 4.25 -10.68 -4.44
CA PHE A 20 4.21 -10.87 -5.88
C PHE A 20 3.08 -10.05 -6.50
N THR A 21 1.88 -10.22 -5.97
CA THR A 21 0.72 -9.48 -6.49
C THR A 21 1.07 -8.01 -6.70
N ALA A 22 1.58 -7.37 -5.66
CA ALA A 22 1.96 -5.96 -5.74
C ALA A 22 3.03 -5.75 -6.82
N LEU A 23 3.75 -6.82 -7.14
CA LEU A 23 4.81 -6.72 -8.15
C LEU A 23 4.22 -6.93 -9.55
N ALA A 24 3.31 -7.88 -9.67
CA ALA A 24 2.69 -8.18 -10.96
C ALA A 24 2.11 -6.91 -11.59
N LEU A 25 1.50 -6.07 -10.76
CA LEU A 25 0.89 -4.83 -11.25
C LEU A 25 1.97 -3.81 -11.61
N GLU A 26 3.12 -3.91 -10.95
CA GLU A 26 4.22 -2.98 -11.21
C GLU A 26 4.74 -3.17 -12.64
N LEU A 27 4.82 -4.43 -13.08
CA LEU A 27 5.30 -4.74 -14.41
C LEU A 27 4.22 -4.48 -15.46
N THR A 28 2.99 -4.86 -15.14
CA THR A 28 1.87 -4.68 -16.05
C THR A 28 1.85 -3.26 -16.60
N ALA A 29 2.08 -2.28 -15.73
CA ALA A 29 2.08 -0.88 -16.15
C ALA A 29 3.41 -0.50 -16.78
N LEU A 30 4.49 -1.11 -16.30
CA LEU A 30 5.83 -0.81 -16.83
C LEU A 30 5.87 -1.06 -18.33
N TRP A 31 4.94 -1.87 -18.83
CA TRP A 31 4.90 -2.18 -20.26
C TRP A 31 4.02 -1.19 -21.00
N PHE A 32 2.91 -0.81 -20.37
CA PHE A 32 1.98 0.14 -20.96
C PHE A 32 2.73 1.36 -21.50
N GLN A 33 3.65 1.89 -20.69
CA GLN A 33 4.42 3.06 -21.08
C GLN A 33 5.42 2.71 -22.18
N HIS A 34 5.83 1.44 -22.23
CA HIS A 34 6.80 1.01 -23.22
C HIS A 34 6.15 0.81 -24.59
N VAL A 35 4.82 0.63 -24.61
CA VAL A 35 4.11 0.44 -25.86
C VAL A 35 3.29 1.67 -26.24
N MET A 36 2.68 2.31 -25.25
CA MET A 36 1.87 3.49 -25.51
C MET A 36 2.65 4.78 -25.24
N LEU A 37 3.94 4.64 -24.94
CA LEU A 37 4.78 5.80 -24.68
C LEU A 37 4.10 6.76 -23.71
N LEU A 38 3.51 6.21 -22.65
CA LEU A 38 2.83 7.03 -21.65
C LEU A 38 3.82 7.66 -20.70
N LYS A 39 3.45 8.80 -20.13
CA LYS A 39 4.33 9.51 -19.20
C LYS A 39 3.64 9.68 -17.84
N PRO A 40 4.27 9.26 -16.77
CA PRO A 40 3.68 9.38 -15.40
C PRO A 40 3.78 10.81 -14.86
N CYS A 41 2.86 11.16 -13.98
CA CYS A 41 2.84 12.51 -13.38
C CYS A 41 3.47 12.48 -12.00
N VAL A 42 3.43 13.62 -11.31
CA VAL A 42 4.00 13.72 -9.98
C VAL A 42 3.23 12.84 -8.99
N LEU A 43 1.91 12.86 -9.11
CA LEU A 43 1.06 12.09 -8.21
C LEU A 43 1.12 10.60 -8.54
N SER A 44 1.23 10.28 -9.82
CA SER A 44 1.29 8.88 -10.25
C SER A 44 2.47 8.17 -9.60
N ILE A 45 3.64 8.80 -9.64
CA ILE A 45 4.83 8.20 -9.04
C ILE A 45 4.66 8.12 -7.53
N TYR A 46 4.02 9.13 -6.94
CA TYR A 46 3.80 9.13 -5.51
C TYR A 46 3.09 7.86 -5.10
N GLU A 47 2.03 7.52 -5.82
CA GLU A 47 1.26 6.32 -5.53
C GLU A 47 2.16 5.09 -5.61
N ARG A 48 3.11 5.11 -6.55
CA ARG A 48 4.02 4.00 -6.71
C ARG A 48 4.83 3.79 -5.45
N ALA A 49 5.20 4.89 -4.79
CA ALA A 49 5.97 4.82 -3.56
C ALA A 49 5.16 4.18 -2.45
N ALA A 50 3.87 4.51 -2.41
CA ALA A 50 2.97 3.97 -1.39
C ALA A 50 2.96 2.44 -1.45
N LEU A 51 2.79 1.90 -2.65
CA LEU A 51 2.77 0.45 -2.83
C LEU A 51 4.17 -0.12 -2.78
N PHE A 52 5.09 0.48 -3.55
CA PHE A 52 6.46 0.01 -3.56
C PHE A 52 6.95 -0.19 -2.13
N GLY A 53 6.62 0.76 -1.26
CA GLY A 53 7.03 0.68 0.13
C GLY A 53 6.37 -0.52 0.82
N VAL A 54 5.07 -0.70 0.58
CA VAL A 54 4.36 -1.81 1.18
C VAL A 54 4.99 -3.13 0.75
N LEU A 55 5.28 -3.24 -0.55
CA LEU A 55 5.91 -4.44 -1.07
C LEU A 55 7.11 -4.81 -0.21
N GLY A 56 7.89 -3.80 0.17
CA GLY A 56 9.06 -4.03 1.01
C GLY A 56 8.63 -4.49 2.40
N ALA A 57 7.40 -4.15 2.77
CA ALA A 57 6.86 -4.52 4.06
C ALA A 57 6.47 -6.00 4.07
N ALA A 58 6.04 -6.49 2.92
CA ALA A 58 5.63 -7.89 2.80
C ALA A 58 6.86 -8.80 2.66
N LEU A 59 7.95 -8.21 2.19
CA LEU A 59 9.19 -8.97 2.01
C LEU A 59 9.91 -9.13 3.34
N ILE A 60 9.95 -8.06 4.12
CA ILE A 60 10.61 -8.08 5.43
C ILE A 60 9.71 -8.74 6.47
N GLY A 61 8.40 -8.49 6.37
CA GLY A 61 7.44 -9.05 7.31
C GLY A 61 7.31 -10.56 7.11
N ALA A 62 7.43 -11.00 5.87
CA ALA A 62 7.32 -12.43 5.57
C ALA A 62 8.46 -13.21 6.21
N ILE A 63 9.27 -12.53 7.01
CA ILE A 63 10.40 -13.16 7.68
C ILE A 63 9.91 -13.93 8.90
N ALA A 64 8.78 -13.50 9.46
CA ALA A 64 8.22 -14.15 10.65
C ALA A 64 6.98 -13.41 11.12
N PRO A 65 5.92 -13.45 10.35
CA PRO A 65 4.64 -12.77 10.70
C PRO A 65 3.86 -13.53 11.76
N LYS A 66 4.52 -14.47 12.42
CA LYS A 66 3.90 -15.27 13.46
C LYS A 66 4.34 -14.79 14.84
N THR A 67 5.32 -13.90 14.85
CA THR A 67 5.85 -13.35 16.09
C THR A 67 5.45 -11.89 16.23
N PRO A 68 5.52 -11.33 17.40
CA PRO A 68 5.17 -9.91 17.65
C PRO A 68 5.70 -8.98 16.55
N LEU A 69 6.57 -9.51 15.71
CA LEU A 69 7.15 -8.73 14.62
C LEU A 69 6.04 -8.05 13.82
N ARG A 70 4.87 -8.67 13.79
CA ARG A 70 3.73 -8.11 13.05
C ARG A 70 3.70 -6.59 13.20
N TYR A 71 3.63 -6.07 14.42
CA TYR A 71 3.60 -4.62 14.60
C TYR A 71 4.78 -3.97 13.87
N VAL A 72 5.92 -4.66 13.84
CA VAL A 72 7.11 -4.10 13.19
C VAL A 72 6.90 -3.91 11.69
N ALA A 73 6.33 -4.88 11.00
CA ALA A 73 6.09 -4.76 9.57
C ALA A 73 4.85 -3.89 9.31
N MET A 74 3.87 -3.99 10.20
CA MET A 74 2.65 -3.21 10.05
C MET A 74 2.96 -1.71 10.12
N VAL A 75 4.11 -1.37 10.69
CA VAL A 75 4.50 0.02 10.80
C VAL A 75 4.40 0.71 9.44
N ILE A 76 4.79 -0.02 8.41
CA ILE A 76 4.76 0.50 7.05
C ILE A 76 3.41 0.22 6.40
N TRP A 77 2.76 -0.86 6.80
CA TRP A 77 1.45 -1.20 6.25
C TRP A 77 0.42 -0.16 6.67
N LEU A 78 0.36 0.11 7.97
CA LEU A 78 -0.59 1.08 8.50
C LEU A 78 -0.22 2.50 8.04
N TYR A 79 1.04 2.87 8.22
CA TYR A 79 1.48 4.19 7.81
C TYR A 79 0.89 4.55 6.44
N SER A 80 0.90 3.58 5.54
CA SER A 80 0.37 3.79 4.20
C SER A 80 -1.16 3.71 4.20
N ALA A 81 -1.72 3.03 5.19
CA ALA A 81 -3.17 2.88 5.26
C ALA A 81 -3.86 4.25 5.37
N PHE A 82 -3.52 5.00 6.41
CA PHE A 82 -4.13 6.32 6.61
C PHE A 82 -3.57 7.34 5.62
N ARG A 83 -2.24 7.45 5.57
CA ARG A 83 -1.60 8.42 4.68
C ARG A 83 -1.86 8.09 3.22
N GLY A 84 -1.77 6.82 2.84
CA GLY A 84 -2.00 6.44 1.45
C GLY A 84 -3.44 6.77 1.04
N VAL A 85 -4.39 6.41 1.88
CA VAL A 85 -5.80 6.65 1.59
C VAL A 85 -6.10 8.15 1.58
N GLN A 86 -5.45 8.89 2.47
CA GLN A 86 -5.68 10.33 2.55
C GLN A 86 -5.04 11.05 1.36
N LEU A 87 -3.97 10.47 0.83
CA LEU A 87 -3.29 11.05 -0.32
C LEU A 87 -3.96 10.64 -1.62
N THR A 88 -4.22 9.34 -1.76
CA THR A 88 -4.87 8.83 -2.96
C THR A 88 -6.12 9.64 -3.27
N TYR A 89 -7.02 9.71 -2.29
CA TYR A 89 -8.26 10.45 -2.46
C TYR A 89 -7.98 11.86 -2.96
N GLU A 90 -6.86 12.44 -2.53
CA GLU A 90 -6.49 13.78 -2.96
C GLU A 90 -6.38 13.82 -4.48
N HIS A 91 -5.83 12.76 -5.05
CA HIS A 91 -5.66 12.69 -6.50
C HIS A 91 -7.02 12.57 -7.17
N THR A 92 -7.92 11.80 -6.56
CA THR A 92 -9.26 11.60 -7.11
C THR A 92 -10.02 12.92 -7.12
N MET A 93 -10.04 13.60 -5.97
CA MET A 93 -10.74 14.87 -5.87
C MET A 93 -10.33 15.79 -7.00
N LEU A 94 -9.04 15.78 -7.32
CA LEU A 94 -8.52 16.61 -8.39
C LEU A 94 -9.09 16.17 -9.74
N GLN A 95 -9.08 14.86 -9.96
CA GLN A 95 -9.61 14.31 -11.20
C GLN A 95 -11.07 14.67 -11.38
N LEU A 96 -11.84 14.53 -10.30
CA LEU A 96 -13.26 14.86 -10.34
C LEU A 96 -13.45 16.36 -10.20
N TYR A 97 -12.42 17.03 -9.69
CA TYR A 97 -12.47 18.48 -9.51
C TYR A 97 -11.19 19.12 -10.04
N PRO A 98 -11.17 19.54 -11.28
CA PRO A 98 -9.98 20.16 -11.90
C PRO A 98 -9.79 21.62 -11.49
N SER A 99 -8.63 22.19 -11.82
CA SER A 99 -8.33 23.57 -11.48
C SER A 99 -7.65 24.26 -12.67
N PRO A 100 -7.65 25.56 -12.67
CA PRO A 100 -7.01 26.36 -13.78
C PRO A 100 -5.51 26.12 -13.86
N PHE A 101 -5.11 25.27 -14.80
CA PHE A 101 -3.69 24.96 -14.99
C PHE A 101 -2.86 26.23 -15.02
N ALA A 102 -3.52 27.36 -15.26
CA ALA A 102 -2.84 28.65 -15.32
C ALA A 102 -1.70 28.60 -16.35
N THR A 103 -0.47 28.56 -15.86
CA THR A 103 0.70 28.52 -16.74
C THR A 103 0.93 27.09 -17.24
N SER A 104 1.94 26.43 -16.70
CA SER A 104 2.26 25.06 -17.10
C SER A 104 2.07 24.10 -15.92
N ASP A 105 3.16 23.84 -15.20
CA ASP A 105 3.10 22.94 -14.06
C ASP A 105 4.26 23.21 -13.10
N PHE A 106 4.65 22.20 -12.35
CA PHE A 106 5.75 22.34 -11.39
C PHE A 106 6.70 21.15 -11.49
N MET A 107 7.93 21.35 -11.01
CA MET A 107 8.93 20.28 -11.05
C MET A 107 8.96 19.53 -9.71
N VAL A 108 9.40 18.28 -9.77
CA VAL A 108 9.48 17.46 -8.55
C VAL A 108 10.11 18.25 -7.41
N ARG A 109 9.30 18.54 -6.39
CA ARG A 109 9.78 19.30 -5.24
C ARG A 109 9.75 18.43 -3.98
N PHE A 110 10.92 17.95 -3.56
CA PHE A 110 11.01 17.11 -2.38
C PHE A 110 12.21 17.51 -1.53
N PRO A 111 12.12 17.35 -0.23
CA PRO A 111 13.23 17.70 0.69
C PRO A 111 14.60 17.39 0.10
N GLU A 112 15.64 18.03 0.65
CA GLU A 112 17.00 17.83 0.17
C GLU A 112 17.76 16.86 1.09
N TRP A 113 17.11 16.47 2.19
CA TRP A 113 17.73 15.54 3.14
C TRP A 113 17.22 14.13 2.93
N LEU A 114 16.52 13.91 1.82
CA LEU A 114 15.99 12.58 1.51
C LEU A 114 16.54 12.09 0.18
N PRO A 115 17.75 11.59 0.16
CA PRO A 115 18.40 11.09 -1.08
C PRO A 115 17.48 10.15 -1.85
N LEU A 116 16.33 9.83 -1.28
CA LEU A 116 15.37 8.94 -1.91
C LEU A 116 15.04 9.44 -3.31
N ASP A 117 15.07 10.76 -3.47
CA ASP A 117 14.76 11.39 -4.76
C ASP A 117 16.04 11.71 -5.54
N LYS A 118 17.05 12.24 -4.84
CA LYS A 118 18.30 12.59 -5.49
C LYS A 118 19.09 11.35 -5.87
N TRP A 119 19.19 10.40 -4.94
CA TRP A 119 19.92 9.16 -5.18
C TRP A 119 19.14 8.29 -6.17
N VAL A 120 17.85 8.57 -6.31
CA VAL A 120 17.01 7.81 -7.23
C VAL A 120 16.16 8.74 -8.08
N PRO A 121 16.75 9.37 -9.06
CA PRO A 121 16.04 10.31 -9.97
C PRO A 121 15.29 9.57 -11.07
N GLN A 122 15.77 8.37 -11.41
CA GLN A 122 15.14 7.57 -12.45
C GLN A 122 13.70 7.21 -12.08
N VAL A 123 13.54 6.62 -10.90
CA VAL A 123 12.21 6.22 -10.44
C VAL A 123 11.64 7.26 -9.49
N PHE A 124 11.50 8.49 -9.97
CA PHE A 124 10.97 9.57 -9.16
C PHE A 124 10.67 10.79 -10.01
N VAL A 125 11.50 11.02 -11.02
CA VAL A 125 11.31 12.16 -11.93
C VAL A 125 9.97 12.07 -12.63
N ALA A 126 9.19 13.13 -12.56
CA ALA A 126 7.87 13.16 -13.19
C ALA A 126 7.93 13.88 -14.55
N SER A 127 6.93 13.62 -15.39
CA SER A 127 6.87 14.25 -16.70
C SER A 127 5.48 14.07 -17.32
N GLY A 128 4.65 15.11 -17.23
CA GLY A 128 3.30 15.06 -17.78
C GLY A 128 2.31 15.77 -16.88
N ASP A 129 1.03 15.70 -17.23
CA ASP A 129 -0.02 16.34 -16.43
C ASP A 129 -0.52 15.40 -15.34
N CYS A 130 -1.04 15.98 -14.26
CA CYS A 130 -1.55 15.18 -13.14
C CYS A 130 -3.08 15.10 -13.19
N ALA A 131 -3.59 13.88 -13.02
CA ALA A 131 -5.03 13.64 -13.03
C ALA A 131 -5.54 13.39 -14.44
N GLU A 132 -4.64 13.49 -15.42
CA GLU A 132 -5.01 13.26 -16.81
C GLU A 132 -5.35 11.78 -17.01
N ARG A 133 -6.23 11.50 -17.96
CA ARG A 133 -6.62 10.12 -18.24
C ARG A 133 -5.65 9.47 -19.22
N GLN A 134 -5.12 8.32 -18.84
CA GLN A 134 -4.17 7.60 -19.68
C GLN A 134 -4.71 6.20 -20.00
N TRP A 135 -5.56 5.68 -19.12
CA TRP A 135 -6.13 4.35 -19.32
C TRP A 135 -7.15 4.04 -18.23
N ASP A 136 -8.30 3.50 -18.62
CA ASP A 136 -9.34 3.20 -17.65
C ASP A 136 -9.96 1.82 -17.87
N PHE A 137 -10.60 1.31 -16.80
CA PHE A 137 -11.25 0.01 -16.86
C PHE A 137 -12.72 0.17 -16.46
N LEU A 138 -13.61 -0.49 -17.18
CA LEU A 138 -15.04 -0.40 -16.88
C LEU A 138 -15.49 1.07 -16.86
N GLY A 139 -14.68 1.94 -17.46
CA GLY A 139 -15.01 3.37 -17.51
C GLY A 139 -14.49 4.12 -16.29
N LEU A 140 -13.59 3.48 -15.53
CA LEU A 140 -13.01 4.11 -14.35
C LEU A 140 -11.50 4.23 -14.52
N GLU A 141 -10.93 5.32 -13.98
CA GLU A 141 -9.49 5.54 -14.09
C GLU A 141 -8.73 4.65 -13.12
N MET A 142 -7.53 4.25 -13.52
CA MET A 142 -6.70 3.39 -12.68
C MET A 142 -6.61 3.96 -11.27
N PRO A 143 -6.14 5.18 -11.12
CA PRO A 143 -6.02 5.82 -9.79
C PRO A 143 -7.18 5.46 -8.86
N GLN A 144 -8.38 5.38 -9.44
CA GLN A 144 -9.56 5.03 -8.65
C GLN A 144 -9.52 3.55 -8.29
N TRP A 145 -9.24 2.71 -9.28
CA TRP A 145 -9.18 1.27 -9.05
C TRP A 145 -8.10 0.96 -8.02
N LEU A 146 -6.86 1.36 -8.31
CA LEU A 146 -5.76 1.12 -7.39
C LEU A 146 -6.21 1.43 -5.96
N LEU A 147 -6.97 2.51 -5.80
CA LEU A 147 -7.47 2.88 -4.48
C LEU A 147 -8.29 1.71 -3.94
N GLY A 148 -8.97 1.04 -4.86
CA GLY A 148 -9.79 -0.12 -4.50
C GLY A 148 -8.93 -1.19 -3.81
N ILE A 149 -7.75 -1.43 -4.37
CA ILE A 149 -6.85 -2.43 -3.80
C ILE A 149 -6.23 -1.90 -2.51
N PHE A 150 -5.92 -0.60 -2.50
CA PHE A 150 -5.33 0.01 -1.32
C PHE A 150 -6.20 -0.29 -0.09
N ILE A 151 -7.50 -0.12 -0.26
CA ILE A 151 -8.44 -0.38 0.83
C ILE A 151 -8.35 -1.83 1.27
N ALA A 152 -8.39 -2.75 0.31
CA ALA A 152 -8.32 -4.17 0.63
C ALA A 152 -7.04 -4.51 1.39
N TYR A 153 -5.91 -4.02 0.88
CA TYR A 153 -4.62 -4.29 1.51
C TYR A 153 -4.59 -3.77 2.95
N LEU A 154 -5.08 -2.56 3.15
CA LEU A 154 -5.07 -1.95 4.49
C LEU A 154 -6.06 -2.66 5.42
N ILE A 155 -7.15 -3.18 4.85
CA ILE A 155 -8.16 -3.87 5.65
C ILE A 155 -7.67 -5.26 6.07
N VAL A 156 -6.93 -5.92 5.19
CA VAL A 156 -6.41 -7.25 5.48
C VAL A 156 -5.46 -7.19 6.67
N ALA A 157 -4.60 -6.18 6.69
CA ALA A 157 -3.64 -6.03 7.77
C ALA A 157 -4.35 -5.84 9.11
N VAL A 158 -5.32 -4.93 9.14
CA VAL A 158 -6.07 -4.64 10.36
C VAL A 158 -6.62 -5.92 10.96
N LEU A 159 -7.09 -6.83 10.11
CA LEU A 159 -7.66 -8.09 10.59
C LEU A 159 -6.56 -9.09 10.94
N VAL A 160 -5.53 -9.16 10.10
CA VAL A 160 -4.44 -10.10 10.32
C VAL A 160 -3.76 -9.83 11.67
N VAL A 161 -3.83 -8.57 12.12
CA VAL A 161 -3.23 -8.21 13.40
C VAL A 161 -4.16 -8.56 14.54
N ILE A 162 -5.44 -8.21 14.38
CA ILE A 162 -6.43 -8.50 15.41
C ILE A 162 -6.67 -10.00 15.53
N SER A 163 -6.12 -10.75 14.59
CA SER A 163 -6.28 -12.20 14.59
C SER A 163 -5.58 -12.82 15.80
N GLN A 164 -4.78 -12.01 16.48
CA GLN A 164 -4.05 -12.49 17.66
C GLN A 164 -3.51 -11.31 18.46
N PRO A 165 -4.34 -10.67 19.24
CA PRO A 165 -3.94 -9.51 20.08
C PRO A 165 -3.26 -9.95 21.38
N PHE A 166 -2.69 -11.15 21.36
CA PHE A 166 -2.01 -11.68 22.54
C PHE A 166 -2.92 -11.60 23.76
N LYS A 167 -3.48 -12.75 24.15
CA LYS A 167 -4.37 -12.80 25.30
C LYS A 167 -3.57 -12.87 26.60
N ALA A 168 -4.25 -12.75 27.72
CA ALA A 168 -3.59 -12.80 29.02
C ALA A 168 -4.61 -12.93 30.14
N LYS A 169 -4.77 -14.14 30.66
CA LYS A 169 -5.72 -14.38 31.74
C LYS A 169 -5.26 -13.70 33.03
N LYS A 170 -6.08 -12.77 33.51
CA LYS A 170 -5.76 -12.05 34.74
C LYS A 170 -6.40 -12.72 35.95
N ARG A 171 -6.43 -12.01 37.07
CA ARG A 171 -7.03 -12.56 38.29
C ARG A 171 -8.55 -12.39 38.28
N ASP A 172 -9.26 -13.50 38.09
CA ASP A 172 -10.72 -13.47 38.07
C ASP A 172 -11.28 -13.89 39.42
N LEU A 173 -10.89 -13.19 40.47
CA LEU A 173 -11.35 -13.50 41.82
C LEU A 173 -12.09 -12.31 42.43
N PHE A 174 -13.10 -12.59 43.23
CA PHE A 174 -13.88 -11.53 43.87
C PHE A 174 -13.18 -11.04 45.12
N GLY A 175 -12.05 -11.67 45.45
CA GLY A 175 -11.29 -11.28 46.64
C GLY A 175 -11.17 -9.77 46.74
N ARG A 176 -10.35 -9.19 45.87
CA ARG A 176 -10.15 -7.74 45.86
C ARG A 176 -10.90 -7.10 44.68
N GLY A 177 -10.90 -5.77 44.65
CA GLY A 177 -11.57 -5.05 43.58
C GLY A 177 -10.60 -4.68 42.46
N HIS A 178 -10.90 -5.12 41.25
CA HIS A 178 -10.04 -4.83 40.10
C HIS A 178 -9.66 -3.36 40.08
N HIS A 179 -10.42 -2.54 40.79
CA HIS A 179 -10.17 -1.10 40.84
C HIS A 179 -9.56 -0.71 42.20
N HIS A 180 -8.70 0.29 42.18
CA HIS A 180 -8.07 0.76 43.41
C HIS A 180 -8.99 1.75 44.14
N HIS A 181 -8.42 2.56 45.02
CA HIS A 181 -9.19 3.53 45.78
C HIS A 181 -10.34 4.08 44.93
N HIS A 182 -11.55 3.60 45.19
CA HIS A 182 -12.73 4.05 44.45
C HIS A 182 -12.83 5.57 44.49
N HIS A 183 -13.24 6.15 43.37
CA HIS A 183 -13.39 7.60 43.27
C HIS A 183 -14.70 8.05 43.92
C1 UQ2 B . 2.28 4.37 -14.33
C2 UQ2 B . 1.72 4.78 -15.63
C3 UQ2 B . 0.44 5.21 -15.71
C4 UQ2 B . -0.38 5.30 -14.50
C5 UQ2 B . 0.17 4.88 -13.19
C6 UQ2 B . 1.45 4.44 -13.10
CM2 UQ2 B . 2.01 3.58 -17.51
CM3 UQ2 B . 0.53 6.87 -17.26
CM5 UQ2 B . -0.70 4.96 -11.95
C7 UQ2 B . 2.03 4.02 -11.78
C8 UQ2 B . 1.91 2.53 -11.63
C9 UQ2 B . 1.69 1.99 -10.45
C10 UQ2 B . 1.55 2.86 -9.22
C11 UQ2 B . 1.56 0.48 -10.30
C12 UQ2 B . 0.64 -0.08 -11.39
C13 UQ2 B . -0.55 0.82 -11.58
C14 UQ2 B . -1.68 0.61 -10.95
C15 UQ2 B . -2.85 1.53 -11.17
C16 UQ2 B . -1.82 -0.56 -10.01
O1 UQ2 B . 3.42 3.97 -14.26
O2 UQ2 B . 2.48 4.71 -16.76
O3 UQ2 B . -0.06 5.60 -16.91
O4 UQ2 B . -1.53 5.69 -14.57
H2M1 UQ2 B . 0.97 3.72 -17.78
H2M2 UQ2 B . 2.11 2.68 -16.93
H2M3 UQ2 B . 2.58 3.49 -18.42
H3M1 UQ2 B . 0.27 7.60 -16.51
H3M2 UQ2 B . 0.16 7.18 -18.22
H3M3 UQ2 B . 1.60 6.77 -17.30
H5M1 UQ2 B . -0.35 5.76 -11.32
H5M2 UQ2 B . -0.65 4.03 -11.42
H5M3 UQ2 B . -1.72 5.15 -12.25
H71 UQ2 B . 1.52 4.52 -10.98
H72 UQ2 B . 3.08 4.29 -11.75
H8 UQ2 B . 2.00 1.88 -12.50
H101 UQ2 B . 0.59 3.36 -9.23
H102 UQ2 B . 2.34 3.60 -9.23
H103 UQ2 B . 1.64 2.26 -8.33
H111 UQ2 B . 1.17 0.25 -9.32
H112 UQ2 B . 2.54 0.04 -10.40
H121 UQ2 B . 0.30 -1.06 -11.08
H122 UQ2 B . 1.18 -0.17 -12.31
H13 UQ2 B . -0.48 1.66 -12.26
H151 UQ2 B . -2.77 2.39 -10.52
H152 UQ2 B . -3.77 1.01 -10.95
H153 UQ2 B . -2.86 1.86 -12.19
H161 UQ2 B . -1.81 -1.49 -10.57
H162 UQ2 B . -2.76 -0.48 -9.47
H163 UQ2 B . -1.00 -0.56 -9.30
N MET A 1 -13.65 -20.89 6.22
CA MET A 1 -13.93 -20.41 7.59
C MET A 1 -12.92 -19.32 7.97
N LEU A 2 -13.32 -18.43 8.86
CA LEU A 2 -12.43 -17.35 9.29
C LEU A 2 -11.16 -17.93 9.90
N ARG A 3 -11.32 -19.02 10.65
CA ARG A 3 -10.18 -19.67 11.29
C ARG A 3 -9.13 -20.04 10.24
N PHE A 4 -9.59 -20.49 9.08
CA PHE A 4 -8.69 -20.86 8.00
C PHE A 4 -7.89 -19.65 7.53
N LEU A 5 -8.57 -18.52 7.40
CA LEU A 5 -7.91 -17.29 6.96
C LEU A 5 -6.69 -17.00 7.83
N ASN A 6 -6.84 -17.20 9.13
CA ASN A 6 -5.74 -16.96 10.06
C ASN A 6 -4.60 -17.94 9.81
N GLN A 7 -4.96 -19.14 9.36
CA GLN A 7 -3.97 -20.17 9.08
C GLN A 7 -3.23 -19.86 7.80
N ALA A 8 -3.99 -19.58 6.73
CA ALA A 8 -3.40 -19.27 5.45
C ALA A 8 -2.55 -18.00 5.54
N SER A 9 -2.95 -17.10 6.44
CA SER A 9 -2.22 -15.84 6.61
C SER A 9 -0.95 -16.08 7.41
N GLN A 10 -1.01 -16.97 8.39
CA GLN A 10 0.15 -17.27 9.21
C GLN A 10 1.16 -18.10 8.43
N GLY A 11 0.90 -18.26 7.14
CA GLY A 11 1.79 -19.02 6.26
C GLY A 11 2.61 -18.06 5.40
N ARG A 12 3.85 -18.43 5.14
CA ARG A 12 4.72 -17.59 4.32
C ARG A 12 4.26 -17.59 2.87
N GLY A 13 4.02 -18.78 2.32
CA GLY A 13 3.58 -18.91 0.94
C GLY A 13 2.51 -17.87 0.62
N ALA A 14 1.55 -17.73 1.52
CA ALA A 14 0.47 -16.77 1.35
C ALA A 14 1.03 -15.36 1.30
N TRP A 15 1.91 -15.05 2.25
CA TRP A 15 2.51 -13.72 2.30
C TRP A 15 3.26 -13.43 1.00
N LEU A 16 3.99 -14.43 0.51
CA LEU A 16 4.74 -14.28 -0.73
C LEU A 16 3.79 -14.08 -1.89
N LEU A 17 2.59 -14.63 -1.77
CA LEU A 17 1.59 -14.52 -2.83
C LEU A 17 1.06 -13.09 -2.90
N MET A 18 0.97 -12.43 -1.75
CA MET A 18 0.48 -11.06 -1.71
C MET A 18 1.49 -10.12 -2.34
N ALA A 19 2.78 -10.45 -2.20
CA ALA A 19 3.82 -9.63 -2.76
C ALA A 19 3.82 -9.70 -4.28
N PHE A 20 3.84 -10.92 -4.81
CA PHE A 20 3.84 -11.13 -6.25
C PHE A 20 2.73 -10.31 -6.91
N THR A 21 1.55 -10.32 -6.32
CA THR A 21 0.42 -9.57 -6.88
C THR A 21 0.75 -8.08 -6.94
N ALA A 22 0.99 -7.49 -5.78
CA ALA A 22 1.31 -6.06 -5.71
C ALA A 22 2.42 -5.72 -6.68
N LEU A 23 3.30 -6.68 -6.95
CA LEU A 23 4.43 -6.46 -7.86
C LEU A 23 3.96 -6.57 -9.30
N ALA A 24 3.04 -7.50 -9.55
CA ALA A 24 2.52 -7.71 -10.91
C ALA A 24 2.00 -6.39 -11.49
N LEU A 25 1.41 -5.57 -10.63
CA LEU A 25 0.86 -4.29 -11.08
C LEU A 25 1.98 -3.35 -11.52
N GLU A 26 3.10 -3.40 -10.82
CA GLU A 26 4.24 -2.55 -11.15
C GLU A 26 4.82 -2.94 -12.50
N LEU A 27 5.01 -4.24 -12.72
CA LEU A 27 5.56 -4.73 -13.97
C LEU A 27 4.57 -4.51 -15.12
N THR A 28 3.37 -5.06 -14.96
CA THR A 28 2.35 -4.93 -16.00
C THR A 28 2.24 -3.48 -16.47
N ALA A 29 2.24 -2.55 -15.52
CA ALA A 29 2.14 -1.13 -15.86
C ALA A 29 3.45 -0.61 -16.45
N LEU A 30 4.57 -1.01 -15.85
CA LEU A 30 5.88 -0.58 -16.32
C LEU A 30 6.05 -0.86 -17.81
N TRP A 31 5.21 -1.75 -18.35
CA TRP A 31 5.28 -2.09 -19.76
C TRP A 31 4.34 -1.20 -20.57
N PHE A 32 3.18 -0.89 -19.99
CA PHE A 32 2.20 -0.04 -20.65
C PHE A 32 2.87 1.23 -21.17
N GLN A 33 3.71 1.84 -20.33
CA GLN A 33 4.40 3.05 -20.73
C GLN A 33 5.38 2.77 -21.86
N HIS A 34 5.90 1.55 -21.89
CA HIS A 34 6.85 1.15 -22.93
C HIS A 34 6.13 0.88 -24.24
N VAL A 35 4.80 0.78 -24.17
CA VAL A 35 4.00 0.51 -25.36
C VAL A 35 3.25 1.77 -25.79
N MET A 36 2.53 2.38 -24.86
CA MET A 36 1.77 3.59 -25.15
C MET A 36 2.63 4.85 -24.95
N LEU A 37 3.92 4.65 -24.72
CA LEU A 37 4.82 5.78 -24.51
C LEU A 37 4.22 6.77 -23.52
N LEU A 38 3.75 6.24 -22.39
CA LEU A 38 3.14 7.08 -21.36
C LEU A 38 4.23 7.72 -20.49
N LYS A 39 3.90 8.86 -19.88
CA LYS A 39 4.85 9.56 -19.02
C LYS A 39 4.26 9.77 -17.63
N PRO A 40 4.56 8.90 -16.69
CA PRO A 40 4.03 9.02 -15.31
C PRO A 40 4.20 10.42 -14.74
N CYS A 41 3.18 10.89 -14.01
CA CYS A 41 3.22 12.23 -13.43
C CYS A 41 3.70 12.18 -11.98
N VAL A 42 3.55 13.29 -11.27
CA VAL A 42 3.97 13.37 -9.88
C VAL A 42 3.13 12.44 -9.01
N LEU A 43 1.83 12.45 -9.22
CA LEU A 43 0.91 11.63 -8.43
C LEU A 43 1.05 10.15 -8.77
N SER A 44 1.01 9.83 -10.06
CA SER A 44 1.13 8.45 -10.50
C SER A 44 2.33 7.79 -9.86
N ILE A 45 3.49 8.44 -9.96
CA ILE A 45 4.71 7.89 -9.39
C ILE A 45 4.58 7.77 -7.86
N TYR A 46 3.93 8.77 -7.26
CA TYR A 46 3.74 8.76 -5.82
C TYR A 46 2.99 7.51 -5.39
N GLU A 47 1.94 7.19 -6.13
CA GLU A 47 1.14 6.00 -5.83
C GLU A 47 2.02 4.75 -5.88
N ARG A 48 2.97 4.73 -6.81
CA ARG A 48 3.86 3.60 -6.95
C ARG A 48 4.72 3.46 -5.70
N ALA A 49 5.06 4.59 -5.10
CA ALA A 49 5.88 4.59 -3.90
C ALA A 49 5.09 4.00 -2.73
N ALA A 50 3.80 4.30 -2.68
CA ALA A 50 2.96 3.78 -1.61
C ALA A 50 3.01 2.26 -1.58
N LEU A 51 2.83 1.64 -2.75
CA LEU A 51 2.87 0.19 -2.85
C LEU A 51 4.31 -0.30 -2.78
N PHE A 52 5.19 0.29 -3.58
CA PHE A 52 6.59 -0.11 -3.57
C PHE A 52 7.07 -0.22 -2.12
N GLY A 53 6.64 0.72 -1.30
CA GLY A 53 7.01 0.73 0.11
C GLY A 53 6.40 -0.47 0.82
N VAL A 54 5.11 -0.73 0.56
CA VAL A 54 4.44 -1.86 1.18
C VAL A 54 5.11 -3.16 0.75
N LEU A 55 5.38 -3.25 -0.55
CA LEU A 55 6.04 -4.44 -1.09
C LEU A 55 7.20 -4.84 -0.19
N GLY A 56 8.01 -3.85 0.19
CA GLY A 56 9.15 -4.10 1.05
C GLY A 56 8.68 -4.59 2.42
N ALA A 57 7.56 -4.03 2.87
CA ALA A 57 7.00 -4.39 4.17
C ALA A 57 6.63 -5.87 4.19
N ALA A 58 6.00 -6.34 3.12
CA ALA A 58 5.60 -7.74 3.03
C ALA A 58 6.82 -8.64 3.01
N LEU A 59 7.94 -8.10 2.51
CA LEU A 59 9.18 -8.88 2.43
C LEU A 59 9.85 -8.93 3.80
N ILE A 60 9.64 -7.88 4.61
CA ILE A 60 10.24 -7.83 5.94
C ILE A 60 9.38 -8.60 6.94
N GLY A 61 8.06 -8.46 6.81
CA GLY A 61 7.14 -9.14 7.72
C GLY A 61 7.14 -10.65 7.44
N ALA A 62 7.30 -11.02 6.18
CA ALA A 62 7.31 -12.43 5.82
C ALA A 62 8.52 -13.15 6.42
N ILE A 63 9.28 -12.42 7.24
CA ILE A 63 10.46 -12.99 7.88
C ILE A 63 10.08 -13.66 9.19
N ALA A 64 8.98 -13.20 9.79
CA ALA A 64 8.52 -13.76 11.05
C ALA A 64 7.17 -13.14 11.45
N PRO A 65 6.14 -13.42 10.71
CA PRO A 65 4.78 -12.87 10.98
C PRO A 65 4.13 -13.52 12.20
N LYS A 66 4.94 -14.21 13.00
CA LYS A 66 4.45 -14.88 14.20
C LYS A 66 5.06 -14.24 15.45
N THR A 67 5.96 -13.30 15.23
CA THR A 67 6.62 -12.60 16.32
C THR A 67 6.22 -11.13 16.32
N PRO A 68 6.42 -10.43 17.41
CA PRO A 68 6.06 -8.99 17.51
C PRO A 68 6.36 -8.22 16.23
N LEU A 69 7.17 -8.82 15.36
CA LEU A 69 7.51 -8.18 14.09
C LEU A 69 6.29 -7.50 13.48
N ARG A 70 5.11 -8.11 13.66
CA ARG A 70 3.89 -7.55 13.12
C ARG A 70 3.87 -6.03 13.29
N TYR A 71 3.74 -5.54 14.52
CA TYR A 71 3.71 -4.09 14.74
C TYR A 71 4.87 -3.41 14.00
N VAL A 72 6.01 -4.06 13.95
CA VAL A 72 7.18 -3.47 13.29
C VAL A 72 6.97 -3.30 11.78
N ALA A 73 6.45 -4.31 11.10
CA ALA A 73 6.21 -4.20 9.67
C ALA A 73 4.92 -3.42 9.39
N MET A 74 3.95 -3.58 10.29
CA MET A 74 2.67 -2.89 10.15
C MET A 74 2.86 -1.38 10.28
N VAL A 75 3.97 -0.97 10.89
CA VAL A 75 4.24 0.45 11.07
C VAL A 75 4.16 1.16 9.71
N ILE A 76 4.59 0.45 8.68
CA ILE A 76 4.56 1.00 7.32
C ILE A 76 3.23 0.70 6.66
N TRP A 77 2.63 -0.44 7.01
CA TRP A 77 1.35 -0.81 6.44
C TRP A 77 0.28 0.20 6.86
N LEU A 78 0.19 0.47 8.16
CA LEU A 78 -0.78 1.42 8.69
C LEU A 78 -0.43 2.84 8.26
N TYR A 79 0.85 3.20 8.37
CA TYR A 79 1.28 4.54 7.99
C TYR A 79 0.67 4.92 6.65
N SER A 80 0.74 4.01 5.69
CA SER A 80 0.20 4.26 4.36
C SER A 80 -1.32 4.08 4.35
N ALA A 81 -1.85 3.38 5.35
CA ALA A 81 -3.28 3.15 5.41
C ALA A 81 -4.04 4.47 5.52
N PHE A 82 -3.75 5.24 6.57
CA PHE A 82 -4.43 6.51 6.78
C PHE A 82 -3.91 7.59 5.83
N ARG A 83 -2.60 7.73 5.75
CA ARG A 83 -2.01 8.77 4.88
C ARG A 83 -2.16 8.42 3.40
N GLY A 84 -1.97 7.15 3.06
CA GLY A 84 -2.09 6.74 1.67
C GLY A 84 -3.49 7.05 1.14
N VAL A 85 -4.52 6.65 1.88
CA VAL A 85 -5.89 6.89 1.43
C VAL A 85 -6.24 8.37 1.57
N GLN A 86 -5.93 8.95 2.73
CA GLN A 86 -6.23 10.36 2.96
C GLN A 86 -5.68 11.20 1.80
N LEU A 87 -4.67 10.67 1.13
CA LEU A 87 -4.07 11.37 0.00
C LEU A 87 -4.89 11.16 -1.26
N THR A 88 -5.39 9.93 -1.45
CA THR A 88 -6.19 9.63 -2.62
C THR A 88 -7.35 10.60 -2.73
N TYR A 89 -7.75 11.15 -1.58
CA TYR A 89 -8.85 12.11 -1.55
C TYR A 89 -8.51 13.35 -2.35
N GLU A 90 -7.35 13.94 -2.05
CA GLU A 90 -6.91 15.13 -2.75
C GLU A 90 -6.84 14.87 -4.26
N HIS A 91 -6.51 13.63 -4.62
CA HIS A 91 -6.42 13.25 -6.03
C HIS A 91 -7.80 13.18 -6.65
N THR A 92 -8.74 12.57 -5.94
CA THR A 92 -10.11 12.43 -6.42
C THR A 92 -10.77 13.80 -6.52
N MET A 93 -10.73 14.55 -5.43
CA MET A 93 -11.34 15.88 -5.40
C MET A 93 -10.74 16.76 -6.50
N LEU A 94 -9.42 16.82 -6.55
CA LEU A 94 -8.74 17.64 -7.55
C LEU A 94 -9.21 17.31 -8.95
N GLN A 95 -9.55 16.04 -9.17
CA GLN A 95 -10.03 15.59 -10.47
C GLN A 95 -11.37 16.26 -10.79
N LEU A 96 -12.22 16.31 -9.77
CA LEU A 96 -13.55 16.92 -9.94
C LEU A 96 -13.52 18.37 -9.45
N TYR A 97 -12.39 18.78 -8.88
CA TYR A 97 -12.24 20.15 -8.38
C TYR A 97 -10.91 20.74 -8.83
N PRO A 98 -10.78 21.01 -10.11
CA PRO A 98 -9.54 21.59 -10.68
C PRO A 98 -9.02 22.78 -9.86
N SER A 99 -8.01 22.53 -9.04
CA SER A 99 -7.43 23.57 -8.20
C SER A 99 -5.91 23.44 -8.14
N PRO A 100 -5.22 23.87 -9.17
CA PRO A 100 -3.74 23.80 -9.23
C PRO A 100 -3.08 24.27 -7.93
N PHE A 101 -3.76 25.16 -7.22
CA PHE A 101 -3.25 25.68 -5.97
C PHE A 101 -1.75 25.98 -6.08
N ALA A 102 -1.43 27.20 -6.49
CA ALA A 102 -0.03 27.60 -6.65
C ALA A 102 0.71 26.60 -7.53
N THR A 103 0.36 26.58 -8.81
CA THR A 103 0.99 25.67 -9.76
C THR A 103 0.99 24.25 -9.21
N SER A 104 2.13 23.81 -8.70
CA SER A 104 2.25 22.46 -8.15
C SER A 104 1.90 21.42 -9.21
N ASP A 105 1.76 21.87 -10.44
CA ASP A 105 1.42 20.96 -11.54
C ASP A 105 2.66 20.18 -11.99
N PHE A 106 3.83 20.77 -11.78
CA PHE A 106 5.09 20.14 -12.16
C PHE A 106 6.09 20.24 -11.03
N MET A 107 6.01 19.32 -10.07
CA MET A 107 6.92 19.32 -8.94
C MET A 107 8.37 19.16 -9.40
N VAL A 108 8.66 18.03 -10.04
CA VAL A 108 10.00 17.76 -10.54
C VAL A 108 11.07 18.25 -9.57
N ARG A 109 10.68 18.43 -8.30
CA ARG A 109 11.61 18.89 -7.28
C ARG A 109 11.87 17.77 -6.28
N PHE A 110 13.11 17.28 -6.25
CA PHE A 110 13.47 16.20 -5.34
C PHE A 110 14.08 16.77 -4.05
N PRO A 111 13.87 16.09 -2.94
CA PRO A 111 14.42 16.53 -1.62
C PRO A 111 15.93 16.38 -1.56
N GLU A 112 16.56 17.09 -0.62
CA GLU A 112 18.02 17.03 -0.46
C GLU A 112 18.38 16.22 0.78
N TRP A 113 17.39 15.90 1.61
CA TRP A 113 17.64 15.13 2.82
C TRP A 113 17.23 13.67 2.61
N LEU A 114 16.63 13.37 1.46
CA LEU A 114 16.20 12.02 1.15
C LEU A 114 16.82 11.56 -0.17
N PRO A 115 18.07 11.17 -0.14
CA PRO A 115 18.80 10.72 -1.36
C PRO A 115 18.04 9.63 -2.11
N LEU A 116 16.86 9.27 -1.60
CA LEU A 116 16.04 8.24 -2.24
C LEU A 116 15.66 8.68 -3.64
N ASP A 117 15.55 10.00 -3.83
CA ASP A 117 15.19 10.56 -5.12
C ASP A 117 16.45 11.00 -5.88
N LYS A 118 17.38 11.61 -5.15
CA LYS A 118 18.62 12.09 -5.77
C LYS A 118 19.56 10.92 -6.07
N TRP A 119 19.72 10.02 -5.10
CA TRP A 119 20.60 8.87 -5.28
C TRP A 119 20.01 7.91 -6.31
N VAL A 120 18.71 8.07 -6.57
CA VAL A 120 18.04 7.22 -7.56
C VAL A 120 16.73 7.85 -8.04
N PRO A 121 16.81 8.80 -8.94
CA PRO A 121 15.62 9.50 -9.49
C PRO A 121 14.96 8.68 -10.60
N GLN A 122 15.55 7.53 -10.90
CA GLN A 122 15.03 6.65 -11.95
C GLN A 122 13.53 6.43 -11.76
N VAL A 123 13.14 6.10 -10.53
CA VAL A 123 11.73 5.85 -10.23
C VAL A 123 11.21 6.87 -9.22
N PHE A 124 11.36 8.15 -9.57
CA PHE A 124 10.90 9.22 -8.69
C PHE A 124 10.67 10.50 -9.49
N VAL A 125 11.59 10.79 -10.41
CA VAL A 125 11.48 11.99 -11.23
C VAL A 125 10.12 12.03 -11.94
N ALA A 126 9.42 13.15 -11.81
CA ALA A 126 8.11 13.31 -12.44
C ALA A 126 8.22 14.06 -13.76
N SER A 127 7.32 13.76 -14.68
CA SER A 127 7.31 14.42 -15.99
C SER A 127 6.02 14.12 -16.73
N GLY A 128 5.18 15.15 -16.89
CA GLY A 128 3.90 14.99 -17.60
C GLY A 128 2.76 15.64 -16.81
N ASP A 129 1.53 15.43 -17.27
CA ASP A 129 0.37 16.00 -16.61
C ASP A 129 -0.11 15.06 -15.51
N CYS A 130 -0.49 15.64 -14.36
CA CYS A 130 -0.96 14.85 -13.24
C CYS A 130 -2.49 14.72 -13.26
N ALA A 131 -2.96 13.49 -13.11
CA ALA A 131 -4.40 13.21 -13.09
C ALA A 131 -4.92 12.97 -14.52
N GLU A 132 -4.05 13.09 -15.50
CA GLU A 132 -4.47 12.88 -16.89
C GLU A 132 -4.82 11.41 -17.11
N ARG A 133 -6.01 11.16 -17.65
CA ARG A 133 -6.45 9.80 -17.92
C ARG A 133 -5.82 9.28 -19.20
N GLN A 134 -5.21 8.10 -19.12
CA GLN A 134 -4.56 7.50 -20.28
C GLN A 134 -5.15 6.13 -20.59
N TRP A 135 -5.88 5.57 -19.63
CA TRP A 135 -6.49 4.24 -19.83
C TRP A 135 -7.43 3.89 -18.68
N ASP A 136 -8.51 3.20 -18.99
CA ASP A 136 -9.49 2.83 -17.96
C ASP A 136 -10.08 1.45 -18.20
N PHE A 137 -10.63 0.87 -17.13
CA PHE A 137 -11.26 -0.44 -17.19
C PHE A 137 -12.75 -0.28 -16.96
N LEU A 138 -13.56 -0.97 -17.76
CA LEU A 138 -15.01 -0.88 -17.62
C LEU A 138 -15.44 0.59 -17.56
N GLY A 139 -14.56 1.49 -17.99
CA GLY A 139 -14.86 2.92 -17.98
C GLY A 139 -14.41 3.59 -16.68
N LEU A 140 -13.45 2.98 -16.00
CA LEU A 140 -12.92 3.54 -14.76
C LEU A 140 -11.41 3.75 -14.87
N GLU A 141 -10.95 4.92 -14.44
CA GLU A 141 -9.53 5.24 -14.49
C GLU A 141 -8.74 4.36 -13.54
N MET A 142 -7.51 4.02 -13.93
CA MET A 142 -6.65 3.18 -13.12
C MET A 142 -6.67 3.65 -11.66
N PRO A 143 -6.39 4.92 -11.42
CA PRO A 143 -6.37 5.48 -10.05
C PRO A 143 -7.57 5.02 -9.22
N GLN A 144 -8.72 4.88 -9.87
CA GLN A 144 -9.92 4.43 -9.18
C GLN A 144 -9.80 2.96 -8.78
N TRP A 145 -9.46 2.13 -9.77
CA TRP A 145 -9.31 0.70 -9.50
C TRP A 145 -8.22 0.49 -8.45
N LEU A 146 -7.02 0.98 -8.73
CA LEU A 146 -5.92 0.83 -7.79
C LEU A 146 -6.40 1.11 -6.36
N LEU A 147 -7.29 2.10 -6.22
CA LEU A 147 -7.83 2.43 -4.91
C LEU A 147 -8.56 1.20 -4.36
N GLY A 148 -9.16 0.46 -5.28
CA GLY A 148 -9.88 -0.75 -4.91
C GLY A 148 -8.94 -1.74 -4.24
N ILE A 149 -7.74 -1.88 -4.78
CA ILE A 149 -6.75 -2.78 -4.23
C ILE A 149 -6.05 -2.14 -3.03
N PHE A 150 -5.98 -0.81 -3.05
CA PHE A 150 -5.34 -0.08 -1.97
C PHE A 150 -6.06 -0.33 -0.65
N ILE A 151 -7.38 -0.20 -0.67
CA ILE A 151 -8.17 -0.40 0.53
C ILE A 151 -8.16 -1.88 0.93
N ALA A 152 -8.18 -2.75 -0.07
CA ALA A 152 -8.15 -4.18 0.22
C ALA A 152 -6.97 -4.52 1.13
N TYR A 153 -5.80 -3.99 0.79
CA TYR A 153 -4.61 -4.25 1.59
C TYR A 153 -4.76 -3.70 3.00
N LEU A 154 -5.34 -2.51 3.11
CA LEU A 154 -5.53 -1.88 4.41
C LEU A 154 -6.24 -2.84 5.37
N ILE A 155 -7.11 -3.68 4.82
CA ILE A 155 -7.85 -4.63 5.64
C ILE A 155 -7.02 -5.87 5.94
N VAL A 156 -6.25 -6.31 4.96
CA VAL A 156 -5.41 -7.49 5.13
C VAL A 156 -4.55 -7.34 6.38
N ALA A 157 -4.10 -6.13 6.64
CA ALA A 157 -3.26 -5.86 7.80
C ALA A 157 -4.10 -5.73 9.06
N VAL A 158 -5.18 -4.95 8.98
CA VAL A 158 -6.04 -4.74 10.13
C VAL A 158 -6.61 -6.05 10.64
N LEU A 159 -6.93 -6.96 9.72
CA LEU A 159 -7.50 -8.25 10.10
C LEU A 159 -6.40 -9.22 10.56
N VAL A 160 -5.27 -9.19 9.86
CA VAL A 160 -4.16 -10.07 10.20
C VAL A 160 -3.54 -9.68 11.54
N VAL A 161 -3.68 -8.41 11.91
CA VAL A 161 -3.14 -7.93 13.17
C VAL A 161 -4.07 -8.32 14.31
N ILE A 162 -5.36 -8.03 14.13
CA ILE A 162 -6.34 -8.35 15.15
C ILE A 162 -6.47 -9.86 15.30
N SER A 163 -5.89 -10.60 14.36
CA SER A 163 -5.94 -12.06 14.40
C SER A 163 -5.45 -12.58 15.74
N GLN A 164 -4.86 -11.70 16.55
CA GLN A 164 -4.36 -12.12 17.85
C GLN A 164 -5.40 -12.94 18.59
N PRO A 165 -4.98 -13.81 19.46
CA PRO A 165 -5.90 -14.68 20.26
C PRO A 165 -6.80 -13.86 21.18
N PHE A 166 -6.46 -12.58 21.34
CA PHE A 166 -7.24 -11.69 22.20
C PHE A 166 -7.74 -12.43 23.44
N LYS A 167 -6.95 -12.38 24.51
CA LYS A 167 -7.33 -13.05 25.75
C LYS A 167 -8.66 -12.51 26.27
N ALA A 168 -9.70 -13.33 26.17
CA ALA A 168 -11.02 -12.92 26.63
C ALA A 168 -11.27 -13.43 28.05
N LYS A 169 -11.37 -12.49 28.99
CA LYS A 169 -11.61 -12.85 30.38
C LYS A 169 -10.63 -13.93 30.84
N LYS A 170 -9.47 -13.51 31.31
CA LYS A 170 -8.46 -14.45 31.78
C LYS A 170 -7.32 -13.71 32.48
N ARG A 171 -6.70 -12.79 31.76
CA ARG A 171 -5.59 -12.01 32.32
C ARG A 171 -6.12 -10.78 33.07
N ASP A 172 -7.44 -10.58 32.99
CA ASP A 172 -8.06 -9.44 33.67
C ASP A 172 -7.42 -8.13 33.21
N LEU A 173 -8.20 -7.30 32.54
CA LEU A 173 -7.70 -6.02 32.05
C LEU A 173 -7.70 -4.98 33.17
N PHE A 174 -6.58 -4.29 33.33
CA PHE A 174 -6.46 -3.27 34.37
C PHE A 174 -6.85 -1.90 33.80
N GLY A 175 -7.47 -1.90 32.63
CA GLY A 175 -7.89 -0.65 32.00
C GLY A 175 -8.77 -0.91 30.79
N ARG A 176 -8.26 -0.60 29.60
CA ARG A 176 -9.01 -0.80 28.38
C ARG A 176 -8.10 -1.29 27.26
N GLY A 177 -6.80 -1.17 27.48
CA GLY A 177 -5.82 -1.60 26.48
C GLY A 177 -4.41 -1.16 26.88
N HIS A 178 -3.43 -1.54 26.06
CA HIS A 178 -2.05 -1.16 26.34
C HIS A 178 -1.16 -1.46 25.14
N HIS A 179 -1.22 -0.60 24.14
CA HIS A 179 -0.41 -0.78 22.93
C HIS A 179 0.95 -0.11 23.11
N HIS A 180 0.93 1.20 23.35
CA HIS A 180 2.17 1.95 23.54
C HIS A 180 2.93 1.42 24.75
N HIS A 181 3.11 2.28 25.76
CA HIS A 181 3.82 1.90 26.97
C HIS A 181 5.09 1.13 26.62
N HIS A 182 6.09 1.85 26.10
CA HIS A 182 7.35 1.23 25.74
C HIS A 182 8.16 0.87 26.99
N HIS A 183 9.25 1.59 27.21
CA HIS A 183 10.10 1.34 28.37
C HIS A 183 9.26 1.28 29.64
C1 UQ2 B . 1.77 4.54 -14.24
C2 UQ2 B . 1.31 5.12 -15.51
C3 UQ2 B . 0.10 5.70 -15.60
C4 UQ2 B . -0.78 5.75 -14.41
C5 UQ2 B . -0.32 5.16 -13.13
C6 UQ2 B . 0.90 4.58 -13.04
CM2 UQ2 B . 1.75 3.90 -17.35
CM3 UQ2 B . 0.45 7.43 -16.99
CM5 UQ2 B . -1.24 5.22 -11.94
C7 UQ2 B . 1.39 3.98 -11.74
C8 UQ2 B . 1.31 2.48 -11.83
C9 UQ2 B . 1.01 1.76 -10.78
C10 UQ2 B . 0.73 2.41 -9.45
C11 UQ2 B . 0.95 0.25 -10.90
C12 UQ2 B . -0.19 -0.16 -11.84
C13 UQ2 B . -1.46 -0.33 -11.03
C14 UQ2 B . -2.56 -0.75 -11.63
C15 UQ2 B . -3.83 -0.91 -10.83
C16 UQ2 B . -2.56 -1.03 -13.12
O1 UQ2 B . 2.87 4.02 -14.16
O2 UQ2 B . 2.12 5.07 -16.61
O3 UQ2 B . -0.31 6.23 -16.78
O4 UQ2 B . -1.87 6.26 -14.50
H2M1 UQ2 B . 0.69 3.90 -17.55
H2M2 UQ2 B . 2.02 3.01 -16.79
H2M3 UQ2 B . 2.27 3.89 -18.30
H3M1 UQ2 B . 0.26 8.13 -16.19
H3M2 UQ2 B . 0.15 7.88 -17.93
H3M3 UQ2 B . 1.50 7.20 -17.03
H5M1 UQ2 B . -1.37 4.23 -11.52
H5M2 UQ2 B . -2.21 5.60 -12.24
H5M3 UQ2 B . -0.83 5.88 -11.19
H71 UQ2 B . 0.78 4.33 -10.92
H72 UQ2 B . 2.42 4.28 -11.58
H8 UQ2 B . 1.51 1.99 -12.79
H101 UQ2 B . 0.24 1.72 -8.80
H102 UQ2 B . 0.10 3.28 -9.61
H103 UQ2 B . 1.66 2.72 -9.00
H111 UQ2 B . 0.78 -0.19 -9.92
H112 UQ2 B . 1.89 -0.12 -11.30
H121 UQ2 B . 0.06 -1.09 -12.32
H122 UQ2 B . -0.34 0.61 -12.58
H13 UQ2 B . -1.46 -0.12 -9.98
H151 UQ2 B . -4.41 -0.01 -10.88
H152 UQ2 B . -3.58 -1.13 -9.80
H153 UQ2 B . -4.40 -1.73 -11.24
H161 UQ2 B . -2.01 -1.95 -13.29
H162 UQ2 B . -2.09 -0.22 -13.64
H163 UQ2 B . -3.58 -1.15 -13.45
N MET A 1 -13.84 -20.21 6.56
CA MET A 1 -14.02 -19.76 7.96
C MET A 1 -12.99 -18.68 8.28
N LEU A 2 -13.41 -17.68 9.05
CA LEU A 2 -12.51 -16.59 9.41
C LEU A 2 -11.25 -17.15 10.05
N ARG A 3 -11.41 -18.20 10.85
CA ARG A 3 -10.28 -18.82 11.52
C ARG A 3 -9.25 -19.29 10.48
N PHE A 4 -9.73 -19.58 9.28
CA PHE A 4 -8.84 -20.04 8.21
C PHE A 4 -8.05 -18.85 7.65
N LEU A 5 -8.73 -17.73 7.47
CA LEU A 5 -8.06 -16.53 6.95
C LEU A 5 -6.80 -16.23 7.74
N ASN A 6 -6.86 -16.38 9.06
CA ASN A 6 -5.71 -16.13 9.91
C ASN A 6 -4.65 -17.21 9.73
N GLN A 7 -5.11 -18.40 9.34
CA GLN A 7 -4.20 -19.53 9.14
C GLN A 7 -3.47 -19.40 7.81
N ALA A 8 -4.23 -19.15 6.75
CA ALA A 8 -3.64 -19.00 5.42
C ALA A 8 -2.76 -17.77 5.36
N SER A 9 -3.14 -16.72 6.08
CA SER A 9 -2.38 -15.48 6.09
C SER A 9 -1.13 -15.62 6.94
N GLN A 10 -1.23 -16.41 8.00
CA GLN A 10 -0.10 -16.63 8.91
C GLN A 10 0.99 -17.45 8.22
N GLY A 11 0.76 -17.79 6.95
CA GLY A 11 1.73 -18.56 6.18
C GLY A 11 2.55 -17.62 5.30
N ARG A 12 3.80 -18.01 5.05
CA ARG A 12 4.69 -17.20 4.21
C ARG A 12 4.25 -17.27 2.75
N GLY A 13 4.04 -18.49 2.24
CA GLY A 13 3.62 -18.67 0.87
C GLY A 13 2.54 -17.66 0.49
N ALA A 14 1.57 -17.51 1.39
CA ALA A 14 0.48 -16.57 1.16
C ALA A 14 1.01 -15.15 1.06
N TRP A 15 1.89 -14.79 1.99
CA TRP A 15 2.47 -13.45 1.98
C TRP A 15 3.20 -13.22 0.66
N LEU A 16 4.00 -14.20 0.24
CA LEU A 16 4.73 -14.08 -1.01
C LEU A 16 3.76 -13.94 -2.17
N LEU A 17 2.57 -14.50 -2.01
CA LEU A 17 1.54 -14.44 -3.04
C LEU A 17 1.02 -13.01 -3.17
N MET A 18 1.02 -12.27 -2.07
CA MET A 18 0.54 -10.89 -2.09
C MET A 18 1.55 -10.01 -2.81
N ALA A 19 2.82 -10.34 -2.68
CA ALA A 19 3.88 -9.57 -3.32
C ALA A 19 3.78 -9.68 -4.84
N PHE A 20 3.72 -10.91 -5.34
CA PHE A 20 3.62 -11.13 -6.77
C PHE A 20 2.49 -10.32 -7.36
N THR A 21 1.31 -10.44 -6.78
CA THR A 21 0.14 -9.71 -7.27
C THR A 21 0.47 -8.23 -7.45
N ALA A 22 1.10 -7.65 -6.43
CA ALA A 22 1.47 -6.24 -6.48
C ALA A 22 2.37 -5.95 -7.68
N LEU A 23 3.34 -6.83 -7.91
CA LEU A 23 4.25 -6.65 -9.03
C LEU A 23 3.52 -6.84 -10.36
N ALA A 24 2.64 -7.83 -10.42
CA ALA A 24 1.89 -8.10 -11.62
C ALA A 24 1.24 -6.83 -12.14
N LEU A 25 0.82 -5.97 -11.22
CA LEU A 25 0.19 -4.71 -11.59
C LEU A 25 1.23 -3.71 -12.08
N GLU A 26 2.38 -3.70 -11.42
CA GLU A 26 3.46 -2.79 -11.80
C GLU A 26 3.99 -3.12 -13.18
N LEU A 27 4.35 -4.37 -13.39
CA LEU A 27 4.88 -4.81 -14.68
C LEU A 27 3.88 -4.51 -15.79
N THR A 28 2.60 -4.78 -15.52
CA THR A 28 1.55 -4.54 -16.50
C THR A 28 1.50 -3.07 -16.90
N ALA A 29 1.61 -2.18 -15.92
CA ALA A 29 1.56 -0.75 -16.17
C ALA A 29 2.86 -0.26 -16.82
N LEU A 30 3.97 -0.85 -16.41
CA LEU A 30 5.28 -0.46 -16.93
C LEU A 30 5.40 -0.80 -18.42
N TRP A 31 4.56 -1.70 -18.90
CA TRP A 31 4.60 -2.11 -20.30
C TRP A 31 3.59 -1.31 -21.12
N PHE A 32 2.44 -1.03 -20.54
CA PHE A 32 1.40 -0.27 -21.23
C PHE A 32 1.95 1.06 -21.70
N GLN A 33 2.66 1.76 -20.82
CA GLN A 33 3.24 3.05 -21.17
C GLN A 33 4.40 2.88 -22.14
N HIS A 34 5.22 1.86 -21.90
CA HIS A 34 6.36 1.59 -22.76
C HIS A 34 5.91 1.31 -24.18
N VAL A 35 4.62 1.03 -24.34
CA VAL A 35 4.06 0.73 -25.66
C VAL A 35 3.17 1.87 -26.15
N MET A 36 2.33 2.39 -25.27
CA MET A 36 1.43 3.48 -25.63
C MET A 36 2.13 4.84 -25.50
N LEU A 37 3.42 4.81 -25.20
CA LEU A 37 4.20 6.04 -25.05
C LEU A 37 3.46 7.03 -24.16
N LEU A 38 3.01 6.55 -23.00
CA LEU A 38 2.29 7.41 -22.06
C LEU A 38 3.27 8.17 -21.18
N LYS A 39 2.84 9.32 -20.66
CA LYS A 39 3.68 10.13 -19.79
C LYS A 39 3.08 10.22 -18.39
N PRO A 40 3.77 9.76 -17.38
CA PRO A 40 3.27 9.81 -15.98
C PRO A 40 3.39 11.20 -15.37
N CYS A 41 2.96 11.35 -14.12
CA CYS A 41 3.03 12.62 -13.42
C CYS A 41 3.74 12.47 -12.08
N VAL A 42 3.82 13.57 -11.33
CA VAL A 42 4.47 13.54 -10.02
C VAL A 42 3.69 12.65 -9.06
N LEU A 43 2.36 12.68 -9.19
CA LEU A 43 1.50 11.91 -8.32
C LEU A 43 1.62 10.41 -8.61
N SER A 44 1.54 10.06 -9.88
CA SER A 44 1.63 8.66 -10.29
C SER A 44 2.84 8.00 -9.63
N ILE A 45 4.00 8.64 -9.74
CA ILE A 45 5.21 8.10 -9.14
C ILE A 45 5.03 8.02 -7.63
N TYR A 46 4.37 9.04 -7.07
CA TYR A 46 4.13 9.06 -5.63
C TYR A 46 3.32 7.85 -5.22
N GLU A 47 2.27 7.55 -5.99
CA GLU A 47 1.43 6.39 -5.72
C GLU A 47 2.25 5.11 -5.77
N ARG A 48 3.03 4.96 -6.84
CA ARG A 48 3.86 3.78 -7.00
C ARG A 48 4.67 3.54 -5.72
N ALA A 49 5.21 4.62 -5.16
CA ALA A 49 6.01 4.51 -3.94
C ALA A 49 5.14 3.96 -2.81
N ALA A 50 3.87 4.30 -2.82
CA ALA A 50 2.95 3.83 -1.78
C ALA A 50 2.98 2.30 -1.74
N LEU A 51 2.92 1.68 -2.93
CA LEU A 51 2.95 0.22 -3.01
C LEU A 51 4.39 -0.28 -2.93
N PHE A 52 5.27 0.28 -3.74
CA PHE A 52 6.67 -0.13 -3.72
C PHE A 52 7.15 -0.18 -2.27
N GLY A 53 6.71 0.79 -1.48
CA GLY A 53 7.09 0.85 -0.07
C GLY A 53 6.47 -0.31 0.69
N VAL A 54 5.19 -0.55 0.44
CA VAL A 54 4.49 -1.65 1.10
C VAL A 54 5.15 -2.97 0.72
N LEU A 55 5.45 -3.09 -0.58
CA LEU A 55 6.10 -4.30 -1.08
C LEU A 55 7.24 -4.69 -0.15
N GLY A 56 8.09 -3.72 0.17
CA GLY A 56 9.21 -3.96 1.06
C GLY A 56 8.71 -4.42 2.43
N ALA A 57 7.59 -3.84 2.86
CA ALA A 57 7.01 -4.20 4.14
C ALA A 57 6.55 -5.64 4.14
N ALA A 58 6.18 -6.14 2.96
CA ALA A 58 5.73 -7.52 2.82
C ALA A 58 6.90 -8.48 2.98
N LEU A 59 8.06 -8.10 2.47
CA LEU A 59 9.24 -8.94 2.56
C LEU A 59 9.80 -8.91 3.99
N ILE A 60 9.49 -7.85 4.73
CA ILE A 60 9.96 -7.71 6.10
C ILE A 60 9.03 -8.45 7.06
N GLY A 61 7.72 -8.25 6.89
CA GLY A 61 6.74 -8.90 7.75
C GLY A 61 6.71 -10.41 7.48
N ALA A 62 7.06 -10.81 6.27
CA ALA A 62 7.06 -12.22 5.91
C ALA A 62 8.26 -12.93 6.53
N ILE A 63 9.02 -12.21 7.36
CA ILE A 63 10.19 -12.79 8.00
C ILE A 63 9.78 -13.61 9.22
N ALA A 64 8.70 -13.19 9.89
CA ALA A 64 8.22 -13.90 11.07
C ALA A 64 7.03 -13.16 11.68
N PRO A 65 5.89 -13.22 11.05
CA PRO A 65 4.66 -12.53 11.56
C PRO A 65 4.05 -13.28 12.74
N LYS A 66 4.91 -13.99 13.48
CA LYS A 66 4.47 -14.75 14.65
C LYS A 66 5.05 -14.14 15.92
N THR A 67 5.99 -13.22 15.74
CA THR A 67 6.64 -12.55 16.85
C THR A 67 6.20 -11.09 16.90
N PRO A 68 6.39 -10.42 18.02
CA PRO A 68 6.01 -9.00 18.18
C PRO A 68 6.29 -8.17 16.93
N LEU A 69 7.07 -8.72 16.01
CA LEU A 69 7.41 -8.01 14.77
C LEU A 69 6.16 -7.37 14.17
N ARG A 70 5.00 -7.98 14.42
CA ARG A 70 3.75 -7.45 13.89
C ARG A 70 3.71 -5.92 13.99
N TYR A 71 3.61 -5.37 15.18
CA TYR A 71 3.57 -3.92 15.33
C TYR A 71 4.74 -3.26 14.58
N VAL A 72 5.88 -3.93 14.54
CA VAL A 72 7.05 -3.37 13.87
C VAL A 72 6.84 -3.23 12.37
N ALA A 73 6.30 -4.24 11.70
CA ALA A 73 6.06 -4.16 10.26
C ALA A 73 4.74 -3.43 9.99
N MET A 74 3.76 -3.66 10.86
CA MET A 74 2.46 -3.02 10.70
C MET A 74 2.58 -1.51 10.81
N VAL A 75 3.64 -1.06 11.47
CA VAL A 75 3.86 0.38 11.63
C VAL A 75 3.83 1.06 10.28
N ILE A 76 4.26 0.32 9.26
CA ILE A 76 4.29 0.83 7.89
C ILE A 76 2.96 0.56 7.20
N TRP A 77 2.34 -0.58 7.53
CA TRP A 77 1.06 -0.93 6.93
C TRP A 77 -0.01 0.07 7.37
N LEU A 78 -0.13 0.26 8.68
CA LEU A 78 -1.12 1.20 9.22
C LEU A 78 -0.81 2.62 8.76
N TYR A 79 0.45 3.03 8.90
CA TYR A 79 0.85 4.37 8.49
C TYR A 79 0.21 4.73 7.15
N SER A 80 0.23 3.78 6.23
CA SER A 80 -0.36 4.01 4.91
C SER A 80 -1.88 3.90 4.96
N ALA A 81 -2.40 3.23 5.98
CA ALA A 81 -3.85 3.07 6.10
C ALA A 81 -4.54 4.44 6.20
N PHE A 82 -4.18 5.19 7.22
CA PHE A 82 -4.78 6.51 7.41
C PHE A 82 -4.29 7.50 6.36
N ARG A 83 -2.98 7.64 6.23
CA ARG A 83 -2.40 8.58 5.27
C ARG A 83 -2.60 8.14 3.82
N GLY A 84 -2.29 6.90 3.50
CA GLY A 84 -2.44 6.42 2.13
C GLY A 84 -3.87 6.62 1.64
N VAL A 85 -4.84 6.24 2.46
CA VAL A 85 -6.26 6.37 2.10
C VAL A 85 -6.72 7.82 2.16
N GLN A 86 -6.15 8.58 3.09
CA GLN A 86 -6.52 9.99 3.23
C GLN A 86 -5.98 10.83 2.08
N LEU A 87 -4.71 10.64 1.75
CA LEU A 87 -4.09 11.38 0.66
C LEU A 87 -4.64 10.93 -0.69
N THR A 88 -4.65 9.62 -0.91
CA THR A 88 -5.16 9.08 -2.18
C THR A 88 -6.49 9.74 -2.53
N TYR A 89 -7.39 9.79 -1.55
CA TYR A 89 -8.70 10.39 -1.76
C TYR A 89 -8.55 11.84 -2.21
N GLU A 90 -7.65 12.58 -1.55
CA GLU A 90 -7.43 13.97 -1.90
C GLU A 90 -7.35 14.12 -3.41
N HIS A 91 -6.66 13.19 -4.06
CA HIS A 91 -6.53 13.21 -5.51
C HIS A 91 -7.87 12.89 -6.16
N THR A 92 -8.63 12.01 -5.52
CA THR A 92 -9.94 11.62 -6.04
C THR A 92 -10.86 12.83 -6.09
N MET A 93 -10.94 13.56 -4.98
CA MET A 93 -11.79 14.73 -4.92
C MET A 93 -11.40 15.72 -6.02
N LEU A 94 -10.10 15.80 -6.29
CA LEU A 94 -9.61 16.69 -7.33
C LEU A 94 -10.01 16.19 -8.71
N GLN A 95 -9.99 14.87 -8.87
CA GLN A 95 -10.37 14.27 -10.15
C GLN A 95 -11.84 14.56 -10.48
N LEU A 96 -12.67 14.54 -9.45
CA LEU A 96 -14.10 14.81 -9.63
C LEU A 96 -14.43 16.27 -9.33
N TYR A 97 -13.50 16.95 -8.65
CA TYR A 97 -13.71 18.36 -8.30
C TYR A 97 -12.42 19.15 -8.48
N PRO A 98 -12.06 19.45 -9.70
CA PRO A 98 -10.82 20.22 -10.01
C PRO A 98 -11.00 21.72 -9.76
N SER A 99 -10.03 22.51 -10.20
CA SER A 99 -10.09 23.95 -10.03
C SER A 99 -8.86 24.63 -10.63
N PRO A 100 -7.68 24.23 -10.22
CA PRO A 100 -6.42 24.82 -10.75
C PRO A 100 -6.10 24.35 -12.17
N PHE A 101 -5.09 24.94 -12.78
CA PHE A 101 -4.70 24.56 -14.13
C PHE A 101 -3.22 24.84 -14.37
N ALA A 102 -2.62 25.60 -13.46
CA ALA A 102 -1.20 25.94 -13.58
C ALA A 102 -0.64 26.32 -12.21
N THR A 103 -0.94 27.53 -11.77
CA THR A 103 -0.45 28.01 -10.47
C THR A 103 1.02 27.64 -10.29
N SER A 104 1.70 27.38 -11.42
CA SER A 104 3.12 27.02 -11.36
C SER A 104 3.32 25.81 -10.46
N ASP A 105 2.53 24.77 -10.68
CA ASP A 105 2.63 23.56 -9.88
C ASP A 105 4.09 23.13 -9.74
N PHE A 106 4.55 23.01 -8.51
CA PHE A 106 5.93 22.61 -8.25
C PHE A 106 6.12 21.12 -8.53
N MET A 107 6.81 20.81 -9.62
CA MET A 107 7.06 19.42 -10.00
C MET A 107 8.54 19.08 -9.88
N VAL A 108 8.87 17.81 -10.07
CA VAL A 108 10.26 17.37 -9.99
C VAL A 108 10.86 17.77 -8.64
N ARG A 109 10.00 18.03 -7.67
CA ARG A 109 10.45 18.43 -6.34
C ARG A 109 10.78 17.19 -5.49
N PHE A 110 12.08 16.95 -5.29
CA PHE A 110 12.52 15.80 -4.50
C PHE A 110 13.30 16.27 -3.28
N PRO A 111 13.27 15.51 -2.22
CA PRO A 111 14.01 15.87 -0.96
C PRO A 111 15.52 15.97 -1.18
N GLU A 112 16.14 16.94 -0.55
CA GLU A 112 17.58 17.14 -0.68
C GLU A 112 18.34 16.50 0.49
N TRP A 113 17.62 15.70 1.27
CA TRP A 113 18.24 15.02 2.42
C TRP A 113 18.03 13.51 2.33
N LEU A 114 17.35 13.08 1.29
CA LEU A 114 17.09 11.65 1.08
C LEU A 114 17.55 11.24 -0.31
N PRO A 115 18.80 10.92 -0.45
CA PRO A 115 19.39 10.50 -1.76
C PRO A 115 18.58 9.41 -2.46
N LEU A 116 17.44 9.07 -1.89
CA LEU A 116 16.58 8.04 -2.47
C LEU A 116 16.21 8.44 -3.90
N ASP A 117 16.11 9.75 -4.11
CA ASP A 117 15.76 10.29 -5.42
C ASP A 117 17.04 10.72 -6.14
N LYS A 118 17.96 11.33 -5.41
CA LYS A 118 19.21 11.79 -6.00
C LYS A 118 20.02 10.60 -6.53
N TRP A 119 20.11 9.55 -5.73
CA TRP A 119 20.83 8.35 -6.13
C TRP A 119 19.97 7.51 -7.06
N VAL A 120 18.68 7.84 -7.12
CA VAL A 120 17.76 7.11 -7.98
C VAL A 120 16.74 8.05 -8.62
N PRO A 121 17.19 8.91 -9.52
CA PRO A 121 16.31 9.89 -10.22
C PRO A 121 15.38 9.18 -11.21
N GLN A 122 15.75 7.97 -11.60
CA GLN A 122 14.96 7.20 -12.54
C GLN A 122 13.53 6.99 -12.04
N VAL A 123 13.40 6.47 -10.82
CA VAL A 123 12.08 6.21 -10.26
C VAL A 123 11.69 7.29 -9.25
N PHE A 124 11.74 8.55 -9.70
CA PHE A 124 11.39 9.67 -8.85
C PHE A 124 11.08 10.91 -9.70
N VAL A 125 11.94 11.17 -10.68
CA VAL A 125 11.76 12.32 -11.56
C VAL A 125 10.38 12.28 -12.22
N ALA A 126 9.66 13.39 -12.14
CA ALA A 126 8.32 13.48 -12.74
C ALA A 126 8.39 14.14 -14.11
N SER A 127 7.44 13.80 -14.98
CA SER A 127 7.40 14.37 -16.32
C SER A 127 6.03 14.18 -16.95
N GLY A 128 5.21 15.24 -16.94
CA GLY A 128 3.87 15.16 -17.52
C GLY A 128 2.86 15.91 -16.65
N ASP A 129 1.61 15.98 -17.13
CA ASP A 129 0.56 16.67 -16.38
C ASP A 129 -0.02 15.73 -15.33
N CYS A 130 -0.69 16.32 -14.33
CA CYS A 130 -1.29 15.53 -13.26
C CYS A 130 -2.80 15.51 -13.38
N ALA A 131 -3.36 14.30 -13.34
CA ALA A 131 -4.81 14.09 -13.44
C ALA A 131 -5.20 13.73 -14.87
N GLU A 132 -4.25 13.83 -15.79
CA GLU A 132 -4.53 13.49 -17.18
C GLU A 132 -4.78 12.00 -17.32
N ARG A 133 -5.62 11.62 -18.28
CA ARG A 133 -5.95 10.21 -18.49
C ARG A 133 -4.91 9.56 -19.40
N GLN A 134 -4.48 8.35 -19.01
CA GLN A 134 -3.50 7.61 -19.79
C GLN A 134 -4.03 6.23 -20.15
N TRP A 135 -4.87 5.68 -19.27
CA TRP A 135 -5.46 4.36 -19.50
C TRP A 135 -6.47 4.03 -18.41
N ASP A 136 -7.58 3.39 -18.79
CA ASP A 136 -8.63 3.06 -17.84
C ASP A 136 -9.12 1.62 -18.00
N PHE A 137 -9.77 1.12 -16.94
CA PHE A 137 -10.34 -0.21 -16.94
C PHE A 137 -11.85 -0.10 -16.74
N LEU A 138 -12.62 -0.87 -17.50
CA LEU A 138 -14.07 -0.83 -17.38
C LEU A 138 -14.57 0.62 -17.42
N GLY A 139 -13.71 1.53 -17.88
CA GLY A 139 -14.09 2.95 -17.98
C GLY A 139 -13.67 3.74 -16.74
N LEU A 140 -12.72 3.21 -15.98
CA LEU A 140 -12.23 3.89 -14.77
C LEU A 140 -10.71 4.03 -14.82
N GLU A 141 -10.21 5.15 -14.30
CA GLU A 141 -8.77 5.39 -14.29
C GLU A 141 -8.07 4.47 -13.30
N MET A 142 -6.85 4.06 -13.63
CA MET A 142 -6.08 3.18 -12.76
C MET A 142 -6.20 3.65 -11.30
N PRO A 143 -5.74 4.84 -11.01
CA PRO A 143 -5.80 5.40 -9.63
C PRO A 143 -7.06 4.97 -8.89
N GLN A 144 -8.17 4.88 -9.62
CA GLN A 144 -9.43 4.47 -9.02
C GLN A 144 -9.37 3.00 -8.62
N TRP A 145 -9.11 2.14 -9.61
CA TRP A 145 -9.02 0.72 -9.34
C TRP A 145 -8.00 0.45 -8.24
N LEU A 146 -6.76 0.89 -8.48
CA LEU A 146 -5.70 0.71 -7.50
C LEU A 146 -6.21 1.03 -6.10
N LEU A 147 -7.10 2.01 -6.00
CA LEU A 147 -7.67 2.38 -4.71
C LEU A 147 -8.45 1.19 -4.16
N GLY A 148 -9.07 0.46 -5.08
CA GLY A 148 -9.85 -0.72 -4.69
C GLY A 148 -8.94 -1.76 -4.03
N ILE A 149 -7.81 -2.04 -4.66
CA ILE A 149 -6.87 -3.00 -4.12
C ILE A 149 -6.17 -2.42 -2.90
N PHE A 150 -5.95 -1.11 -2.92
CA PHE A 150 -5.30 -0.43 -1.80
C PHE A 150 -6.07 -0.67 -0.51
N ILE A 151 -7.39 -0.55 -0.59
CA ILE A 151 -8.25 -0.74 0.56
C ILE A 151 -8.15 -2.18 1.07
N ALA A 152 -8.16 -3.12 0.14
CA ALA A 152 -8.07 -4.53 0.51
C ALA A 152 -6.76 -4.83 1.24
N TYR A 153 -5.64 -4.38 0.67
CA TYR A 153 -4.34 -4.63 1.28
C TYR A 153 -4.28 -4.07 2.70
N LEU A 154 -4.71 -2.83 2.85
CA LEU A 154 -4.70 -2.17 4.16
C LEU A 154 -5.67 -2.83 5.14
N ILE A 155 -6.80 -3.30 4.63
CA ILE A 155 -7.80 -3.94 5.48
C ILE A 155 -7.33 -5.34 5.85
N VAL A 156 -6.69 -6.02 4.92
CA VAL A 156 -6.20 -7.38 5.17
C VAL A 156 -5.32 -7.40 6.41
N ALA A 157 -4.37 -6.47 6.48
CA ALA A 157 -3.47 -6.40 7.63
C ALA A 157 -4.25 -6.14 8.91
N VAL A 158 -5.14 -5.15 8.87
CA VAL A 158 -5.93 -4.80 10.04
C VAL A 158 -6.58 -6.04 10.65
N LEU A 159 -7.04 -6.95 9.81
CA LEU A 159 -7.69 -8.17 10.28
C LEU A 159 -6.65 -9.18 10.75
N VAL A 160 -5.44 -9.08 10.22
CA VAL A 160 -4.37 -10.01 10.60
C VAL A 160 -3.80 -9.65 11.96
N VAL A 161 -3.95 -8.39 12.34
CA VAL A 161 -3.45 -7.92 13.63
C VAL A 161 -4.44 -8.25 14.74
N ILE A 162 -5.70 -7.90 14.52
CA ILE A 162 -6.75 -8.16 15.50
C ILE A 162 -6.94 -9.66 15.71
N SER A 163 -6.59 -10.44 14.68
CA SER A 163 -6.73 -11.88 14.76
C SER A 163 -6.05 -12.42 16.02
N GLN A 164 -5.27 -11.56 16.67
CA GLN A 164 -4.56 -11.95 17.88
C GLN A 164 -5.54 -12.47 18.92
N PRO A 165 -5.09 -13.34 19.80
CA PRO A 165 -5.96 -13.92 20.87
C PRO A 165 -6.36 -12.87 21.91
N PHE A 166 -6.28 -11.60 21.51
CA PHE A 166 -6.64 -10.51 22.42
C PHE A 166 -6.92 -9.24 21.63
N LYS A 167 -7.71 -8.35 22.22
CA LYS A 167 -8.06 -7.09 21.56
C LYS A 167 -7.64 -5.91 22.42
N ALA A 168 -8.24 -4.74 22.17
CA ALA A 168 -7.91 -3.55 22.94
C ALA A 168 -6.41 -3.29 22.90
N LYS A 169 -5.94 -2.40 23.77
CA LYS A 169 -4.53 -2.08 23.84
C LYS A 169 -3.77 -3.16 24.59
N LYS A 170 -4.46 -3.83 25.50
CA LYS A 170 -3.84 -4.90 26.29
C LYS A 170 -4.90 -5.86 26.81
N ARG A 171 -5.86 -5.33 27.56
CA ARG A 171 -6.92 -6.17 28.11
C ARG A 171 -7.97 -5.30 28.81
N ASP A 172 -7.53 -4.42 29.69
CA ASP A 172 -8.44 -3.54 30.42
C ASP A 172 -7.78 -2.20 30.71
N LEU A 173 -8.56 -1.13 30.57
CA LEU A 173 -8.04 0.21 30.83
C LEU A 173 -9.19 1.19 31.01
N PHE A 174 -10.41 0.68 30.91
CA PHE A 174 -11.61 1.51 31.07
C PHE A 174 -11.68 2.07 32.49
N GLY A 175 -11.30 3.33 32.65
CA GLY A 175 -11.34 3.98 33.96
C GLY A 175 -10.49 5.25 33.96
N ARG A 176 -10.20 5.75 32.76
CA ARG A 176 -9.40 6.97 32.63
C ARG A 176 -10.00 7.88 31.57
N GLY A 177 -10.84 8.82 32.00
CA GLY A 177 -11.48 9.74 31.07
C GLY A 177 -12.26 10.81 31.82
N HIS A 178 -11.95 10.99 33.10
CA HIS A 178 -12.64 11.98 33.92
C HIS A 178 -12.12 13.39 33.58
N HIS A 179 -11.95 14.20 34.62
CA HIS A 179 -11.46 15.57 34.44
C HIS A 179 -12.08 16.20 33.18
N HIS A 180 -11.22 16.60 32.25
CA HIS A 180 -11.68 17.22 31.01
C HIS A 180 -12.59 18.41 31.32
N HIS A 181 -12.86 19.21 30.30
CA HIS A 181 -13.71 20.39 30.47
C HIS A 181 -14.95 20.04 31.28
N HIS A 182 -15.41 18.79 31.16
CA HIS A 182 -16.59 18.34 31.89
C HIS A 182 -16.52 18.78 33.35
N HIS A 183 -17.58 19.40 33.84
CA HIS A 183 -17.63 19.87 35.21
C HIS A 183 -17.79 18.69 36.17
C1 UQ2 B . 3.11 4.38 -14.21
C2 UQ2 B . 2.93 4.76 -15.62
C3 UQ2 B . 1.69 5.03 -16.09
C4 UQ2 B . 0.53 4.93 -15.20
C5 UQ2 B . 0.71 4.55 -13.78
C6 UQ2 B . 1.94 4.29 -13.31
CM2 UQ2 B . 4.52 3.52 -16.64
CM3 UQ2 B . 1.95 6.75 -17.52
CM5 UQ2 B . -0.49 4.45 -12.87
C7 UQ2 B . 2.14 3.89 -11.87
C8 UQ2 B . 1.87 2.41 -11.72
C9 UQ2 B . 1.36 1.93 -10.61
C10 UQ2 B . 1.02 2.85 -9.47
C11 UQ2 B . 1.12 0.44 -10.48
C12 UQ2 B . 0.11 -0.03 -11.55
C13 UQ2 B . -1.18 -0.43 -10.88
C14 UQ2 B . -2.13 -0.99 -11.58
C15 UQ2 B . -3.42 -1.38 -10.90
C16 UQ2 B . -1.95 -1.24 -13.05
O1 UQ2 B . 4.23 4.14 -13.79
O2 UQ2 B . 4.00 4.85 -16.46
O3 UQ2 B . 1.53 5.39 -17.39
O4 UQ2 B . -0.60 5.17 -15.62
H2M1 UQ2 B . 3.75 2.89 -17.07
H2M2 UQ2 B . 4.82 3.11 -15.68
H2M3 UQ2 B . 5.37 3.55 -17.30
H3M1 UQ2 B . 1.37 7.38 -16.86
H3M2 UQ2 B . 1.80 7.08 -18.54
H3M3 UQ2 B . 2.99 6.84 -17.26
H5M1 UQ2 B . -0.51 5.30 -12.21
H5M2 UQ2 B . -0.43 3.54 -12.29
H5M3 UQ2 B . -1.39 4.43 -13.46
H71 UQ2 B . 1.46 4.45 -11.25
H72 UQ2 B . 3.15 4.11 -11.58
H8 UQ2 B . 2.11 1.73 -12.53
H101 UQ2 B . 1.83 3.55 -9.31
H102 UQ2 B . 0.86 2.27 -8.56
H103 UQ2 B . 0.12 3.40 -9.70
H111 UQ2 B . 0.71 0.22 -9.51
H112 UQ2 B . 2.05 -0.08 -10.61
H121 UQ2 B . 0.53 -0.87 -12.08
H122 UQ2 B . -0.07 0.78 -12.25
H13 UQ2 B . -1.32 -0.24 -9.83
H151 UQ2 B . -4.08 -1.86 -11.61
H152 UQ2 B . -3.91 -0.50 -10.50
H153 UQ2 B . -3.20 -2.06 -10.09
H161 UQ2 B . -1.04 -1.79 -13.21
H162 UQ2 B . -1.90 -0.30 -13.58
H163 UQ2 B . -2.78 -1.82 -13.43
N MET A 1 -13.76 -21.26 10.01
CA MET A 1 -13.31 -20.63 8.74
C MET A 1 -12.35 -19.49 9.05
N LEU A 2 -12.76 -18.60 9.94
CA LEU A 2 -11.91 -17.47 10.31
C LEU A 2 -10.60 -17.95 10.90
N ARG A 3 -10.69 -18.95 11.79
CA ARG A 3 -9.50 -19.50 12.42
C ARG A 3 -8.47 -19.87 11.36
N PHE A 4 -8.93 -20.42 10.26
CA PHE A 4 -8.04 -20.81 9.17
C PHE A 4 -7.39 -19.59 8.55
N LEU A 5 -8.18 -18.55 8.30
CA LEU A 5 -7.66 -17.33 7.72
C LEU A 5 -6.38 -16.90 8.44
N ASN A 6 -6.36 -17.06 9.75
CA ASN A 6 -5.19 -16.68 10.53
C ASN A 6 -4.03 -17.63 10.25
N GLN A 7 -4.37 -18.84 9.82
CA GLN A 7 -3.36 -19.85 9.52
C GLN A 7 -2.77 -19.60 8.13
N ALA A 8 -3.62 -19.40 7.16
CA ALA A 8 -3.17 -19.16 5.79
C ALA A 8 -2.25 -17.94 5.74
N SER A 9 -2.54 -16.96 6.60
CA SER A 9 -1.73 -15.75 6.64
C SER A 9 -0.41 -15.99 7.36
N GLN A 10 -0.45 -16.86 8.37
CA GLN A 10 0.75 -17.18 9.13
C GLN A 10 1.71 -18.02 8.30
N GLY A 11 1.38 -18.19 7.02
CA GLY A 11 2.24 -18.95 6.11
C GLY A 11 3.02 -17.98 5.23
N ARG A 12 4.28 -18.33 4.97
CA ARG A 12 5.15 -17.50 4.15
C ARG A 12 4.65 -17.47 2.70
N GLY A 13 3.85 -18.46 2.33
CA GLY A 13 3.33 -18.53 0.97
C GLY A 13 2.33 -17.42 0.72
N ALA A 14 1.44 -17.18 1.70
CA ALA A 14 0.44 -16.15 1.57
C ALA A 14 1.10 -14.77 1.49
N TRP A 15 1.99 -14.50 2.44
CA TRP A 15 2.69 -13.21 2.44
C TRP A 15 3.36 -12.96 1.10
N LEU A 16 4.01 -13.99 0.55
CA LEU A 16 4.68 -13.87 -0.73
C LEU A 16 3.67 -13.73 -1.86
N LEU A 17 2.49 -14.34 -1.68
CA LEU A 17 1.45 -14.29 -2.68
C LEU A 17 0.88 -12.88 -2.79
N MET A 18 0.77 -12.19 -1.66
CA MET A 18 0.25 -10.84 -1.64
C MET A 18 1.22 -9.90 -2.32
N ALA A 19 2.52 -10.18 -2.17
CA ALA A 19 3.54 -9.35 -2.78
C ALA A 19 3.48 -9.45 -4.29
N PHE A 20 3.52 -10.68 -4.81
CA PHE A 20 3.47 -10.90 -6.24
C PHE A 20 2.30 -10.16 -6.87
N THR A 21 1.18 -10.08 -6.15
CA THR A 21 0.01 -9.39 -6.66
C THR A 21 0.30 -7.90 -6.86
N ALA A 22 0.73 -7.24 -5.79
CA ALA A 22 1.03 -5.82 -5.85
C ALA A 22 2.15 -5.55 -6.84
N LEU A 23 2.97 -6.58 -7.11
CA LEU A 23 4.08 -6.44 -8.03
C LEU A 23 3.60 -6.65 -9.48
N ALA A 24 2.75 -7.65 -9.67
CA ALA A 24 2.23 -7.93 -11.00
C ALA A 24 1.57 -6.71 -11.61
N LEU A 25 1.00 -5.86 -10.76
CA LEU A 25 0.34 -4.65 -11.22
C LEU A 25 1.37 -3.60 -11.62
N GLU A 26 2.48 -3.56 -10.90
CA GLU A 26 3.54 -2.60 -11.18
C GLU A 26 4.20 -2.91 -12.52
N LEU A 27 4.65 -4.15 -12.68
CA LEU A 27 5.32 -4.56 -13.91
C LEU A 27 4.44 -4.24 -15.12
N THR A 28 3.18 -4.70 -15.07
CA THR A 28 2.25 -4.46 -16.16
C THR A 28 2.21 -2.99 -16.54
N ALA A 29 2.26 -2.11 -15.54
CA ALA A 29 2.22 -0.68 -15.79
C ALA A 29 3.52 -0.18 -16.42
N LEU A 30 4.64 -0.79 -16.03
CA LEU A 30 5.94 -0.39 -16.57
C LEU A 30 6.00 -0.68 -18.07
N TRP A 31 5.16 -1.60 -18.52
CA TRP A 31 5.14 -1.96 -19.95
C TRP A 31 4.24 -1.00 -20.71
N PHE A 32 3.24 -0.46 -20.01
CA PHE A 32 2.31 0.48 -20.63
C PHE A 32 3.07 1.71 -21.11
N GLN A 33 3.95 2.24 -20.26
CA GLN A 33 4.74 3.41 -20.62
C GLN A 33 5.72 3.11 -21.75
N HIS A 34 6.13 1.85 -21.85
CA HIS A 34 7.07 1.45 -22.90
C HIS A 34 6.35 1.18 -24.21
N VAL A 35 5.03 1.06 -24.14
CA VAL A 35 4.23 0.78 -25.34
C VAL A 35 3.41 2.01 -25.75
N MET A 36 2.98 2.79 -24.77
CA MET A 36 2.18 3.98 -25.05
C MET A 36 2.98 5.26 -24.78
N LEU A 37 4.27 5.10 -24.49
CA LEU A 37 5.13 6.25 -24.23
C LEU A 37 4.48 7.20 -23.24
N LEU A 38 4.04 6.66 -22.10
CA LEU A 38 3.41 7.49 -21.07
C LEU A 38 4.47 8.18 -20.21
N LYS A 39 4.10 9.31 -19.63
CA LYS A 39 5.02 10.07 -18.79
C LYS A 39 4.47 10.20 -17.37
N PRO A 40 4.84 9.32 -16.48
CA PRO A 40 4.38 9.35 -15.06
C PRO A 40 4.53 10.72 -14.44
N CYS A 41 3.47 11.21 -13.80
CA CYS A 41 3.50 12.52 -13.17
C CYS A 41 3.96 12.41 -11.72
N VAL A 42 3.85 13.52 -10.98
CA VAL A 42 4.27 13.54 -9.59
C VAL A 42 3.44 12.57 -8.76
N LEU A 43 2.14 12.53 -9.02
CA LEU A 43 1.24 11.64 -8.28
C LEU A 43 1.68 10.19 -8.44
N SER A 44 1.99 9.79 -9.68
CA SER A 44 2.42 8.43 -9.94
C SER A 44 3.50 8.00 -8.96
N ILE A 45 4.43 8.90 -8.69
CA ILE A 45 5.51 8.61 -7.76
C ILE A 45 4.94 8.35 -6.36
N TYR A 46 3.97 9.17 -5.98
CA TYR A 46 3.34 9.03 -4.66
C TYR A 46 2.58 7.71 -4.58
N GLU A 47 1.78 7.42 -5.62
CA GLU A 47 1.00 6.20 -5.65
C GLU A 47 1.92 4.97 -5.68
N ARG A 48 2.88 4.99 -6.60
CA ARG A 48 3.82 3.88 -6.73
C ARG A 48 4.57 3.68 -5.42
N ALA A 49 4.78 4.77 -4.70
CA ALA A 49 5.49 4.72 -3.42
C ALA A 49 4.64 4.05 -2.36
N ALA A 50 3.33 4.28 -2.43
CA ALA A 50 2.40 3.71 -1.45
C ALA A 50 2.49 2.19 -1.48
N LEU A 51 2.43 1.62 -2.68
CA LEU A 51 2.49 0.16 -2.83
C LEU A 51 3.94 -0.30 -2.76
N PHE A 52 4.81 0.28 -3.57
CA PHE A 52 6.22 -0.10 -3.55
C PHE A 52 6.70 -0.20 -2.12
N GLY A 53 6.25 0.74 -1.29
CA GLY A 53 6.61 0.75 0.12
C GLY A 53 6.01 -0.44 0.84
N VAL A 54 4.74 -0.72 0.56
CA VAL A 54 4.06 -1.86 1.18
C VAL A 54 4.74 -3.16 0.74
N LEU A 55 4.99 -3.28 -0.56
CA LEU A 55 5.64 -4.46 -1.10
C LEU A 55 6.81 -4.84 -0.20
N GLY A 56 7.61 -3.84 0.17
CA GLY A 56 8.75 -4.08 1.04
C GLY A 56 8.28 -4.56 2.41
N ALA A 57 7.22 -3.94 2.90
CA ALA A 57 6.65 -4.29 4.20
C ALA A 57 6.27 -5.77 4.22
N ALA A 58 5.63 -6.23 3.16
CA ALA A 58 5.21 -7.63 3.07
C ALA A 58 6.43 -8.55 3.11
N LEU A 59 7.54 -8.07 2.55
CA LEU A 59 8.77 -8.85 2.53
C LEU A 59 9.39 -8.89 3.92
N ILE A 60 9.11 -7.87 4.72
CA ILE A 60 9.64 -7.81 6.08
C ILE A 60 8.79 -8.64 7.02
N GLY A 61 7.49 -8.66 6.77
CA GLY A 61 6.57 -9.43 7.61
C GLY A 61 6.68 -10.92 7.31
N ALA A 62 7.24 -11.25 6.16
CA ALA A 62 7.40 -12.65 5.77
C ALA A 62 8.62 -13.26 6.47
N ILE A 63 9.24 -12.49 7.36
CA ILE A 63 10.40 -12.98 8.09
C ILE A 63 9.98 -13.82 9.28
N ALA A 64 8.87 -13.45 9.91
CA ALA A 64 8.36 -14.17 11.07
C ALA A 64 7.08 -13.53 11.58
N PRO A 65 6.00 -13.69 10.86
CA PRO A 65 4.68 -13.10 11.26
C PRO A 65 4.06 -13.82 12.46
N LYS A 66 4.92 -14.47 13.25
CA LYS A 66 4.47 -15.19 14.43
C LYS A 66 5.01 -14.54 15.69
N THR A 67 5.87 -13.54 15.50
CA THR A 67 6.46 -12.81 16.61
C THR A 67 5.98 -11.36 16.60
N PRO A 68 6.07 -10.69 17.72
CA PRO A 68 5.63 -9.27 17.84
C PRO A 68 5.97 -8.45 16.59
N LEU A 69 6.89 -8.96 15.78
CA LEU A 69 7.30 -8.27 14.56
C LEU A 69 6.07 -7.68 13.85
N ARG A 70 4.94 -8.37 13.97
CA ARG A 70 3.71 -7.89 13.33
C ARG A 70 3.59 -6.37 13.45
N TYR A 71 3.43 -5.86 14.67
CA TYR A 71 3.30 -4.41 14.84
C TYR A 71 4.47 -3.68 14.17
N VAL A 72 5.65 -4.29 14.14
CA VAL A 72 6.81 -3.65 13.54
C VAL A 72 6.63 -3.46 12.04
N ALA A 73 6.17 -4.47 11.33
CA ALA A 73 5.95 -4.35 9.90
C ALA A 73 4.69 -3.50 9.65
N MET A 74 3.73 -3.66 10.55
CA MET A 74 2.48 -2.92 10.46
C MET A 74 2.77 -1.41 10.45
N VAL A 75 4.01 -1.05 10.75
CA VAL A 75 4.41 0.36 10.79
C VAL A 75 4.28 1.01 9.41
N ILE A 76 4.75 0.28 8.40
CA ILE A 76 4.72 0.77 7.02
C ILE A 76 3.35 0.56 6.39
N TRP A 77 2.68 -0.52 6.77
CA TRP A 77 1.36 -0.80 6.22
C TRP A 77 0.41 0.34 6.58
N LEU A 78 0.32 0.67 7.87
CA LEU A 78 -0.54 1.74 8.35
C LEU A 78 -0.19 3.07 7.68
N TYR A 79 1.09 3.44 7.77
CA TYR A 79 1.55 4.70 7.18
C TYR A 79 0.96 4.88 5.79
N SER A 80 1.01 3.83 4.98
CA SER A 80 0.48 3.89 3.63
C SER A 80 -1.05 3.72 3.63
N ALA A 81 -1.55 3.02 4.64
CA ALA A 81 -2.98 2.78 4.75
C ALA A 81 -3.75 4.09 4.87
N PHE A 82 -3.46 4.84 5.93
CA PHE A 82 -4.13 6.11 6.15
C PHE A 82 -3.64 7.18 5.18
N ARG A 83 -2.33 7.41 5.16
CA ARG A 83 -1.76 8.44 4.30
C ARG A 83 -1.90 8.10 2.82
N GLY A 84 -1.59 6.86 2.45
CA GLY A 84 -1.72 6.46 1.05
C GLY A 84 -3.15 6.66 0.56
N VAL A 85 -4.12 6.22 1.36
CA VAL A 85 -5.52 6.36 0.99
C VAL A 85 -5.95 7.83 1.05
N GLN A 86 -5.71 8.48 2.18
CA GLN A 86 -6.06 9.88 2.33
C GLN A 86 -5.59 10.66 1.12
N LEU A 87 -4.55 10.15 0.47
CA LEU A 87 -4.01 10.81 -0.72
C LEU A 87 -4.89 10.52 -1.94
N THR A 88 -5.38 9.30 -2.04
CA THR A 88 -6.24 8.91 -3.16
C THR A 88 -7.42 9.87 -3.25
N TYR A 89 -7.84 10.40 -2.11
CA TYR A 89 -8.97 11.32 -2.08
C TYR A 89 -8.61 12.66 -2.71
N GLU A 90 -7.50 13.25 -2.25
CA GLU A 90 -7.07 14.54 -2.79
C GLU A 90 -6.98 14.50 -4.31
N HIS A 91 -6.64 13.33 -4.85
CA HIS A 91 -6.52 13.17 -6.29
C HIS A 91 -7.90 13.11 -6.94
N THR A 92 -8.85 12.50 -6.25
CA THR A 92 -10.21 12.38 -6.78
C THR A 92 -10.91 13.72 -6.76
N MET A 93 -10.84 14.41 -5.64
CA MET A 93 -11.49 15.72 -5.51
C MET A 93 -11.04 16.65 -6.64
N LEU A 94 -9.73 16.80 -6.79
CA LEU A 94 -9.20 17.67 -7.84
C LEU A 94 -9.60 17.16 -9.22
N GLN A 95 -9.49 15.85 -9.41
CA GLN A 95 -9.86 15.25 -10.69
C GLN A 95 -11.29 15.61 -11.06
N LEU A 96 -12.16 15.64 -10.05
CA LEU A 96 -13.58 15.98 -10.28
C LEU A 96 -13.82 17.45 -9.95
N TYR A 97 -12.82 18.10 -9.35
CA TYR A 97 -12.94 19.51 -8.99
C TYR A 97 -11.72 20.30 -9.47
N PRO A 98 -11.68 20.64 -10.72
CA PRO A 98 -10.54 21.42 -11.31
C PRO A 98 -10.64 22.91 -10.98
N SER A 99 -9.72 23.39 -10.16
CA SER A 99 -9.71 24.80 -9.78
C SER A 99 -8.35 25.21 -9.24
N PRO A 100 -7.38 25.38 -10.11
CA PRO A 100 -6.00 25.78 -9.72
C PRO A 100 -5.89 27.26 -9.42
N PHE A 101 -5.62 27.59 -8.17
CA PHE A 101 -5.49 28.98 -7.76
C PHE A 101 -4.36 29.67 -8.52
N ALA A 102 -3.23 28.98 -8.62
CA ALA A 102 -2.07 29.54 -9.33
C ALA A 102 -1.14 28.42 -9.79
N THR A 103 -1.72 27.29 -10.17
CA THR A 103 -0.94 26.15 -10.64
C THR A 103 0.15 25.81 -9.62
N SER A 104 -0.22 25.01 -8.62
CA SER A 104 0.74 24.61 -7.58
C SER A 104 1.23 23.19 -7.84
N ASP A 105 1.73 22.94 -9.04
CA ASP A 105 2.23 21.62 -9.40
C ASP A 105 3.75 21.60 -9.38
N PHE A 106 4.33 21.34 -8.21
CA PHE A 106 5.78 21.29 -8.07
C PHE A 106 6.35 20.03 -8.73
N MET A 107 6.73 20.15 -10.00
CA MET A 107 7.28 19.02 -10.72
C MET A 107 8.80 19.11 -10.81
N VAL A 108 9.45 18.01 -11.16
CA VAL A 108 10.90 17.98 -11.28
C VAL A 108 11.57 18.37 -9.96
N ARG A 109 10.75 18.69 -8.96
CA ARG A 109 11.26 19.07 -7.66
C ARG A 109 11.19 17.91 -6.68
N PHE A 110 12.32 17.27 -6.44
CA PHE A 110 12.38 16.12 -5.53
C PHE A 110 13.14 16.51 -4.25
N PRO A 111 12.92 15.79 -3.19
CA PRO A 111 13.59 16.05 -1.88
C PRO A 111 15.11 15.83 -1.96
N GLU A 112 15.87 16.80 -1.49
CA GLU A 112 17.33 16.69 -1.52
C GLU A 112 17.85 16.00 -0.27
N TRP A 113 17.01 15.93 0.77
CA TRP A 113 17.41 15.29 2.02
C TRP A 113 17.17 13.79 1.94
N LEU A 114 16.55 13.35 0.85
CA LEU A 114 16.27 11.92 0.66
C LEU A 114 16.94 11.43 -0.62
N PRO A 115 18.21 11.10 -0.54
CA PRO A 115 18.98 10.60 -1.72
C PRO A 115 18.32 9.42 -2.42
N LEU A 116 17.06 9.14 -2.08
CA LEU A 116 16.35 8.04 -2.69
C LEU A 116 15.92 8.42 -4.11
N ASP A 117 15.71 9.71 -4.33
CA ASP A 117 15.31 10.22 -5.63
C ASP A 117 16.54 10.71 -6.39
N LYS A 118 17.45 11.38 -5.67
CA LYS A 118 18.67 11.89 -6.27
C LYS A 118 19.57 10.75 -6.70
N TRP A 119 19.66 9.72 -5.85
CA TRP A 119 20.49 8.56 -6.16
C TRP A 119 19.76 7.62 -7.09
N VAL A 120 18.45 7.79 -7.20
CA VAL A 120 17.64 6.93 -8.07
C VAL A 120 16.53 7.74 -8.76
N PRO A 121 16.90 8.54 -9.73
CA PRO A 121 15.92 9.37 -10.49
C PRO A 121 15.18 8.56 -11.55
N GLN A 122 15.72 7.40 -11.88
CA GLN A 122 15.13 6.53 -12.88
C GLN A 122 13.66 6.28 -12.58
N VAL A 123 13.38 5.85 -11.36
CA VAL A 123 12.01 5.56 -10.94
C VAL A 123 11.55 6.56 -9.88
N PHE A 124 11.54 7.84 -10.25
CA PHE A 124 11.12 8.88 -9.32
C PHE A 124 10.85 10.18 -10.09
N VAL A 125 11.69 10.48 -11.06
CA VAL A 125 11.53 11.70 -11.86
C VAL A 125 10.13 11.75 -12.46
N ALA A 126 9.44 12.86 -12.22
CA ALA A 126 8.07 13.04 -12.74
C ALA A 126 8.12 13.77 -14.08
N SER A 127 7.18 13.43 -14.95
CA SER A 127 7.11 14.07 -16.26
C SER A 127 5.69 13.99 -16.82
N GLY A 128 5.27 15.03 -17.53
CA GLY A 128 3.94 15.07 -18.11
C GLY A 128 2.94 15.74 -17.17
N ASP A 129 1.67 15.75 -17.56
CA ASP A 129 0.62 16.36 -16.74
C ASP A 129 0.13 15.38 -15.69
N CYS A 130 -0.21 15.90 -14.51
CA CYS A 130 -0.70 15.06 -13.42
C CYS A 130 -2.22 14.98 -13.44
N ALA A 131 -2.73 13.74 -13.33
CA ALA A 131 -4.18 13.51 -13.30
C ALA A 131 -4.73 13.28 -14.70
N GLU A 132 -3.87 13.40 -15.71
CA GLU A 132 -4.32 13.19 -17.09
C GLU A 132 -4.68 11.73 -17.30
N ARG A 133 -5.88 11.49 -17.82
CA ARG A 133 -6.33 10.13 -18.08
C ARG A 133 -5.67 9.59 -19.33
N GLN A 134 -5.19 8.34 -19.26
CA GLN A 134 -4.52 7.72 -20.39
C GLN A 134 -5.12 6.34 -20.69
N TRP A 135 -5.82 5.78 -19.71
CA TRP A 135 -6.45 4.48 -19.91
C TRP A 135 -7.33 4.10 -18.71
N ASP A 136 -8.38 3.34 -18.98
CA ASP A 136 -9.32 2.95 -17.92
C ASP A 136 -9.87 1.54 -18.14
N PHE A 137 -10.50 1.00 -17.10
CA PHE A 137 -11.10 -0.33 -17.16
C PHE A 137 -12.59 -0.23 -16.82
N LEU A 138 -13.42 -0.96 -17.55
CA LEU A 138 -14.86 -0.92 -17.30
C LEU A 138 -15.37 0.51 -17.27
N GLY A 139 -14.57 1.43 -17.80
CA GLY A 139 -14.96 2.85 -17.83
C GLY A 139 -14.52 3.57 -16.55
N LEU A 140 -13.54 3.02 -15.86
CA LEU A 140 -13.03 3.61 -14.63
C LEU A 140 -11.53 3.81 -14.72
N GLU A 141 -11.05 4.95 -14.26
CA GLU A 141 -9.63 5.25 -14.29
C GLU A 141 -8.87 4.32 -13.33
N MET A 142 -7.67 3.93 -13.74
CA MET A 142 -6.86 3.05 -12.91
C MET A 142 -6.81 3.57 -11.47
N PRO A 143 -6.44 4.81 -11.29
CA PRO A 143 -6.37 5.42 -9.93
C PRO A 143 -7.57 5.01 -9.06
N GLN A 144 -8.73 4.88 -9.69
CA GLN A 144 -9.92 4.47 -8.96
C GLN A 144 -9.82 3.00 -8.56
N TRP A 145 -9.48 2.17 -9.54
CA TRP A 145 -9.34 0.74 -9.28
C TRP A 145 -8.27 0.52 -8.22
N LEU A 146 -7.06 1.01 -8.48
CA LEU A 146 -5.97 0.87 -7.52
C LEU A 146 -6.48 1.16 -6.10
N LEU A 147 -7.36 2.15 -5.99
CA LEU A 147 -7.94 2.50 -4.69
C LEU A 147 -8.65 1.27 -4.14
N GLY A 148 -9.25 0.52 -5.05
CA GLY A 148 -9.96 -0.70 -4.69
C GLY A 148 -9.00 -1.68 -4.03
N ILE A 149 -7.84 -1.87 -4.66
CA ILE A 149 -6.83 -2.78 -4.11
C ILE A 149 -6.30 -2.23 -2.79
N PHE A 150 -6.03 -0.94 -2.76
CA PHE A 150 -5.52 -0.30 -1.56
C PHE A 150 -6.38 -0.70 -0.36
N ILE A 151 -7.68 -0.76 -0.58
CA ILE A 151 -8.61 -1.12 0.49
C ILE A 151 -8.37 -2.58 0.88
N ALA A 152 -8.08 -3.42 -0.10
CA ALA A 152 -7.83 -4.82 0.16
C ALA A 152 -6.75 -4.97 1.22
N TYR A 153 -5.64 -4.25 1.03
CA TYR A 153 -4.52 -4.31 1.98
C TYR A 153 -4.97 -3.83 3.36
N LEU A 154 -5.69 -2.71 3.38
CA LEU A 154 -6.17 -2.15 4.64
C LEU A 154 -6.83 -3.25 5.47
N ILE A 155 -7.43 -4.21 4.78
CA ILE A 155 -8.12 -5.31 5.44
C ILE A 155 -7.13 -6.41 5.81
N VAL A 156 -6.15 -6.65 4.95
CA VAL A 156 -5.16 -7.69 5.20
C VAL A 156 -4.53 -7.53 6.57
N ALA A 157 -4.13 -6.31 6.91
CA ALA A 157 -3.48 -6.07 8.21
C ALA A 157 -4.52 -5.98 9.33
N VAL A 158 -5.60 -5.27 9.09
CA VAL A 158 -6.63 -5.11 10.11
C VAL A 158 -7.05 -6.46 10.69
N LEU A 159 -7.16 -7.46 9.83
CA LEU A 159 -7.56 -8.80 10.28
C LEU A 159 -6.37 -9.62 10.77
N VAL A 160 -5.26 -9.53 10.05
CA VAL A 160 -4.06 -10.28 10.42
C VAL A 160 -3.50 -9.80 11.76
N VAL A 161 -3.56 -8.49 11.99
CA VAL A 161 -3.07 -7.94 13.24
C VAL A 161 -4.00 -8.30 14.38
N ILE A 162 -5.28 -7.99 14.20
CA ILE A 162 -6.28 -8.29 15.22
C ILE A 162 -6.43 -9.81 15.36
N SER A 163 -5.75 -10.55 14.50
CA SER A 163 -5.81 -12.00 14.54
C SER A 163 -5.51 -12.50 15.95
N GLN A 164 -4.97 -11.61 16.79
CA GLN A 164 -4.64 -11.97 18.16
C GLN A 164 -5.73 -12.86 18.75
N PRO A 165 -5.39 -13.67 19.73
CA PRO A 165 -6.37 -14.58 20.38
C PRO A 165 -7.56 -13.82 20.97
N PHE A 166 -7.41 -12.51 21.10
CA PHE A 166 -8.48 -11.67 21.65
C PHE A 166 -9.15 -12.37 22.82
N LYS A 167 -8.41 -13.22 23.51
CA LYS A 167 -8.94 -13.95 24.66
C LYS A 167 -10.19 -14.72 24.26
N ALA A 168 -10.00 -15.96 23.80
CA ALA A 168 -11.13 -16.79 23.39
C ALA A 168 -10.84 -18.26 23.69
N LYS A 169 -11.40 -19.15 22.86
CA LYS A 169 -11.20 -20.58 23.04
C LYS A 169 -11.71 -21.02 24.41
N LYS A 170 -12.52 -22.08 24.41
CA LYS A 170 -13.08 -22.59 25.66
C LYS A 170 -12.31 -23.85 26.11
N ARG A 171 -11.40 -24.31 25.26
CA ARG A 171 -10.61 -25.49 25.58
C ARG A 171 -10.06 -25.40 27.00
N ASP A 172 -10.11 -26.53 27.71
CA ASP A 172 -9.62 -26.56 29.09
C ASP A 172 -8.17 -26.11 29.15
N LEU A 173 -7.75 -25.62 30.31
CA LEU A 173 -6.38 -25.14 30.50
C LEU A 173 -5.55 -26.19 31.22
N PHE A 174 -4.84 -25.77 32.26
CA PHE A 174 -4.00 -26.69 33.03
C PHE A 174 -3.03 -27.41 32.11
N GLY A 175 -1.75 -27.04 32.20
CA GLY A 175 -0.71 -27.66 31.38
C GLY A 175 -0.63 -26.99 30.01
N ARG A 176 -1.78 -26.60 29.48
CA ARG A 176 -1.84 -25.95 28.17
C ARG A 176 -1.31 -24.52 28.27
N GLY A 177 -0.03 -24.33 27.98
CA GLY A 177 0.57 -23.01 28.03
C GLY A 177 0.63 -22.49 29.46
N HIS A 178 1.75 -22.75 30.14
CA HIS A 178 1.90 -22.30 31.52
C HIS A 178 3.39 -22.27 31.90
N HIS A 179 4.22 -22.84 31.04
CA HIS A 179 5.65 -22.87 31.29
C HIS A 179 6.23 -21.46 31.31
N HIS A 180 5.39 -20.47 31.00
CA HIS A 180 5.82 -19.08 30.99
C HIS A 180 4.62 -18.14 30.90
N HIS A 181 3.83 -18.11 31.97
CA HIS A 181 2.66 -17.25 32.00
C HIS A 181 3.06 -15.78 31.89
N HIS A 182 2.44 -14.93 32.71
CA HIS A 182 2.74 -13.50 32.69
C HIS A 182 2.33 -12.85 34.02
N HIS A 183 1.04 -12.89 34.31
CA HIS A 183 0.53 -12.30 35.54
C HIS A 183 -0.84 -12.87 35.89
C1 UQ2 B . 2.00 5.21 -13.53
C2 UQ2 B . 1.65 5.83 -14.82
C3 UQ2 B . 0.43 6.38 -15.00
C4 UQ2 B . -0.55 6.37 -13.89
C5 UQ2 B . -0.19 5.75 -12.59
C6 UQ2 B . 1.03 5.19 -12.42
CM2 UQ2 B . 2.28 4.69 -16.66
CM3 UQ2 B . 0.93 8.12 -16.35
CM5 UQ2 B . -1.22 5.75 -11.48
C7 UQ2 B . 1.42 4.55 -11.11
C8 UQ2 B . 1.49 3.05 -11.29
C9 UQ2 B . 1.13 2.23 -10.33
C10 UQ2 B . 0.62 2.78 -9.01
C11 UQ2 B . 1.20 0.74 -10.53
C12 UQ2 B . 0.21 0.30 -11.62
C13 UQ2 B . -1.13 0.02 -10.99
C14 UQ2 B . -2.15 -0.29 -11.74
C15 UQ2 B . -3.50 -0.57 -11.10
C16 UQ2 B . -2.00 -0.35 -13.25
O1 UQ2 B . 3.10 4.72 -13.38
O2 UQ2 B . 2.55 5.84 -15.84
O3 UQ2 B . 0.10 6.95 -16.19
O4 UQ2 B . -1.64 6.87 -14.05
H2M1 UQ2 B . 2.97 4.66 -17.48
H2M2 UQ2 B . 1.27 4.74 -17.04
H2M3 UQ2 B . 2.40 3.79 -16.07
H3M1 UQ2 B . 0.81 8.77 -15.51
H3M2 UQ2 B . 0.62 8.64 -17.26
H3M3 UQ2 B . 1.96 7.82 -16.44
H5M1 UQ2 B . -0.86 6.35 -10.66
H5M2 UQ2 B . -1.37 4.73 -11.13
H5M3 UQ2 B . -2.15 6.14 -11.85
H71 UQ2 B . 0.70 4.79 -10.35
H72 UQ2 B . 2.39 4.92 -10.81
H8 UQ2 B . 1.85 2.64 -12.23
H101 UQ2 B . 1.46 3.14 -8.43
H102 UQ2 B . 0.11 2.00 -8.46
H103 UQ2 B . -0.06 3.60 -9.20
H111 UQ2 B . 0.98 0.23 -9.61
H112 UQ2 B . 2.21 0.48 -10.85
H121 UQ2 B . 0.58 -0.59 -12.10
H122 UQ2 B . 0.12 1.09 -12.35
H13 UQ2 B . -1.24 0.07 -9.92
H151 UQ2 B . -4.17 -0.95 -11.86
H152 UQ2 B . -3.89 0.34 -10.69
H153 UQ2 B . -3.36 -1.31 -10.32
H161 UQ2 B . -1.47 0.51 -13.59
H162 UQ2 B . -2.98 -0.38 -13.70
H163 UQ2 B . -1.45 -1.24 -13.51
#